data_2LQ3
#
_entry.id   2LQ3
#
_entity_poly.entity_id   1
_entity_poly.type   'polypeptide(L)'
_entity_poly.pdbx_seq_one_letter_code
;MGQGQNVLGQDLEVCCCAPMTGWYRNGFCQTDVQDRGSHTVCAEMTEEFLLFSRDRGNDLMTPRPEFNFPGLKAGDRWCL
CASRWQEAFEAGMAPPVVLQSTEKSALRYVSLADLQAHALPVLEHHHHHH
;
_entity_poly.pdbx_strand_id   A
#
# COMPACT_ATOMS: atom_id res chain seq x y z
N MET A 1 14.07 24.56 10.87
CA MET A 1 14.22 25.96 10.36
C MET A 1 15.53 26.14 9.59
N GLY A 2 15.75 27.37 9.08
CA GLY A 2 16.90 27.67 8.21
C GLY A 2 16.62 27.32 6.75
N GLN A 3 17.59 26.67 6.06
CA GLN A 3 17.42 26.21 4.66
C GLN A 3 16.92 24.75 4.62
N GLY A 4 16.16 24.41 3.56
CA GLY A 4 15.62 23.04 3.37
C GLY A 4 15.52 22.66 1.88
N GLN A 5 15.59 21.35 1.57
CA GLN A 5 15.58 20.86 0.18
C GLN A 5 14.12 20.58 -0.30
N ASN A 6 13.82 20.98 -1.55
CA ASN A 6 12.48 20.82 -2.17
C ASN A 6 12.43 19.60 -3.11
N VAL A 7 11.20 19.16 -3.47
CA VAL A 7 10.97 17.98 -4.36
C VAL A 7 11.42 18.29 -5.81
N LEU A 8 11.41 19.59 -6.12
CA LEU A 8 11.76 20.13 -7.44
C LEU A 8 13.30 20.24 -7.63
N GLY A 9 14.03 20.29 -6.48
CA GLY A 9 15.49 20.49 -6.46
C GLY A 9 16.29 19.35 -7.12
N GLN A 10 16.33 18.17 -6.48
CA GLN A 10 17.14 17.03 -6.96
C GLN A 10 16.59 15.70 -6.42
N ASP A 11 16.78 14.63 -7.23
CA ASP A 11 16.64 13.20 -6.81
C ASP A 11 15.18 12.79 -6.45
N LEU A 12 14.88 11.48 -6.64
CA LEU A 12 13.59 10.86 -6.27
C LEU A 12 13.69 9.30 -6.38
N GLU A 13 14.93 8.77 -6.25
CA GLU A 13 15.22 7.31 -6.38
C GLU A 13 15.05 6.57 -5.03
N VAL A 14 14.69 5.28 -5.10
CA VAL A 14 14.54 4.41 -3.91
C VAL A 14 15.88 3.67 -3.60
N CYS A 15 16.17 3.43 -2.30
CA CYS A 15 17.47 2.88 -1.86
C CYS A 15 17.41 2.34 -0.41
N CYS A 16 16.99 1.06 -0.27
CA CYS A 16 17.04 0.25 0.99
C CYS A 16 16.34 0.88 2.23
N CYS A 17 15.63 2.02 2.05
CA CYS A 17 15.12 2.89 3.15
C CYS A 17 16.29 3.44 4.05
N ALA A 18 17.52 3.42 3.49
CA ALA A 18 18.77 3.77 4.19
C ALA A 18 19.90 4.10 3.16
N PRO A 19 20.85 5.06 3.47
CA PRO A 19 21.96 5.47 2.55
C PRO A 19 22.77 4.29 1.91
N MET A 20 22.99 3.20 2.66
CA MET A 20 23.63 1.95 2.13
C MET A 20 22.56 1.01 1.51
N THR A 21 22.89 0.39 0.36
CA THR A 21 21.99 -0.56 -0.34
C THR A 21 22.15 -2.01 0.19
N GLY A 22 21.41 -2.32 1.27
CA GLY A 22 21.40 -3.66 1.88
C GLY A 22 20.40 -4.62 1.21
N TRP A 23 20.90 -5.47 0.28
CA TRP A 23 20.06 -6.43 -0.48
C TRP A 23 19.61 -7.64 0.39
N TYR A 24 18.51 -7.44 1.13
CA TYR A 24 17.69 -8.52 1.74
C TYR A 24 16.21 -8.37 1.28
N ARG A 25 16.02 -7.61 0.17
CA ARG A 25 14.69 -7.18 -0.35
C ARG A 25 13.90 -6.40 0.75
N ASN A 26 14.31 -5.13 1.00
CA ASN A 26 13.69 -4.26 2.03
C ASN A 26 13.09 -2.98 1.38
N GLY A 27 13.80 -1.83 1.46
CA GLY A 27 13.29 -0.55 0.93
C GLY A 27 13.75 -0.28 -0.49
N PHE A 28 13.65 -1.30 -1.35
CA PHE A 28 13.82 -1.19 -2.81
C PHE A 28 12.44 -1.31 -3.49
N CYS A 29 11.57 -2.15 -2.86
CA CYS A 29 10.15 -2.35 -3.24
C CYS A 29 9.97 -2.88 -4.69
N GLN A 30 11.05 -3.49 -5.23
CA GLN A 30 11.07 -4.04 -6.60
C GLN A 30 10.52 -5.49 -6.60
N THR A 31 9.27 -5.64 -6.17
CA THR A 31 8.54 -6.94 -6.20
C THR A 31 7.74 -7.07 -7.52
N ASP A 32 7.46 -5.91 -8.16
CA ASP A 32 6.92 -5.85 -9.54
C ASP A 32 8.01 -6.34 -10.53
N VAL A 33 7.66 -7.32 -11.38
CA VAL A 33 8.60 -7.97 -12.33
C VAL A 33 9.16 -6.96 -13.40
N GLN A 34 8.39 -5.90 -13.66
CA GLN A 34 8.71 -4.84 -14.65
C GLN A 34 7.74 -3.65 -14.47
N ASP A 35 6.43 -3.97 -14.43
CA ASP A 35 5.35 -2.98 -14.32
C ASP A 35 4.22 -3.54 -13.42
N ARG A 36 3.63 -4.66 -13.88
CA ARG A 36 2.51 -5.32 -13.22
C ARG A 36 3.01 -6.30 -12.13
N GLY A 37 2.72 -6.00 -10.85
CA GLY A 37 2.89 -6.97 -9.76
C GLY A 37 1.72 -7.95 -9.68
N SER A 38 0.79 -7.71 -8.74
CA SER A 38 -0.45 -8.51 -8.58
C SER A 38 -1.40 -7.83 -7.57
N HIS A 39 -0.96 -7.74 -6.30
CA HIS A 39 -1.75 -7.13 -5.20
C HIS A 39 -0.80 -6.53 -4.12
N THR A 40 0.31 -5.92 -4.57
CA THR A 40 1.39 -5.43 -3.67
C THR A 40 1.21 -3.93 -3.34
N VAL A 41 0.69 -3.66 -2.12
CA VAL A 41 0.53 -2.29 -1.56
C VAL A 41 1.03 -2.26 -0.10
N CYS A 42 2.15 -1.57 0.17
CA CYS A 42 2.60 -1.28 1.54
C CYS A 42 2.36 0.22 1.83
N ALA A 43 1.36 0.50 2.67
CA ALA A 43 0.90 1.85 3.02
C ALA A 43 0.47 1.87 4.49
N GLU A 44 0.56 3.01 5.17
CA GLU A 44 0.23 3.09 6.61
C GLU A 44 -0.97 4.04 6.87
N MET A 45 -2.11 3.43 7.24
CA MET A 45 -3.33 4.17 7.63
C MET A 45 -3.38 4.40 9.17
N THR A 46 -3.88 5.57 9.59
CA THR A 46 -3.93 5.96 11.02
C THR A 46 -5.28 5.61 11.67
N GLU A 47 -5.28 5.46 13.01
CA GLU A 47 -6.50 5.10 13.78
C GLU A 47 -7.53 6.25 13.78
N GLU A 48 -7.04 7.49 13.76
CA GLU A 48 -7.85 8.71 13.65
C GLU A 48 -8.81 8.65 12.42
N PHE A 49 -8.22 8.30 11.27
CA PHE A 49 -8.93 8.21 9.97
C PHE A 49 -9.76 6.90 9.87
N LEU A 50 -9.28 5.81 10.49
CA LEU A 50 -9.91 4.47 10.41
C LEU A 50 -11.14 4.32 11.33
N LEU A 51 -11.13 4.99 12.50
CA LEU A 51 -12.30 5.04 13.41
C LEU A 51 -13.40 5.96 12.83
N PHE A 52 -12.97 7.02 12.12
CA PHE A 52 -13.89 7.95 11.42
C PHE A 52 -14.65 7.19 10.28
N SER A 53 -13.87 6.51 9.42
CA SER A 53 -14.42 5.76 8.25
C SER A 53 -15.24 4.53 8.69
N ARG A 54 -14.88 3.94 9.86
CA ARG A 54 -15.62 2.81 10.46
C ARG A 54 -17.08 3.21 10.80
N ASP A 55 -17.21 4.25 11.64
CA ASP A 55 -18.52 4.71 12.14
C ASP A 55 -19.21 5.69 11.14
N ARG A 56 -18.60 5.91 9.96
CA ARG A 56 -19.27 6.58 8.82
C ARG A 56 -20.37 5.66 8.20
N GLY A 57 -20.08 4.36 8.05
CA GLY A 57 -21.09 3.40 7.55
C GLY A 57 -20.52 2.10 7.00
N ASN A 58 -19.45 1.58 7.65
CA ASN A 58 -18.82 0.29 7.29
C ASN A 58 -17.73 -0.03 8.33
N ASP A 59 -17.87 -1.15 9.06
CA ASP A 59 -16.87 -1.55 10.07
C ASP A 59 -15.54 -2.01 9.40
N LEU A 60 -14.51 -1.15 9.50
CA LEU A 60 -13.11 -1.47 9.12
C LEU A 60 -12.54 -2.53 10.11
N MET A 61 -13.02 -2.48 11.36
CA MET A 61 -12.80 -3.52 12.38
C MET A 61 -14.10 -4.40 12.46
N THR A 62 -14.47 -4.89 13.65
CA THR A 62 -15.78 -5.54 13.90
C THR A 62 -16.79 -4.52 14.50
N PRO A 63 -18.15 -4.82 14.52
CA PRO A 63 -19.18 -3.94 15.19
C PRO A 63 -19.13 -3.99 16.76
N ARG A 64 -17.92 -4.12 17.33
CA ARG A 64 -17.70 -4.19 18.80
C ARG A 64 -16.85 -2.96 19.26
N PRO A 65 -17.08 -2.40 20.50
CA PRO A 65 -16.24 -1.27 21.05
C PRO A 65 -14.81 -1.72 21.46
N GLU A 66 -14.56 -3.04 21.41
CA GLU A 66 -13.23 -3.64 21.67
C GLU A 66 -12.32 -3.53 20.42
N PHE A 67 -11.02 -3.81 20.59
CA PHE A 67 -9.99 -3.64 19.54
C PHE A 67 -9.88 -4.91 18.64
N ASN A 68 -11.03 -5.55 18.37
CA ASN A 68 -11.13 -6.77 17.56
C ASN A 68 -11.21 -6.42 16.05
N PHE A 69 -10.14 -6.78 15.32
CA PHE A 69 -10.03 -6.58 13.86
C PHE A 69 -9.86 -7.95 13.13
N PRO A 70 -10.45 -8.14 11.90
CA PRO A 70 -10.20 -9.37 11.09
C PRO A 70 -8.75 -9.43 10.52
N GLY A 71 -8.28 -8.31 9.97
CA GLY A 71 -6.94 -8.23 9.37
C GLY A 71 -6.61 -6.81 8.90
N LEU A 72 -5.33 -6.43 9.01
CA LEU A 72 -4.82 -5.07 8.70
C LEU A 72 -5.56 -3.97 9.51
N LYS A 73 -5.00 -3.63 10.68
CA LYS A 73 -5.52 -2.56 11.56
C LYS A 73 -4.77 -1.22 11.31
N ALA A 74 -4.94 -0.26 12.23
CA ALA A 74 -4.29 1.06 12.17
C ALA A 74 -2.76 0.98 12.43
N GLY A 75 -1.96 1.24 11.39
CA GLY A 75 -0.49 1.31 11.50
C GLY A 75 0.26 0.14 10.86
N ASP A 76 -0.47 -0.82 10.27
CA ASP A 76 0.16 -1.91 9.51
C ASP A 76 0.65 -1.42 8.13
N ARG A 77 1.93 -1.02 8.08
CA ARG A 77 2.60 -0.66 6.81
C ARG A 77 3.14 -1.95 6.15
N TRP A 78 2.25 -2.62 5.40
CA TRP A 78 2.47 -3.98 4.80
C TRP A 78 1.10 -4.56 4.39
N CYS A 79 0.98 -5.02 3.12
CA CYS A 79 -0.25 -5.71 2.59
C CYS A 79 -1.56 -4.92 2.84
N LEU A 80 -1.40 -3.58 2.93
CA LEU A 80 -2.51 -2.65 3.24
C LEU A 80 -3.55 -2.65 2.10
N CYS A 81 -4.84 -2.81 2.47
CA CYS A 81 -5.96 -2.75 1.53
C CYS A 81 -5.98 -1.40 0.79
N ALA A 82 -5.55 -1.44 -0.48
CA ALA A 82 -5.47 -0.27 -1.39
C ALA A 82 -6.79 0.53 -1.45
N SER A 83 -7.91 -0.22 -1.39
CA SER A 83 -9.28 0.34 -1.40
C SER A 83 -9.56 1.23 -0.17
N ARG A 84 -8.95 0.90 1.00
CA ARG A 84 -9.14 1.66 2.27
C ARG A 84 -8.41 3.03 2.22
N TRP A 85 -7.14 3.02 1.80
CA TRP A 85 -6.34 4.26 1.58
C TRP A 85 -7.05 5.18 0.55
N GLN A 86 -7.45 4.56 -0.57
CA GLN A 86 -8.18 5.23 -1.66
C GLN A 86 -9.54 5.82 -1.19
N GLU A 87 -10.24 5.07 -0.30
CA GLU A 87 -11.55 5.50 0.25
C GLU A 87 -11.42 6.76 1.12
N ALA A 88 -10.38 6.80 1.97
CA ALA A 88 -10.14 7.96 2.88
C ALA A 88 -9.62 9.19 2.09
N PHE A 89 -8.98 8.96 0.93
CA PHE A 89 -8.62 10.05 -0.01
C PHE A 89 -9.90 10.70 -0.61
N GLU A 90 -10.81 9.84 -1.11
CA GLU A 90 -12.11 10.26 -1.68
C GLU A 90 -13.04 10.91 -0.62
N ALA A 91 -12.86 10.52 0.67
CA ALA A 91 -13.57 11.13 1.81
C ALA A 91 -13.03 12.56 2.16
N GLY A 92 -11.99 13.01 1.42
CA GLY A 92 -11.39 14.33 1.62
C GLY A 92 -10.43 14.40 2.81
N MET A 93 -9.89 13.24 3.21
CA MET A 93 -9.03 13.10 4.40
C MET A 93 -7.57 12.69 4.00
N ALA A 94 -7.32 11.36 3.84
CA ALA A 94 -6.02 10.78 3.37
C ALA A 94 -4.80 11.04 4.33
N PRO A 95 -4.28 9.98 5.07
CA PRO A 95 -3.03 10.07 5.89
C PRO A 95 -1.72 10.25 5.02
N PRO A 96 -0.55 10.60 5.67
CA PRO A 96 0.77 10.61 4.96
C PRO A 96 1.21 9.17 4.55
N VAL A 97 1.11 8.87 3.24
CA VAL A 97 1.41 7.53 2.69
C VAL A 97 2.86 7.46 2.16
N VAL A 98 3.49 6.30 2.37
CA VAL A 98 4.89 6.04 1.99
C VAL A 98 5.06 5.82 0.45
N LEU A 99 5.39 6.89 -0.28
CA LEU A 99 5.74 6.84 -1.73
C LEU A 99 6.96 5.91 -2.01
N GLN A 100 7.82 5.77 -1.00
CA GLN A 100 9.00 4.88 -1.05
C GLN A 100 8.60 3.38 -1.03
N SER A 101 7.69 3.00 -0.11
CA SER A 101 7.35 1.57 0.16
C SER A 101 6.15 1.08 -0.67
N THR A 102 5.19 1.98 -0.99
CA THR A 102 4.09 1.67 -1.96
C THR A 102 4.64 1.22 -3.35
N GLU A 103 4.27 0.01 -3.77
CA GLU A 103 4.74 -0.61 -5.03
C GLU A 103 3.88 -0.17 -6.24
N LYS A 104 4.32 -0.54 -7.47
CA LYS A 104 3.70 -0.07 -8.74
C LYS A 104 2.31 -0.72 -8.96
N SER A 105 2.13 -1.94 -8.42
CA SER A 105 0.83 -2.68 -8.47
C SER A 105 -0.32 -1.90 -7.77
N ALA A 106 0.05 -1.02 -6.82
CA ALA A 106 -0.90 -0.15 -6.08
C ALA A 106 -1.75 0.75 -7.01
N LEU A 107 -1.13 1.25 -8.10
CA LEU A 107 -1.74 2.27 -9.02
C LEU A 107 -2.97 1.73 -9.83
N ARG A 108 -3.39 0.48 -9.58
CA ARG A 108 -4.52 -0.17 -10.31
C ARG A 108 -5.83 -0.09 -9.51
N TYR A 109 -5.71 0.13 -8.20
CA TYR A 109 -6.85 0.29 -7.27
C TYR A 109 -6.88 1.76 -6.83
N VAL A 110 -5.66 2.30 -6.79
CA VAL A 110 -5.34 3.67 -6.39
C VAL A 110 -4.87 4.46 -7.64
N SER A 111 -4.27 5.64 -7.46
CA SER A 111 -3.50 6.32 -8.53
C SER A 111 -2.24 6.97 -7.91
N LEU A 112 -1.20 7.19 -8.75
CA LEU A 112 0.02 7.91 -8.35
C LEU A 112 -0.29 9.30 -7.75
N ALA A 113 -1.19 10.05 -8.41
CA ALA A 113 -1.55 11.43 -8.00
C ALA A 113 -2.11 11.48 -6.58
N ASP A 114 -2.93 10.48 -6.22
CA ASP A 114 -3.48 10.31 -4.87
C ASP A 114 -2.38 10.04 -3.82
N LEU A 115 -1.34 9.28 -4.23
CA LEU A 115 -0.19 8.98 -3.35
C LEU A 115 0.60 10.28 -3.06
N GLN A 116 1.02 10.94 -4.14
CA GLN A 116 1.92 12.13 -4.10
C GLN A 116 1.27 13.34 -3.40
N ALA A 117 -0.06 13.47 -3.60
CA ALA A 117 -0.89 14.52 -2.95
C ALA A 117 -0.75 14.53 -1.41
N HIS A 118 -0.72 13.32 -0.80
CA HIS A 118 -0.55 13.15 0.66
C HIS A 118 0.67 12.26 0.97
N ALA A 119 1.80 12.57 0.31
CA ALA A 119 3.09 11.88 0.54
C ALA A 119 3.61 12.03 1.99
N LEU A 120 4.45 11.05 2.41
CA LEU A 120 5.16 11.07 3.69
C LEU A 120 6.18 12.26 3.79
N PRO A 121 6.72 12.59 5.02
CA PRO A 121 7.90 13.50 5.16
C PRO A 121 9.11 13.01 4.31
N VAL A 122 9.40 13.75 3.23
CA VAL A 122 10.49 13.40 2.29
C VAL A 122 11.87 13.70 2.92
N LEU A 123 12.39 12.71 3.65
CA LEU A 123 13.73 12.75 4.25
C LEU A 123 14.80 12.40 3.20
N GLU A 124 15.73 13.34 2.95
CA GLU A 124 16.83 13.17 1.98
C GLU A 124 17.87 12.13 2.51
N HIS A 125 17.95 10.98 1.83
CA HIS A 125 18.96 9.93 2.11
C HIS A 125 20.10 10.05 1.08
N HIS A 126 21.36 10.02 1.55
CA HIS A 126 22.55 10.17 0.69
C HIS A 126 22.73 8.94 -0.23
N HIS A 127 22.39 9.12 -1.52
CA HIS A 127 22.48 8.07 -2.56
C HIS A 127 23.96 7.77 -2.90
N HIS A 128 24.48 6.64 -2.38
CA HIS A 128 25.85 6.16 -2.67
C HIS A 128 25.94 5.42 -4.03
N HIS A 129 24.84 5.47 -4.83
CA HIS A 129 24.80 4.94 -6.20
C HIS A 129 25.76 5.73 -7.14
N HIS A 130 26.00 7.02 -6.82
CA HIS A 130 27.01 7.84 -7.53
C HIS A 130 28.46 7.47 -7.03
N MET A 1 -0.81 -0.38 -22.64
CA MET A 1 -0.36 -1.30 -23.72
C MET A 1 0.86 -2.13 -23.26
N GLY A 2 0.70 -3.47 -23.23
CA GLY A 2 1.77 -4.40 -22.85
C GLY A 2 2.02 -4.49 -21.34
N GLN A 3 3.10 -3.84 -20.88
CA GLN A 3 3.54 -3.89 -19.45
C GLN A 3 3.52 -2.46 -18.83
N GLY A 4 3.27 -2.38 -17.51
CA GLY A 4 3.18 -1.10 -16.80
C GLY A 4 4.51 -0.34 -16.69
N GLN A 5 4.44 1.02 -16.69
CA GLN A 5 5.62 1.92 -16.69
C GLN A 5 6.07 2.27 -15.25
N ASN A 6 7.30 2.83 -15.13
CA ASN A 6 7.94 3.12 -13.83
C ASN A 6 9.04 4.19 -13.96
N VAL A 7 9.77 4.46 -12.85
CA VAL A 7 10.92 5.39 -12.82
C VAL A 7 12.26 4.63 -12.61
N LEU A 8 12.15 3.36 -12.20
CA LEU A 8 13.27 2.61 -11.60
C LEU A 8 14.14 1.93 -12.69
N GLY A 9 13.52 0.99 -13.42
CA GLY A 9 14.19 0.26 -14.51
C GLY A 9 13.20 -0.46 -15.42
N GLN A 10 12.45 -1.41 -14.83
CA GLN A 10 11.40 -2.19 -15.54
C GLN A 10 10.21 -2.46 -14.58
N ASP A 11 10.41 -3.38 -13.59
CA ASP A 11 9.43 -3.79 -12.56
C ASP A 11 8.07 -4.32 -13.14
N LEU A 12 7.28 -5.03 -12.28
CA LEU A 12 6.10 -5.85 -12.70
C LEU A 12 6.56 -7.13 -13.49
N GLU A 13 5.71 -8.18 -13.51
CA GLU A 13 6.01 -9.50 -14.17
C GLU A 13 7.16 -10.26 -13.43
N VAL A 14 7.81 -11.21 -14.12
CA VAL A 14 8.99 -11.93 -13.59
C VAL A 14 10.21 -10.98 -13.42
N CYS A 15 11.12 -11.32 -12.48
CA CYS A 15 12.43 -10.61 -12.31
C CYS A 15 13.25 -10.56 -13.62
N CYS A 16 13.09 -11.62 -14.45
CA CYS A 16 13.69 -11.77 -15.81
C CYS A 16 15.21 -12.04 -15.77
N CYS A 17 16.00 -11.06 -15.28
CA CYS A 17 17.48 -11.18 -15.17
C CYS A 17 17.88 -12.08 -13.97
N ALA A 18 17.74 -13.40 -14.17
CA ALA A 18 18.05 -14.43 -13.16
C ALA A 18 18.05 -15.82 -13.85
N PRO A 19 19.09 -16.70 -13.61
CA PRO A 19 19.19 -18.03 -14.28
C PRO A 19 17.96 -18.96 -14.05
N MET A 20 17.61 -19.74 -15.10
CA MET A 20 16.56 -20.81 -15.07
C MET A 20 15.11 -20.29 -14.84
N THR A 21 14.87 -18.96 -14.84
CA THR A 21 13.50 -18.39 -14.77
C THR A 21 12.84 -18.44 -16.17
N GLY A 22 13.52 -17.81 -17.16
CA GLY A 22 13.19 -17.90 -18.59
C GLY A 22 11.77 -17.46 -18.94
N TRP A 23 10.88 -18.43 -19.21
CA TRP A 23 9.45 -18.20 -19.52
C TRP A 23 8.62 -18.04 -18.21
N TYR A 24 9.04 -17.04 -17.39
CA TYR A 24 8.38 -16.63 -16.10
C TYR A 24 8.62 -17.61 -14.92
N ARG A 25 8.50 -18.94 -15.18
CA ARG A 25 8.48 -20.01 -14.13
C ARG A 25 7.18 -19.91 -13.29
N ASN A 26 7.10 -18.90 -12.41
CA ASN A 26 5.90 -18.59 -11.59
C ASN A 26 5.69 -17.05 -11.48
N GLY A 27 6.54 -16.28 -12.19
CA GLY A 27 6.66 -14.83 -11.95
C GLY A 27 7.50 -14.54 -10.71
N PHE A 28 8.84 -14.66 -10.84
CA PHE A 28 9.80 -14.51 -9.71
C PHE A 28 9.76 -13.06 -9.11
N CYS A 29 10.01 -12.98 -7.77
CA CYS A 29 9.89 -11.73 -6.94
C CYS A 29 8.40 -11.33 -6.70
N GLN A 30 7.49 -12.31 -6.82
CA GLN A 30 6.04 -12.13 -6.55
C GLN A 30 5.76 -12.19 -5.03
N THR A 31 5.45 -11.02 -4.42
CA THR A 31 5.21 -10.92 -2.96
C THR A 31 3.76 -10.44 -2.66
N ASP A 32 2.89 -11.39 -2.27
CA ASP A 32 1.48 -11.08 -1.93
C ASP A 32 0.88 -12.15 -0.97
N VAL A 33 -0.23 -11.77 -0.30
CA VAL A 33 -0.94 -12.63 0.68
C VAL A 33 -1.68 -13.83 0.00
N GLN A 34 -2.19 -13.64 -1.22
CA GLN A 34 -3.02 -14.64 -1.93
C GLN A 34 -2.95 -14.47 -3.46
N ASP A 35 -3.38 -13.29 -3.92
CA ASP A 35 -3.61 -13.00 -5.35
C ASP A 35 -2.28 -12.91 -6.13
N ARG A 36 -1.89 -14.05 -6.73
CA ARG A 36 -0.64 -14.21 -7.50
C ARG A 36 -0.56 -13.24 -8.72
N GLY A 37 0.20 -12.14 -8.53
CA GLY A 37 0.43 -11.14 -9.58
C GLY A 37 0.45 -9.71 -9.05
N SER A 38 -0.22 -8.78 -9.76
CA SER A 38 -0.25 -7.35 -9.42
C SER A 38 -1.39 -7.03 -8.41
N HIS A 39 -1.10 -7.23 -7.11
CA HIS A 39 -2.06 -6.96 -5.99
C HIS A 39 -1.29 -6.42 -4.75
N THR A 40 -0.03 -6.03 -4.95
CA THR A 40 0.92 -5.75 -3.86
C THR A 40 0.89 -4.25 -3.47
N VAL A 41 0.31 -3.98 -2.28
CA VAL A 41 0.12 -2.60 -1.75
C VAL A 41 0.61 -2.52 -0.28
N CYS A 42 1.70 -1.75 -0.04
CA CYS A 42 2.17 -1.43 1.32
C CYS A 42 1.85 0.06 1.64
N ALA A 43 0.87 0.28 2.52
CA ALA A 43 0.38 1.63 2.89
C ALA A 43 -0.02 1.63 4.38
N GLU A 44 0.02 2.80 5.05
CA GLU A 44 -0.38 2.87 6.48
C GLU A 44 -1.59 3.83 6.68
N MET A 45 -2.76 3.23 6.94
CA MET A 45 -3.94 3.93 7.44
C MET A 45 -3.85 4.05 8.97
N THR A 46 -3.73 5.29 9.49
CA THR A 46 -3.55 5.56 10.94
C THR A 46 -4.89 5.49 11.66
N GLU A 47 -4.87 5.12 12.96
CA GLU A 47 -6.10 4.94 13.77
C GLU A 47 -6.97 6.21 13.78
N GLU A 48 -6.31 7.37 13.75
CA GLU A 48 -6.96 8.70 13.65
C GLU A 48 -7.98 8.73 12.47
N PHE A 49 -7.49 8.40 11.28
CA PHE A 49 -8.26 8.36 10.02
C PHE A 49 -9.10 7.05 9.87
N LEU A 50 -8.62 5.94 10.46
CA LEU A 50 -9.23 4.61 10.28
C LEU A 50 -10.45 4.41 11.24
N LEU A 51 -10.49 5.14 12.37
CA LEU A 51 -11.68 5.15 13.28
C LEU A 51 -12.91 5.80 12.56
N PHE A 52 -12.64 6.79 11.69
CA PHE A 52 -13.65 7.34 10.75
C PHE A 52 -14.22 6.23 9.82
N SER A 53 -13.32 5.38 9.29
CA SER A 53 -13.70 4.20 8.46
C SER A 53 -14.41 3.11 9.30
N ARG A 54 -14.04 3.02 10.61
CA ARG A 54 -14.57 2.00 11.54
C ARG A 54 -16.07 2.21 11.83
N ASP A 55 -16.43 3.42 12.30
CA ASP A 55 -17.84 3.81 12.58
C ASP A 55 -18.68 3.96 11.29
N ARG A 56 -18.00 4.00 10.13
CA ARG A 56 -18.62 3.95 8.79
C ARG A 56 -19.08 2.50 8.44
N GLY A 57 -18.45 1.50 9.08
CA GLY A 57 -18.71 0.08 8.82
C GLY A 57 -17.64 -0.57 7.93
N ASN A 58 -16.71 0.25 7.40
CA ASN A 58 -15.62 -0.18 6.50
C ASN A 58 -14.29 -0.37 7.29
N ASP A 59 -14.40 -0.93 8.51
CA ASP A 59 -13.24 -1.18 9.39
C ASP A 59 -12.34 -2.34 8.86
N LEU A 60 -11.06 -2.01 8.60
CA LEU A 60 -10.01 -3.01 8.31
C LEU A 60 -9.21 -3.33 9.61
N MET A 61 -9.89 -3.13 10.77
CA MET A 61 -9.34 -3.37 12.11
C MET A 61 -9.22 -4.89 12.38
N THR A 62 -10.39 -5.58 12.34
CA THR A 62 -10.56 -6.99 12.74
C THR A 62 -10.09 -7.21 14.21
N PRO A 63 -11.04 -7.16 15.22
CA PRO A 63 -10.71 -7.23 16.68
C PRO A 63 -9.81 -8.45 17.05
N ARG A 64 -10.20 -9.66 16.57
CA ARG A 64 -9.49 -10.93 16.89
C ARG A 64 -9.40 -11.15 18.42
N PRO A 65 -10.45 -11.78 19.04
CA PRO A 65 -10.56 -11.90 20.53
C PRO A 65 -9.75 -13.09 21.12
N GLU A 66 -8.72 -13.52 20.38
CA GLU A 66 -7.91 -14.71 20.69
C GLU A 66 -6.74 -14.33 21.63
N PHE A 67 -5.55 -14.01 21.06
CA PHE A 67 -4.36 -13.55 21.83
C PHE A 67 -3.64 -12.46 21.00
N ASN A 68 -2.82 -12.89 20.02
CA ASN A 68 -2.11 -12.00 19.06
C ASN A 68 -1.72 -12.81 17.80
N PHE A 69 -2.32 -12.44 16.65
CA PHE A 69 -2.17 -13.18 15.36
C PHE A 69 -1.75 -12.20 14.22
N PRO A 70 -1.05 -12.72 13.14
CA PRO A 70 -0.53 -11.86 12.03
C PRO A 70 -1.61 -11.15 11.17
N GLY A 71 -1.16 -10.33 10.21
CA GLY A 71 -2.04 -9.49 9.38
C GLY A 71 -1.66 -8.00 9.49
N LEU A 72 -2.66 -7.13 9.71
CA LEU A 72 -2.44 -5.68 9.95
C LEU A 72 -3.54 -5.09 10.87
N LYS A 73 -3.38 -3.80 11.22
CA LYS A 73 -4.32 -3.06 12.10
C LYS A 73 -4.15 -1.54 11.91
N ALA A 74 -4.88 -0.76 12.74
CA ALA A 74 -4.85 0.72 12.70
C ALA A 74 -3.44 1.29 13.02
N GLY A 75 -2.77 1.80 11.98
CA GLY A 75 -1.39 2.28 12.07
C GLY A 75 -0.37 1.15 11.97
N ASP A 76 -0.45 0.39 10.86
CA ASP A 76 0.49 -0.71 10.55
C ASP A 76 0.71 -0.83 9.02
N ARG A 77 1.90 -0.42 8.55
CA ARG A 77 2.24 -0.39 7.10
C ARG A 77 2.65 -1.80 6.59
N TRP A 78 1.63 -2.57 6.11
CA TRP A 78 1.82 -3.97 5.64
C TRP A 78 0.49 -4.56 5.12
N CYS A 79 0.48 -4.99 3.83
CA CYS A 79 -0.67 -5.70 3.19
C CYS A 79 -2.01 -4.90 3.36
N LEU A 80 -1.97 -3.63 2.94
CA LEU A 80 -3.10 -2.68 3.10
C LEU A 80 -3.97 -2.70 1.82
N CYS A 81 -5.28 -2.98 1.99
CA CYS A 81 -6.27 -2.90 0.88
C CYS A 81 -6.29 -1.47 0.29
N ALA A 82 -5.83 -1.29 -0.96
CA ALA A 82 -5.62 0.06 -1.58
C ALA A 82 -6.90 0.93 -1.61
N SER A 83 -8.08 0.28 -1.64
CA SER A 83 -9.40 0.95 -1.61
C SER A 83 -9.70 1.59 -0.23
N ARG A 84 -9.13 0.99 0.84
CA ARG A 84 -9.22 1.53 2.24
C ARG A 84 -8.58 2.93 2.35
N TRP A 85 -7.38 3.06 1.76
CA TRP A 85 -6.66 4.34 1.65
C TRP A 85 -7.36 5.30 0.66
N GLN A 86 -7.71 4.76 -0.53
CA GLN A 86 -8.34 5.53 -1.64
C GLN A 86 -9.64 6.22 -1.18
N GLU A 87 -10.47 5.48 -0.42
CA GLU A 87 -11.75 5.99 0.13
C GLU A 87 -11.54 7.29 0.94
N ALA A 88 -10.51 7.27 1.81
CA ALA A 88 -10.15 8.44 2.64
C ALA A 88 -9.74 9.66 1.77
N PHE A 89 -9.03 9.40 0.65
CA PHE A 89 -8.60 10.46 -0.28
C PHE A 89 -9.81 11.03 -1.09
N GLU A 90 -10.80 10.17 -1.43
CA GLU A 90 -12.01 10.57 -2.18
C GLU A 90 -12.95 11.47 -1.31
N ALA A 91 -12.82 11.36 0.03
CA ALA A 91 -13.48 12.28 0.99
C ALA A 91 -12.70 13.62 1.14
N GLY A 92 -11.46 13.66 0.60
CA GLY A 92 -10.56 14.81 0.78
C GLY A 92 -9.80 14.79 2.12
N MET A 93 -9.92 13.65 2.84
CA MET A 93 -9.36 13.46 4.19
C MET A 93 -7.90 12.93 4.11
N ALA A 94 -7.73 11.61 3.83
CA ALA A 94 -6.44 10.98 3.42
C ALA A 94 -5.29 11.05 4.48
N PRO A 95 -4.84 9.88 5.06
CA PRO A 95 -3.62 9.82 5.94
C PRO A 95 -2.27 9.93 5.14
N PRO A 96 -1.10 10.07 5.83
CA PRO A 96 0.23 10.00 5.16
C PRO A 96 0.56 8.57 4.65
N VAL A 97 0.58 8.39 3.33
CA VAL A 97 0.87 7.08 2.69
C VAL A 97 2.36 7.02 2.26
N VAL A 98 3.02 5.89 2.57
CA VAL A 98 4.45 5.65 2.28
C VAL A 98 4.75 5.52 0.75
N LEU A 99 5.23 6.60 0.12
CA LEU A 99 5.71 6.56 -1.30
C LEU A 99 7.08 5.84 -1.43
N GLN A 100 7.73 5.64 -0.28
CA GLN A 100 9.01 4.90 -0.17
C GLN A 100 8.80 3.36 -0.11
N SER A 101 7.55 2.90 0.11
CA SER A 101 7.23 1.45 0.31
C SER A 101 6.06 0.97 -0.60
N THR A 102 5.15 1.90 -1.00
CA THR A 102 4.10 1.59 -2.02
C THR A 102 4.70 1.07 -3.34
N GLU A 103 4.55 -0.24 -3.55
CA GLU A 103 4.81 -0.93 -4.84
C GLU A 103 3.90 -0.39 -5.97
N LYS A 104 4.46 -0.26 -7.20
CA LYS A 104 3.73 0.30 -8.38
C LYS A 104 2.48 -0.54 -8.79
N SER A 105 2.39 -1.81 -8.32
CA SER A 105 1.17 -2.65 -8.48
C SER A 105 -0.09 -2.00 -7.86
N ALA A 106 0.11 -1.15 -6.83
CA ALA A 106 -0.96 -0.35 -6.21
C ALA A 106 -1.63 0.64 -7.20
N LEU A 107 -0.87 1.08 -8.23
CA LEU A 107 -1.31 2.11 -9.22
C LEU A 107 -2.41 1.59 -10.20
N ARG A 108 -2.87 0.34 -10.03
CA ARG A 108 -4.09 -0.18 -10.71
C ARG A 108 -5.36 0.10 -9.86
N TYR A 109 -5.20 0.03 -8.54
CA TYR A 109 -6.32 0.14 -7.56
C TYR A 109 -6.51 1.61 -7.13
N VAL A 110 -5.38 2.23 -6.75
CA VAL A 110 -5.27 3.70 -6.50
C VAL A 110 -4.49 4.34 -7.69
N SER A 111 -4.35 5.67 -7.73
CA SER A 111 -3.43 6.33 -8.71
C SER A 111 -2.30 7.05 -7.94
N LEU A 112 -1.14 7.21 -8.60
CA LEU A 112 0.05 7.91 -8.02
C LEU A 112 -0.27 9.35 -7.59
N ALA A 113 -1.12 10.05 -8.35
CA ALA A 113 -1.53 11.44 -8.02
C ALA A 113 -2.24 11.53 -6.64
N ASP A 114 -2.99 10.47 -6.28
CA ASP A 114 -3.66 10.36 -4.97
C ASP A 114 -2.62 10.18 -3.85
N LEU A 115 -1.55 9.43 -4.16
CA LEU A 115 -0.46 9.10 -3.23
C LEU A 115 0.35 10.36 -2.88
N GLN A 116 0.80 11.05 -3.94
CA GLN A 116 1.74 12.19 -3.87
C GLN A 116 1.06 13.48 -3.34
N ALA A 117 -0.26 13.60 -3.56
CA ALA A 117 -1.07 14.73 -3.04
C ALA A 117 -1.20 14.72 -1.49
N HIS A 118 -0.91 13.56 -0.84
CA HIS A 118 -0.83 13.45 0.64
C HIS A 118 0.48 12.76 1.11
N ALA A 119 1.49 12.75 0.23
CA ALA A 119 2.87 12.37 0.57
C ALA A 119 3.68 13.61 1.02
N LEU A 120 5.03 13.48 1.02
CA LEU A 120 5.94 14.65 1.15
C LEU A 120 5.71 15.67 -0.01
N PRO A 121 5.96 17.02 0.22
CA PRO A 121 5.69 18.09 -0.79
C PRO A 121 6.46 17.92 -2.13
N VAL A 122 5.90 17.07 -3.03
CA VAL A 122 6.42 16.84 -4.39
C VAL A 122 5.48 17.52 -5.40
N LEU A 123 5.80 18.79 -5.76
CA LEU A 123 4.98 19.58 -6.70
C LEU A 123 5.28 19.18 -8.17
N GLU A 124 4.31 18.49 -8.80
CA GLU A 124 4.42 18.06 -10.21
C GLU A 124 3.53 18.94 -11.13
N HIS A 125 4.08 19.32 -12.29
CA HIS A 125 3.45 20.27 -13.23
C HIS A 125 3.01 19.59 -14.56
N HIS A 126 3.10 18.24 -14.67
CA HIS A 126 2.74 17.50 -15.92
C HIS A 126 1.26 17.72 -16.34
N HIS A 127 1.08 18.39 -17.50
CA HIS A 127 -0.24 18.60 -18.14
C HIS A 127 -0.08 19.02 -19.62
N HIS A 128 -1.18 18.95 -20.38
CA HIS A 128 -1.26 19.40 -21.79
C HIS A 128 -2.72 19.56 -22.25
N HIS A 129 -2.91 20.24 -23.39
CA HIS A 129 -4.25 20.43 -24.01
C HIS A 129 -4.57 19.24 -24.97
N HIS A 130 -5.84 18.77 -24.98
CA HIS A 130 -6.30 17.76 -25.97
C HIS A 130 -6.88 18.46 -27.25
N MET A 1 -10.15 -44.39 -9.90
CA MET A 1 -8.68 -44.15 -10.03
C MET A 1 -8.30 -42.74 -9.50
N GLY A 2 -7.00 -42.40 -9.59
CA GLY A 2 -6.48 -41.12 -9.09
C GLY A 2 -6.83 -39.92 -9.99
N GLN A 3 -7.96 -39.25 -9.70
CA GLN A 3 -8.40 -38.03 -10.41
C GLN A 3 -7.61 -36.79 -9.91
N GLY A 4 -6.76 -36.22 -10.78
CA GLY A 4 -5.87 -35.11 -10.41
C GLY A 4 -5.57 -34.14 -11.55
N GLN A 5 -4.86 -33.04 -11.22
CA GLN A 5 -4.55 -31.95 -12.17
C GLN A 5 -3.20 -32.24 -12.88
N ASN A 6 -3.20 -32.14 -14.22
CA ASN A 6 -2.00 -32.40 -15.07
C ASN A 6 -1.95 -31.44 -16.27
N VAL A 7 -0.73 -31.25 -16.86
CA VAL A 7 -0.44 -30.36 -18.02
C VAL A 7 -0.46 -28.85 -17.63
N LEU A 8 -1.52 -28.41 -16.93
CA LEU A 8 -1.73 -27.00 -16.56
C LEU A 8 -0.64 -26.49 -15.58
N GLY A 9 -0.38 -27.27 -14.51
CA GLY A 9 0.53 -26.85 -13.43
C GLY A 9 2.00 -27.23 -13.65
N GLN A 10 2.46 -27.11 -14.91
CA GLN A 10 3.82 -27.51 -15.33
C GLN A 10 4.20 -26.80 -16.66
N ASP A 11 3.29 -26.85 -17.65
CA ASP A 11 3.44 -26.19 -18.96
C ASP A 11 2.98 -24.71 -18.90
N LEU A 12 1.90 -24.46 -18.14
CA LEU A 12 1.27 -23.12 -18.01
C LEU A 12 1.33 -22.67 -16.51
N GLU A 13 0.35 -21.83 -16.05
CA GLU A 13 0.31 -21.21 -14.70
C GLU A 13 1.45 -20.20 -14.46
N VAL A 14 1.43 -19.55 -13.27
CA VAL A 14 2.45 -18.55 -12.90
C VAL A 14 3.87 -19.19 -12.85
N CYS A 15 4.79 -18.62 -13.63
CA CYS A 15 6.20 -19.06 -13.68
C CYS A 15 7.12 -17.83 -13.70
N CYS A 16 7.66 -17.50 -12.51
CA CYS A 16 8.68 -16.46 -12.31
C CYS A 16 9.96 -17.06 -11.67
N CYS A 17 11.13 -16.46 -11.99
CA CYS A 17 12.48 -16.83 -11.43
C CYS A 17 13.04 -18.17 -11.99
N ALA A 18 12.29 -19.26 -11.79
CA ALA A 18 12.67 -20.64 -12.21
C ALA A 18 13.01 -20.75 -13.74
N PRO A 19 13.92 -21.71 -14.15
CA PRO A 19 14.35 -21.88 -15.58
C PRO A 19 13.15 -22.14 -16.53
N MET A 20 13.11 -21.36 -17.64
CA MET A 20 11.97 -21.30 -18.59
C MET A 20 10.71 -20.73 -17.90
N THR A 21 10.49 -19.42 -18.04
CA THR A 21 9.29 -18.73 -17.49
C THR A 21 8.19 -18.59 -18.57
N GLY A 22 6.97 -18.18 -18.13
CA GLY A 22 5.82 -18.05 -19.03
C GLY A 22 6.07 -17.14 -20.24
N TRP A 23 6.63 -15.92 -19.97
CA TRP A 23 7.13 -14.96 -20.98
C TRP A 23 5.97 -14.35 -21.86
N TYR A 24 6.27 -13.24 -22.56
CA TYR A 24 5.37 -12.61 -23.55
C TYR A 24 4.11 -11.97 -22.88
N ARG A 25 3.04 -12.78 -22.69
CA ARG A 25 1.76 -12.36 -22.04
C ARG A 25 1.20 -13.53 -21.18
N ASN A 26 2.09 -14.46 -20.78
CA ASN A 26 1.72 -15.76 -20.22
C ASN A 26 2.43 -15.98 -18.87
N GLY A 27 1.70 -16.60 -17.94
CA GLY A 27 2.24 -17.08 -16.68
C GLY A 27 2.22 -16.05 -15.56
N PHE A 28 3.31 -15.28 -15.41
CA PHE A 28 3.51 -14.36 -14.26
C PHE A 28 2.96 -12.94 -14.56
N CYS A 29 2.40 -12.31 -13.52
CA CYS A 29 1.77 -10.96 -13.59
C CYS A 29 2.29 -10.04 -12.45
N GLN A 30 1.75 -8.81 -12.33
CA GLN A 30 2.19 -7.82 -11.30
C GLN A 30 1.63 -8.13 -9.88
N THR A 31 2.15 -9.22 -9.26
CA THR A 31 1.72 -9.66 -7.91
C THR A 31 2.67 -10.73 -7.34
N ASP A 32 2.70 -10.85 -6.00
CA ASP A 32 3.34 -11.99 -5.31
C ASP A 32 2.26 -12.91 -4.69
N VAL A 33 2.63 -14.19 -4.46
CA VAL A 33 1.68 -15.23 -3.98
C VAL A 33 1.13 -14.93 -2.55
N GLN A 34 1.98 -14.36 -1.68
CA GLN A 34 1.67 -14.18 -0.23
C GLN A 34 0.62 -13.07 0.02
N ASP A 35 0.47 -12.16 -0.95
CA ASP A 35 -0.47 -11.00 -0.87
C ASP A 35 -1.97 -11.37 -1.10
N ARG A 36 -2.31 -12.67 -0.93
CA ARG A 36 -3.72 -13.18 -1.01
C ARG A 36 -4.35 -12.93 -2.41
N GLY A 37 -3.49 -12.75 -3.45
CA GLY A 37 -3.95 -12.47 -4.84
C GLY A 37 -4.50 -11.06 -5.07
N SER A 38 -4.41 -10.20 -4.05
CA SER A 38 -4.91 -8.79 -4.09
C SER A 38 -3.81 -7.79 -4.55
N HIS A 39 -2.75 -8.33 -5.21
CA HIS A 39 -1.56 -7.58 -5.70
C HIS A 39 -0.69 -7.03 -4.54
N THR A 40 0.46 -6.43 -4.87
CA THR A 40 1.45 -5.96 -3.88
C THR A 40 1.21 -4.46 -3.55
N VAL A 41 0.54 -4.20 -2.41
CA VAL A 41 0.25 -2.84 -1.92
C VAL A 41 0.53 -2.74 -0.41
N CYS A 42 1.66 -2.13 -0.03
CA CYS A 42 1.99 -1.86 1.39
C CYS A 42 1.94 -0.35 1.63
N ALA A 43 0.91 0.08 2.34
CA ALA A 43 0.60 1.51 2.55
C ALA A 43 0.17 1.72 4.00
N GLU A 44 0.42 2.90 4.55
CA GLU A 44 0.15 3.15 5.98
C GLU A 44 -0.92 4.23 6.14
N MET A 45 -1.94 3.94 6.97
CA MET A 45 -2.97 4.92 7.38
C MET A 45 -2.92 5.20 8.89
N THR A 46 -3.40 6.40 9.27
CA THR A 46 -3.43 6.87 10.68
C THR A 46 -4.78 6.53 11.32
N GLU A 47 -4.80 6.43 12.68
CA GLU A 47 -6.00 6.03 13.44
C GLU A 47 -7.23 6.90 13.12
N GLU A 48 -6.97 8.19 12.81
CA GLU A 48 -8.00 9.22 12.55
C GLU A 48 -9.06 8.74 11.52
N PHE A 49 -8.61 8.27 10.34
CA PHE A 49 -9.51 7.72 9.29
C PHE A 49 -10.14 6.37 9.71
N LEU A 50 -9.33 5.49 10.31
CA LEU A 50 -9.78 4.14 10.74
C LEU A 50 -10.90 4.23 11.82
N LEU A 51 -10.92 5.36 12.57
CA LEU A 51 -12.01 5.71 13.51
C LEU A 51 -13.30 6.08 12.73
N PHE A 52 -13.17 6.94 11.68
CA PHE A 52 -14.31 7.31 10.78
C PHE A 52 -14.93 6.05 10.11
N SER A 53 -14.07 5.04 9.87
CA SER A 53 -14.49 3.72 9.36
C SER A 53 -15.24 2.93 10.46
N ARG A 54 -14.72 2.98 11.71
CA ARG A 54 -15.31 2.25 12.86
C ARG A 54 -16.76 2.71 13.19
N ASP A 55 -17.03 4.03 13.07
CA ASP A 55 -18.36 4.61 13.37
C ASP A 55 -19.48 4.12 12.39
N ARG A 56 -19.08 3.53 11.25
CA ARG A 56 -20.04 3.00 10.25
C ARG A 56 -20.77 1.72 10.73
N GLY A 57 -20.18 1.02 11.73
CA GLY A 57 -20.77 -0.24 12.24
C GLY A 57 -20.14 -0.73 13.56
N ASN A 58 -19.80 0.24 14.45
CA ASN A 58 -19.35 0.00 15.86
C ASN A 58 -17.87 -0.45 16.02
N ASP A 59 -17.40 -1.35 15.12
CA ASP A 59 -16.04 -1.91 15.19
C ASP A 59 -15.37 -1.99 13.78
N LEU A 60 -15.72 -3.03 12.97
CA LEU A 60 -15.10 -3.38 11.65
C LEU A 60 -13.55 -3.16 11.51
N MET A 61 -12.82 -3.17 12.64
CA MET A 61 -11.34 -3.17 12.66
C MET A 61 -10.82 -4.62 12.74
N THR A 62 -11.49 -5.43 13.58
CA THR A 62 -11.23 -6.87 13.74
C THR A 62 -12.58 -7.59 14.04
N PRO A 63 -12.89 -8.75 13.36
CA PRO A 63 -14.05 -9.60 13.76
C PRO A 63 -13.82 -10.28 15.13
N ARG A 64 -14.84 -10.23 16.03
CA ARG A 64 -14.83 -10.89 17.37
C ARG A 64 -13.82 -10.23 18.37
N PRO A 65 -14.06 -10.32 19.73
CA PRO A 65 -13.08 -9.82 20.75
C PRO A 65 -11.84 -10.76 20.87
N GLU A 66 -11.96 -11.97 20.30
CA GLU A 66 -10.87 -12.96 20.22
C GLU A 66 -10.85 -13.54 18.78
N PHE A 67 -9.74 -13.32 18.08
CA PHE A 67 -9.59 -13.66 16.64
C PHE A 67 -8.19 -14.27 16.36
N ASN A 68 -7.48 -14.69 17.43
CA ASN A 68 -6.09 -15.22 17.41
C ASN A 68 -5.06 -14.12 17.03
N PHE A 69 -5.09 -13.72 15.76
CA PHE A 69 -4.16 -12.70 15.20
C PHE A 69 -4.95 -11.41 14.79
N PRO A 70 -4.41 -10.19 15.10
CA PRO A 70 -4.96 -8.92 14.57
C PRO A 70 -4.49 -8.64 13.12
N GLY A 71 -5.37 -8.01 12.32
CA GLY A 71 -5.03 -7.60 10.94
C GLY A 71 -4.27 -6.26 10.90
N LEU A 72 -4.24 -5.63 9.71
CA LEU A 72 -3.52 -4.36 9.51
C LEU A 72 -4.30 -3.17 10.09
N LYS A 73 -3.76 -2.58 11.17
CA LYS A 73 -4.35 -1.42 11.86
C LYS A 73 -3.56 -0.13 11.51
N ALA A 74 -3.84 0.96 12.25
CA ALA A 74 -3.14 2.25 12.11
C ALA A 74 -1.64 2.11 12.46
N GLY A 75 -0.77 2.53 11.53
CA GLY A 75 0.69 2.44 11.71
C GLY A 75 1.32 1.17 11.12
N ASP A 76 0.50 0.26 10.58
CA ASP A 76 0.97 -0.94 9.87
C ASP A 76 0.99 -0.71 8.34
N ARG A 77 2.17 -0.88 7.70
CA ARG A 77 2.30 -0.75 6.23
C ARG A 77 2.69 -2.14 5.58
N TRP A 78 1.65 -2.91 5.19
CA TRP A 78 1.84 -4.25 4.56
C TRP A 78 0.48 -4.79 4.05
N CYS A 79 0.39 -5.14 2.75
CA CYS A 79 -0.86 -5.71 2.12
C CYS A 79 -2.15 -4.87 2.41
N LEU A 80 -1.96 -3.56 2.67
CA LEU A 80 -3.06 -2.61 2.89
C LEU A 80 -3.87 -2.47 1.58
N CYS A 81 -5.16 -2.83 1.62
CA CYS A 81 -6.06 -2.71 0.46
C CYS A 81 -6.21 -1.23 0.04
N ALA A 82 -5.56 -0.89 -1.10
CA ALA A 82 -5.48 0.48 -1.66
C ALA A 82 -6.87 1.13 -1.90
N SER A 83 -7.92 0.31 -2.06
CA SER A 83 -9.32 0.78 -2.16
C SER A 83 -9.77 1.59 -0.92
N ARG A 84 -9.35 1.14 0.30
CA ARG A 84 -9.66 1.83 1.58
C ARG A 84 -8.83 3.13 1.78
N TRP A 85 -7.58 3.11 1.33
CA TRP A 85 -6.71 4.32 1.31
C TRP A 85 -7.31 5.38 0.33
N GLN A 86 -7.71 4.90 -0.86
CA GLN A 86 -8.42 5.71 -1.87
C GLN A 86 -9.72 6.30 -1.29
N GLU A 87 -10.46 5.45 -0.56
CA GLU A 87 -11.75 5.79 0.08
C GLU A 87 -11.62 7.03 1.03
N ALA A 88 -10.47 7.11 1.75
CA ALA A 88 -10.15 8.27 2.60
C ALA A 88 -9.99 9.58 1.78
N PHE A 89 -9.38 9.50 0.59
CA PHE A 89 -9.29 10.65 -0.35
C PHE A 89 -10.67 11.02 -0.93
N GLU A 90 -11.47 9.99 -1.26
CA GLU A 90 -12.83 10.14 -1.80
C GLU A 90 -13.78 10.84 -0.80
N ALA A 91 -13.55 10.56 0.51
CA ALA A 91 -14.29 11.20 1.61
C ALA A 91 -13.58 12.46 2.15
N GLY A 92 -12.28 12.63 1.80
CA GLY A 92 -11.51 13.83 2.16
C GLY A 92 -10.48 13.63 3.29
N MET A 93 -10.66 12.60 4.14
CA MET A 93 -9.81 12.36 5.36
C MET A 93 -8.56 11.48 5.07
N ALA A 94 -8.00 11.61 3.84
CA ALA A 94 -6.79 10.88 3.40
C ALA A 94 -5.54 11.07 4.33
N PRO A 95 -5.09 9.99 5.04
CA PRO A 95 -3.81 9.99 5.84
C PRO A 95 -2.51 10.28 5.02
N PRO A 96 -1.33 10.48 5.70
CA PRO A 96 -0.01 10.53 5.02
C PRO A 96 0.53 9.11 4.70
N VAL A 97 0.63 8.77 3.40
CA VAL A 97 1.12 7.46 2.91
C VAL A 97 2.61 7.56 2.48
N VAL A 98 3.30 6.41 2.48
CA VAL A 98 4.67 6.30 1.95
C VAL A 98 4.70 6.15 0.41
N LEU A 99 5.89 6.36 -0.18
CA LEU A 99 6.23 5.95 -1.56
C LEU A 99 7.30 4.83 -1.54
N GLN A 100 7.95 4.65 -0.36
CA GLN A 100 9.00 3.63 -0.15
C GLN A 100 8.41 2.20 -0.14
N SER A 101 7.66 1.87 0.94
CA SER A 101 7.04 0.53 1.11
C SER A 101 5.93 0.26 0.05
N THR A 102 5.24 1.35 -0.39
CA THR A 102 4.22 1.29 -1.47
C THR A 102 4.82 0.84 -2.83
N GLU A 103 4.21 -0.18 -3.43
CA GLU A 103 4.68 -0.81 -4.70
C GLU A 103 3.89 -0.25 -5.93
N LYS A 104 4.43 -0.48 -7.13
CA LYS A 104 3.83 -0.11 -8.43
C LYS A 104 2.37 -0.67 -8.61
N SER A 105 2.08 -1.85 -8.04
CA SER A 105 0.72 -2.47 -8.09
C SER A 105 -0.39 -1.60 -7.45
N ALA A 106 0.00 -0.73 -6.49
CA ALA A 106 -0.94 0.23 -5.82
C ALA A 106 -1.58 1.22 -6.82
N LEU A 107 -0.82 1.60 -7.86
CA LEU A 107 -1.24 2.57 -8.90
C LEU A 107 -2.49 2.08 -9.69
N ARG A 108 -2.68 0.75 -9.72
CA ARG A 108 -3.82 0.09 -10.42
C ARG A 108 -5.17 0.27 -9.65
N TYR A 109 -5.09 0.74 -8.40
CA TYR A 109 -6.28 0.95 -7.53
C TYR A 109 -6.47 2.45 -7.16
N VAL A 110 -5.38 3.11 -6.73
CA VAL A 110 -5.43 4.48 -6.14
C VAL A 110 -4.73 5.55 -7.03
N SER A 111 -3.77 5.08 -7.86
CA SER A 111 -2.87 5.94 -8.70
C SER A 111 -1.76 6.62 -7.86
N LEU A 112 -0.60 6.82 -8.51
CA LEU A 112 0.58 7.50 -7.94
C LEU A 112 0.25 8.94 -7.50
N ALA A 113 -0.57 9.65 -8.28
CA ALA A 113 -0.91 11.07 -8.03
C ALA A 113 -1.50 11.31 -6.61
N ASP A 114 -2.34 10.37 -6.16
CA ASP A 114 -2.94 10.38 -4.80
C ASP A 114 -1.84 10.18 -3.72
N LEU A 115 -0.96 9.19 -3.99
CA LEU A 115 0.13 8.81 -3.06
C LEU A 115 1.04 10.02 -2.78
N GLN A 116 1.41 10.70 -3.87
CA GLN A 116 2.33 11.84 -3.89
C GLN A 116 1.69 13.12 -3.36
N ALA A 117 0.37 13.24 -3.55
CA ALA A 117 -0.44 14.33 -2.94
C ALA A 117 -0.41 14.28 -1.38
N HIS A 118 -0.03 13.11 -0.82
CA HIS A 118 0.09 12.90 0.65
C HIS A 118 1.51 12.42 1.07
N ALA A 119 2.47 12.39 0.11
CA ALA A 119 3.88 12.01 0.38
C ALA A 119 4.86 13.09 -0.16
N LEU A 120 5.29 12.98 -1.44
CA LEU A 120 6.22 13.93 -2.10
C LEU A 120 6.13 13.80 -3.65
N PRO A 121 6.57 14.86 -4.42
CA PRO A 121 6.65 14.78 -5.92
C PRO A 121 7.59 13.67 -6.46
N VAL A 122 7.28 13.14 -7.66
CA VAL A 122 8.14 12.18 -8.37
C VAL A 122 9.41 12.89 -8.91
N LEU A 123 10.59 12.39 -8.50
CA LEU A 123 11.89 12.94 -8.92
C LEU A 123 12.23 12.41 -10.34
N GLU A 124 11.48 12.92 -11.32
CA GLU A 124 11.56 12.51 -12.73
C GLU A 124 11.39 13.73 -13.65
N HIS A 125 12.48 14.07 -14.36
CA HIS A 125 12.54 15.20 -15.31
C HIS A 125 13.86 15.13 -16.14
N HIS A 126 14.51 13.94 -16.20
CA HIS A 126 15.87 13.80 -16.80
C HIS A 126 15.83 13.83 -18.36
N HIS A 127 15.71 15.05 -18.91
CA HIS A 127 15.62 15.28 -20.37
C HIS A 127 16.44 16.53 -20.78
N HIS A 128 17.61 16.30 -21.39
CA HIS A 128 18.45 17.36 -21.99
C HIS A 128 18.77 16.98 -23.46
N HIS A 129 17.85 17.34 -24.36
CA HIS A 129 17.97 17.05 -25.81
C HIS A 129 17.14 18.06 -26.64
N HIS A 130 17.76 18.65 -27.67
CA HIS A 130 17.06 19.52 -28.66
C HIS A 130 17.30 18.98 -30.10
N MET A 1 -15.86 -24.38 10.84
CA MET A 1 -15.24 -24.70 9.51
C MET A 1 -13.71 -24.53 9.55
N GLY A 2 -13.24 -23.31 9.90
CA GLY A 2 -11.80 -23.01 9.93
C GLY A 2 -11.49 -21.69 10.63
N GLN A 3 -11.16 -21.76 11.93
CA GLN A 3 -10.80 -20.58 12.76
C GLN A 3 -9.37 -20.74 13.31
N GLY A 4 -8.45 -19.86 12.88
CA GLY A 4 -7.11 -19.74 13.50
C GLY A 4 -7.13 -18.78 14.69
N GLN A 5 -6.03 -18.02 14.90
CA GLN A 5 -5.95 -16.95 15.91
C GLN A 5 -5.40 -15.66 15.27
N ASN A 6 -6.22 -14.60 15.30
CA ASN A 6 -6.00 -13.36 14.54
C ASN A 6 -6.54 -12.15 15.34
N VAL A 7 -5.62 -11.52 16.09
CA VAL A 7 -5.89 -10.39 17.00
C VAL A 7 -4.58 -9.60 17.24
N LEU A 8 -3.55 -10.34 17.66
CA LEU A 8 -2.29 -9.78 18.16
C LEU A 8 -1.18 -9.71 17.09
N GLY A 9 -1.24 -10.65 16.11
CA GLY A 9 -0.22 -10.75 15.06
C GLY A 9 1.07 -11.42 15.56
N GLN A 10 1.13 -12.76 15.42
CA GLN A 10 2.26 -13.58 15.90
C GLN A 10 2.62 -14.62 14.83
N ASP A 11 3.85 -15.19 14.94
CA ASP A 11 4.45 -16.09 13.94
C ASP A 11 4.62 -15.37 12.56
N LEU A 12 4.86 -14.05 12.64
CA LEU A 12 4.95 -13.14 11.48
C LEU A 12 6.39 -13.11 10.94
N GLU A 13 6.55 -13.28 9.61
CA GLU A 13 7.86 -13.22 8.92
C GLU A 13 7.98 -11.93 8.07
N VAL A 14 9.23 -11.48 7.82
CA VAL A 14 9.53 -10.36 6.90
C VAL A 14 10.98 -10.44 6.38
N CYS A 15 11.18 -10.14 5.07
CA CYS A 15 12.51 -10.06 4.43
C CYS A 15 13.04 -8.61 4.47
N CYS A 16 12.47 -7.74 3.57
CA CYS A 16 12.77 -6.28 3.48
C CYS A 16 14.29 -5.94 3.42
N CYS A 17 14.79 -5.63 2.20
CA CYS A 17 16.18 -5.12 1.94
C CYS A 17 17.29 -6.20 2.15
N ALA A 18 16.90 -7.41 2.59
CA ALA A 18 17.82 -8.53 2.85
C ALA A 18 18.35 -9.15 1.52
N PRO A 19 19.52 -9.87 1.53
CA PRO A 19 19.99 -10.65 0.35
C PRO A 19 18.97 -11.77 -0.05
N MET A 20 18.47 -11.69 -1.31
CA MET A 20 17.45 -12.60 -1.89
C MET A 20 16.05 -12.40 -1.21
N THR A 21 15.70 -11.11 -1.00
CA THR A 21 14.34 -10.71 -0.56
C THR A 21 13.29 -11.10 -1.63
N GLY A 22 12.48 -12.14 -1.33
CA GLY A 22 11.44 -12.62 -2.25
C GLY A 22 11.35 -14.14 -2.35
N TRP A 23 12.45 -14.85 -1.99
CA TRP A 23 12.51 -16.33 -1.99
C TRP A 23 11.41 -16.94 -1.04
N TYR A 24 11.29 -16.37 0.17
CA TYR A 24 10.24 -16.74 1.14
C TYR A 24 8.83 -16.29 0.68
N ARG A 25 8.79 -15.20 -0.11
CA ARG A 25 7.55 -14.62 -0.72
C ARG A 25 6.63 -13.94 0.33
N ASN A 26 6.01 -14.76 1.23
CA ASN A 26 5.02 -14.33 2.25
C ASN A 26 5.40 -13.03 3.02
N GLY A 27 6.65 -12.97 3.51
CA GLY A 27 7.15 -11.81 4.28
C GLY A 27 7.64 -10.60 3.46
N PHE A 28 7.17 -10.47 2.21
CA PHE A 28 7.47 -9.30 1.34
C PHE A 28 6.47 -9.23 0.17
N CYS A 29 6.56 -10.23 -0.73
CA CYS A 29 5.69 -10.38 -1.91
C CYS A 29 4.36 -11.05 -1.53
N GLN A 30 3.58 -10.33 -0.70
CA GLN A 30 2.26 -10.79 -0.20
C GLN A 30 1.13 -10.37 -1.19
N THR A 31 1.29 -10.85 -2.43
CA THR A 31 0.38 -10.62 -3.58
C THR A 31 -0.66 -11.77 -3.69
N ASP A 32 -1.09 -12.28 -2.51
CA ASP A 32 -1.84 -13.55 -2.36
C ASP A 32 -0.96 -14.75 -2.81
N VAL A 33 -0.89 -14.97 -4.15
CA VAL A 33 0.09 -15.91 -4.78
C VAL A 33 0.78 -15.17 -5.95
N GLN A 34 -0.04 -14.57 -6.82
CA GLN A 34 0.41 -13.82 -8.02
C GLN A 34 -0.65 -12.79 -8.46
N ASP A 35 -1.92 -13.26 -8.57
CA ASP A 35 -3.08 -12.49 -9.07
C ASP A 35 -2.80 -11.79 -10.43
N ARG A 36 -2.89 -12.60 -11.53
CA ARG A 36 -2.73 -12.15 -12.95
C ARG A 36 -1.28 -11.74 -13.31
N GLY A 37 -0.38 -11.65 -12.29
CA GLY A 37 0.99 -11.16 -12.49
C GLY A 37 1.51 -10.42 -11.25
N SER A 38 0.70 -9.47 -10.73
CA SER A 38 1.09 -8.62 -9.56
C SER A 38 -0.16 -8.00 -8.88
N HIS A 39 -0.11 -7.93 -7.54
CA HIS A 39 -1.19 -7.37 -6.69
C HIS A 39 -0.59 -6.87 -5.35
N THR A 40 0.56 -6.18 -5.45
CA THR A 40 1.37 -5.77 -4.28
C THR A 40 1.01 -4.33 -3.84
N VAL A 41 0.22 -4.22 -2.75
CA VAL A 41 -0.16 -2.92 -2.12
C VAL A 41 0.25 -2.91 -0.64
N CYS A 42 1.35 -2.22 -0.31
CA CYS A 42 1.79 -1.99 1.09
C CYS A 42 1.68 -0.49 1.40
N ALA A 43 0.68 -0.15 2.23
CA ALA A 43 0.23 1.24 2.45
C ALA A 43 -0.13 1.42 3.93
N GLU A 44 -0.02 2.65 4.45
CA GLU A 44 -0.27 2.91 5.88
C GLU A 44 -1.36 3.97 6.09
N MET A 45 -2.38 3.61 6.91
CA MET A 45 -3.44 4.54 7.35
C MET A 45 -3.42 4.65 8.89
N THR A 46 -3.56 5.87 9.44
CA THR A 46 -3.39 6.14 10.91
C THR A 46 -4.75 6.21 11.63
N GLU A 47 -4.71 6.05 12.97
CA GLU A 47 -5.91 5.90 13.83
C GLU A 47 -6.92 7.03 13.65
N GLU A 48 -6.41 8.25 13.41
CA GLU A 48 -7.24 9.47 13.24
C GLU A 48 -8.31 9.26 12.13
N PHE A 49 -7.81 8.72 11.01
CA PHE A 49 -8.60 8.46 9.79
C PHE A 49 -9.45 7.17 9.88
N LEU A 50 -8.93 6.11 10.55
CA LEU A 50 -9.68 4.84 10.72
C LEU A 50 -10.90 5.02 11.67
N LEU A 51 -10.73 5.86 12.72
CA LEU A 51 -11.81 6.18 13.68
C LEU A 51 -12.98 6.93 13.00
N PHE A 52 -12.67 7.73 11.95
CA PHE A 52 -13.70 8.36 11.10
C PHE A 52 -14.56 7.28 10.38
N SER A 53 -13.88 6.27 9.79
CA SER A 53 -14.53 5.19 9.03
C SER A 53 -15.47 4.34 9.90
N ARG A 54 -14.99 3.89 11.08
CA ARG A 54 -15.80 3.03 12.00
C ARG A 54 -16.87 3.83 12.79
N ASP A 55 -16.44 4.88 13.54
CA ASP A 55 -17.34 5.60 14.48
C ASP A 55 -18.30 6.59 13.77
N ARG A 56 -18.13 6.80 12.44
CA ARG A 56 -19.03 7.69 11.65
C ARG A 56 -19.48 7.03 10.32
N GLY A 57 -19.32 5.69 10.22
CA GLY A 57 -19.71 4.96 8.98
C GLY A 57 -19.94 3.46 9.21
N ASN A 58 -18.96 2.63 8.77
CA ASN A 58 -19.05 1.15 8.81
C ASN A 58 -17.80 0.52 9.47
N ASP A 59 -17.91 -0.76 9.87
CA ASP A 59 -16.81 -1.51 10.54
C ASP A 59 -15.58 -1.69 9.60
N LEU A 60 -14.38 -1.43 10.16
CA LEU A 60 -13.11 -1.48 9.39
C LEU A 60 -11.96 -2.06 10.26
N MET A 61 -11.89 -1.60 11.52
CA MET A 61 -10.88 -2.07 12.50
C MET A 61 -11.49 -3.22 13.37
N THR A 62 -11.51 -4.44 12.80
CA THR A 62 -12.11 -5.64 13.47
C THR A 62 -11.18 -6.88 13.33
N PRO A 63 -11.06 -7.74 14.41
CA PRO A 63 -10.30 -9.03 14.35
C PRO A 63 -10.77 -9.99 13.23
N ARG A 64 -12.11 -10.18 13.12
CA ARG A 64 -12.78 -11.09 12.15
C ARG A 64 -12.42 -12.60 12.40
N PRO A 65 -13.08 -13.28 13.38
CA PRO A 65 -12.79 -14.71 13.71
C PRO A 65 -13.33 -15.70 12.63
N GLU A 66 -14.19 -15.20 11.73
CA GLU A 66 -14.76 -15.97 10.61
C GLU A 66 -13.71 -16.21 9.49
N PHE A 67 -12.74 -15.28 9.37
CA PHE A 67 -11.65 -15.34 8.37
C PHE A 67 -10.32 -14.89 9.02
N ASN A 68 -9.44 -15.87 9.28
CA ASN A 68 -8.10 -15.65 9.90
C ASN A 68 -7.03 -15.15 8.87
N PHE A 69 -7.42 -14.18 8.01
CA PHE A 69 -6.56 -13.63 6.93
C PHE A 69 -6.57 -12.06 6.92
N PRO A 70 -7.75 -11.34 6.80
CA PRO A 70 -7.78 -9.86 6.83
C PRO A 70 -7.94 -9.27 8.27
N GLY A 71 -6.90 -8.55 8.74
CA GLY A 71 -6.92 -7.90 10.05
C GLY A 71 -6.53 -6.41 9.95
N LEU A 72 -5.20 -6.15 10.01
CA LEU A 72 -4.57 -4.79 9.99
C LEU A 72 -4.95 -3.93 11.23
N LYS A 73 -4.00 -3.07 11.64
CA LYS A 73 -4.19 -2.13 12.78
C LYS A 73 -3.91 -0.67 12.32
N ALA A 74 -4.09 0.29 13.23
CA ALA A 74 -3.99 1.73 12.91
C ALA A 74 -2.52 2.24 12.92
N GLY A 75 -1.97 2.47 11.72
CA GLY A 75 -0.58 2.90 11.53
C GLY A 75 0.35 1.72 11.27
N ASP A 76 -0.15 0.75 10.48
CA ASP A 76 0.54 -0.50 10.15
C ASP A 76 0.69 -0.67 8.62
N ARG A 77 1.93 -0.49 8.12
CA ARG A 77 2.25 -0.61 6.67
C ARG A 77 2.48 -2.10 6.27
N TRP A 78 1.38 -2.76 5.87
CA TRP A 78 1.35 -4.14 5.34
C TRP A 78 0.38 -4.20 4.14
N CYS A 79 -0.03 -5.43 3.74
CA CYS A 79 -1.12 -5.66 2.76
C CYS A 79 -2.44 -4.96 3.20
N LEU A 80 -2.50 -3.66 2.91
CA LEU A 80 -3.59 -2.75 3.30
C LEU A 80 -4.73 -2.81 2.26
N CYS A 81 -4.36 -3.17 1.01
CA CYS A 81 -5.24 -3.16 -0.18
C CYS A 81 -5.62 -1.72 -0.58
N ALA A 82 -5.32 -1.34 -1.84
CA ALA A 82 -5.55 0.01 -2.37
C ALA A 82 -7.03 0.45 -2.24
N SER A 83 -7.96 -0.53 -2.16
CA SER A 83 -9.39 -0.30 -1.89
C SER A 83 -9.64 0.53 -0.59
N ARG A 84 -8.96 0.16 0.52
CA ARG A 84 -9.10 0.84 1.84
C ARG A 84 -8.55 2.29 1.83
N TRP A 85 -7.41 2.46 1.18
CA TRP A 85 -6.69 3.76 1.09
C TRP A 85 -7.47 4.74 0.17
N GLN A 86 -7.94 4.23 -0.98
CA GLN A 86 -8.78 4.97 -1.94
C GLN A 86 -10.16 5.33 -1.32
N GLU A 87 -10.72 4.39 -0.53
CA GLU A 87 -12.01 4.58 0.17
C GLU A 87 -11.93 5.77 1.17
N ALA A 88 -10.82 5.83 1.93
CA ALA A 88 -10.55 6.91 2.90
C ALA A 88 -10.40 8.28 2.19
N PHE A 89 -9.91 8.26 0.94
CA PHE A 89 -9.82 9.47 0.09
C PHE A 89 -11.23 9.96 -0.34
N GLU A 90 -12.08 9.01 -0.78
CA GLU A 90 -13.48 9.31 -1.21
C GLU A 90 -14.40 9.63 0.00
N ALA A 91 -13.93 9.28 1.21
CA ALA A 91 -14.54 9.71 2.49
C ALA A 91 -14.21 11.20 2.80
N GLY A 92 -13.38 11.84 1.92
CA GLY A 92 -13.01 13.25 2.03
C GLY A 92 -11.82 13.50 2.97
N MET A 93 -11.07 12.44 3.31
CA MET A 93 -10.01 12.49 4.35
C MET A 93 -8.60 12.15 3.77
N ALA A 94 -8.33 10.84 3.57
CA ALA A 94 -7.04 10.30 3.05
C ALA A 94 -5.81 10.59 3.98
N PRO A 95 -5.35 9.55 4.76
CA PRO A 95 -4.15 9.66 5.68
C PRO A 95 -2.78 9.82 4.94
N PRO A 96 -1.68 10.16 5.70
CA PRO A 96 -0.29 10.11 5.17
C PRO A 96 0.17 8.65 4.85
N VAL A 97 0.31 8.31 3.57
CA VAL A 97 0.71 6.95 3.12
C VAL A 97 2.24 6.89 2.88
N VAL A 98 2.82 5.70 3.04
CA VAL A 98 4.26 5.43 2.77
C VAL A 98 4.49 4.99 1.30
N LEU A 99 5.04 5.92 0.49
CA LEU A 99 5.19 5.78 -0.99
C LEU A 99 6.24 4.72 -1.38
N GLN A 100 7.35 4.69 -0.63
CA GLN A 100 8.49 3.79 -0.89
C GLN A 100 8.13 2.30 -0.63
N SER A 101 7.17 2.09 0.29
CA SER A 101 6.62 0.74 0.57
C SER A 101 5.49 0.38 -0.43
N THR A 102 4.78 1.42 -0.93
CA THR A 102 3.72 1.26 -1.95
C THR A 102 4.33 0.98 -3.33
N GLU A 103 4.31 -0.31 -3.73
CA GLU A 103 4.83 -0.76 -5.05
C GLU A 103 3.95 -0.24 -6.21
N LYS A 104 4.56 -0.16 -7.42
CA LYS A 104 3.91 0.43 -8.63
C LYS A 104 2.65 -0.37 -9.09
N SER A 105 2.46 -1.59 -8.57
CA SER A 105 1.22 -2.38 -8.76
C SER A 105 -0.04 -1.61 -8.27
N ALA A 106 0.11 -0.90 -7.14
CA ALA A 106 -0.99 -0.10 -6.51
C ALA A 106 -1.32 1.19 -7.30
N LEU A 107 -0.36 1.66 -8.11
CA LEU A 107 -0.51 2.88 -8.96
C LEU A 107 -1.61 2.70 -10.04
N ARG A 108 -1.91 1.45 -10.38
CA ARG A 108 -3.00 1.11 -11.34
C ARG A 108 -4.39 1.19 -10.66
N TYR A 109 -4.40 1.23 -9.30
CA TYR A 109 -5.61 1.21 -8.45
C TYR A 109 -5.89 2.55 -7.73
N VAL A 110 -4.87 3.45 -7.63
CA VAL A 110 -5.01 4.72 -6.84
C VAL A 110 -4.26 5.92 -7.47
N SER A 111 -3.21 5.61 -8.28
CA SER A 111 -2.30 6.61 -8.93
C SER A 111 -1.20 7.13 -7.97
N LEU A 112 0.01 7.28 -8.53
CA LEU A 112 1.17 7.89 -7.84
C LEU A 112 0.91 9.37 -7.47
N ALA A 113 0.23 10.12 -8.36
CA ALA A 113 -0.02 11.57 -8.18
C ALA A 113 -0.79 11.89 -6.87
N ASP A 114 -1.67 10.96 -6.47
CA ASP A 114 -2.40 11.03 -5.19
C ASP A 114 -1.41 10.81 -4.00
N LEU A 115 -0.46 9.87 -4.18
CA LEU A 115 0.46 9.40 -3.12
C LEU A 115 1.45 10.52 -2.74
N GLN A 116 1.99 11.14 -3.80
CA GLN A 116 2.99 12.23 -3.71
C GLN A 116 2.39 13.45 -3.00
N ALA A 117 1.15 13.78 -3.38
CA ALA A 117 0.38 14.88 -2.76
C ALA A 117 0.12 14.68 -1.25
N HIS A 118 0.02 13.41 -0.78
CA HIS A 118 -0.21 13.09 0.65
C HIS A 118 1.10 12.89 1.45
N ALA A 119 2.24 12.66 0.75
CA ALA A 119 3.58 12.72 1.38
C ALA A 119 4.09 14.18 1.48
N LEU A 120 4.33 14.78 0.30
CA LEU A 120 4.87 16.14 0.17
C LEU A 120 3.80 17.09 -0.48
N PRO A 121 3.84 18.43 -0.19
CA PRO A 121 2.89 19.40 -0.78
C PRO A 121 3.09 19.61 -2.31
N VAL A 122 2.29 18.89 -3.12
CA VAL A 122 2.21 19.11 -4.59
C VAL A 122 0.72 19.13 -5.04
N LEU A 123 0.38 20.15 -5.83
CA LEU A 123 -0.99 20.33 -6.38
C LEU A 123 -0.99 20.05 -7.89
N GLU A 124 -1.88 19.15 -8.33
CA GLU A 124 -2.14 18.89 -9.76
C GLU A 124 -3.64 18.54 -9.99
N HIS A 125 -4.47 18.80 -8.94
CA HIS A 125 -5.93 18.50 -8.90
C HIS A 125 -6.19 16.97 -8.97
N HIS A 126 -6.57 16.37 -7.81
CA HIS A 126 -6.88 14.91 -7.71
C HIS A 126 -8.14 14.53 -8.52
N HIS A 127 -8.03 13.47 -9.33
CA HIS A 127 -9.17 12.91 -10.10
C HIS A 127 -8.80 11.53 -10.72
N HIS A 128 -7.51 11.36 -11.06
CA HIS A 128 -6.93 10.07 -11.52
C HIS A 128 -6.88 9.04 -10.36
N HIS A 129 -7.77 8.02 -10.39
CA HIS A 129 -7.85 6.99 -9.31
C HIS A 129 -8.01 5.56 -9.88
N HIS A 130 -8.90 5.41 -10.90
CA HIS A 130 -9.42 4.09 -11.37
C HIS A 130 -10.34 3.43 -10.27
N MET A 1 -2.63 -9.24 7.73
CA MET A 1 -1.56 -9.80 8.60
C MET A 1 -1.88 -9.55 10.10
N GLY A 2 -1.87 -10.65 10.89
CA GLY A 2 -2.24 -10.61 12.32
C GLY A 2 -1.20 -9.94 13.21
N GLN A 3 0.06 -10.44 13.16
CA GLN A 3 1.17 -9.91 13.96
C GLN A 3 1.95 -8.82 13.19
N GLY A 4 2.21 -7.69 13.86
CA GLY A 4 3.06 -6.61 13.34
C GLY A 4 3.50 -5.65 14.44
N GLN A 5 4.57 -4.88 14.23
CA GLN A 5 5.01 -3.82 15.16
C GLN A 5 4.88 -2.45 14.50
N ASN A 6 4.09 -1.57 15.14
CA ASN A 6 3.76 -0.23 14.62
C ASN A 6 5.00 0.69 14.55
N VAL A 7 4.92 1.71 13.68
CA VAL A 7 5.91 2.81 13.63
C VAL A 7 5.84 3.65 14.93
N LEU A 8 4.65 3.58 15.57
CA LEU A 8 4.34 4.23 16.85
C LEU A 8 5.16 3.59 18.00
N GLY A 9 5.38 2.26 17.86
CA GLY A 9 6.30 1.52 18.72
C GLY A 9 7.73 1.52 18.15
N GLN A 10 8.13 0.38 17.56
CA GLN A 10 9.45 0.23 16.91
C GLN A 10 9.51 -1.06 16.04
N ASP A 11 10.11 -0.95 14.85
CA ASP A 11 10.33 -2.10 13.94
C ASP A 11 11.47 -1.80 12.93
N LEU A 12 12.09 -2.87 12.39
CA LEU A 12 13.16 -2.76 11.37
C LEU A 12 12.57 -2.24 10.02
N GLU A 13 11.29 -2.61 9.77
CA GLU A 13 10.49 -2.15 8.59
C GLU A 13 11.12 -2.62 7.24
N VAL A 14 11.87 -3.73 7.27
CA VAL A 14 12.61 -4.23 6.11
C VAL A 14 11.82 -5.35 5.36
N CYS A 15 11.85 -5.30 4.01
CA CYS A 15 11.30 -6.36 3.15
C CYS A 15 12.26 -7.56 3.06
N CYS A 16 13.57 -7.25 3.05
CA CYS A 16 14.66 -8.25 3.06
C CYS A 16 14.82 -8.88 4.45
N CYS A 17 14.06 -9.97 4.72
CA CYS A 17 14.13 -10.73 5.99
C CYS A 17 14.59 -12.17 5.72
N ALA A 18 13.85 -12.87 4.83
CA ALA A 18 14.23 -14.21 4.31
C ALA A 18 14.85 -14.13 2.88
N PRO A 19 14.28 -13.35 1.88
CA PRO A 19 14.92 -13.16 0.54
C PRO A 19 16.03 -12.08 0.54
N MET A 20 16.89 -12.11 -0.49
CA MET A 20 17.97 -11.10 -0.69
C MET A 20 17.37 -9.71 -1.03
N THR A 21 16.28 -9.72 -1.82
CA THR A 21 15.51 -8.52 -2.21
C THR A 21 16.38 -7.52 -3.01
N GLY A 22 16.54 -7.79 -4.33
CA GLY A 22 17.51 -7.08 -5.17
C GLY A 22 18.95 -7.51 -4.86
N TRP A 23 19.84 -6.53 -4.65
CA TRP A 23 21.23 -6.75 -4.17
C TRP A 23 21.54 -5.81 -2.99
N TYR A 24 21.54 -4.50 -3.26
CA TYR A 24 21.88 -3.46 -2.27
C TYR A 24 21.20 -2.12 -2.62
N ARG A 25 20.23 -1.70 -1.78
CA ARG A 25 19.55 -0.39 -1.86
C ARG A 25 19.41 0.19 -0.44
N ASN A 26 18.68 -0.57 0.41
CA ASN A 26 18.39 -0.22 1.82
C ASN A 26 17.80 -1.45 2.53
N GLY A 27 16.81 -2.07 1.87
CA GLY A 27 16.18 -3.30 2.36
C GLY A 27 14.82 -3.56 1.73
N PHE A 28 14.59 -3.00 0.51
CA PHE A 28 13.31 -3.13 -0.20
C PHE A 28 13.49 -3.02 -1.73
N CYS A 29 12.53 -3.60 -2.47
CA CYS A 29 12.42 -3.47 -3.94
C CYS A 29 10.94 -3.39 -4.35
N GLN A 30 10.67 -2.87 -5.56
CA GLN A 30 9.29 -2.73 -6.09
C GLN A 30 8.74 -4.10 -6.57
N THR A 31 9.20 -4.58 -7.75
CA THR A 31 8.75 -5.86 -8.33
C THR A 31 9.72 -6.35 -9.44
N ASP A 32 9.38 -7.48 -10.08
CA ASP A 32 10.09 -8.01 -11.27
C ASP A 32 9.68 -7.22 -12.53
N VAL A 33 10.60 -7.11 -13.50
CA VAL A 33 10.35 -6.40 -14.78
C VAL A 33 9.20 -7.06 -15.60
N GLN A 34 9.03 -8.39 -15.43
CA GLN A 34 7.97 -9.18 -16.10
C GLN A 34 6.57 -8.93 -15.49
N ASP A 35 6.53 -8.58 -14.19
CA ASP A 35 5.27 -8.29 -13.47
C ASP A 35 4.76 -6.86 -13.78
N ARG A 36 3.88 -6.77 -14.78
CA ARG A 36 3.22 -5.52 -15.18
C ARG A 36 1.91 -5.32 -14.38
N GLY A 37 2.05 -4.75 -13.17
CA GLY A 37 0.91 -4.53 -12.26
C GLY A 37 0.54 -5.77 -11.42
N SER A 38 1.19 -5.94 -10.27
CA SER A 38 0.95 -7.07 -9.33
C SER A 38 -0.19 -6.70 -8.31
N HIS A 39 -0.23 -7.37 -7.14
CA HIS A 39 -1.24 -7.11 -6.07
C HIS A 39 -0.56 -6.47 -4.81
N THR A 40 0.59 -5.81 -5.00
CA THR A 40 1.45 -5.33 -3.89
C THR A 40 1.16 -3.84 -3.51
N VAL A 41 0.56 -3.62 -2.32
CA VAL A 41 0.32 -2.26 -1.77
C VAL A 41 0.79 -2.18 -0.30
N CYS A 42 1.46 -1.07 0.06
CA CYS A 42 1.88 -0.78 1.46
C CYS A 42 1.49 0.66 1.83
N ALA A 43 0.52 0.79 2.75
CA ALA A 43 -0.09 2.08 3.12
C ALA A 43 -0.34 2.12 4.63
N GLU A 44 -0.34 3.30 5.23
CA GLU A 44 -0.49 3.43 6.68
C GLU A 44 -1.73 4.26 7.05
N MET A 45 -2.76 3.60 7.59
CA MET A 45 -3.93 4.26 8.17
C MET A 45 -3.73 4.44 9.69
N THR A 46 -3.95 5.67 10.18
CA THR A 46 -3.84 6.01 11.61
C THR A 46 -5.15 5.64 12.34
N GLU A 47 -5.15 5.64 13.68
CA GLU A 47 -6.37 5.31 14.46
C GLU A 47 -7.49 6.34 14.18
N GLU A 48 -7.09 7.60 14.03
CA GLU A 48 -7.99 8.72 13.68
C GLU A 48 -8.80 8.41 12.39
N PHE A 49 -8.08 8.10 11.31
CA PHE A 49 -8.66 7.86 9.98
C PHE A 49 -9.29 6.44 9.85
N LEU A 50 -8.75 5.45 10.58
CA LEU A 50 -9.20 4.06 10.54
C LEU A 50 -10.55 3.91 11.30
N LEU A 51 -10.66 4.63 12.43
CA LEU A 51 -11.93 4.80 13.17
C LEU A 51 -12.97 5.56 12.31
N PHE A 52 -12.55 6.69 11.67
CA PHE A 52 -13.48 7.57 10.91
C PHE A 52 -14.09 6.87 9.67
N SER A 53 -13.25 6.11 8.93
CA SER A 53 -13.68 5.33 7.73
C SER A 53 -14.82 4.36 8.10
N ARG A 54 -14.71 3.75 9.29
CA ARG A 54 -15.76 2.89 9.88
C ARG A 54 -16.90 3.72 10.51
N ASP A 55 -16.57 4.89 11.10
CA ASP A 55 -17.49 5.66 11.99
C ASP A 55 -18.77 6.12 11.25
N ARG A 56 -18.68 6.15 9.92
CA ARG A 56 -19.85 6.31 9.05
C ARG A 56 -20.54 4.93 8.86
N GLY A 57 -21.50 4.61 9.74
CA GLY A 57 -22.26 3.35 9.67
C GLY A 57 -21.67 2.20 10.52
N ASN A 58 -20.43 1.78 10.19
CA ASN A 58 -19.79 0.54 10.76
C ASN A 58 -18.86 0.88 11.97
N ASP A 59 -19.29 1.88 12.78
CA ASP A 59 -18.48 2.53 13.85
C ASP A 59 -17.74 1.57 14.81
N LEU A 60 -18.41 0.45 15.18
CA LEU A 60 -17.78 -0.63 15.99
C LEU A 60 -16.54 -1.23 15.27
N MET A 61 -15.35 -0.70 15.64
CA MET A 61 -14.05 -1.03 15.01
C MET A 61 -13.71 -2.54 15.14
N THR A 62 -13.63 -3.00 16.40
CA THR A 62 -13.45 -4.42 16.74
C THR A 62 -14.74 -4.93 17.42
N PRO A 63 -15.69 -5.56 16.65
CA PRO A 63 -17.03 -5.98 17.18
C PRO A 63 -16.94 -7.02 18.32
N ARG A 64 -16.03 -8.01 18.16
CA ARG A 64 -15.79 -9.09 19.13
C ARG A 64 -14.71 -8.70 20.16
N PRO A 65 -14.66 -9.36 21.38
CA PRO A 65 -13.53 -9.17 22.34
C PRO A 65 -12.19 -9.76 21.81
N GLU A 66 -12.27 -10.57 20.74
CA GLU A 66 -11.08 -11.11 20.03
C GLU A 66 -10.42 -10.04 19.13
N PHE A 67 -9.13 -10.24 18.82
CA PHE A 67 -8.31 -9.30 18.01
C PHE A 67 -8.53 -9.45 16.47
N ASN A 68 -9.44 -10.37 16.09
CA ASN A 68 -9.71 -10.70 14.67
C ASN A 68 -10.66 -9.67 14.01
N PHE A 69 -10.07 -8.67 13.32
CA PHE A 69 -10.83 -7.66 12.51
C PHE A 69 -10.12 -7.45 11.14
N PRO A 70 -10.89 -7.18 10.02
CA PRO A 70 -10.28 -6.94 8.69
C PRO A 70 -9.62 -5.53 8.58
N GLY A 71 -8.29 -5.47 8.80
CA GLY A 71 -7.53 -4.21 8.69
C GLY A 71 -6.21 -4.25 9.46
N LEU A 72 -5.50 -3.12 9.48
CA LEU A 72 -4.21 -2.97 10.22
C LEU A 72 -4.41 -2.35 11.61
N LYS A 73 -3.30 -2.22 12.35
CA LYS A 73 -3.31 -1.94 13.80
C LYS A 73 -3.04 -0.44 14.10
N ALA A 74 -3.33 0.42 13.09
CA ALA A 74 -3.26 1.90 13.18
C ALA A 74 -1.82 2.43 13.40
N GLY A 75 -1.31 3.22 12.42
CA GLY A 75 0.11 3.58 12.38
C GLY A 75 1.01 2.36 12.09
N ASP A 76 0.53 1.51 11.16
CA ASP A 76 1.15 0.23 10.81
C ASP A 76 1.12 0.04 9.27
N ARG A 77 2.23 0.37 8.57
CA ARG A 77 2.28 0.35 7.07
C ARG A 77 2.70 -1.03 6.51
N TRP A 78 1.72 -1.94 6.35
CA TRP A 78 1.96 -3.35 5.95
C TRP A 78 0.67 -3.97 5.37
N CYS A 79 0.72 -4.43 4.09
CA CYS A 79 -0.38 -5.22 3.44
C CYS A 79 -1.74 -4.46 3.31
N LEU A 80 -1.74 -3.14 3.59
CA LEU A 80 -2.97 -2.30 3.49
C LEU A 80 -3.38 -2.19 2.01
N CYS A 81 -4.51 -2.82 1.65
CA CYS A 81 -5.07 -2.78 0.28
C CYS A 81 -5.43 -1.34 -0.14
N ALA A 82 -5.01 -0.94 -1.35
CA ALA A 82 -5.19 0.44 -1.87
C ALA A 82 -6.69 0.87 -1.96
N SER A 83 -7.62 -0.10 -2.03
CA SER A 83 -9.08 0.18 -1.95
C SER A 83 -9.48 0.90 -0.63
N ARG A 84 -8.88 0.44 0.48
CA ARG A 84 -9.11 0.98 1.85
C ARG A 84 -8.52 2.41 2.00
N TRP A 85 -7.31 2.62 1.45
CA TRP A 85 -6.60 3.93 1.49
C TRP A 85 -7.25 4.95 0.50
N GLN A 86 -7.38 4.56 -0.79
CA GLN A 86 -8.04 5.39 -1.84
C GLN A 86 -9.43 5.92 -1.42
N GLU A 87 -10.24 5.07 -0.74
CA GLU A 87 -11.57 5.47 -0.26
C GLU A 87 -11.47 6.63 0.76
N ALA A 88 -10.46 6.55 1.66
CA ALA A 88 -10.23 7.59 2.67
C ALA A 88 -9.76 8.91 2.01
N PHE A 89 -9.06 8.78 0.86
CA PHE A 89 -8.69 9.91 -0.01
C PHE A 89 -9.95 10.55 -0.65
N GLU A 90 -10.87 9.70 -1.13
CA GLU A 90 -12.14 10.15 -1.77
C GLU A 90 -13.11 10.80 -0.77
N ALA A 91 -13.07 10.32 0.49
CA ALA A 91 -13.87 10.88 1.60
C ALA A 91 -13.23 12.18 2.17
N GLY A 92 -11.98 12.46 1.75
CA GLY A 92 -11.31 13.75 2.02
C GLY A 92 -10.20 13.68 3.08
N MET A 93 -10.16 12.61 3.88
CA MET A 93 -9.16 12.46 4.98
C MET A 93 -7.75 12.15 4.42
N ALA A 94 -7.60 10.92 3.90
CA ALA A 94 -6.35 10.39 3.30
C ALA A 94 -5.17 10.35 4.32
N PRO A 95 -4.89 9.16 4.94
CA PRO A 95 -3.72 8.96 5.86
C PRO A 95 -2.34 8.95 5.11
N PRO A 96 -1.18 9.01 5.87
CA PRO A 96 0.17 8.93 5.25
C PRO A 96 0.46 7.54 4.62
N VAL A 97 0.70 7.53 3.30
CA VAL A 97 1.12 6.31 2.56
C VAL A 97 2.63 6.41 2.20
N VAL A 98 3.30 5.28 1.95
CA VAL A 98 4.78 5.22 1.79
C VAL A 98 5.21 4.79 0.35
N LEU A 99 5.76 5.75 -0.43
CA LEU A 99 6.24 5.49 -1.83
C LEU A 99 7.49 4.59 -1.87
N GLN A 100 8.32 4.66 -0.81
CA GLN A 100 9.50 3.79 -0.63
C GLN A 100 9.13 2.40 -0.02
N SER A 101 7.98 1.86 -0.48
CA SER A 101 7.46 0.53 -0.07
C SER A 101 6.27 0.10 -0.97
N THR A 102 5.55 1.09 -1.58
CA THR A 102 4.49 0.83 -2.59
C THR A 102 5.07 0.41 -3.97
N GLU A 103 4.16 0.21 -4.94
CA GLU A 103 4.49 -0.25 -6.30
C GLU A 103 3.48 0.37 -7.31
N LYS A 104 3.73 0.20 -8.61
CA LYS A 104 2.77 0.48 -9.71
C LYS A 104 1.50 -0.44 -9.58
N SER A 105 1.63 -1.53 -8.80
CA SER A 105 0.50 -2.40 -8.37
C SER A 105 -0.58 -1.61 -7.61
N ALA A 106 -0.14 -0.61 -6.80
CA ALA A 106 -1.06 0.29 -6.06
C ALA A 106 -1.92 1.14 -7.03
N LEU A 107 -1.30 1.53 -8.17
CA LEU A 107 -1.92 2.40 -9.22
C LEU A 107 -3.06 1.70 -10.00
N ARG A 108 -3.44 0.48 -9.58
CA ARG A 108 -4.57 -0.27 -10.17
C ARG A 108 -5.90 0.13 -9.49
N TYR A 109 -5.76 0.64 -8.25
CA TYR A 109 -6.88 1.10 -7.42
C TYR A 109 -6.83 2.66 -7.34
N VAL A 110 -5.62 3.17 -6.99
CA VAL A 110 -5.33 4.63 -6.93
C VAL A 110 -4.65 5.14 -8.21
N SER A 111 -4.23 6.39 -8.16
CA SER A 111 -3.19 6.95 -9.01
C SER A 111 -1.98 7.31 -8.14
N LEU A 112 -0.81 7.41 -8.77
CA LEU A 112 0.39 7.94 -8.11
C LEU A 112 0.13 9.36 -7.54
N ALA A 113 -0.69 10.16 -8.26
CA ALA A 113 -1.06 11.52 -7.83
C ALA A 113 -1.85 11.53 -6.49
N ASP A 114 -2.65 10.47 -6.25
CA ASP A 114 -3.38 10.32 -4.99
C ASP A 114 -2.41 9.94 -3.85
N LEU A 115 -1.37 9.16 -4.20
CA LEU A 115 -0.34 8.71 -3.26
C LEU A 115 0.54 9.90 -2.80
N GLN A 116 1.14 10.60 -3.79
CA GLN A 116 2.16 11.65 -3.57
C GLN A 116 1.59 12.87 -2.81
N ALA A 117 0.30 13.13 -3.03
CA ALA A 117 -0.48 14.15 -2.27
C ALA A 117 -0.37 13.97 -0.72
N HIS A 118 -0.20 12.70 -0.27
CA HIS A 118 -0.07 12.35 1.18
C HIS A 118 1.09 11.33 1.44
N ALA A 119 2.14 11.32 0.59
CA ALA A 119 3.26 10.34 0.72
C ALA A 119 4.67 11.00 0.75
N LEU A 120 5.67 10.16 1.10
CA LEU A 120 7.10 10.54 1.08
C LEU A 120 7.81 9.75 -0.08
N PRO A 121 8.43 10.48 -1.08
CA PRO A 121 9.09 9.85 -2.28
C PRO A 121 10.22 8.81 -1.99
N VAL A 122 10.54 8.01 -3.02
CA VAL A 122 11.58 6.95 -2.96
C VAL A 122 12.88 7.40 -3.68
N LEU A 123 14.04 7.05 -3.09
CA LEU A 123 15.36 7.27 -3.72
C LEU A 123 15.67 6.14 -4.74
N GLU A 124 14.94 6.20 -5.87
CA GLU A 124 15.06 5.23 -6.99
C GLU A 124 14.70 5.94 -8.33
N HIS A 125 14.65 7.29 -8.28
CA HIS A 125 14.16 8.14 -9.38
C HIS A 125 15.23 8.30 -10.50
N HIS A 126 15.18 7.40 -11.48
CA HIS A 126 16.04 7.44 -12.69
C HIS A 126 15.38 6.68 -13.86
N HIS A 127 15.42 7.27 -15.07
CA HIS A 127 14.90 6.63 -16.30
C HIS A 127 16.01 5.78 -16.97
N HIS A 128 15.61 4.79 -17.79
CA HIS A 128 16.54 3.79 -18.38
C HIS A 128 17.62 4.41 -19.34
N HIS A 129 17.21 5.42 -20.15
CA HIS A 129 18.05 6.04 -21.22
C HIS A 129 18.37 5.05 -22.38
N HIS A 130 19.12 5.53 -23.38
CA HIS A 130 19.58 4.70 -24.53
C HIS A 130 20.95 5.21 -25.05
N MET A 1 25.42 -10.30 -11.44
CA MET A 1 24.62 -9.31 -12.22
C MET A 1 25.09 -9.27 -13.71
N GLY A 2 24.13 -9.40 -14.64
CA GLY A 2 24.43 -9.40 -16.08
C GLY A 2 23.22 -9.73 -16.95
N GLN A 3 23.23 -9.26 -18.22
CA GLN A 3 22.11 -9.43 -19.17
C GLN A 3 22.53 -8.98 -20.60
N GLY A 4 21.94 -9.61 -21.63
CA GLY A 4 22.22 -9.31 -23.04
C GLY A 4 21.27 -8.27 -23.65
N GLN A 5 20.87 -8.50 -24.92
CA GLN A 5 19.94 -7.61 -25.66
C GLN A 5 18.47 -8.02 -25.39
N ASN A 6 17.60 -7.00 -25.18
CA ASN A 6 16.19 -7.20 -24.80
C ASN A 6 15.23 -6.47 -25.77
N VAL A 7 13.93 -6.64 -25.53
CA VAL A 7 12.86 -5.86 -26.21
C VAL A 7 12.66 -4.50 -25.49
N LEU A 8 13.19 -4.45 -24.25
CA LEU A 8 12.95 -3.40 -23.25
C LEU A 8 13.62 -2.04 -23.59
N GLY A 9 14.55 -2.05 -24.56
CA GLY A 9 15.23 -0.84 -25.05
C GLY A 9 14.33 0.04 -25.93
N GLN A 10 13.29 0.59 -25.29
CA GLN A 10 12.20 1.37 -25.93
C GLN A 10 11.41 2.12 -24.85
N ASP A 11 11.20 1.41 -23.72
CA ASP A 11 10.47 1.89 -22.51
C ASP A 11 8.96 2.12 -22.82
N LEU A 12 8.67 3.27 -23.49
CA LEU A 12 7.33 3.68 -23.98
C LEU A 12 6.23 3.69 -22.87
N GLU A 13 5.76 2.49 -22.48
CA GLU A 13 4.65 2.31 -21.52
C GLU A 13 5.14 2.41 -20.05
N VAL A 14 5.69 3.58 -19.70
CA VAL A 14 6.13 3.90 -18.33
C VAL A 14 4.91 4.31 -17.46
N CYS A 15 4.97 4.04 -16.14
CA CYS A 15 3.89 4.43 -15.17
C CYS A 15 3.65 5.95 -15.16
N CYS A 16 4.76 6.73 -15.29
CA CYS A 16 4.71 8.22 -15.26
C CYS A 16 5.84 8.84 -16.11
N CYS A 17 5.58 10.03 -16.68
CA CYS A 17 6.58 10.82 -17.47
C CYS A 17 7.31 11.86 -16.56
N ALA A 18 7.51 11.49 -15.28
CA ALA A 18 8.04 12.41 -14.23
C ALA A 18 9.14 11.71 -13.39
N PRO A 19 10.26 12.44 -13.01
CA PRO A 19 11.45 11.87 -12.28
C PRO A 19 11.21 11.20 -10.88
N MET A 20 9.96 11.02 -10.44
CA MET A 20 9.65 10.18 -9.25
C MET A 20 9.46 8.69 -9.65
N THR A 21 8.91 8.47 -10.85
CA THR A 21 8.73 7.13 -11.46
C THR A 21 8.87 7.24 -12.99
N GLY A 22 10.10 7.03 -13.50
CA GLY A 22 10.41 7.13 -14.93
C GLY A 22 11.78 6.52 -15.25
N TRP A 23 11.77 5.46 -16.09
CA TRP A 23 13.01 4.77 -16.57
C TRP A 23 13.79 4.03 -15.45
N TYR A 24 13.17 3.87 -14.26
CA TYR A 24 13.85 3.31 -13.05
C TYR A 24 14.56 1.94 -13.32
N ARG A 25 13.91 1.09 -14.12
CA ARG A 25 14.44 -0.22 -14.56
C ARG A 25 14.31 -0.36 -16.10
N ASN A 26 13.07 -0.57 -16.59
CA ASN A 26 12.77 -0.59 -18.04
C ASN A 26 11.32 -0.07 -18.27
N GLY A 27 11.20 1.25 -18.51
CA GLY A 27 9.91 1.93 -18.54
C GLY A 27 9.26 1.97 -17.15
N PHE A 28 8.24 1.12 -16.94
CA PHE A 28 7.51 1.02 -15.65
C PHE A 28 8.27 0.16 -14.61
N CYS A 29 7.82 0.22 -13.34
CA CYS A 29 8.40 -0.58 -12.24
C CYS A 29 7.57 -1.87 -12.03
N GLN A 30 8.02 -2.98 -12.64
CA GLN A 30 7.37 -4.31 -12.49
C GLN A 30 7.67 -4.90 -11.08
N THR A 31 6.72 -4.67 -10.14
CA THR A 31 6.82 -5.16 -8.74
C THR A 31 6.56 -6.69 -8.63
N ASP A 32 5.60 -7.20 -9.41
CA ASP A 32 5.33 -8.65 -9.53
C ASP A 32 5.62 -9.13 -10.98
N VAL A 33 6.56 -10.06 -11.15
CA VAL A 33 6.88 -10.66 -12.48
C VAL A 33 5.71 -11.51 -13.05
N GLN A 34 4.83 -11.97 -12.15
CA GLN A 34 3.56 -12.67 -12.49
C GLN A 34 2.39 -11.67 -12.61
N ASP A 35 2.40 -10.63 -11.73
CA ASP A 35 1.26 -9.69 -11.52
C ASP A 35 -0.06 -10.44 -11.23
N ARG A 36 -0.26 -10.77 -9.92
CA ARG A 36 -1.51 -11.40 -9.42
C ARG A 36 -1.48 -11.57 -7.88
N GLY A 37 -0.29 -11.96 -7.34
CA GLY A 37 -0.14 -12.47 -5.95
C GLY A 37 -0.62 -11.54 -4.83
N SER A 38 -1.96 -11.52 -4.61
CA SER A 38 -2.67 -10.63 -3.65
C SER A 38 -2.51 -9.11 -3.94
N HIS A 39 -1.71 -8.75 -4.98
CA HIS A 39 -1.25 -7.37 -5.29
C HIS A 39 -0.38 -6.77 -4.16
N THR A 40 0.70 -6.07 -4.54
CA THR A 40 1.66 -5.49 -3.57
C THR A 40 1.31 -4.03 -3.23
N VAL A 41 0.72 -3.85 -2.03
CA VAL A 41 0.46 -2.52 -1.43
C VAL A 41 0.86 -2.55 0.06
N CYS A 42 2.03 -1.98 0.39
CA CYS A 42 2.43 -1.74 1.79
C CYS A 42 2.36 -0.23 2.08
N ALA A 43 1.30 0.17 2.81
CA ALA A 43 0.97 1.57 3.08
C ALA A 43 0.43 1.72 4.51
N GLU A 44 0.74 2.82 5.20
CA GLU A 44 0.26 3.05 6.57
C GLU A 44 -0.91 4.05 6.58
N MET A 45 -2.13 3.54 6.83
CA MET A 45 -3.31 4.39 7.09
C MET A 45 -3.43 4.63 8.60
N THR A 46 -3.74 5.88 9.01
CA THR A 46 -3.78 6.29 10.43
C THR A 46 -5.10 5.91 11.11
N GLU A 47 -5.06 5.85 12.44
CA GLU A 47 -6.22 5.51 13.29
C GLU A 47 -7.36 6.53 13.12
N GLU A 48 -6.99 7.78 12.78
CA GLU A 48 -7.95 8.85 12.45
C GLU A 48 -8.99 8.40 11.38
N PHE A 49 -8.51 7.90 10.20
CA PHE A 49 -9.43 7.41 9.14
C PHE A 49 -10.04 6.04 9.51
N LEU A 50 -9.26 5.16 10.17
CA LEU A 50 -9.73 3.79 10.53
C LEU A 50 -10.85 3.82 11.62
N LEU A 51 -10.86 4.88 12.46
CA LEU A 51 -11.99 5.18 13.37
C LEU A 51 -13.16 5.86 12.62
N PHE A 52 -12.85 6.69 11.59
CA PHE A 52 -13.87 7.24 10.66
C PHE A 52 -14.58 6.09 9.88
N SER A 53 -13.84 5.00 9.62
CA SER A 53 -14.39 3.78 8.96
C SER A 53 -15.23 2.96 9.96
N ARG A 54 -14.72 2.85 11.20
CA ARG A 54 -15.31 2.02 12.27
C ARG A 54 -16.63 2.62 12.83
N ASP A 55 -16.53 3.83 13.39
CA ASP A 55 -17.63 4.47 14.15
C ASP A 55 -18.72 5.11 13.25
N ARG A 56 -18.41 5.33 11.95
CA ARG A 56 -19.43 5.80 10.97
C ARG A 56 -20.28 4.62 10.43
N GLY A 57 -19.62 3.46 10.23
CA GLY A 57 -20.30 2.24 9.79
C GLY A 57 -20.98 1.49 10.96
N ASN A 58 -20.16 0.86 11.80
CA ASN A 58 -20.59 0.14 13.04
C ASN A 58 -19.34 -0.27 13.83
N ASP A 59 -18.49 -1.10 13.18
CA ASP A 59 -17.17 -1.49 13.69
C ASP A 59 -16.17 -1.67 12.52
N LEU A 60 -14.92 -2.00 12.85
CA LEU A 60 -13.84 -2.36 11.89
C LEU A 60 -12.78 -3.17 12.64
N MET A 61 -12.30 -2.55 13.73
CA MET A 61 -11.48 -3.23 14.74
C MET A 61 -12.42 -4.00 15.70
N THR A 62 -12.78 -5.25 15.33
CA THR A 62 -13.75 -6.09 16.07
C THR A 62 -13.28 -6.37 17.53
N PRO A 63 -14.12 -6.03 18.57
CA PRO A 63 -13.78 -6.31 20.00
C PRO A 63 -13.77 -7.84 20.31
N ARG A 64 -12.61 -8.46 20.10
CA ARG A 64 -12.36 -9.90 20.39
C ARG A 64 -11.88 -10.09 21.86
N PRO A 65 -12.37 -11.15 22.59
CA PRO A 65 -11.94 -11.45 23.98
C PRO A 65 -10.54 -12.15 24.07
N GLU A 66 -9.85 -12.25 22.92
CA GLU A 66 -8.48 -12.81 22.82
C GLU A 66 -7.80 -12.24 21.54
N PHE A 67 -6.48 -11.98 21.63
CA PHE A 67 -5.69 -11.33 20.56
C PHE A 67 -4.84 -12.37 19.79
N ASN A 68 -5.45 -12.98 18.77
CA ASN A 68 -4.79 -14.00 17.92
C ASN A 68 -3.97 -13.37 16.76
N PHE A 69 -4.61 -12.55 15.92
CA PHE A 69 -3.98 -11.95 14.70
C PHE A 69 -3.40 -10.54 15.01
N PRO A 70 -2.04 -10.35 14.95
CA PRO A 70 -1.42 -9.01 15.02
C PRO A 70 -1.57 -8.22 13.68
N GLY A 71 -0.83 -8.66 12.62
CA GLY A 71 -0.89 -8.06 11.27
C GLY A 71 -0.67 -6.55 11.25
N LEU A 72 -1.76 -5.78 11.05
CA LEU A 72 -1.74 -4.30 11.10
C LEU A 72 -3.10 -3.75 11.58
N LYS A 73 -3.05 -2.71 12.41
CA LYS A 73 -4.23 -1.91 12.80
C LYS A 73 -3.79 -0.45 13.09
N ALA A 74 -3.73 0.35 12.00
CA ALA A 74 -3.33 1.77 11.99
C ALA A 74 -1.81 2.00 12.27
N GLY A 75 -1.17 2.79 11.39
CA GLY A 75 0.26 3.16 11.56
C GLY A 75 1.26 2.12 11.02
N ASP A 76 0.77 0.93 10.61
CA ASP A 76 1.62 -0.18 10.11
C ASP A 76 1.36 -0.44 8.60
N ARG A 77 2.41 -0.88 7.88
CA ARG A 77 2.35 -1.12 6.42
C ARG A 77 2.46 -2.63 6.10
N TRP A 78 1.33 -3.28 5.79
CA TRP A 78 1.33 -4.71 5.42
C TRP A 78 0.01 -5.11 4.73
N CYS A 79 0.10 -5.58 3.45
CA CYS A 79 -1.05 -6.12 2.67
C CYS A 79 -2.27 -5.15 2.66
N LEU A 80 -1.97 -3.83 2.80
CA LEU A 80 -2.98 -2.77 3.00
C LEU A 80 -3.86 -2.62 1.74
N CYS A 81 -5.20 -2.68 1.93
CA CYS A 81 -6.17 -2.50 0.83
C CYS A 81 -6.10 -1.07 0.25
N ALA A 82 -5.42 -0.95 -0.91
CA ALA A 82 -5.24 0.35 -1.63
C ALA A 82 -6.58 1.03 -1.97
N SER A 83 -7.68 0.26 -2.09
CA SER A 83 -9.05 0.81 -2.22
C SER A 83 -9.43 1.66 -0.98
N ARG A 84 -9.23 1.12 0.25
CA ARG A 84 -9.55 1.84 1.52
C ARG A 84 -8.78 3.18 1.64
N TRP A 85 -7.51 3.17 1.21
CA TRP A 85 -6.68 4.37 1.14
C TRP A 85 -7.23 5.36 0.06
N GLN A 86 -7.43 4.85 -1.17
CA GLN A 86 -8.03 5.62 -2.30
C GLN A 86 -9.36 6.35 -1.92
N GLU A 87 -10.26 5.62 -1.26
CA GLU A 87 -11.55 6.17 -0.78
C GLU A 87 -11.35 7.31 0.24
N ALA A 88 -10.31 7.19 1.07
CA ALA A 88 -9.94 8.25 2.06
C ALA A 88 -9.58 9.58 1.37
N PHE A 89 -8.86 9.50 0.23
CA PHE A 89 -8.53 10.68 -0.59
C PHE A 89 -9.80 11.38 -1.09
N GLU A 90 -10.69 10.59 -1.70
CA GLU A 90 -11.96 11.08 -2.29
C GLU A 90 -13.00 11.49 -1.21
N ALA A 91 -12.81 11.00 0.03
CA ALA A 91 -13.65 11.38 1.20
C ALA A 91 -13.11 12.64 1.93
N GLY A 92 -11.87 13.05 1.59
CA GLY A 92 -11.21 14.19 2.25
C GLY A 92 -10.64 13.85 3.65
N MET A 93 -10.62 12.55 4.00
CA MET A 93 -10.14 12.03 5.30
C MET A 93 -8.85 11.19 5.11
N ALA A 94 -8.10 11.52 4.05
CA ALA A 94 -6.84 10.83 3.66
C ALA A 94 -5.67 11.03 4.67
N PRO A 95 -5.17 9.92 5.30
CA PRO A 95 -3.89 9.94 6.09
C PRO A 95 -2.63 10.16 5.20
N PRO A 96 -1.39 10.30 5.78
CA PRO A 96 -0.13 10.23 4.99
C PRO A 96 0.15 8.79 4.49
N VAL A 97 0.74 8.69 3.28
CA VAL A 97 1.20 7.41 2.69
C VAL A 97 2.64 7.57 2.18
N VAL A 98 3.42 6.47 2.11
CA VAL A 98 4.76 6.49 1.51
C VAL A 98 4.68 6.27 -0.03
N LEU A 99 5.80 6.56 -0.74
CA LEU A 99 5.99 6.20 -2.16
C LEU A 99 6.99 5.03 -2.31
N GLN A 100 7.90 4.90 -1.32
CA GLN A 100 9.01 3.93 -1.35
C GLN A 100 8.51 2.49 -1.08
N SER A 101 7.90 2.26 0.09
CA SER A 101 7.35 0.93 0.47
C SER A 101 6.00 0.63 -0.23
N THR A 102 5.25 1.68 -0.61
CA THR A 102 4.01 1.53 -1.43
C THR A 102 4.41 1.20 -2.88
N GLU A 103 4.20 -0.08 -3.26
CA GLU A 103 4.59 -0.59 -4.58
C GLU A 103 3.59 -0.17 -5.68
N LYS A 104 4.04 -0.24 -6.95
CA LYS A 104 3.29 0.33 -8.11
C LYS A 104 2.02 -0.48 -8.49
N SER A 105 1.88 -1.70 -7.94
CA SER A 105 0.61 -2.50 -8.06
C SER A 105 -0.59 -1.77 -7.40
N ALA A 106 -0.29 -0.89 -6.41
CA ALA A 106 -1.28 0.01 -5.77
C ALA A 106 -2.02 0.92 -6.78
N LEU A 107 -1.29 1.34 -7.84
CA LEU A 107 -1.80 2.27 -8.92
C LEU A 107 -2.95 1.65 -9.78
N ARG A 108 -3.42 0.45 -9.41
CA ARG A 108 -4.57 -0.21 -10.08
C ARG A 108 -5.88 0.10 -9.32
N TYR A 109 -5.72 0.53 -8.06
CA TYR A 109 -6.82 0.92 -7.15
C TYR A 109 -6.80 2.46 -7.00
N VAL A 110 -5.60 2.99 -6.67
CA VAL A 110 -5.32 4.44 -6.67
C VAL A 110 -4.73 4.88 -8.03
N SER A 111 -4.27 6.13 -8.05
CA SER A 111 -3.24 6.61 -8.98
C SER A 111 -2.05 7.12 -8.16
N LEU A 112 -0.89 7.27 -8.80
CA LEU A 112 0.30 7.89 -8.17
C LEU A 112 -0.01 9.30 -7.62
N ALA A 113 -0.93 10.02 -8.31
CA ALA A 113 -1.38 11.38 -7.89
C ALA A 113 -1.95 11.42 -6.45
N ASP A 114 -2.76 10.39 -6.10
CA ASP A 114 -3.40 10.29 -4.77
C ASP A 114 -2.34 10.00 -3.67
N LEU A 115 -1.31 9.22 -4.08
CA LEU A 115 -0.17 8.86 -3.20
C LEU A 115 0.69 10.12 -2.87
N GLN A 116 1.13 10.80 -3.94
CA GLN A 116 2.04 11.97 -3.86
C GLN A 116 1.40 13.14 -3.10
N ALA A 117 0.10 13.33 -3.32
CA ALA A 117 -0.73 14.36 -2.61
C ALA A 117 -0.64 14.25 -1.06
N HIS A 118 -0.27 13.06 -0.53
CA HIS A 118 -0.07 12.83 0.92
C HIS A 118 1.30 12.14 1.21
N ALA A 119 2.27 12.26 0.27
CA ALA A 119 3.65 11.73 0.41
C ALA A 119 4.72 12.81 0.13
N LEU A 120 6.00 12.48 0.42
CA LEU A 120 7.16 13.33 0.06
C LEU A 120 7.65 13.02 -1.39
N PRO A 121 8.22 14.02 -2.13
CA PRO A 121 8.81 13.78 -3.48
C PRO A 121 10.12 12.94 -3.38
N VAL A 122 10.01 11.61 -3.61
CA VAL A 122 11.15 10.68 -3.57
C VAL A 122 12.03 10.81 -4.84
N LEU A 123 13.35 10.86 -4.65
CA LEU A 123 14.34 10.86 -5.76
C LEU A 123 14.73 9.41 -6.10
N GLU A 124 14.39 8.96 -7.31
CA GLU A 124 14.72 7.59 -7.79
C GLU A 124 16.16 7.54 -8.40
N HIS A 125 16.60 6.34 -8.83
CA HIS A 125 17.99 6.10 -9.28
C HIS A 125 18.17 6.22 -10.82
N HIS A 126 17.46 7.19 -11.44
CA HIS A 126 17.56 7.55 -12.88
C HIS A 126 17.18 6.35 -13.82
N HIS A 127 18.11 5.41 -13.99
CA HIS A 127 17.91 4.17 -14.79
C HIS A 127 18.79 3.05 -14.19
N HIS A 128 18.47 2.66 -12.93
CA HIS A 128 19.23 1.65 -12.16
C HIS A 128 20.77 1.98 -12.13
N HIS A 129 21.06 3.26 -11.85
CA HIS A 129 22.42 3.85 -11.88
C HIS A 129 23.03 3.85 -13.31
N HIS A 130 22.94 5.00 -14.01
CA HIS A 130 23.59 5.23 -15.31
C HIS A 130 23.96 6.73 -15.47
N MET A 1 14.08 -13.85 -29.33
CA MET A 1 13.30 -12.57 -29.38
C MET A 1 11.78 -12.85 -29.19
N GLY A 2 11.26 -12.54 -27.99
CA GLY A 2 9.83 -12.75 -27.67
C GLY A 2 9.61 -13.64 -26.46
N GLN A 3 8.70 -13.20 -25.55
CA GLN A 3 8.28 -13.94 -24.33
C GLN A 3 9.45 -14.20 -23.36
N GLY A 4 9.71 -13.26 -22.42
CA GLY A 4 10.71 -13.46 -21.37
C GLY A 4 10.11 -14.16 -20.14
N GLN A 5 10.44 -15.45 -19.95
CA GLN A 5 10.00 -16.24 -18.77
C GLN A 5 11.03 -16.13 -17.63
N ASN A 6 10.58 -16.29 -16.37
CA ASN A 6 11.47 -16.21 -15.18
C ASN A 6 11.26 -17.43 -14.26
N VAL A 7 12.39 -18.03 -13.85
CA VAL A 7 12.43 -19.16 -12.88
C VAL A 7 12.15 -18.63 -11.44
N LEU A 8 12.30 -17.30 -11.30
CA LEU A 8 12.18 -16.57 -10.04
C LEU A 8 10.69 -16.36 -9.68
N GLY A 9 9.87 -16.07 -10.71
CA GLY A 9 8.43 -15.77 -10.55
C GLY A 9 7.54 -17.02 -10.59
N GLN A 10 7.74 -17.93 -9.62
CA GLN A 10 6.93 -19.15 -9.47
C GLN A 10 7.04 -19.69 -8.01
N ASP A 11 8.29 -19.80 -7.50
CA ASP A 11 8.57 -20.19 -6.10
C ASP A 11 8.55 -18.96 -5.17
N LEU A 12 8.35 -19.20 -3.86
CA LEU A 12 8.46 -18.15 -2.83
C LEU A 12 9.97 -17.81 -2.59
N GLU A 13 10.29 -16.51 -2.49
CA GLU A 13 11.66 -16.03 -2.24
C GLU A 13 11.87 -15.73 -0.74
N VAL A 14 10.76 -15.41 -0.04
CA VAL A 14 10.75 -14.95 1.36
C VAL A 14 10.32 -16.10 2.33
N CYS A 15 10.40 -15.86 3.66
CA CYS A 15 10.28 -16.95 4.67
C CYS A 15 9.61 -16.45 5.98
N CYS A 16 10.36 -15.65 6.79
CA CYS A 16 9.89 -15.01 8.06
C CYS A 16 9.67 -16.02 9.22
N CYS A 17 10.03 -17.30 9.00
CA CYS A 17 9.85 -18.37 10.02
C CYS A 17 10.68 -18.09 11.29
N ALA A 18 12.01 -17.98 11.11
CA ALA A 18 12.98 -17.70 12.20
C ALA A 18 14.42 -17.46 11.64
N PRO A 19 15.05 -18.41 10.84
CA PRO A 19 16.48 -18.29 10.42
C PRO A 19 16.69 -17.42 9.14
N MET A 20 15.61 -17.17 8.37
CA MET A 20 15.67 -16.43 7.08
C MET A 20 14.68 -15.24 7.08
N THR A 21 15.09 -14.15 6.38
CA THR A 21 14.41 -12.82 6.34
C THR A 21 14.10 -12.24 7.75
N GLY A 22 12.92 -12.55 8.33
CA GLY A 22 12.58 -12.22 9.74
C GLY A 22 12.65 -10.72 10.11
N TRP A 23 13.88 -10.26 10.43
CA TRP A 23 14.19 -8.88 10.88
C TRP A 23 13.64 -7.78 9.93
N TYR A 24 13.96 -7.89 8.62
CA TYR A 24 13.45 -6.96 7.60
C TYR A 24 11.93 -7.17 7.42
N ARG A 25 11.09 -6.23 7.94
CA ARG A 25 9.62 -6.34 7.85
C ARG A 25 9.13 -5.87 6.45
N ASN A 26 9.39 -6.75 5.46
CA ASN A 26 9.16 -6.48 4.04
C ASN A 26 9.34 -7.81 3.26
N GLY A 27 8.63 -7.93 2.12
CA GLY A 27 8.72 -9.13 1.27
C GLY A 27 7.71 -10.21 1.66
N PHE A 28 7.71 -10.61 2.95
CA PHE A 28 6.73 -11.59 3.51
C PHE A 28 5.34 -10.95 3.71
N CYS A 29 5.26 -9.62 3.47
CA CYS A 29 4.03 -8.81 3.64
C CYS A 29 2.84 -9.37 2.82
N GLN A 30 2.03 -10.23 3.46
CA GLN A 30 0.84 -10.84 2.86
C GLN A 30 -0.28 -9.80 2.62
N THR A 31 -0.21 -9.16 1.45
CA THR A 31 -1.26 -8.24 0.93
C THR A 31 -1.87 -8.81 -0.38
N ASP A 32 -1.12 -9.74 -0.99
CA ASP A 32 -1.55 -10.49 -2.18
C ASP A 32 -2.77 -11.40 -1.87
N VAL A 33 -2.73 -12.01 -0.66
CA VAL A 33 -3.81 -12.85 -0.09
C VAL A 33 -4.08 -14.13 -0.95
N GLN A 34 -4.85 -13.97 -2.03
CA GLN A 34 -5.26 -15.09 -2.92
C GLN A 34 -4.42 -15.14 -4.22
N ASP A 35 -3.48 -14.16 -4.37
CA ASP A 35 -2.55 -14.06 -5.54
C ASP A 35 -3.36 -13.85 -6.88
N ARG A 36 -2.70 -14.07 -8.06
CA ARG A 36 -3.33 -14.03 -9.41
C ARG A 36 -3.71 -12.60 -9.84
N GLY A 37 -4.70 -12.00 -9.15
CA GLY A 37 -5.07 -10.59 -9.37
C GLY A 37 -4.16 -9.57 -8.64
N SER A 38 -2.99 -10.05 -8.16
CA SER A 38 -1.93 -9.22 -7.49
C SER A 38 -2.42 -8.63 -6.14
N HIS A 39 -3.20 -7.51 -6.19
CA HIS A 39 -3.76 -6.80 -4.99
C HIS A 39 -2.64 -6.36 -3.99
N THR A 40 -1.44 -6.04 -4.51
CA THR A 40 -0.24 -5.86 -3.66
C THR A 40 -0.12 -4.38 -3.26
N VAL A 41 -0.59 -4.07 -2.04
CA VAL A 41 -0.68 -2.69 -1.49
C VAL A 41 -0.23 -2.67 -0.02
N CYS A 42 1.01 -2.25 0.24
CA CYS A 42 1.46 -1.92 1.59
C CYS A 42 1.45 -0.39 1.74
N ALA A 43 0.43 0.11 2.45
CA ALA A 43 0.18 1.54 2.65
C ALA A 43 -0.14 1.76 4.12
N GLU A 44 0.24 2.92 4.67
CA GLU A 44 0.18 3.12 6.13
C GLU A 44 -0.74 4.30 6.49
N MET A 45 -1.90 3.95 7.07
CA MET A 45 -2.92 4.92 7.50
C MET A 45 -2.73 5.30 8.99
N THR A 46 -3.15 6.53 9.35
CA THR A 46 -3.19 6.98 10.76
C THR A 46 -4.49 6.49 11.41
N GLU A 47 -4.50 6.36 12.75
CA GLU A 47 -5.69 5.86 13.50
C GLU A 47 -6.93 6.76 13.27
N GLU A 48 -6.70 8.05 12.96
CA GLU A 48 -7.76 8.99 12.53
C GLU A 48 -8.64 8.38 11.38
N PHE A 49 -8.00 7.65 10.45
CA PHE A 49 -8.72 6.88 9.41
C PHE A 49 -9.40 5.62 9.98
N LEU A 50 -8.63 4.76 10.69
CA LEU A 50 -9.13 3.42 11.13
C LEU A 50 -10.28 3.52 12.18
N LEU A 51 -10.32 4.64 12.92
CA LEU A 51 -11.44 4.98 13.82
C LEU A 51 -12.67 5.44 13.01
N PHE A 52 -12.45 6.23 11.94
CA PHE A 52 -13.52 6.67 11.00
C PHE A 52 -14.19 5.45 10.31
N SER A 53 -13.35 4.52 9.82
CA SER A 53 -13.80 3.29 9.13
C SER A 53 -14.61 2.37 10.07
N ARG A 54 -14.17 2.26 11.35
CA ARG A 54 -14.83 1.36 12.32
C ARG A 54 -16.14 1.95 12.91
N ASP A 55 -16.12 3.24 13.26
CA ASP A 55 -17.21 3.91 14.02
C ASP A 55 -18.37 4.35 13.09
N ARG A 56 -18.03 4.71 11.84
CA ARG A 56 -19.01 5.16 10.84
C ARG A 56 -19.40 3.98 9.90
N GLY A 57 -18.42 3.11 9.61
CA GLY A 57 -18.62 1.96 8.71
C GLY A 57 -19.07 0.69 9.44
N ASN A 58 -18.15 -0.29 9.60
CA ASN A 58 -18.49 -1.62 10.18
C ASN A 58 -17.23 -2.37 10.67
N ASP A 59 -16.18 -1.60 10.98
CA ASP A 59 -14.85 -2.07 11.43
C ASP A 59 -13.99 -2.67 10.28
N LEU A 60 -12.79 -3.15 10.65
CA LEU A 60 -11.74 -3.70 9.76
C LEU A 60 -10.50 -4.03 10.62
N MET A 61 -10.16 -3.07 11.50
CA MET A 61 -8.93 -3.09 12.32
C MET A 61 -8.94 -4.20 13.41
N THR A 62 -10.11 -4.39 14.07
CA THR A 62 -10.25 -5.38 15.17
C THR A 62 -10.81 -6.74 14.66
N PRO A 63 -10.51 -7.91 15.36
CA PRO A 63 -10.96 -9.27 14.92
C PRO A 63 -12.46 -9.61 15.23
N ARG A 64 -13.35 -8.63 15.06
CA ARG A 64 -14.82 -8.82 15.20
C ARG A 64 -15.37 -9.93 14.25
N PRO A 65 -16.48 -10.66 14.63
CA PRO A 65 -16.99 -11.87 13.87
C PRO A 65 -17.37 -11.58 12.39
N GLU A 66 -17.50 -10.29 12.06
CA GLU A 66 -17.73 -9.82 10.69
C GLU A 66 -16.55 -10.18 9.74
N PHE A 67 -15.30 -9.95 10.22
CA PHE A 67 -14.06 -10.19 9.44
C PHE A 67 -13.29 -11.43 9.95
N ASN A 68 -13.43 -11.71 11.26
CA ASN A 68 -12.73 -12.81 12.00
C ASN A 68 -11.21 -12.57 12.11
N PHE A 69 -10.48 -12.63 10.98
CA PHE A 69 -9.02 -12.39 10.91
C PHE A 69 -8.72 -10.98 10.30
N PRO A 70 -8.21 -9.99 11.10
CA PRO A 70 -7.91 -8.63 10.61
C PRO A 70 -6.52 -8.51 9.91
N GLY A 71 -6.26 -7.33 9.30
CA GLY A 71 -4.98 -7.06 8.61
C GLY A 71 -4.02 -6.23 9.47
N LEU A 72 -3.61 -5.06 8.95
CA LEU A 72 -2.69 -4.11 9.64
C LEU A 72 -3.31 -3.49 10.91
N LYS A 73 -2.44 -2.99 11.81
CA LYS A 73 -2.82 -2.09 12.90
C LYS A 73 -2.79 -0.63 12.40
N ALA A 74 -3.17 0.31 13.28
CA ALA A 74 -3.12 1.76 12.98
C ALA A 74 -1.66 2.27 12.99
N GLY A 75 -0.99 2.17 11.82
CA GLY A 75 0.42 2.56 11.66
C GLY A 75 1.35 1.39 11.31
N ASP A 76 0.84 0.38 10.58
CA ASP A 76 1.67 -0.70 9.97
C ASP A 76 1.47 -0.75 8.44
N ARG A 77 2.54 -0.43 7.69
CA ARG A 77 2.53 -0.48 6.22
C ARG A 77 2.49 -1.96 5.71
N TRP A 78 1.25 -2.46 5.52
CA TRP A 78 0.97 -3.90 5.23
C TRP A 78 -0.55 -4.14 5.02
N CYS A 79 -0.90 -5.01 4.03
CA CYS A 79 -2.28 -5.60 3.85
C CYS A 79 -3.40 -4.53 3.82
N LEU A 80 -3.08 -3.33 3.31
CA LEU A 80 -3.98 -2.17 3.41
C LEU A 80 -5.07 -2.20 2.30
N CYS A 81 -4.74 -2.72 1.09
CA CYS A 81 -5.65 -2.71 -0.09
C CYS A 81 -5.94 -1.28 -0.58
N ALA A 82 -5.63 -0.99 -1.86
CA ALA A 82 -5.66 0.39 -2.42
C ALA A 82 -7.06 1.02 -2.37
N SER A 83 -8.12 0.19 -2.46
CA SER A 83 -9.53 0.64 -2.33
C SER A 83 -9.82 1.36 -1.00
N ARG A 84 -9.14 0.92 0.07
CA ARG A 84 -9.35 1.42 1.46
C ARG A 84 -8.78 2.85 1.64
N TRP A 85 -7.55 3.06 1.15
CA TRP A 85 -6.88 4.39 1.15
C TRP A 85 -7.49 5.36 0.10
N GLN A 86 -7.58 4.88 -1.17
CA GLN A 86 -8.12 5.66 -2.32
C GLN A 86 -9.52 6.27 -2.04
N GLU A 87 -10.36 5.51 -1.32
CA GLU A 87 -11.71 5.99 -0.90
C GLU A 87 -11.61 7.22 0.04
N ALA A 88 -10.66 7.17 0.99
CA ALA A 88 -10.37 8.29 1.93
C ALA A 88 -9.85 9.55 1.18
N PHE A 89 -9.09 9.32 0.08
CA PHE A 89 -8.61 10.40 -0.81
C PHE A 89 -9.80 11.16 -1.45
N GLU A 90 -10.73 10.41 -2.06
CA GLU A 90 -11.94 10.97 -2.70
C GLU A 90 -12.94 11.55 -1.67
N ALA A 91 -12.89 11.03 -0.43
CA ALA A 91 -13.65 11.57 0.72
C ALA A 91 -12.95 12.83 1.32
N GLY A 92 -11.67 13.05 0.94
CA GLY A 92 -10.90 14.23 1.37
C GLY A 92 -10.16 14.06 2.70
N MET A 93 -10.59 13.08 3.52
CA MET A 93 -10.10 12.90 4.91
C MET A 93 -8.78 12.08 5.01
N ALA A 94 -8.21 11.74 3.83
CA ALA A 94 -6.98 10.93 3.70
C ALA A 94 -5.75 11.48 4.49
N PRO A 95 -5.04 10.60 5.27
CA PRO A 95 -3.76 10.95 5.96
C PRO A 95 -2.51 10.89 5.02
N PRO A 96 -1.29 11.30 5.50
CA PRO A 96 -0.01 11.01 4.79
C PRO A 96 0.29 9.49 4.69
N VAL A 97 0.49 8.98 3.46
CA VAL A 97 0.81 7.55 3.20
C VAL A 97 2.31 7.40 2.81
N VAL A 98 2.97 6.36 3.35
CA VAL A 98 4.39 6.08 3.04
C VAL A 98 4.60 5.62 1.56
N LEU A 99 5.11 6.56 0.72
CA LEU A 99 5.38 6.35 -0.72
C LEU A 99 6.39 5.21 -0.98
N GLN A 100 7.43 5.13 -0.13
CA GLN A 100 8.53 4.15 -0.27
C GLN A 100 8.16 2.73 0.23
N SER A 101 6.87 2.50 0.58
CA SER A 101 6.36 1.16 0.95
C SER A 101 5.24 0.69 -0.02
N THR A 102 4.53 1.65 -0.65
CA THR A 102 3.48 1.35 -1.65
C THR A 102 4.08 0.75 -2.93
N GLU A 103 3.76 -0.53 -3.24
CA GLU A 103 4.19 -1.19 -4.48
C GLU A 103 3.57 -0.53 -5.74
N LYS A 104 4.17 -0.78 -6.93
CA LYS A 104 3.61 -0.29 -8.22
C LYS A 104 2.25 -1.01 -8.51
N SER A 105 2.10 -2.24 -7.97
CA SER A 105 0.83 -3.00 -8.03
C SER A 105 -0.33 -2.23 -7.32
N ALA A 106 0.01 -1.41 -6.31
CA ALA A 106 -0.95 -0.48 -5.66
C ALA A 106 -1.45 0.60 -6.65
N LEU A 107 -0.49 1.16 -7.42
CA LEU A 107 -0.72 2.24 -8.44
C LEU A 107 -1.61 1.80 -9.64
N ARG A 108 -2.17 0.59 -9.59
CA ARG A 108 -3.07 0.05 -10.63
C ARG A 108 -4.55 0.29 -10.25
N TYR A 109 -4.77 0.63 -8.97
CA TYR A 109 -6.09 0.93 -8.39
C TYR A 109 -6.11 2.42 -7.97
N VAL A 110 -4.99 2.87 -7.37
CA VAL A 110 -4.67 4.33 -7.21
C VAL A 110 -3.81 4.85 -8.39
N SER A 111 -3.28 6.06 -8.21
CA SER A 111 -2.13 6.59 -8.94
C SER A 111 -1.14 7.16 -7.93
N LEU A 112 0.15 7.24 -8.30
CA LEU A 112 1.19 7.95 -7.51
C LEU A 112 0.73 9.37 -7.11
N ALA A 113 0.04 10.06 -8.03
CA ALA A 113 -0.48 11.43 -7.79
C ALA A 113 -1.47 11.50 -6.60
N ASP A 114 -2.29 10.44 -6.43
CA ASP A 114 -3.25 10.34 -5.30
C ASP A 114 -2.50 10.15 -3.95
N LEU A 115 -1.35 9.47 -4.02
CA LEU A 115 -0.51 9.16 -2.85
C LEU A 115 0.22 10.44 -2.38
N GLN A 116 0.97 11.06 -3.32
CA GLN A 116 1.81 12.26 -3.08
C GLN A 116 0.98 13.52 -2.73
N ALA A 117 -0.30 13.54 -3.16
CA ALA A 117 -1.26 14.61 -2.79
C ALA A 117 -1.36 14.84 -1.26
N HIS A 118 -1.23 13.75 -0.46
CA HIS A 118 -1.28 13.81 1.02
C HIS A 118 0.06 13.42 1.68
N ALA A 119 0.90 12.64 0.97
CA ALA A 119 2.22 12.19 1.48
C ALA A 119 3.32 13.26 1.28
N LEU A 120 3.10 14.14 0.28
CA LEU A 120 4.06 15.18 -0.17
C LEU A 120 5.33 14.57 -0.87
N PRO A 121 5.82 15.20 -1.99
CA PRO A 121 6.94 14.65 -2.82
C PRO A 121 8.36 14.76 -2.18
N VAL A 122 8.41 15.02 -0.86
CA VAL A 122 9.64 15.02 -0.04
C VAL A 122 10.67 16.13 -0.47
N LEU A 123 10.80 17.19 0.35
CA LEU A 123 11.70 18.35 0.08
C LEU A 123 13.21 17.96 0.10
N GLU A 124 13.55 16.82 0.73
CA GLU A 124 14.95 16.32 0.84
C GLU A 124 15.59 16.03 -0.56
N HIS A 125 16.28 17.05 -1.11
CA HIS A 125 17.14 16.98 -2.33
C HIS A 125 16.56 16.18 -3.53
N HIS A 126 16.11 16.90 -4.59
CA HIS A 126 15.73 16.27 -5.88
C HIS A 126 16.92 16.31 -6.87
N HIS A 127 17.42 17.52 -7.17
CA HIS A 127 18.58 17.76 -8.08
C HIS A 127 19.45 18.94 -7.55
N HIS A 128 20.36 19.43 -8.41
CA HIS A 128 21.04 20.73 -8.21
C HIS A 128 20.38 21.79 -9.13
N HIS A 129 20.35 21.46 -10.43
CA HIS A 129 19.57 22.18 -11.46
C HIS A 129 19.33 21.23 -12.67
N HIS A 130 18.11 21.27 -13.22
CA HIS A 130 17.60 20.29 -14.23
C HIS A 130 17.37 18.88 -13.59
N MET A 1 16.02 15.80 -2.95
CA MET A 1 15.36 15.00 -1.87
C MET A 1 14.07 14.34 -2.42
N GLY A 2 14.15 13.01 -2.68
CA GLY A 2 13.02 12.25 -3.24
C GLY A 2 12.86 12.42 -4.77
N GLN A 3 12.48 13.63 -5.18
CA GLN A 3 12.26 14.00 -6.59
C GLN A 3 13.60 14.34 -7.31
N GLY A 4 13.97 13.52 -8.32
CA GLY A 4 15.17 13.78 -9.14
C GLY A 4 15.16 12.98 -10.45
N GLN A 5 14.90 13.66 -11.58
CA GLN A 5 14.78 13.02 -12.93
C GLN A 5 16.01 13.31 -13.81
N ASN A 6 16.25 12.45 -14.82
CA ASN A 6 17.34 12.65 -15.83
C ASN A 6 16.80 13.35 -17.11
N VAL A 7 17.70 13.63 -18.08
CA VAL A 7 17.36 14.39 -19.33
C VAL A 7 16.39 13.62 -20.25
N LEU A 8 16.29 12.28 -20.04
CA LEU A 8 15.35 11.39 -20.76
C LEU A 8 13.88 11.68 -20.34
N GLY A 9 13.71 12.13 -19.09
CA GLY A 9 12.41 12.49 -18.53
C GLY A 9 11.80 11.34 -17.73
N GLN A 10 11.24 10.36 -18.45
CA GLN A 10 10.63 9.14 -17.88
C GLN A 10 10.23 8.13 -18.98
N ASP A 11 9.90 6.89 -18.54
CA ASP A 11 9.52 5.77 -19.43
C ASP A 11 8.73 4.69 -18.62
N LEU A 12 7.39 4.64 -18.80
CA LEU A 12 6.53 3.68 -18.06
C LEU A 12 5.89 2.66 -19.02
N GLU A 13 6.75 1.76 -19.56
CA GLU A 13 6.36 0.63 -20.43
C GLU A 13 7.20 -0.62 -20.06
N VAL A 14 6.65 -1.83 -20.32
CA VAL A 14 7.32 -3.11 -19.98
C VAL A 14 6.62 -4.34 -20.59
N CYS A 15 7.42 -5.37 -20.94
CA CYS A 15 6.93 -6.63 -21.54
C CYS A 15 7.76 -7.85 -21.09
N CYS A 16 8.77 -7.61 -20.21
CA CYS A 16 9.83 -8.60 -19.84
C CYS A 16 10.67 -9.10 -21.05
N CYS A 17 12.03 -9.04 -20.91
CA CYS A 17 13.04 -9.55 -21.92
C CYS A 17 13.20 -8.63 -23.17
N ALA A 18 12.09 -8.06 -23.67
CA ALA A 18 12.08 -7.15 -24.84
C ALA A 18 12.82 -5.80 -24.56
N PRO A 19 13.36 -5.10 -25.62
CA PRO A 19 13.94 -3.73 -25.47
C PRO A 19 12.86 -2.65 -25.14
N MET A 20 13.31 -1.37 -25.09
CA MET A 20 12.46 -0.18 -24.76
C MET A 20 12.08 -0.11 -23.25
N THR A 21 12.40 -1.17 -22.49
CA THR A 21 12.15 -1.25 -21.02
C THR A 21 13.43 -1.73 -20.30
N GLY A 22 13.99 -0.86 -19.44
CA GLY A 22 15.26 -1.14 -18.76
C GLY A 22 15.67 -0.09 -17.75
N TRP A 23 15.17 1.15 -17.92
CA TRP A 23 15.41 2.25 -16.97
C TRP A 23 14.54 2.08 -15.70
N TYR A 24 13.20 2.26 -15.81
CA TYR A 24 12.27 1.96 -14.69
C TYR A 24 11.90 0.45 -14.65
N ARG A 25 11.34 -0.04 -15.78
CA ARG A 25 10.93 -1.45 -16.00
C ARG A 25 9.64 -1.83 -15.20
N ASN A 26 9.67 -1.68 -13.85
CA ASN A 26 8.52 -1.90 -12.93
C ASN A 26 8.15 -3.41 -12.74
N GLY A 27 9.02 -4.32 -13.22
CA GLY A 27 8.85 -5.78 -13.04
C GLY A 27 7.63 -6.39 -13.76
N PHE A 28 7.33 -5.86 -14.98
CA PHE A 28 6.18 -6.27 -15.83
C PHE A 28 4.82 -5.98 -15.14
N CYS A 29 4.40 -6.85 -14.20
CA CYS A 29 3.21 -6.63 -13.36
C CYS A 29 3.65 -6.09 -11.97
N GLN A 30 3.92 -7.00 -11.01
CA GLN A 30 4.41 -6.67 -9.65
C GLN A 30 5.51 -7.69 -9.28
N THR A 31 5.08 -8.96 -9.23
CA THR A 31 5.93 -10.12 -8.92
C THR A 31 5.24 -11.39 -9.48
N ASP A 32 3.89 -11.42 -9.35
CA ASP A 32 2.96 -12.35 -10.03
C ASP A 32 3.09 -13.83 -9.54
N VAL A 33 1.95 -14.44 -9.21
CA VAL A 33 1.88 -15.80 -8.61
C VAL A 33 1.64 -16.92 -9.69
N GLN A 34 1.32 -16.49 -10.92
CA GLN A 34 0.98 -17.37 -12.11
C GLN A 34 -0.42 -18.06 -12.00
N ASP A 35 -0.82 -18.47 -10.77
CA ASP A 35 -2.19 -18.98 -10.47
C ASP A 35 -3.06 -17.86 -9.85
N ARG A 36 -2.91 -16.62 -10.39
CA ARG A 36 -3.62 -15.38 -9.95
C ARG A 36 -3.15 -14.88 -8.55
N GLY A 37 -3.21 -13.55 -8.36
CA GLY A 37 -2.80 -12.91 -7.11
C GLY A 37 -2.33 -11.46 -7.34
N SER A 38 -1.00 -11.21 -7.14
CA SER A 38 -0.33 -9.90 -7.44
C SER A 38 -0.85 -8.70 -6.58
N HIS A 39 -1.69 -8.99 -5.56
CA HIS A 39 -2.27 -7.96 -4.67
C HIS A 39 -1.29 -7.65 -3.50
N THR A 40 -0.34 -6.75 -3.76
CA THR A 40 0.74 -6.40 -2.80
C THR A 40 0.85 -4.87 -2.64
N VAL A 41 0.34 -4.33 -1.51
CA VAL A 41 0.34 -2.86 -1.23
C VAL A 41 0.70 -2.60 0.25
N CYS A 42 1.87 -2.01 0.51
CA CYS A 42 2.25 -1.54 1.87
C CYS A 42 2.05 -0.01 1.93
N ALA A 43 1.00 0.40 2.63
CA ALA A 43 0.60 1.83 2.73
C ALA A 43 0.15 2.15 4.17
N GLU A 44 0.39 3.39 4.62
CA GLU A 44 0.15 3.78 6.03
C GLU A 44 -1.09 4.66 6.17
N MET A 45 -2.14 4.11 6.84
CA MET A 45 -3.33 4.91 7.24
C MET A 45 -3.37 5.11 8.77
N THR A 46 -3.71 6.34 9.19
CA THR A 46 -3.63 6.77 10.61
C THR A 46 -4.88 6.36 11.39
N GLU A 47 -4.79 6.48 12.73
CA GLU A 47 -5.90 6.11 13.65
C GLU A 47 -7.15 6.97 13.38
N GLU A 48 -6.94 8.21 12.91
CA GLU A 48 -8.01 9.12 12.49
C GLU A 48 -8.99 8.42 11.50
N PHE A 49 -8.46 7.86 10.39
CA PHE A 49 -9.30 7.20 9.39
C PHE A 49 -9.78 5.80 9.83
N LEU A 50 -8.94 5.03 10.54
CA LEU A 50 -9.31 3.65 10.97
C LEU A 50 -10.45 3.66 12.03
N LEU A 51 -10.46 4.69 12.89
CA LEU A 51 -11.58 4.96 13.82
C LEU A 51 -12.82 5.51 13.08
N PHE A 52 -12.62 6.18 11.93
CA PHE A 52 -13.72 6.61 11.05
C PHE A 52 -14.35 5.42 10.26
N SER A 53 -13.51 4.43 9.88
CA SER A 53 -13.92 3.27 9.03
C SER A 53 -14.92 2.34 9.76
N ARG A 54 -14.80 2.25 11.10
CA ARG A 54 -15.72 1.44 11.93
C ARG A 54 -17.14 2.07 12.00
N ASP A 55 -17.22 3.42 11.84
CA ASP A 55 -18.50 4.14 11.79
C ASP A 55 -19.17 3.94 10.42
N ARG A 56 -18.34 3.84 9.36
CA ARG A 56 -18.79 3.58 7.99
C ARG A 56 -19.03 2.05 7.79
N GLY A 57 -20.23 1.58 8.20
CA GLY A 57 -20.62 0.17 8.05
C GLY A 57 -20.83 -0.56 9.38
N ASN A 58 -19.73 -1.03 10.00
CA ASN A 58 -19.78 -1.82 11.26
C ASN A 58 -18.44 -1.72 12.04
N ASP A 59 -18.52 -1.80 13.39
CA ASP A 59 -17.36 -1.60 14.30
C ASP A 59 -16.59 -2.93 14.62
N LEU A 60 -16.40 -3.78 13.57
CA LEU A 60 -15.54 -5.00 13.65
C LEU A 60 -14.06 -4.57 13.87
N MET A 61 -13.66 -3.50 13.14
CA MET A 61 -12.32 -2.83 13.25
C MET A 61 -11.20 -3.65 12.55
N THR A 62 -10.99 -4.90 13.01
CA THR A 62 -10.04 -5.86 12.41
C THR A 62 -10.39 -6.15 10.92
N PRO A 63 -9.43 -5.94 9.95
CA PRO A 63 -9.67 -6.28 8.51
C PRO A 63 -9.56 -7.80 8.24
N ARG A 64 -9.83 -8.20 6.96
CA ARG A 64 -9.77 -9.61 6.48
C ARG A 64 -10.92 -10.51 7.05
N PRO A 65 -11.28 -11.66 6.40
CA PRO A 65 -12.22 -12.67 6.97
C PRO A 65 -11.57 -13.58 8.06
N GLU A 66 -10.60 -13.01 8.82
CA GLU A 66 -9.88 -13.68 9.93
C GLU A 66 -10.07 -12.85 11.21
N PHE A 67 -10.44 -13.50 12.32
CA PHE A 67 -10.86 -12.81 13.59
C PHE A 67 -9.72 -12.78 14.65
N ASN A 68 -8.58 -13.47 14.38
CA ASN A 68 -7.45 -13.56 15.33
C ASN A 68 -6.60 -12.26 15.37
N PHE A 69 -7.07 -11.28 16.19
CA PHE A 69 -6.38 -9.99 16.49
C PHE A 69 -6.24 -9.03 15.25
N PRO A 70 -6.39 -7.67 15.45
CA PRO A 70 -6.11 -6.68 14.39
C PRO A 70 -4.59 -6.62 14.05
N GLY A 71 -4.18 -7.40 13.03
CA GLY A 71 -2.78 -7.41 12.57
C GLY A 71 -2.34 -6.08 11.97
N LEU A 72 -3.23 -5.46 11.18
CA LEU A 72 -3.02 -4.12 10.62
C LEU A 72 -3.68 -3.06 11.51
N LYS A 73 -2.85 -2.36 12.31
CA LYS A 73 -3.29 -1.23 13.16
C LYS A 73 -2.99 0.11 12.43
N ALA A 74 -3.10 1.23 13.17
CA ALA A 74 -2.86 2.57 12.63
C ALA A 74 -1.36 2.81 12.30
N GLY A 75 -1.07 2.94 10.99
CA GLY A 75 0.29 3.23 10.49
C GLY A 75 1.04 1.98 10.00
N ASP A 76 0.41 0.80 10.10
CA ASP A 76 1.00 -0.47 9.64
C ASP A 76 0.95 -0.60 8.10
N ARG A 77 2.10 -0.39 7.45
CA ARG A 77 2.26 -0.58 6.00
C ARG A 77 2.45 -2.08 5.64
N TRP A 78 1.32 -2.76 5.35
CA TRP A 78 1.34 -4.18 4.93
C TRP A 78 -0.05 -4.60 4.42
N CYS A 79 -0.13 -5.04 3.14
CA CYS A 79 -1.38 -5.56 2.50
C CYS A 79 -2.59 -4.58 2.66
N LEU A 80 -2.27 -3.28 2.83
CA LEU A 80 -3.25 -2.21 3.05
C LEU A 80 -4.10 -2.03 1.78
N CYS A 81 -5.43 -2.15 1.93
CA CYS A 81 -6.40 -1.99 0.83
C CYS A 81 -6.27 -0.58 0.19
N ALA A 82 -5.61 -0.51 -0.98
CA ALA A 82 -5.41 0.75 -1.75
C ALA A 82 -6.76 1.43 -2.12
N SER A 83 -7.83 0.61 -2.24
CA SER A 83 -9.21 1.10 -2.43
C SER A 83 -9.72 1.85 -1.17
N ARG A 84 -9.42 1.31 0.03
CA ARG A 84 -9.84 1.94 1.33
C ARG A 84 -8.99 3.21 1.65
N TRP A 85 -7.72 3.23 1.22
CA TRP A 85 -6.89 4.47 1.25
C TRP A 85 -7.51 5.52 0.30
N GLN A 86 -7.94 5.07 -0.89
CA GLN A 86 -8.66 5.92 -1.86
C GLN A 86 -9.94 6.51 -1.22
N GLU A 87 -10.64 5.70 -0.39
CA GLU A 87 -11.83 6.15 0.35
C GLU A 87 -11.51 7.29 1.34
N ALA A 88 -10.34 7.22 2.01
CA ALA A 88 -9.85 8.30 2.90
C ALA A 88 -9.56 9.58 2.11
N PHE A 89 -8.96 9.40 0.93
CA PHE A 89 -8.53 10.50 0.05
C PHE A 89 -9.74 11.27 -0.52
N GLU A 90 -10.78 10.53 -0.95
CA GLU A 90 -12.02 11.11 -1.52
C GLU A 90 -12.94 11.68 -0.42
N ALA A 91 -12.93 11.07 0.78
CA ALA A 91 -13.70 11.56 1.96
C ALA A 91 -13.11 12.87 2.53
N GLY A 92 -11.81 13.10 2.26
CA GLY A 92 -11.13 14.37 2.65
C GLY A 92 -10.16 14.22 3.83
N MET A 93 -10.20 13.06 4.52
CA MET A 93 -9.26 12.76 5.64
C MET A 93 -7.82 12.62 5.10
N ALA A 94 -7.60 11.56 4.30
CA ALA A 94 -6.32 11.27 3.61
C ALA A 94 -5.07 11.36 4.52
N PRO A 95 -4.71 10.24 5.22
CA PRO A 95 -3.45 10.14 6.00
C PRO A 95 -2.16 10.21 5.11
N PRO A 96 -0.98 10.59 5.70
CA PRO A 96 0.32 10.55 4.98
C PRO A 96 0.79 9.10 4.66
N VAL A 97 0.74 8.74 3.36
CA VAL A 97 1.12 7.39 2.88
C VAL A 97 2.59 7.37 2.38
N VAL A 98 3.32 6.33 2.73
CA VAL A 98 4.77 6.18 2.45
C VAL A 98 5.06 5.77 0.96
N LEU A 99 5.58 6.74 0.17
CA LEU A 99 5.96 6.52 -1.27
C LEU A 99 7.17 5.57 -1.42
N GLN A 100 8.13 5.68 -0.48
CA GLN A 100 9.38 4.86 -0.48
C GLN A 100 9.16 3.41 0.05
N SER A 101 7.89 2.94 0.02
CA SER A 101 7.51 1.56 0.40
C SER A 101 6.38 1.01 -0.49
N THR A 102 5.33 1.84 -0.75
CA THR A 102 4.10 1.43 -1.50
C THR A 102 4.41 0.87 -2.91
N GLU A 103 3.98 -0.40 -3.14
CA GLU A 103 4.31 -1.17 -4.36
C GLU A 103 3.52 -0.70 -5.61
N LYS A 104 3.96 -1.17 -6.79
CA LYS A 104 3.39 -0.80 -8.11
C LYS A 104 1.95 -1.35 -8.33
N SER A 105 1.53 -2.29 -7.46
CA SER A 105 0.14 -2.81 -7.44
C SER A 105 -0.86 -1.66 -7.21
N ALA A 106 -0.56 -0.81 -6.20
CA ALA A 106 -1.42 0.35 -5.84
C ALA A 106 -1.65 1.32 -7.03
N LEU A 107 -0.67 1.44 -7.92
CA LEU A 107 -0.77 2.34 -9.10
C LEU A 107 -1.85 1.88 -10.12
N ARG A 108 -2.21 0.59 -10.07
CA ARG A 108 -3.30 0.02 -10.91
C ARG A 108 -4.69 0.09 -10.22
N TYR A 109 -4.75 0.50 -8.93
CA TYR A 109 -6.02 0.57 -8.13
C TYR A 109 -6.34 2.02 -7.68
N VAL A 110 -5.42 2.65 -6.94
CA VAL A 110 -5.60 4.01 -6.38
C VAL A 110 -4.91 5.09 -7.24
N SER A 111 -3.86 4.67 -7.99
CA SER A 111 -2.96 5.54 -8.80
C SER A 111 -1.92 6.27 -7.92
N LEU A 112 -0.76 6.52 -8.54
CA LEU A 112 0.39 7.23 -7.92
C LEU A 112 0.04 8.68 -7.50
N ALA A 113 -0.77 9.38 -8.31
CA ALA A 113 -1.07 10.83 -8.09
C ALA A 113 -1.76 11.08 -6.73
N ASP A 114 -2.60 10.13 -6.31
CA ASP A 114 -3.30 10.16 -5.01
C ASP A 114 -2.32 9.91 -3.83
N LEU A 115 -1.29 9.08 -4.09
CA LEU A 115 -0.26 8.73 -3.08
C LEU A 115 0.65 9.94 -2.78
N GLN A 116 1.10 10.59 -3.87
CA GLN A 116 2.05 11.72 -3.85
C GLN A 116 1.40 13.00 -3.28
N ALA A 117 0.11 13.21 -3.63
CA ALA A 117 -0.70 14.37 -3.15
C ALA A 117 -0.80 14.47 -1.59
N HIS A 118 -0.48 13.37 -0.87
CA HIS A 118 -0.38 13.36 0.61
C HIS A 118 0.93 12.69 1.10
N ALA A 119 2.04 12.94 0.37
CA ALA A 119 3.40 12.55 0.81
C ALA A 119 4.48 13.48 0.21
N LEU A 120 4.60 13.48 -1.14
CA LEU A 120 5.56 14.35 -1.87
C LEU A 120 4.89 14.84 -3.18
N PRO A 121 4.57 16.16 -3.32
CA PRO A 121 3.77 16.68 -4.46
C PRO A 121 4.59 16.81 -5.77
N VAL A 122 4.75 15.68 -6.48
CA VAL A 122 5.51 15.60 -7.75
C VAL A 122 4.84 16.45 -8.88
N LEU A 123 5.65 17.15 -9.68
CA LEU A 123 5.15 17.99 -10.81
C LEU A 123 5.34 17.28 -12.16
N GLU A 124 6.02 16.12 -12.13
CA GLU A 124 6.23 15.24 -13.30
C GLU A 124 5.03 14.28 -13.53
N HIS A 125 3.81 14.74 -13.18
CA HIS A 125 2.57 14.01 -13.48
C HIS A 125 2.33 14.00 -15.01
N HIS A 126 2.38 12.81 -15.61
CA HIS A 126 2.18 12.61 -17.07
C HIS A 126 1.00 11.65 -17.35
N HIS A 127 0.28 11.93 -18.46
CA HIS A 127 -0.92 11.17 -18.87
C HIS A 127 -0.51 9.84 -19.55
N HIS A 128 -0.79 8.70 -18.87
CA HIS A 128 -0.35 7.34 -19.28
C HIS A 128 1.20 7.22 -19.31
N HIS A 129 1.83 7.69 -20.41
CA HIS A 129 3.30 7.70 -20.61
C HIS A 129 3.65 8.43 -21.94
N HIS A 130 2.84 8.14 -22.98
CA HIS A 130 3.02 8.67 -24.36
C HIS A 130 1.80 8.27 -25.23
N MET A 1 -1.98 -36.65 13.17
CA MET A 1 -2.52 -36.13 14.46
C MET A 1 -3.01 -34.67 14.29
N GLY A 2 -2.11 -33.79 13.81
CA GLY A 2 -2.42 -32.37 13.56
C GLY A 2 -1.58 -31.78 12.43
N GLN A 3 -1.36 -30.45 12.44
CA GLN A 3 -0.58 -29.76 11.39
C GLN A 3 0.14 -28.49 11.94
N GLY A 4 0.82 -27.77 11.05
CA GLY A 4 1.49 -26.50 11.38
C GLY A 4 1.76 -25.66 10.13
N GLN A 5 1.77 -24.32 10.28
CA GLN A 5 2.02 -23.39 9.16
C GLN A 5 3.54 -23.11 9.06
N ASN A 6 4.15 -23.55 7.94
CA ASN A 6 5.60 -23.40 7.67
C ASN A 6 5.91 -23.73 6.19
N VAL A 7 6.33 -22.70 5.42
CA VAL A 7 6.78 -22.78 4.01
C VAL A 7 5.59 -22.94 3.01
N LEU A 8 4.68 -23.88 3.31
CA LEU A 8 3.44 -24.17 2.54
C LEU A 8 2.56 -22.92 2.33
N GLY A 9 2.71 -21.94 3.24
CA GLY A 9 2.05 -20.65 3.12
C GLY A 9 2.88 -19.57 3.78
N GLN A 10 4.13 -19.41 3.25
CA GLN A 10 5.16 -18.46 3.75
C GLN A 10 5.83 -18.96 5.05
N ASP A 11 7.02 -18.42 5.34
CA ASP A 11 7.84 -18.82 6.50
C ASP A 11 9.04 -17.87 6.70
N LEU A 12 8.84 -16.85 7.56
CA LEU A 12 9.91 -15.96 8.07
C LEU A 12 10.76 -15.29 6.94
N GLU A 13 10.10 -14.89 5.85
CA GLU A 13 10.75 -14.15 4.73
C GLU A 13 11.10 -12.69 5.14
N VAL A 14 12.15 -12.14 4.51
CA VAL A 14 12.66 -10.78 4.84
C VAL A 14 11.63 -9.68 4.41
N CYS A 15 10.86 -9.21 5.40
CA CYS A 15 9.71 -8.30 5.20
C CYS A 15 9.98 -6.89 5.78
N CYS A 16 11.16 -6.73 6.45
CA CYS A 16 11.60 -5.47 7.14
C CYS A 16 10.90 -5.23 8.51
N CYS A 17 9.71 -5.83 8.69
CA CYS A 17 8.93 -5.74 9.95
C CYS A 17 9.70 -6.29 11.18
N ALA A 18 10.52 -7.34 10.96
CA ALA A 18 11.37 -7.93 12.01
C ALA A 18 12.87 -7.92 11.58
N PRO A 19 13.80 -7.40 12.46
CA PRO A 19 15.27 -7.44 12.20
C PRO A 19 15.82 -8.89 12.19
N MET A 20 16.33 -9.32 11.00
CA MET A 20 16.85 -10.69 10.75
C MET A 20 15.75 -11.76 10.94
N THR A 21 15.03 -12.07 9.85
CA THR A 21 13.96 -13.09 9.83
C THR A 21 14.53 -14.47 9.43
N GLY A 22 14.10 -15.54 10.13
CA GLY A 22 14.58 -16.90 9.89
C GLY A 22 16.03 -17.11 10.34
N TRP A 23 16.98 -16.78 9.44
CA TRP A 23 18.43 -16.76 9.75
C TRP A 23 19.07 -15.50 9.11
N TYR A 24 18.71 -15.22 7.85
CA TYR A 24 19.11 -13.98 7.12
C TYR A 24 18.03 -13.56 6.09
N ARG A 25 17.90 -14.38 5.01
CA ARG A 25 17.20 -14.01 3.75
C ARG A 25 17.89 -12.76 3.10
N ASN A 26 17.57 -11.55 3.64
CA ASN A 26 18.18 -10.24 3.28
C ASN A 26 17.86 -9.79 1.83
N GLY A 27 17.57 -8.48 1.66
CA GLY A 27 17.17 -7.90 0.36
C GLY A 27 15.77 -7.28 0.39
N PHE A 28 14.97 -7.69 1.41
CA PHE A 28 13.59 -7.17 1.68
C PHE A 28 12.60 -7.53 0.53
N CYS A 29 12.07 -8.76 0.59
CA CYS A 29 11.04 -9.27 -0.35
C CYS A 29 9.65 -8.75 0.05
N GLN A 30 9.16 -7.73 -0.68
CA GLN A 30 7.86 -7.07 -0.42
C GLN A 30 6.93 -7.26 -1.65
N THR A 31 7.05 -8.44 -2.30
CA THR A 31 6.29 -8.78 -3.52
C THR A 31 5.59 -10.14 -3.38
N ASP A 32 4.64 -10.42 -4.29
CA ASP A 32 3.89 -11.69 -4.32
C ASP A 32 4.78 -12.89 -4.71
N VAL A 33 4.81 -13.91 -3.82
CA VAL A 33 5.36 -15.25 -4.14
C VAL A 33 4.46 -15.99 -5.18
N GLN A 34 3.25 -15.41 -5.42
CA GLN A 34 2.29 -15.87 -6.46
C GLN A 34 2.85 -15.64 -7.90
N ASP A 35 3.94 -14.82 -8.00
CA ASP A 35 4.71 -14.57 -9.26
C ASP A 35 3.94 -13.67 -10.26
N ARG A 36 2.83 -13.06 -9.81
CA ARG A 36 1.97 -12.20 -10.66
C ARG A 36 2.48 -10.74 -10.71
N GLY A 37 3.24 -10.31 -9.68
CA GLY A 37 3.90 -8.99 -9.67
C GLY A 37 2.96 -7.81 -9.41
N SER A 38 2.10 -7.49 -10.40
CA SER A 38 1.11 -6.40 -10.29
C SER A 38 -0.05 -6.78 -9.34
N HIS A 39 0.19 -6.63 -8.03
CA HIS A 39 -0.78 -6.94 -6.94
C HIS A 39 -0.24 -6.45 -5.55
N THR A 40 0.96 -5.83 -5.55
CA THR A 40 1.69 -5.52 -4.30
C THR A 40 1.35 -4.10 -3.79
N VAL A 41 0.73 -4.04 -2.60
CA VAL A 41 0.41 -2.78 -1.91
C VAL A 41 0.95 -2.81 -0.46
N CYS A 42 1.72 -1.78 -0.08
CA CYS A 42 2.10 -1.55 1.32
C CYS A 42 1.95 -0.05 1.62
N ALA A 43 0.93 0.29 2.43
CA ALA A 43 0.50 1.69 2.67
C ALA A 43 0.14 1.85 4.15
N GLU A 44 0.30 3.06 4.70
CA GLU A 44 0.04 3.30 6.14
C GLU A 44 -1.15 4.26 6.35
N MET A 45 -2.13 3.79 7.13
CA MET A 45 -3.31 4.57 7.52
C MET A 45 -3.22 4.93 9.02
N THR A 46 -3.59 6.18 9.37
CA THR A 46 -3.66 6.62 10.79
C THR A 46 -5.03 6.26 11.39
N GLU A 47 -5.09 6.15 12.74
CA GLU A 47 -6.31 5.72 13.47
C GLU A 47 -7.48 6.69 13.24
N GLU A 48 -7.14 7.98 13.00
CA GLU A 48 -8.13 9.06 12.71
C GLU A 48 -9.15 8.63 11.62
N PHE A 49 -8.64 8.03 10.53
CA PHE A 49 -9.49 7.47 9.46
C PHE A 49 -10.13 6.11 9.87
N LEU A 50 -9.36 5.23 10.55
CA LEU A 50 -9.83 3.86 10.96
C LEU A 50 -11.01 3.91 11.97
N LEU A 51 -11.09 5.02 12.73
CA LEU A 51 -12.23 5.32 13.61
C LEU A 51 -13.45 5.75 12.77
N PHE A 52 -13.21 6.69 11.81
CA PHE A 52 -14.25 7.15 10.84
C PHE A 52 -14.81 5.98 9.98
N SER A 53 -13.96 4.96 9.72
CA SER A 53 -14.36 3.74 8.96
C SER A 53 -15.49 2.99 9.70
N ARG A 54 -15.42 3.00 11.04
CA ARG A 54 -16.46 2.45 11.93
C ARG A 54 -17.69 3.38 12.00
N ASP A 55 -17.44 4.68 12.26
CA ASP A 55 -18.51 5.71 12.42
C ASP A 55 -19.32 5.94 11.13
N ARG A 56 -18.77 5.54 9.97
CA ARG A 56 -19.48 5.54 8.68
C ARG A 56 -20.13 4.15 8.41
N GLY A 57 -19.29 3.09 8.43
CA GLY A 57 -19.75 1.72 8.16
C GLY A 57 -19.39 0.76 9.29
N ASN A 58 -18.19 0.15 9.20
CA ASN A 58 -17.69 -0.82 10.21
C ASN A 58 -16.14 -0.86 10.21
N ASP A 59 -15.57 -1.22 11.38
CA ASP A 59 -14.12 -1.49 11.52
C ASP A 59 -13.89 -3.02 11.64
N LEU A 60 -12.62 -3.44 11.53
CA LEU A 60 -12.20 -4.86 11.74
C LEU A 60 -11.15 -4.96 12.89
N MET A 61 -10.90 -3.84 13.59
CA MET A 61 -9.79 -3.73 14.55
C MET A 61 -10.27 -3.68 16.04
N THR A 62 -11.55 -4.05 16.29
CA THR A 62 -12.07 -4.25 17.67
C THR A 62 -11.45 -5.54 18.32
N PRO A 63 -10.70 -5.43 19.46
CA PRO A 63 -10.12 -6.60 20.17
C PRO A 63 -11.19 -7.62 20.68
N ARG A 64 -11.25 -8.80 20.03
CA ARG A 64 -12.17 -9.90 20.43
C ARG A 64 -11.46 -10.88 21.39
N PRO A 65 -12.07 -11.23 22.59
CA PRO A 65 -11.44 -12.11 23.62
C PRO A 65 -11.22 -13.58 23.12
N GLU A 66 -12.01 -13.97 22.12
CA GLU A 66 -11.97 -15.32 21.50
C GLU A 66 -10.62 -15.58 20.77
N PHE A 67 -10.03 -14.50 20.21
CA PHE A 67 -8.78 -14.57 19.40
C PHE A 67 -7.63 -13.77 20.06
N ASN A 68 -7.99 -12.86 21.00
CA ASN A 68 -7.10 -11.81 21.57
C ASN A 68 -6.71 -10.75 20.48
N PHE A 69 -5.92 -11.20 19.49
CA PHE A 69 -5.48 -10.35 18.36
C PHE A 69 -6.64 -10.10 17.34
N PRO A 70 -7.01 -8.81 17.06
CA PRO A 70 -8.05 -8.47 16.04
C PRO A 70 -7.47 -8.34 14.60
N GLY A 71 -8.11 -7.52 13.74
CA GLY A 71 -7.61 -7.22 12.39
C GLY A 71 -6.50 -6.16 12.38
N LEU A 72 -6.25 -5.57 11.19
CA LEU A 72 -5.14 -4.61 10.96
C LEU A 72 -5.36 -3.27 11.72
N LYS A 73 -4.27 -2.75 12.31
CA LYS A 73 -4.26 -1.50 13.09
C LYS A 73 -3.60 -0.33 12.31
N ALA A 74 -3.56 0.85 12.97
CA ALA A 74 -2.97 2.06 12.42
C ALA A 74 -1.44 2.09 12.63
N GLY A 75 -0.68 2.24 11.53
CA GLY A 75 0.80 2.16 11.58
C GLY A 75 1.37 0.90 10.91
N ASP A 76 0.49 -0.06 10.57
CA ASP A 76 0.88 -1.34 9.93
C ASP A 76 0.98 -1.19 8.39
N ARG A 77 2.14 -0.70 7.91
CA ARG A 77 2.39 -0.49 6.46
C ARG A 77 2.90 -1.80 5.77
N TRP A 78 1.95 -2.66 5.35
CA TRP A 78 2.23 -3.96 4.69
C TRP A 78 0.90 -4.66 4.36
N CYS A 79 0.69 -4.99 3.05
CA CYS A 79 -0.54 -5.68 2.55
C CYS A 79 -1.85 -4.91 2.87
N LEU A 80 -1.73 -3.57 3.03
CA LEU A 80 -2.89 -2.68 3.25
C LEU A 80 -3.77 -2.65 1.99
N CYS A 81 -5.06 -2.98 2.13
CA CYS A 81 -6.06 -2.91 1.05
C CYS A 81 -6.18 -1.45 0.54
N ALA A 82 -5.60 -1.17 -0.65
CA ALA A 82 -5.42 0.21 -1.18
C ALA A 82 -6.74 1.01 -1.34
N SER A 83 -7.89 0.31 -1.48
CA SER A 83 -9.23 0.94 -1.57
C SER A 83 -9.61 1.70 -0.25
N ARG A 84 -9.09 1.21 0.90
CA ARG A 84 -9.18 1.90 2.22
C ARG A 84 -8.55 3.31 2.15
N TRP A 85 -7.35 3.35 1.55
CA TRP A 85 -6.57 4.57 1.32
C TRP A 85 -7.19 5.48 0.20
N GLN A 86 -7.66 4.84 -0.88
CA GLN A 86 -8.24 5.53 -2.06
C GLN A 86 -9.52 6.31 -1.68
N GLU A 87 -10.43 5.63 -0.94
CA GLU A 87 -11.69 6.23 -0.46
C GLU A 87 -11.42 7.32 0.62
N ALA A 88 -10.31 7.18 1.36
CA ALA A 88 -9.89 8.16 2.40
C ALA A 88 -9.56 9.53 1.78
N PHE A 89 -8.87 9.49 0.63
CA PHE A 89 -8.52 10.69 -0.15
C PHE A 89 -9.78 11.35 -0.73
N GLU A 90 -10.63 10.53 -1.37
CA GLU A 90 -11.91 10.98 -1.98
C GLU A 90 -12.92 11.53 -0.94
N ALA A 91 -12.78 11.06 0.32
CA ALA A 91 -13.61 11.56 1.47
C ALA A 91 -13.11 12.94 1.99
N GLY A 92 -11.83 13.25 1.70
CA GLY A 92 -11.24 14.56 2.07
C GLY A 92 -10.28 14.51 3.26
N MET A 93 -10.17 13.33 3.91
CA MET A 93 -9.26 13.13 5.07
C MET A 93 -7.83 12.82 4.58
N ALA A 94 -7.65 11.57 4.07
CA ALA A 94 -6.38 11.07 3.51
C ALA A 94 -5.17 11.12 4.51
N PRO A 95 -4.89 9.97 5.21
CA PRO A 95 -3.64 9.79 6.02
C PRO A 95 -2.31 9.99 5.23
N PRO A 96 -1.15 10.22 5.93
CA PRO A 96 0.20 10.19 5.29
C PRO A 96 0.60 8.75 4.86
N VAL A 97 0.79 8.54 3.55
CA VAL A 97 1.12 7.23 2.96
C VAL A 97 2.65 7.14 2.67
N VAL A 98 3.16 5.92 2.54
CA VAL A 98 4.58 5.62 2.24
C VAL A 98 4.85 5.47 0.72
N LEU A 99 5.37 6.51 0.04
CA LEU A 99 5.84 6.37 -1.38
C LEU A 99 7.18 5.60 -1.47
N GLN A 100 7.88 5.48 -0.33
CA GLN A 100 9.11 4.68 -0.21
C GLN A 100 8.82 3.14 -0.17
N SER A 101 7.52 2.76 0.00
CA SER A 101 7.12 1.33 0.13
C SER A 101 5.99 0.95 -0.86
N THR A 102 4.99 1.85 -1.06
CA THR A 102 3.95 1.67 -2.12
C THR A 102 4.59 1.49 -3.53
N GLU A 103 4.67 0.22 -3.96
CA GLU A 103 5.09 -0.17 -5.33
C GLU A 103 4.05 0.31 -6.38
N LYS A 104 4.50 0.52 -7.63
CA LYS A 104 3.64 0.92 -8.78
C LYS A 104 2.46 -0.08 -9.00
N SER A 105 2.62 -1.34 -8.54
CA SER A 105 1.57 -2.40 -8.61
C SER A 105 0.26 -1.98 -7.87
N ALA A 106 0.42 -1.11 -6.85
CA ALA A 106 -0.71 -0.56 -6.05
C ALA A 106 -1.71 0.26 -6.90
N LEU A 107 -1.25 0.79 -8.06
CA LEU A 107 -2.08 1.65 -8.97
C LEU A 107 -3.24 0.86 -9.65
N ARG A 108 -3.33 -0.46 -9.43
CA ARG A 108 -4.53 -1.26 -9.80
C ARG A 108 -5.75 -0.93 -8.89
N TYR A 109 -5.46 -0.61 -7.62
CA TYR A 109 -6.48 -0.44 -6.56
C TYR A 109 -6.57 1.04 -6.08
N VAL A 110 -5.47 1.80 -6.28
CA VAL A 110 -5.38 3.24 -5.94
C VAL A 110 -4.84 4.05 -7.17
N SER A 111 -4.67 5.37 -7.04
CA SER A 111 -3.96 6.18 -8.07
C SER A 111 -2.59 6.65 -7.55
N LEU A 112 -1.73 7.10 -8.48
CA LEU A 112 -0.45 7.76 -8.15
C LEU A 112 -0.68 9.12 -7.46
N ALA A 113 -1.70 9.87 -7.92
CA ALA A 113 -2.02 11.23 -7.41
C ALA A 113 -2.39 11.20 -5.91
N ASP A 114 -3.05 10.12 -5.46
CA ASP A 114 -3.28 9.84 -4.03
C ASP A 114 -1.96 9.80 -3.24
N LEU A 115 -0.99 9.02 -3.76
CA LEU A 115 0.26 8.73 -3.07
C LEU A 115 1.10 10.02 -2.92
N GLN A 116 1.23 10.73 -4.05
CA GLN A 116 2.06 11.95 -4.16
C GLN A 116 1.43 13.14 -3.41
N ALA A 117 0.10 13.13 -3.28
CA ALA A 117 -0.63 14.13 -2.47
C ALA A 117 -0.23 14.09 -0.97
N HIS A 118 0.06 12.88 -0.44
CA HIS A 118 0.39 12.66 0.99
C HIS A 118 1.74 11.90 1.17
N ALA A 119 2.63 12.06 0.18
CA ALA A 119 4.03 11.56 0.25
C ALA A 119 4.89 12.19 -0.87
N LEU A 120 6.20 11.96 -0.84
CA LEU A 120 7.16 12.47 -1.85
C LEU A 120 7.84 11.31 -2.61
N PRO A 121 8.09 11.45 -3.96
CA PRO A 121 8.79 10.41 -4.75
C PRO A 121 10.27 10.24 -4.30
N VAL A 122 10.69 8.99 -4.05
CA VAL A 122 12.02 8.67 -3.47
C VAL A 122 13.13 8.56 -4.58
N LEU A 123 13.22 9.62 -5.39
CA LEU A 123 14.26 9.78 -6.42
C LEU A 123 15.47 10.53 -5.79
N GLU A 124 16.33 9.77 -5.11
CA GLU A 124 17.49 10.30 -4.34
C GLU A 124 18.84 9.83 -4.94
N HIS A 125 18.90 9.69 -6.28
CA HIS A 125 20.11 9.21 -7.00
C HIS A 125 20.47 10.13 -8.20
N HIS A 126 21.31 11.14 -7.93
CA HIS A 126 21.75 12.15 -8.93
C HIS A 126 23.09 11.68 -9.62
N HIS A 127 23.67 12.53 -10.52
CA HIS A 127 24.91 12.23 -11.30
C HIS A 127 24.69 11.09 -12.33
N HIS A 128 23.53 11.13 -13.01
CA HIS A 128 23.19 10.23 -14.12
C HIS A 128 22.63 11.03 -15.33
N HIS A 129 23.52 11.34 -16.29
CA HIS A 129 23.12 11.92 -17.59
C HIS A 129 22.55 10.80 -18.50
N HIS A 130 21.22 10.62 -18.41
CA HIS A 130 20.49 9.48 -19.04
C HIS A 130 20.96 8.11 -18.45
N MET A 1 2.90 -21.21 5.89
CA MET A 1 2.68 -20.84 7.32
C MET A 1 4.00 -20.95 8.12
N GLY A 2 4.46 -22.19 8.37
CA GLY A 2 5.76 -22.43 9.02
C GLY A 2 6.94 -22.08 8.11
N GLN A 3 7.77 -21.12 8.54
CA GLN A 3 8.89 -20.59 7.73
C GLN A 3 10.24 -21.27 8.10
N GLY A 4 10.97 -21.72 7.07
CA GLY A 4 12.33 -22.28 7.22
C GLY A 4 13.37 -21.47 6.44
N GLN A 5 14.57 -22.06 6.25
CA GLN A 5 15.67 -21.40 5.51
C GLN A 5 16.72 -22.43 5.02
N ASN A 6 17.22 -22.26 3.77
CA ASN A 6 18.30 -23.09 3.21
C ASN A 6 19.68 -22.60 3.69
N VAL A 7 20.64 -23.53 3.83
CA VAL A 7 22.02 -23.25 4.33
C VAL A 7 22.82 -22.33 3.37
N LEU A 8 22.34 -22.28 2.13
CA LEU A 8 23.06 -21.72 0.99
C LEU A 8 23.12 -20.17 1.02
N GLY A 9 21.96 -19.52 1.25
CA GLY A 9 21.88 -18.05 1.28
C GLY A 9 20.46 -17.52 1.44
N GLN A 10 19.82 -17.16 0.31
CA GLN A 10 18.47 -16.54 0.28
C GLN A 10 17.54 -17.24 -0.74
N ASP A 11 16.25 -17.35 -0.37
CA ASP A 11 15.19 -17.94 -1.21
C ASP A 11 13.80 -17.55 -0.61
N LEU A 12 13.64 -16.24 -0.33
CA LEU A 12 12.46 -15.70 0.43
C LEU A 12 11.29 -15.30 -0.50
N GLU A 13 11.12 -16.02 -1.64
CA GLU A 13 9.98 -15.82 -2.57
C GLU A 13 8.71 -16.54 -2.02
N VAL A 14 8.18 -16.00 -0.92
CA VAL A 14 7.01 -16.55 -0.21
C VAL A 14 6.32 -15.44 0.64
N CYS A 15 5.04 -15.18 0.35
CA CYS A 15 4.20 -14.23 1.12
C CYS A 15 3.93 -14.76 2.54
N CYS A 16 3.29 -15.96 2.60
CA CYS A 16 2.99 -16.68 3.87
C CYS A 16 2.06 -15.86 4.83
N CYS A 17 1.86 -16.37 6.07
CA CYS A 17 1.18 -15.67 7.20
C CYS A 17 -0.36 -15.51 7.02
N ALA A 18 -0.77 -14.68 6.02
CA ALA A 18 -2.20 -14.38 5.73
C ALA A 18 -3.04 -15.66 5.45
N PRO A 19 -4.31 -15.76 5.99
CA PRO A 19 -5.18 -16.97 5.80
C PRO A 19 -5.54 -17.26 4.32
N MET A 20 -5.73 -16.18 3.51
CA MET A 20 -6.09 -16.30 2.07
C MET A 20 -4.88 -16.79 1.21
N THR A 21 -3.66 -16.78 1.80
CA THR A 21 -2.44 -17.32 1.14
C THR A 21 -2.57 -18.86 0.88
N GLY A 22 -3.47 -19.53 1.65
CA GLY A 22 -3.77 -20.96 1.46
C GLY A 22 -2.88 -21.86 2.32
N TRP A 23 -1.66 -22.17 1.82
CA TRP A 23 -0.68 -23.02 2.53
C TRP A 23 0.69 -23.02 1.77
N TYR A 24 0.71 -23.70 0.60
CA TYR A 24 1.93 -23.89 -0.22
C TYR A 24 1.52 -24.27 -1.66
N ARG A 25 1.53 -23.28 -2.56
CA ARG A 25 1.09 -23.46 -3.96
C ARG A 25 2.30 -23.84 -4.86
N ASN A 26 3.21 -22.86 -5.08
CA ASN A 26 4.43 -23.04 -5.89
C ASN A 26 5.44 -21.90 -5.58
N GLY A 27 5.60 -21.60 -4.27
CA GLY A 27 6.42 -20.45 -3.82
C GLY A 27 5.75 -19.11 -4.16
N PHE A 28 5.12 -18.47 -3.14
CA PHE A 28 4.31 -17.25 -3.34
C PHE A 28 5.20 -16.01 -3.56
N CYS A 29 5.67 -15.81 -4.81
CA CYS A 29 6.53 -14.65 -5.15
C CYS A 29 5.74 -13.33 -4.97
N GLN A 30 4.76 -13.09 -5.90
CA GLN A 30 3.76 -11.98 -5.83
C GLN A 30 4.35 -10.55 -6.09
N THR A 31 5.57 -10.27 -5.57
CA THR A 31 6.24 -8.95 -5.67
C THR A 31 6.53 -8.55 -7.14
N ASP A 32 5.72 -7.60 -7.63
CA ASP A 32 5.86 -7.02 -8.98
C ASP A 32 7.18 -6.26 -9.17
N VAL A 33 7.66 -5.66 -8.05
CA VAL A 33 8.83 -4.76 -8.00
C VAL A 33 8.56 -3.44 -8.78
N GLN A 34 8.49 -3.53 -10.13
CA GLN A 34 8.20 -2.37 -11.02
C GLN A 34 7.39 -2.77 -12.28
N ASP A 35 7.10 -4.07 -12.46
CA ASP A 35 6.44 -4.59 -13.70
C ASP A 35 4.99 -5.04 -13.46
N ARG A 36 4.22 -5.12 -14.58
CA ARG A 36 2.80 -5.57 -14.61
C ARG A 36 1.89 -4.79 -13.64
N GLY A 37 1.80 -5.28 -12.38
CA GLY A 37 0.77 -4.86 -11.42
C GLY A 37 -0.19 -6.03 -11.13
N SER A 38 0.12 -6.80 -10.06
CA SER A 38 -0.57 -8.08 -9.75
C SER A 38 -1.26 -8.03 -8.37
N HIS A 39 -0.49 -7.81 -7.28
CA HIS A 39 -1.05 -7.82 -5.90
C HIS A 39 -0.01 -7.32 -4.85
N THR A 40 0.48 -6.08 -4.98
CA THR A 40 1.43 -5.47 -4.00
C THR A 40 1.12 -3.97 -3.74
N VAL A 41 0.49 -3.70 -2.56
CA VAL A 41 0.14 -2.35 -2.08
C VAL A 41 0.49 -2.24 -0.57
N CYS A 42 1.55 -1.50 -0.20
CA CYS A 42 1.91 -1.26 1.23
C CYS A 42 1.73 0.23 1.60
N ALA A 43 0.73 0.51 2.43
CA ALA A 43 0.37 1.86 2.92
C ALA A 43 0.01 1.76 4.41
N GLU A 44 0.24 2.82 5.20
CA GLU A 44 -0.03 2.79 6.64
C GLU A 44 -1.04 3.90 7.04
N MET A 45 -2.21 3.46 7.50
CA MET A 45 -3.31 4.34 7.95
C MET A 45 -3.17 4.66 9.46
N THR A 46 -3.51 5.90 9.83
CA THR A 46 -3.48 6.37 11.24
C THR A 46 -4.81 6.02 11.94
N GLU A 47 -4.77 5.80 13.28
CA GLU A 47 -5.94 5.33 14.06
C GLU A 47 -7.18 6.25 13.87
N GLU A 48 -6.90 7.55 13.71
CA GLU A 48 -7.89 8.60 13.40
C GLU A 48 -8.83 8.19 12.23
N PHE A 49 -8.22 7.68 11.15
CA PHE A 49 -8.93 7.30 9.90
C PHE A 49 -9.66 5.94 10.00
N LEU A 50 -9.10 4.98 10.76
CA LEU A 50 -9.80 3.69 11.01
C LEU A 50 -11.01 3.90 11.96
N LEU A 51 -10.87 4.88 12.88
CA LEU A 51 -11.95 5.31 13.80
C LEU A 51 -13.01 6.18 13.07
N PHE A 52 -12.61 6.92 12.01
CA PHE A 52 -13.56 7.66 11.15
C PHE A 52 -14.47 6.67 10.40
N SER A 53 -13.86 5.65 9.76
CA SER A 53 -14.58 4.55 9.05
C SER A 53 -15.54 3.82 10.02
N ARG A 54 -15.03 3.56 11.24
CA ARG A 54 -15.79 2.93 12.34
C ARG A 54 -17.03 3.78 12.74
N ASP A 55 -16.81 5.10 12.89
CA ASP A 55 -17.87 6.07 13.28
C ASP A 55 -18.90 6.27 12.13
N ARG A 56 -18.42 6.17 10.88
CA ARG A 56 -19.24 6.37 9.66
C ARG A 56 -20.36 5.30 9.56
N GLY A 57 -20.06 4.07 10.02
CA GLY A 57 -21.03 2.96 10.05
C GLY A 57 -20.37 1.59 9.90
N ASN A 58 -19.36 1.32 10.75
CA ASN A 58 -18.52 0.11 10.65
C ASN A 58 -17.91 -0.24 12.04
N ASP A 59 -17.31 -1.44 12.16
CA ASP A 59 -16.53 -1.83 13.36
C ASP A 59 -15.61 -3.04 13.05
N LEU A 60 -14.39 -3.03 13.64
CA LEU A 60 -13.37 -4.08 13.47
C LEU A 60 -12.15 -3.77 14.37
N MET A 61 -11.60 -2.55 14.20
CA MET A 61 -10.40 -2.10 14.93
C MET A 61 -10.77 -1.72 16.38
N THR A 62 -10.67 -2.70 17.29
CA THR A 62 -10.94 -2.53 18.74
C THR A 62 -9.84 -3.23 19.59
N PRO A 63 -9.34 -2.59 20.71
CA PRO A 63 -8.35 -3.22 21.62
C PRO A 63 -8.97 -4.35 22.48
N ARG A 64 -8.88 -5.59 21.96
CA ARG A 64 -9.35 -6.82 22.66
C ARG A 64 -8.14 -7.75 22.94
N PRO A 65 -7.42 -7.60 24.10
CA PRO A 65 -6.15 -8.34 24.37
C PRO A 65 -6.34 -9.86 24.58
N GLU A 66 -7.53 -10.28 25.05
CA GLU A 66 -7.85 -11.70 25.36
C GLU A 66 -7.97 -12.54 24.07
N PHE A 67 -8.49 -11.93 22.99
CA PHE A 67 -8.72 -12.60 21.69
C PHE A 67 -7.69 -12.13 20.64
N ASN A 68 -7.64 -10.79 20.41
CA ASN A 68 -6.65 -10.11 19.54
C ASN A 68 -6.73 -10.61 18.07
N PHE A 69 -7.64 -10.02 17.29
CA PHE A 69 -7.88 -10.43 15.88
C PHE A 69 -7.03 -9.57 14.90
N PRO A 70 -6.03 -10.19 14.18
CA PRO A 70 -5.18 -9.47 13.20
C PRO A 70 -5.91 -9.23 11.83
N GLY A 71 -6.73 -8.17 11.79
CA GLY A 71 -7.43 -7.76 10.54
C GLY A 71 -6.85 -6.49 9.92
N LEU A 72 -5.52 -6.28 10.13
CA LEU A 72 -4.76 -5.06 9.71
C LEU A 72 -5.34 -3.79 10.40
N LYS A 73 -4.62 -3.29 11.41
CA LYS A 73 -5.04 -2.12 12.20
C LYS A 73 -4.10 -0.92 11.96
N ALA A 74 -4.29 0.17 12.74
CA ALA A 74 -3.43 1.36 12.70
C ALA A 74 -1.96 1.02 13.01
N GLY A 75 -1.08 1.23 12.03
CA GLY A 75 0.35 0.94 12.17
C GLY A 75 0.79 -0.40 11.58
N ASP A 76 0.00 -0.93 10.62
CA ASP A 76 0.39 -2.10 9.80
C ASP A 76 0.55 -1.68 8.31
N ARG A 77 1.79 -1.37 7.90
CA ARG A 77 2.10 -1.09 6.48
C ARG A 77 2.52 -2.39 5.77
N TRP A 78 1.52 -3.15 5.28
CA TRP A 78 1.72 -4.51 4.69
C TRP A 78 0.42 -4.92 3.96
N CYS A 79 0.53 -5.18 2.62
CA CYS A 79 -0.60 -5.68 1.76
C CYS A 79 -1.95 -4.94 2.03
N LEU A 80 -1.84 -3.62 2.34
CA LEU A 80 -2.98 -2.76 2.70
C LEU A 80 -3.94 -2.64 1.48
N CYS A 81 -5.19 -3.11 1.68
CA CYS A 81 -6.27 -3.00 0.67
C CYS A 81 -6.43 -1.54 0.21
N ALA A 82 -6.23 -1.30 -1.10
CA ALA A 82 -6.23 0.06 -1.69
C ALA A 82 -7.49 0.88 -1.33
N SER A 83 -8.64 0.19 -1.14
CA SER A 83 -9.92 0.83 -0.71
C SER A 83 -9.80 1.59 0.63
N ARG A 84 -9.01 1.06 1.57
CA ARG A 84 -8.82 1.68 2.92
C ARG A 84 -8.24 3.12 2.83
N TRP A 85 -7.10 3.25 2.11
CA TRP A 85 -6.41 4.55 1.92
C TRP A 85 -7.17 5.44 0.88
N GLN A 86 -7.46 4.86 -0.29
CA GLN A 86 -8.03 5.58 -1.45
C GLN A 86 -9.41 6.20 -1.15
N GLU A 87 -10.28 5.46 -0.45
CA GLU A 87 -11.66 5.94 -0.14
C GLU A 87 -11.63 7.10 0.89
N ALA A 88 -10.62 7.07 1.79
CA ALA A 88 -10.33 8.20 2.70
C ALA A 88 -9.93 9.48 1.90
N PHE A 89 -9.23 9.26 0.77
CA PHE A 89 -8.83 10.33 -0.17
C PHE A 89 -10.04 10.85 -0.98
N GLU A 90 -10.88 9.92 -1.46
CA GLU A 90 -12.07 10.23 -2.29
C GLU A 90 -13.14 11.02 -1.50
N ALA A 91 -13.29 10.66 -0.22
CA ALA A 91 -14.21 11.36 0.72
C ALA A 91 -13.66 12.76 1.10
N GLY A 92 -12.33 12.97 0.93
CA GLY A 92 -11.71 14.31 1.06
C GLY A 92 -10.59 14.41 2.10
N MET A 93 -10.55 13.48 3.06
CA MET A 93 -9.62 13.56 4.23
C MET A 93 -8.19 13.06 3.86
N ALA A 94 -7.99 11.71 3.85
CA ALA A 94 -6.70 11.03 3.49
C ALA A 94 -5.53 11.29 4.50
N PRO A 95 -4.90 10.22 5.09
CA PRO A 95 -3.68 10.36 5.94
C PRO A 95 -2.37 10.59 5.11
N PRO A 96 -1.21 10.90 5.77
CA PRO A 96 0.11 10.91 5.10
C PRO A 96 0.60 9.48 4.71
N VAL A 97 0.58 9.17 3.41
CA VAL A 97 1.03 7.86 2.87
C VAL A 97 2.49 7.96 2.37
N VAL A 98 3.22 6.84 2.43
CA VAL A 98 4.58 6.74 1.85
C VAL A 98 4.54 6.62 0.30
N LEU A 99 5.68 6.89 -0.32
CA LEU A 99 5.93 6.61 -1.75
C LEU A 99 7.09 5.60 -1.93
N GLN A 100 7.78 5.32 -0.81
CA GLN A 100 9.03 4.52 -0.80
C GLN A 100 8.71 3.03 -0.69
N SER A 101 7.82 2.69 0.25
CA SER A 101 7.37 1.29 0.50
C SER A 101 6.20 0.89 -0.42
N THR A 102 5.32 1.86 -0.77
CA THR A 102 4.19 1.63 -1.72
C THR A 102 4.69 1.14 -3.11
N GLU A 103 4.35 -0.11 -3.49
CA GLU A 103 4.86 -0.77 -4.72
C GLU A 103 4.11 -0.31 -5.99
N LYS A 104 4.67 -0.68 -7.16
CA LYS A 104 4.18 -0.24 -8.50
C LYS A 104 2.79 -0.84 -8.84
N SER A 105 2.45 -2.00 -8.24
CA SER A 105 1.12 -2.66 -8.46
C SER A 105 -0.04 -1.78 -7.97
N ALA A 106 0.23 -1.00 -6.90
CA ALA A 106 -0.71 0.00 -6.35
C ALA A 106 -1.10 1.06 -7.41
N LEU A 107 -0.17 1.42 -8.29
CA LEU A 107 -0.33 2.50 -9.30
C LEU A 107 -1.43 2.18 -10.36
N ARG A 108 -1.92 0.93 -10.37
CA ARG A 108 -3.06 0.51 -11.22
C ARG A 108 -4.41 0.58 -10.47
N TYR A 109 -4.35 0.41 -9.14
CA TYR A 109 -5.57 0.31 -8.29
C TYR A 109 -5.92 1.67 -7.66
N VAL A 110 -4.93 2.26 -6.98
CA VAL A 110 -5.07 3.55 -6.29
C VAL A 110 -4.48 4.72 -7.12
N SER A 111 -3.54 4.38 -8.02
CA SER A 111 -2.74 5.34 -8.82
C SER A 111 -1.74 6.14 -7.99
N LEU A 112 -0.61 6.47 -8.62
CA LEU A 112 0.49 7.26 -8.01
C LEU A 112 0.02 8.67 -7.61
N ALA A 113 -0.80 9.31 -8.47
CA ALA A 113 -1.21 10.71 -8.30
C ALA A 113 -1.95 10.95 -6.97
N ASP A 114 -2.80 9.99 -6.59
CA ASP A 114 -3.60 10.03 -5.35
C ASP A 114 -2.69 9.89 -4.11
N LEU A 115 -1.59 9.10 -4.24
CA LEU A 115 -0.58 8.91 -3.19
C LEU A 115 0.17 10.23 -2.91
N GLN A 116 0.73 10.78 -3.99
CA GLN A 116 1.62 11.97 -3.98
C GLN A 116 0.88 13.27 -3.63
N ALA A 117 -0.45 13.28 -3.89
CA ALA A 117 -1.34 14.42 -3.51
C ALA A 117 -1.37 14.68 -1.97
N HIS A 118 -1.05 13.67 -1.14
CA HIS A 118 -0.94 13.82 0.34
C HIS A 118 0.50 13.55 0.85
N ALA A 119 1.35 12.92 0.03
CA ALA A 119 2.80 12.79 0.32
C ALA A 119 3.56 14.07 -0.11
N LEU A 120 4.83 14.22 0.30
CA LEU A 120 5.62 15.47 0.07
C LEU A 120 5.94 15.67 -1.47
N PRO A 121 6.69 14.74 -2.15
CA PRO A 121 7.15 14.93 -3.54
C PRO A 121 6.11 14.50 -4.62
N VAL A 122 5.20 15.42 -4.97
CA VAL A 122 4.23 15.20 -6.07
C VAL A 122 4.89 15.44 -7.45
N LEU A 123 4.62 14.55 -8.42
CA LEU A 123 5.28 14.53 -9.74
C LEU A 123 4.22 14.18 -10.84
N GLU A 124 4.27 14.92 -11.97
CA GLU A 124 3.30 14.80 -13.10
C GLU A 124 3.56 13.55 -13.98
N HIS A 125 2.46 12.87 -14.37
CA HIS A 125 2.47 11.70 -15.29
C HIS A 125 1.45 11.90 -16.44
N HIS A 126 1.37 10.90 -17.35
CA HIS A 126 0.45 10.91 -18.51
C HIS A 126 -0.75 9.93 -18.30
N HIS A 127 -1.49 9.64 -19.40
CA HIS A 127 -2.72 8.82 -19.36
C HIS A 127 -2.42 7.32 -19.00
N HIS A 128 -3.23 6.75 -18.10
CA HIS A 128 -3.16 5.32 -17.70
C HIS A 128 -4.55 4.65 -17.82
N HIS A 129 -4.57 3.38 -18.27
CA HIS A 129 -5.82 2.61 -18.52
C HIS A 129 -5.49 1.11 -18.77
N HIS A 130 -6.54 0.26 -18.72
CA HIS A 130 -6.48 -1.19 -19.07
C HIS A 130 -5.70 -2.01 -17.99
N MET A 1 37.77 8.59 11.68
CA MET A 1 36.29 8.60 11.50
C MET A 1 35.89 9.25 10.14
N GLY A 2 34.58 9.44 9.92
CA GLY A 2 34.05 10.04 8.69
C GLY A 2 33.95 9.05 7.52
N GLN A 3 33.85 9.58 6.29
CA GLN A 3 33.73 8.77 5.05
C GLN A 3 33.91 9.66 3.80
N GLY A 4 33.81 9.02 2.62
CA GLY A 4 33.79 9.74 1.33
C GLY A 4 32.56 9.38 0.48
N GLN A 5 32.68 9.53 -0.85
CA GLN A 5 31.62 9.18 -1.82
C GLN A 5 31.78 7.70 -2.26
N ASN A 6 30.69 6.93 -2.18
CA ASN A 6 30.69 5.47 -2.46
C ASN A 6 29.72 5.12 -3.60
N VAL A 7 29.54 3.81 -3.85
CA VAL A 7 28.81 3.27 -5.02
C VAL A 7 27.29 3.05 -4.71
N LEU A 8 26.71 3.95 -3.89
CA LEU A 8 25.28 3.92 -3.52
C LEU A 8 24.35 4.50 -4.61
N GLY A 9 24.95 5.22 -5.59
CA GLY A 9 24.18 6.00 -6.59
C GLY A 9 24.48 5.64 -8.05
N GLN A 10 24.07 4.43 -8.48
CA GLN A 10 24.26 3.93 -9.86
C GLN A 10 23.06 3.05 -10.31
N ASP A 11 23.23 2.35 -11.44
CA ASP A 11 22.29 1.30 -11.95
C ASP A 11 20.96 1.92 -12.46
N LEU A 12 19.99 1.07 -12.88
CA LEU A 12 18.67 1.50 -13.40
C LEU A 12 17.83 2.23 -12.33
N GLU A 13 17.37 3.44 -12.66
CA GLU A 13 16.47 4.26 -11.79
C GLU A 13 14.99 4.04 -12.20
N VAL A 14 14.11 5.02 -11.95
CA VAL A 14 12.74 5.04 -12.51
C VAL A 14 12.74 5.75 -13.91
N CYS A 15 12.15 5.08 -14.92
CA CYS A 15 11.87 5.70 -16.26
C CYS A 15 10.36 5.60 -16.61
N CYS A 16 9.54 5.20 -15.62
CA CYS A 16 8.07 5.09 -15.79
C CYS A 16 7.40 6.47 -15.92
N CYS A 17 6.41 6.55 -16.83
CA CYS A 17 5.71 7.80 -17.19
C CYS A 17 6.70 8.83 -17.82
N ALA A 18 7.42 8.35 -18.87
CA ALA A 18 8.42 9.14 -19.66
C ALA A 18 9.74 9.40 -18.87
N PRO A 19 10.88 9.73 -19.59
CA PRO A 19 12.14 10.27 -18.97
C PRO A 19 11.96 11.49 -18.00
N MET A 20 10.73 12.04 -17.91
CA MET A 20 10.38 13.11 -16.95
C MET A 20 10.25 12.55 -15.50
N THR A 21 11.39 12.07 -14.96
CA THR A 21 11.46 11.35 -13.66
C THR A 21 12.64 11.86 -12.82
N GLY A 22 12.52 11.69 -11.50
CA GLY A 22 13.62 11.97 -10.57
C GLY A 22 14.44 10.72 -10.27
N TRP A 23 14.25 10.14 -9.07
CA TRP A 23 14.93 8.90 -8.66
C TRP A 23 14.06 8.16 -7.61
N TYR A 24 13.49 7.02 -8.03
CA TYR A 24 12.62 6.16 -7.16
C TYR A 24 13.03 4.69 -7.26
N ARG A 25 12.88 3.97 -6.14
CA ARG A 25 13.18 2.52 -6.05
C ARG A 25 12.07 1.69 -6.75
N ASN A 26 12.48 0.89 -7.77
CA ASN A 26 11.60 -0.06 -8.50
C ASN A 26 10.46 0.64 -9.33
N GLY A 27 10.36 1.99 -9.26
CA GLY A 27 9.20 2.75 -9.81
C GLY A 27 8.90 2.49 -11.29
N PHE A 28 9.92 2.03 -12.05
CA PHE A 28 9.76 1.62 -13.45
C PHE A 28 8.98 0.27 -13.56
N CYS A 29 9.43 -0.75 -12.82
CA CYS A 29 8.83 -2.12 -12.81
C CYS A 29 7.81 -2.29 -11.66
N GLN A 30 7.30 -3.52 -11.50
CA GLN A 30 6.48 -3.94 -10.33
C GLN A 30 7.04 -5.27 -9.75
N THR A 31 7.35 -5.29 -8.44
CA THR A 31 7.82 -6.50 -7.75
C THR A 31 6.62 -7.35 -7.28
N ASP A 32 6.27 -8.37 -8.08
CA ASP A 32 5.13 -9.29 -7.80
C ASP A 32 5.59 -10.57 -7.06
N VAL A 33 6.68 -10.44 -6.26
CA VAL A 33 7.36 -11.59 -5.58
C VAL A 33 7.96 -12.59 -6.62
N GLN A 34 7.10 -13.42 -7.23
CA GLN A 34 7.48 -14.40 -8.29
C GLN A 34 6.30 -14.64 -9.28
N ASP A 35 5.15 -14.02 -8.99
CA ASP A 35 3.88 -14.23 -9.71
C ASP A 35 3.89 -13.63 -11.14
N ARG A 36 4.65 -12.53 -11.32
CA ARG A 36 4.85 -11.85 -12.64
C ARG A 36 3.51 -11.30 -13.21
N GLY A 37 3.27 -10.00 -13.02
CA GLY A 37 1.99 -9.37 -13.42
C GLY A 37 0.87 -9.61 -12.41
N SER A 38 1.01 -9.00 -11.22
CA SER A 38 0.07 -9.16 -10.09
C SER A 38 -0.24 -7.77 -9.46
N HIS A 39 -0.87 -7.75 -8.26
CA HIS A 39 -1.17 -6.50 -7.54
C HIS A 39 -0.99 -6.69 -6.00
N THR A 40 -0.17 -5.82 -5.39
CA THR A 40 0.04 -5.77 -3.92
C THR A 40 0.13 -4.30 -3.47
N VAL A 41 -0.56 -3.95 -2.38
CA VAL A 41 -0.65 -2.56 -1.87
C VAL A 41 -0.09 -2.48 -0.44
N CYS A 42 1.05 -1.81 -0.28
CA CYS A 42 1.64 -1.53 1.04
C CYS A 42 1.45 -0.04 1.37
N ALA A 43 0.54 0.24 2.32
CA ALA A 43 0.17 1.60 2.72
C ALA A 43 -0.06 1.65 4.23
N GLU A 44 0.17 2.80 4.86
CA GLU A 44 0.13 2.92 6.32
C GLU A 44 -0.82 4.07 6.73
N MET A 45 -1.92 3.73 7.43
CA MET A 45 -2.99 4.70 7.78
C MET A 45 -2.84 5.20 9.24
N THR A 46 -3.34 6.43 9.50
CA THR A 46 -3.36 7.04 10.87
C THR A 46 -4.66 6.66 11.61
N GLU A 47 -4.63 6.72 12.96
CA GLU A 47 -5.78 6.34 13.83
C GLU A 47 -7.08 7.08 13.45
N GLU A 48 -6.91 8.32 12.96
CA GLU A 48 -8.02 9.16 12.44
C GLU A 48 -8.87 8.39 11.39
N PHE A 49 -8.18 7.69 10.47
CA PHE A 49 -8.84 6.88 9.43
C PHE A 49 -9.42 5.55 9.99
N LEU A 50 -8.63 4.80 10.79
CA LEU A 50 -9.10 3.47 11.26
C LEU A 50 -10.33 3.58 12.21
N LEU A 51 -10.41 4.67 12.98
CA LEU A 51 -11.59 5.00 13.81
C LEU A 51 -12.77 5.56 12.97
N PHE A 52 -12.46 6.30 11.88
CA PHE A 52 -13.49 6.74 10.87
C PHE A 52 -14.24 5.52 10.29
N SER A 53 -13.46 4.51 9.86
CA SER A 53 -13.98 3.27 9.26
C SER A 53 -14.71 2.39 10.31
N ARG A 54 -14.09 2.25 11.51
CA ARG A 54 -14.58 1.34 12.58
C ARG A 54 -15.85 1.85 13.30
N ASP A 55 -15.98 3.19 13.45
CA ASP A 55 -17.13 3.83 14.15
C ASP A 55 -18.47 3.56 13.43
N ARG A 56 -18.39 3.47 12.09
CA ARG A 56 -19.56 3.17 11.24
C ARG A 56 -19.06 2.60 9.88
N GLY A 57 -18.91 1.25 9.80
CA GLY A 57 -18.49 0.58 8.55
C GLY A 57 -17.65 -0.69 8.79
N ASN A 58 -16.31 -0.59 8.64
CA ASN A 58 -15.38 -1.74 8.71
C ASN A 58 -14.45 -1.63 9.95
N ASP A 59 -14.41 -2.67 10.80
CA ASP A 59 -13.53 -2.70 12.01
C ASP A 59 -12.03 -2.55 11.63
N LEU A 60 -11.49 -3.58 10.93
CA LEU A 60 -10.09 -3.63 10.37
C LEU A 60 -8.98 -3.83 11.45
N MET A 61 -9.05 -3.02 12.52
CA MET A 61 -7.93 -2.76 13.45
C MET A 61 -7.34 -4.04 14.08
N THR A 62 -8.14 -4.73 14.92
CA THR A 62 -7.70 -5.99 15.57
C THR A 62 -8.90 -6.95 15.77
N PRO A 63 -9.17 -7.83 14.76
CA PRO A 63 -10.03 -9.03 14.93
C PRO A 63 -9.23 -10.24 15.47
N ARG A 64 -9.87 -11.42 15.57
CA ARG A 64 -9.21 -12.65 16.07
C ARG A 64 -9.94 -13.93 15.59
N PRO A 65 -9.36 -14.70 14.61
CA PRO A 65 -9.93 -15.99 14.15
C PRO A 65 -9.65 -17.16 15.14
N GLU A 66 -8.45 -17.17 15.75
CA GLU A 66 -7.98 -18.26 16.65
C GLU A 66 -7.46 -17.65 17.97
N PHE A 67 -6.22 -17.10 17.94
CA PHE A 67 -5.60 -16.38 19.07
C PHE A 67 -4.52 -15.40 18.56
N ASN A 68 -3.39 -15.95 18.07
CA ASN A 68 -2.25 -15.14 17.58
C ASN A 68 -2.45 -14.77 16.09
N PHE A 69 -3.32 -13.77 15.84
CA PHE A 69 -3.55 -13.19 14.50
C PHE A 69 -4.46 -11.92 14.62
N PRO A 70 -3.89 -10.69 14.46
CA PRO A 70 -4.69 -9.44 14.36
C PRO A 70 -5.04 -9.08 12.90
N GLY A 71 -5.39 -7.79 12.66
CA GLY A 71 -5.66 -7.30 11.29
C GLY A 71 -4.67 -6.20 10.87
N LEU A 72 -5.14 -4.94 10.91
CA LEU A 72 -4.35 -3.76 10.47
C LEU A 72 -4.93 -2.47 11.11
N LYS A 73 -4.11 -1.77 11.91
CA LYS A 73 -4.54 -0.56 12.67
C LYS A 73 -3.54 0.62 12.45
N ALA A 74 -3.57 1.63 13.34
CA ALA A 74 -2.77 2.87 13.22
C ALA A 74 -1.24 2.60 13.25
N GLY A 75 -0.58 2.96 12.12
CA GLY A 75 0.86 2.76 11.94
C GLY A 75 1.22 1.32 11.56
N ASP A 76 0.36 0.67 10.74
CA ASP A 76 0.60 -0.69 10.21
C ASP A 76 0.67 -0.67 8.66
N ARG A 77 1.90 -0.66 8.12
CA ARG A 77 2.14 -0.94 6.69
C ARG A 77 2.03 -2.47 6.46
N TRP A 78 0.80 -2.94 6.21
CA TRP A 78 0.49 -4.40 6.09
C TRP A 78 -0.98 -4.62 5.68
N CYS A 79 -1.18 -5.41 4.60
CA CYS A 79 -2.52 -5.90 4.14
C CYS A 79 -3.52 -4.76 3.80
N LEU A 80 -3.02 -3.52 3.62
CA LEU A 80 -3.89 -2.35 3.37
C LEU A 80 -4.41 -2.39 1.92
N CYS A 81 -5.72 -2.68 1.78
CA CYS A 81 -6.40 -2.73 0.47
C CYS A 81 -6.43 -1.33 -0.20
N ALA A 82 -6.12 -1.29 -1.51
CA ALA A 82 -6.04 -0.05 -2.31
C ALA A 82 -7.31 0.83 -2.19
N SER A 83 -8.48 0.18 -2.36
CA SER A 83 -9.81 0.85 -2.29
C SER A 83 -10.05 1.56 -0.93
N ARG A 84 -9.44 1.03 0.15
CA ARG A 84 -9.61 1.54 1.53
C ARG A 84 -8.93 2.94 1.68
N TRP A 85 -7.65 3.02 1.28
CA TRP A 85 -6.89 4.31 1.19
C TRP A 85 -7.53 5.25 0.14
N GLN A 86 -7.94 4.67 -0.99
CA GLN A 86 -8.52 5.41 -2.15
C GLN A 86 -9.78 6.22 -1.76
N GLU A 87 -10.64 5.60 -0.94
CA GLU A 87 -11.87 6.27 -0.44
C GLU A 87 -11.54 7.50 0.43
N ALA A 88 -10.46 7.40 1.23
CA ALA A 88 -10.04 8.46 2.17
C ALA A 88 -9.71 9.77 1.45
N PHE A 89 -9.05 9.66 0.27
CA PHE A 89 -8.75 10.81 -0.60
C PHE A 89 -10.04 11.39 -1.22
N GLU A 90 -10.85 10.52 -1.83
CA GLU A 90 -12.08 10.92 -2.57
C GLU A 90 -13.17 11.51 -1.63
N ALA A 91 -13.07 11.21 -0.33
CA ALA A 91 -13.93 11.82 0.71
C ALA A 91 -13.32 13.14 1.26
N GLY A 92 -11.98 13.27 1.20
CA GLY A 92 -11.31 14.55 1.52
C GLY A 92 -10.15 14.47 2.53
N MET A 93 -10.11 13.41 3.36
CA MET A 93 -9.10 13.28 4.45
C MET A 93 -7.70 12.97 3.88
N ALA A 94 -7.55 11.76 3.31
CA ALA A 94 -6.27 11.24 2.76
C ALA A 94 -5.09 11.26 3.79
N PRO A 95 -5.02 10.25 4.71
CA PRO A 95 -3.88 10.06 5.67
C PRO A 95 -2.46 10.00 5.03
N PRO A 96 -1.36 10.16 5.87
CA PRO A 96 0.05 10.01 5.40
C PRO A 96 0.37 8.57 4.93
N VAL A 97 0.42 8.36 3.60
CA VAL A 97 0.71 7.04 2.98
C VAL A 97 2.24 6.92 2.68
N VAL A 98 2.79 5.74 2.97
CA VAL A 98 4.25 5.49 2.93
C VAL A 98 4.79 5.26 1.47
N LEU A 99 5.16 6.38 0.81
CA LEU A 99 5.67 6.40 -0.61
C LEU A 99 6.95 5.56 -0.82
N GLN A 100 7.84 5.52 0.19
CA GLN A 100 9.12 4.74 0.13
C GLN A 100 8.89 3.20 0.20
N SER A 101 7.66 2.78 0.56
CA SER A 101 7.32 1.35 0.75
C SER A 101 6.06 0.94 -0.05
N THR A 102 5.35 1.90 -0.68
CA THR A 102 4.18 1.60 -1.54
C THR A 102 4.65 0.97 -2.87
N GLU A 103 4.16 -0.25 -3.16
CA GLU A 103 4.49 -0.98 -4.40
C GLU A 103 3.94 -0.24 -5.66
N LYS A 104 4.63 -0.39 -6.80
CA LYS A 104 4.21 0.20 -8.08
C LYS A 104 2.91 -0.48 -8.61
N SER A 105 2.76 -1.80 -8.35
CA SER A 105 1.53 -2.55 -8.71
C SER A 105 0.28 -2.00 -7.98
N ALA A 106 0.47 -1.32 -6.82
CA ALA A 106 -0.62 -0.61 -6.10
C ALA A 106 -1.29 0.49 -6.98
N LEU A 107 -0.49 1.17 -7.82
CA LEU A 107 -0.94 2.26 -8.76
C LEU A 107 -2.08 1.82 -9.73
N ARG A 108 -2.31 0.50 -9.81
CA ARG A 108 -3.36 -0.11 -10.68
C ARG A 108 -4.78 0.35 -10.30
N TYR A 109 -4.98 0.55 -8.99
CA TYR A 109 -6.27 0.92 -8.38
C TYR A 109 -6.23 2.38 -7.87
N VAL A 110 -5.00 2.84 -7.66
CA VAL A 110 -4.68 3.98 -6.81
C VAL A 110 -4.20 5.22 -7.61
N SER A 111 -3.19 4.98 -8.50
CA SER A 111 -2.41 6.03 -9.20
C SER A 111 -1.45 6.80 -8.26
N LEU A 112 -0.24 7.09 -8.78
CA LEU A 112 0.84 7.80 -8.03
C LEU A 112 0.44 9.23 -7.57
N ALA A 113 -0.28 9.98 -8.43
CA ALA A 113 -0.71 11.37 -8.13
C ALA A 113 -1.60 11.42 -6.86
N ASP A 114 -2.37 10.35 -6.65
CA ASP A 114 -3.21 10.15 -5.44
C ASP A 114 -2.35 10.06 -4.16
N LEU A 115 -1.16 9.43 -4.29
CA LEU A 115 -0.21 9.18 -3.19
C LEU A 115 0.54 10.48 -2.81
N GLN A 116 1.11 11.12 -3.84
CA GLN A 116 1.97 12.32 -3.73
C GLN A 116 1.17 13.57 -3.34
N ALA A 117 -0.14 13.54 -3.62
CA ALA A 117 -1.11 14.56 -3.16
C ALA A 117 -1.04 14.86 -1.63
N HIS A 118 -0.61 13.85 -0.83
CA HIS A 118 -0.40 14.01 0.65
C HIS A 118 1.00 13.51 1.10
N ALA A 119 1.96 13.46 0.16
CA ALA A 119 3.38 13.14 0.45
C ALA A 119 4.33 13.96 -0.44
N LEU A 120 5.62 13.54 -0.53
CA LEU A 120 6.62 14.23 -1.39
C LEU A 120 6.35 13.94 -2.91
N PRO A 121 6.39 15.01 -3.78
CA PRO A 121 6.08 14.89 -5.22
C PRO A 121 7.31 14.53 -6.11
N VAL A 122 7.04 14.09 -7.35
CA VAL A 122 8.08 13.61 -8.27
C VAL A 122 8.84 14.78 -8.95
N LEU A 123 10.12 14.94 -8.56
CA LEU A 123 11.09 15.82 -9.25
C LEU A 123 11.39 15.23 -10.65
N GLU A 124 11.76 16.07 -11.63
CA GLU A 124 12.12 15.60 -13.00
C GLU A 124 13.54 16.03 -13.40
N HIS A 125 14.25 15.14 -14.11
CA HIS A 125 15.61 15.42 -14.66
C HIS A 125 15.54 15.74 -16.17
N HIS A 126 14.71 15.00 -16.93
CA HIS A 126 14.51 15.23 -18.39
C HIS A 126 13.07 15.69 -18.68
N HIS A 127 12.82 17.01 -18.67
CA HIS A 127 11.53 17.59 -19.10
C HIS A 127 11.46 17.68 -20.65
N HIS A 128 12.63 17.56 -21.32
CA HIS A 128 12.75 17.53 -22.80
C HIS A 128 13.16 16.12 -23.30
N HIS A 129 13.05 15.92 -24.63
CA HIS A 129 13.42 14.64 -25.29
C HIS A 129 13.88 14.86 -26.76
N HIS A 130 14.46 13.79 -27.36
CA HIS A 130 14.85 13.77 -28.79
C HIS A 130 13.61 13.86 -29.75
N MET A 1 4.72 -34.16 -23.03
CA MET A 1 4.54 -33.84 -24.48
C MET A 1 3.70 -32.55 -24.68
N GLY A 2 3.74 -32.00 -25.91
CA GLY A 2 2.93 -30.82 -26.28
C GLY A 2 3.30 -29.54 -25.53
N GLN A 3 4.61 -29.25 -25.46
CA GLN A 3 5.14 -28.04 -24.79
C GLN A 3 6.00 -27.21 -25.78
N GLY A 4 5.39 -26.15 -26.34
CA GLY A 4 6.09 -25.20 -27.21
C GLY A 4 6.65 -23.99 -26.44
N GLN A 5 7.20 -23.01 -27.18
CA GLN A 5 7.79 -21.79 -26.59
C GLN A 5 6.72 -20.66 -26.47
N ASN A 6 6.77 -19.91 -25.35
CA ASN A 6 5.89 -18.74 -25.10
C ASN A 6 6.71 -17.44 -25.14
N VAL A 7 6.04 -16.31 -25.46
CA VAL A 7 6.68 -14.96 -25.50
C VAL A 7 7.13 -14.52 -24.08
N LEU A 8 6.43 -15.07 -23.08
CA LEU A 8 6.61 -14.78 -21.66
C LEU A 8 7.91 -15.41 -21.10
N GLY A 9 8.41 -16.43 -21.83
CA GLY A 9 9.66 -17.14 -21.47
C GLY A 9 10.94 -16.33 -21.76
N GLN A 10 10.84 -15.23 -22.54
CA GLN A 10 12.01 -14.38 -22.89
C GLN A 10 11.57 -12.92 -23.18
N ASP A 11 12.21 -11.96 -22.50
CA ASP A 11 11.89 -10.51 -22.62
C ASP A 11 13.04 -9.64 -22.00
N LEU A 12 12.91 -8.28 -22.07
CA LEU A 12 13.89 -7.33 -21.49
C LEU A 12 14.10 -7.56 -19.97
N GLU A 13 15.38 -7.65 -19.56
CA GLU A 13 15.79 -7.90 -18.16
C GLU A 13 15.91 -6.57 -17.35
N VAL A 14 16.32 -6.69 -16.07
CA VAL A 14 16.46 -5.53 -15.17
C VAL A 14 17.63 -4.59 -15.60
N CYS A 15 17.33 -3.27 -15.59
CA CYS A 15 18.33 -2.22 -15.90
C CYS A 15 19.15 -1.87 -14.63
N CYS A 16 18.41 -1.47 -13.56
CA CYS A 16 18.92 -1.27 -12.18
C CYS A 16 19.72 0.05 -11.97
N CYS A 17 20.63 0.41 -12.90
CA CYS A 17 21.56 1.56 -12.77
C CYS A 17 20.82 2.91 -12.63
N ALA A 18 19.78 3.11 -13.44
CA ALA A 18 18.95 4.35 -13.41
C ALA A 18 17.54 4.06 -12.82
N PRO A 19 16.99 4.96 -11.94
CA PRO A 19 15.60 4.83 -11.42
C PRO A 19 14.53 4.88 -12.54
N MET A 20 14.59 5.93 -13.37
CA MET A 20 13.64 6.13 -14.50
C MET A 20 14.10 5.32 -15.74
N THR A 21 13.64 4.05 -15.82
CA THR A 21 13.94 3.14 -16.96
C THR A 21 12.63 2.51 -17.48
N GLY A 22 11.87 3.31 -18.26
CA GLY A 22 10.55 2.90 -18.79
C GLY A 22 9.41 3.17 -17.80
N TRP A 23 9.68 2.85 -16.50
CA TRP A 23 8.78 3.12 -15.34
C TRP A 23 7.64 2.06 -15.22
N TYR A 24 7.03 1.70 -16.37
CA TYR A 24 6.02 0.62 -16.47
C TYR A 24 6.71 -0.78 -16.62
N ARG A 25 7.64 -1.06 -15.69
CA ARG A 25 8.41 -2.34 -15.59
C ARG A 25 9.13 -2.72 -16.92
N ASN A 26 9.87 -1.77 -17.52
CA ASN A 26 10.74 -2.04 -18.70
C ASN A 26 12.04 -2.75 -18.27
N GLY A 27 12.67 -2.19 -17.23
CA GLY A 27 13.88 -2.79 -16.63
C GLY A 27 13.84 -2.73 -15.11
N PHE A 28 14.00 -1.51 -14.56
CA PHE A 28 13.92 -1.26 -13.11
C PHE A 28 12.54 -0.64 -12.75
N CYS A 29 11.94 -1.11 -11.65
CA CYS A 29 10.65 -0.59 -11.11
C CYS A 29 10.50 -0.95 -9.62
N GLN A 30 9.69 -0.15 -8.88
CA GLN A 30 9.41 -0.39 -7.44
C GLN A 30 8.24 -1.39 -7.29
N THR A 31 8.51 -2.68 -7.63
CA THR A 31 7.57 -3.81 -7.43
C THR A 31 8.27 -5.15 -7.81
N ASP A 32 8.62 -5.32 -9.10
CA ASP A 32 9.23 -6.54 -9.63
C ASP A 32 10.73 -6.31 -9.92
N VAL A 33 11.60 -7.09 -9.26
CA VAL A 33 13.06 -7.03 -9.46
C VAL A 33 13.48 -7.70 -10.80
N GLN A 34 12.78 -8.81 -11.14
CA GLN A 34 13.04 -9.63 -12.34
C GLN A 34 12.03 -10.81 -12.40
N ASP A 35 12.03 -11.64 -11.32
CA ASP A 35 11.09 -12.79 -11.16
C ASP A 35 9.62 -12.31 -10.98
N ARG A 36 8.67 -13.20 -11.33
CA ARG A 36 7.22 -12.93 -11.28
C ARG A 36 6.74 -12.57 -9.83
N GLY A 37 6.14 -11.38 -9.69
CA GLY A 37 5.55 -10.92 -8.43
C GLY A 37 4.14 -10.36 -8.64
N SER A 38 4.06 -9.00 -8.83
CA SER A 38 2.78 -8.25 -9.05
C SER A 38 1.77 -8.34 -7.86
N HIS A 39 0.71 -7.50 -7.92
CA HIS A 39 -0.36 -7.41 -6.87
C HIS A 39 0.21 -7.04 -5.46
N THR A 40 1.28 -6.23 -5.47
CA THR A 40 2.03 -5.81 -4.26
C THR A 40 1.62 -4.39 -3.78
N VAL A 41 1.03 -4.28 -2.57
CA VAL A 41 0.68 -2.96 -1.96
C VAL A 41 1.04 -2.92 -0.44
N CYS A 42 1.94 -2.00 -0.07
CA CYS A 42 2.24 -1.64 1.34
C CYS A 42 1.85 -0.16 1.55
N ALA A 43 0.76 0.10 2.28
CA ALA A 43 0.24 1.48 2.50
C ALA A 43 -0.16 1.62 3.96
N GLU A 44 -0.04 2.83 4.53
CA GLU A 44 -0.24 3.01 5.98
C GLU A 44 -1.46 3.90 6.27
N MET A 45 -2.46 3.32 6.94
CA MET A 45 -3.66 4.04 7.41
C MET A 45 -3.54 4.29 8.91
N THR A 46 -3.62 5.56 9.32
CA THR A 46 -3.54 5.96 10.73
C THR A 46 -4.90 5.78 11.42
N GLU A 47 -4.89 5.86 12.76
CA GLU A 47 -6.13 5.72 13.59
C GLU A 47 -7.17 6.77 13.20
N GLU A 48 -6.69 7.94 12.73
CA GLU A 48 -7.52 9.04 12.25
C GLU A 48 -8.61 8.57 11.23
N PHE A 49 -8.19 7.91 10.11
CA PHE A 49 -9.16 7.37 9.12
C PHE A 49 -9.95 6.15 9.67
N LEU A 50 -9.30 5.27 10.44
CA LEU A 50 -9.95 4.06 11.00
C LEU A 50 -11.04 4.44 12.05
N LEU A 51 -10.89 5.63 12.67
CA LEU A 51 -11.91 6.24 13.57
C LEU A 51 -13.10 6.81 12.75
N PHE A 52 -12.80 7.35 11.55
CA PHE A 52 -13.82 7.78 10.58
C PHE A 52 -14.70 6.57 10.14
N SER A 53 -14.02 5.50 9.73
CA SER A 53 -14.65 4.21 9.34
C SER A 53 -15.48 3.61 10.49
N ARG A 54 -15.00 3.84 11.74
CA ARG A 54 -15.70 3.43 12.96
C ARG A 54 -17.09 4.12 13.10
N ASP A 55 -17.15 5.47 12.98
CA ASP A 55 -18.44 6.21 13.08
C ASP A 55 -19.30 6.06 11.80
N ARG A 56 -18.71 5.53 10.70
CA ARG A 56 -19.46 5.19 9.46
C ARG A 56 -20.24 3.85 9.60
N GLY A 57 -19.94 3.05 10.65
CA GLY A 57 -20.69 1.80 10.94
C GLY A 57 -19.83 0.61 11.39
N ASN A 58 -18.53 0.82 11.61
CA ASN A 58 -17.57 -0.26 12.01
C ASN A 58 -16.97 -0.01 13.41
N ASP A 59 -15.96 -0.83 13.78
CA ASP A 59 -15.13 -0.63 15.00
C ASP A 59 -13.78 -1.38 14.83
N LEU A 60 -12.81 -0.69 14.21
CA LEU A 60 -11.49 -1.27 13.86
C LEU A 60 -10.59 -1.42 15.11
N MET A 61 -10.83 -0.57 16.12
CA MET A 61 -10.16 -0.66 17.45
C MET A 61 -10.75 -1.81 18.26
N THR A 62 -12.06 -2.07 18.03
CA THR A 62 -12.83 -3.16 18.65
C THR A 62 -12.93 -2.97 20.20
N PRO A 63 -13.92 -2.16 20.70
CA PRO A 63 -14.23 -2.04 22.15
C PRO A 63 -15.21 -3.16 22.59
N ARG A 64 -14.89 -4.38 22.15
CA ARG A 64 -15.82 -5.51 22.08
C ARG A 64 -15.10 -6.81 22.54
N PRO A 65 -15.73 -7.64 23.44
CA PRO A 65 -15.11 -8.91 23.93
C PRO A 65 -15.03 -10.02 22.83
N GLU A 66 -15.91 -9.91 21.81
CA GLU A 66 -15.95 -10.87 20.68
C GLU A 66 -14.78 -10.64 19.69
N PHE A 67 -14.43 -11.70 18.93
CA PHE A 67 -13.19 -11.75 18.12
C PHE A 67 -13.42 -11.20 16.68
N ASN A 68 -13.99 -9.98 16.60
CA ASN A 68 -14.30 -9.31 15.31
C ASN A 68 -13.15 -8.38 14.84
N PHE A 69 -12.06 -8.29 15.63
CA PHE A 69 -10.88 -7.44 15.32
C PHE A 69 -10.06 -7.99 14.12
N PRO A 70 -9.67 -7.13 13.12
CA PRO A 70 -8.74 -7.53 12.03
C PRO A 70 -7.24 -7.49 12.47
N GLY A 71 -6.39 -8.30 11.80
CA GLY A 71 -4.94 -8.40 12.13
C GLY A 71 -4.16 -7.10 11.92
N LEU A 72 -4.51 -6.34 10.86
CA LEU A 72 -3.90 -5.04 10.55
C LEU A 72 -4.41 -3.94 11.53
N LYS A 73 -3.48 -3.29 12.23
CA LYS A 73 -3.78 -2.23 13.19
C LYS A 73 -3.57 -0.83 12.55
N ALA A 74 -3.95 0.21 13.31
CA ALA A 74 -3.81 1.61 12.86
C ALA A 74 -2.33 2.05 12.88
N GLY A 75 -1.73 2.15 11.67
CA GLY A 75 -0.33 2.52 11.50
C GLY A 75 0.56 1.36 11.05
N ASP A 76 -0.02 0.36 10.34
CA ASP A 76 0.74 -0.72 9.68
C ASP A 76 0.79 -0.51 8.15
N ARG A 77 2.00 -0.21 7.64
CA ARG A 77 2.29 -0.29 6.19
C ARG A 77 2.65 -1.75 5.83
N TRP A 78 1.60 -2.54 5.51
CA TRP A 78 1.71 -3.99 5.28
C TRP A 78 0.38 -4.56 4.75
N CYS A 79 0.41 -5.18 3.54
CA CYS A 79 -0.72 -5.96 2.95
C CYS A 79 -2.06 -5.15 2.87
N LEU A 80 -1.96 -3.81 2.94
CA LEU A 80 -3.13 -2.91 2.97
C LEU A 80 -3.80 -2.89 1.58
N CYS A 81 -5.11 -3.21 1.55
CA CYS A 81 -5.93 -3.12 0.33
C CYS A 81 -6.00 -1.66 -0.17
N ALA A 82 -5.36 -1.39 -1.32
CA ALA A 82 -5.14 -0.02 -1.86
C ALA A 82 -6.46 0.79 -2.08
N SER A 83 -7.57 0.07 -2.31
CA SER A 83 -8.92 0.69 -2.47
C SER A 83 -9.44 1.30 -1.14
N ARG A 84 -9.04 0.70 0.00
CA ARG A 84 -9.37 1.22 1.36
C ARG A 84 -8.55 2.50 1.69
N TRP A 85 -7.33 2.58 1.14
CA TRP A 85 -6.48 3.80 1.19
C TRP A 85 -7.13 4.93 0.34
N GLN A 86 -7.43 4.61 -0.93
CA GLN A 86 -8.10 5.54 -1.87
C GLN A 86 -9.48 6.02 -1.34
N GLU A 87 -10.18 5.13 -0.62
CA GLU A 87 -11.47 5.45 0.05
C GLU A 87 -11.35 6.72 0.95
N ALA A 88 -10.21 6.83 1.65
CA ALA A 88 -9.93 7.96 2.56
C ALA A 88 -9.79 9.32 1.83
N PHE A 89 -9.20 9.30 0.62
CA PHE A 89 -9.12 10.50 -0.24
C PHE A 89 -10.54 10.91 -0.74
N GLU A 90 -11.28 9.90 -1.20
CA GLU A 90 -12.68 10.07 -1.68
C GLU A 90 -13.64 10.47 -0.53
N ALA A 91 -13.20 10.21 0.72
CA ALA A 91 -13.87 10.66 1.96
C ALA A 91 -13.46 12.12 2.31
N GLY A 92 -12.25 12.53 1.86
CA GLY A 92 -11.74 13.89 2.08
C GLY A 92 -10.54 13.95 3.04
N MET A 93 -10.27 12.84 3.75
CA MET A 93 -9.22 12.77 4.81
C MET A 93 -7.84 12.35 4.21
N ALA A 94 -7.66 11.02 4.02
CA ALA A 94 -6.41 10.39 3.52
C ALA A 94 -5.16 10.65 4.42
N PRO A 95 -4.78 9.66 5.30
CA PRO A 95 -3.50 9.67 6.09
C PRO A 95 -2.20 9.78 5.23
N PRO A 96 -1.01 10.09 5.85
CA PRO A 96 0.30 10.03 5.13
C PRO A 96 0.71 8.58 4.69
N VAL A 97 1.06 8.42 3.41
CA VAL A 97 1.47 7.11 2.83
C VAL A 97 2.95 7.16 2.34
N VAL A 98 3.61 6.00 2.36
CA VAL A 98 5.05 5.85 2.10
C VAL A 98 5.40 5.66 0.59
N LEU A 99 5.79 6.73 -0.12
CA LEU A 99 6.30 6.61 -1.53
C LEU A 99 7.57 5.71 -1.63
N GLN A 100 8.31 5.60 -0.52
CA GLN A 100 9.52 4.77 -0.41
C GLN A 100 9.22 3.24 -0.48
N SER A 101 8.03 2.81 0.02
CA SER A 101 7.66 1.37 0.11
C SER A 101 6.47 1.01 -0.79
N THR A 102 5.39 1.84 -0.75
CA THR A 102 4.17 1.66 -1.59
C THR A 102 4.52 1.40 -3.10
N GLU A 103 4.23 0.17 -3.56
CA GLU A 103 4.69 -0.32 -4.88
C GLU A 103 3.79 0.12 -6.06
N LYS A 104 4.23 -0.23 -7.30
CA LYS A 104 3.58 0.19 -8.56
C LYS A 104 2.19 -0.44 -8.76
N SER A 105 1.92 -1.55 -8.07
CA SER A 105 0.59 -2.20 -8.11
C SER A 105 -0.49 -1.34 -7.42
N ALA A 106 -0.10 -0.55 -6.41
CA ALA A 106 -1.03 0.38 -5.70
C ALA A 106 -1.63 1.45 -6.66
N LEU A 107 -0.85 1.84 -7.69
CA LEU A 107 -1.27 2.79 -8.75
C LEU A 107 -2.49 2.26 -9.56
N ARG A 108 -2.61 0.93 -9.63
CA ARG A 108 -3.67 0.24 -10.40
C ARG A 108 -5.06 0.31 -9.68
N TYR A 109 -5.08 0.86 -8.46
CA TYR A 109 -6.30 1.01 -7.64
C TYR A 109 -6.55 2.50 -7.30
N VAL A 110 -5.48 3.22 -6.89
CA VAL A 110 -5.60 4.62 -6.37
C VAL A 110 -5.12 5.66 -7.41
N SER A 111 -4.09 5.25 -8.17
CA SER A 111 -3.25 6.11 -9.05
C SER A 111 -2.25 6.93 -8.21
N LEU A 112 -0.99 6.97 -8.68
CA LEU A 112 0.14 7.65 -7.99
C LEU A 112 -0.21 9.06 -7.45
N ALA A 113 -1.17 9.75 -8.09
CA ALA A 113 -1.61 11.10 -7.70
C ALA A 113 -2.10 11.18 -6.23
N ASP A 114 -2.79 10.13 -5.72
CA ASP A 114 -3.24 10.09 -4.31
C ASP A 114 -2.03 9.84 -3.35
N LEU A 115 -1.13 8.95 -3.77
CA LEU A 115 0.12 8.63 -3.02
C LEU A 115 0.99 9.89 -2.79
N GLN A 116 1.17 10.67 -3.86
CA GLN A 116 2.01 11.89 -3.85
C GLN A 116 1.30 13.07 -3.16
N ALA A 117 -0.03 13.15 -3.30
CA ALA A 117 -0.88 14.14 -2.58
C ALA A 117 -0.73 14.02 -1.04
N HIS A 118 -0.40 12.81 -0.54
CA HIS A 118 -0.28 12.51 0.91
C HIS A 118 1.09 11.88 1.25
N ALA A 119 2.10 12.18 0.43
CA ALA A 119 3.49 11.79 0.70
C ALA A 119 4.12 12.70 1.80
N LEU A 120 5.17 12.20 2.48
CA LEU A 120 5.95 13.00 3.45
C LEU A 120 6.84 14.04 2.74
N PRO A 121 7.07 15.25 3.36
CA PRO A 121 7.86 16.36 2.74
C PRO A 121 9.32 15.96 2.41
N VAL A 122 9.68 15.97 1.11
CA VAL A 122 11.01 15.56 0.58
C VAL A 122 11.28 14.04 0.80
N LEU A 123 11.25 13.26 -0.29
CA LEU A 123 11.53 11.80 -0.26
C LEU A 123 13.03 11.54 -0.04
N GLU A 124 13.85 12.12 -0.92
CA GLU A 124 15.32 11.99 -0.91
C GLU A 124 15.99 13.38 -0.98
N HIS A 125 17.14 13.52 -0.28
CA HIS A 125 17.92 14.77 -0.27
C HIS A 125 18.65 14.97 -1.63
N HIS A 126 17.98 15.67 -2.57
CA HIS A 126 18.52 15.93 -3.92
C HIS A 126 19.73 16.91 -3.89
N HIS A 127 20.74 16.56 -4.71
CA HIS A 127 22.07 17.21 -4.72
C HIS A 127 22.68 17.11 -6.15
N HIS A 128 23.24 18.22 -6.66
CA HIS A 128 23.82 18.30 -8.04
C HIS A 128 22.72 17.96 -9.11
N HIS A 129 21.49 18.45 -8.84
CA HIS A 129 20.28 18.27 -9.69
C HIS A 129 19.74 16.80 -9.70
N HIS A 130 20.33 15.91 -8.87
CA HIS A 130 19.88 14.49 -8.70
C HIS A 130 20.53 13.84 -7.42
N MET A 1 17.54 -16.82 -13.53
CA MET A 1 16.43 -17.71 -13.08
C MET A 1 16.92 -18.71 -12.01
N GLY A 2 16.00 -19.20 -11.18
CA GLY A 2 16.31 -20.18 -10.13
C GLY A 2 15.90 -21.61 -10.52
N GLN A 3 14.70 -22.03 -10.08
CA GLN A 3 14.14 -23.38 -10.33
C GLN A 3 13.76 -23.54 -11.85
N GLY A 4 13.75 -24.80 -12.35
CA GLY A 4 13.55 -25.11 -13.79
C GLY A 4 12.11 -24.91 -14.31
N GLN A 5 11.68 -25.76 -15.26
CA GLN A 5 10.34 -25.63 -15.90
C GLN A 5 9.76 -27.01 -16.31
N ASN A 6 8.42 -27.10 -16.33
CA ASN A 6 7.69 -28.37 -16.62
C ASN A 6 6.99 -28.32 -18.01
N VAL A 7 6.16 -29.35 -18.31
CA VAL A 7 5.42 -29.48 -19.61
C VAL A 7 4.22 -28.50 -19.70
N LEU A 8 3.94 -27.82 -18.58
CA LEU A 8 2.71 -27.05 -18.32
C LEU A 8 2.58 -25.79 -19.23
N GLY A 9 3.73 -25.30 -19.73
CA GLY A 9 3.78 -24.06 -20.54
C GLY A 9 3.97 -22.84 -19.66
N GLN A 10 3.01 -22.61 -18.75
CA GLN A 10 3.06 -21.54 -17.74
C GLN A 10 2.24 -21.97 -16.48
N ASP A 11 2.77 -21.65 -15.29
CA ASP A 11 2.19 -22.12 -13.99
C ASP A 11 2.33 -21.02 -12.91
N LEU A 12 1.57 -21.14 -11.80
CA LEU A 12 1.51 -20.08 -10.76
C LEU A 12 1.14 -20.70 -9.37
N GLU A 13 2.18 -21.16 -8.63
CA GLU A 13 2.02 -21.72 -7.25
C GLU A 13 2.34 -20.65 -6.18
N VAL A 14 1.32 -19.87 -5.80
CA VAL A 14 1.47 -18.69 -4.89
C VAL A 14 0.89 -18.97 -3.48
N CYS A 15 1.38 -18.20 -2.49
CA CYS A 15 0.76 -18.14 -1.15
C CYS A 15 0.60 -16.67 -0.72
N CYS A 16 1.72 -15.89 -0.81
CA CYS A 16 1.74 -14.42 -0.54
C CYS A 16 1.20 -14.03 0.89
N CYS A 17 1.04 -12.71 1.16
CA CYS A 17 0.44 -12.14 2.42
C CYS A 17 1.41 -12.26 3.63
N ALA A 18 1.75 -13.49 4.03
CA ALA A 18 2.76 -13.76 5.07
C ALA A 18 4.21 -13.48 4.54
N PRO A 19 5.15 -12.97 5.41
CA PRO A 19 6.57 -12.70 5.01
C PRO A 19 7.30 -13.92 4.36
N MET A 20 7.54 -13.81 3.04
CA MET A 20 8.24 -14.82 2.21
C MET A 20 7.54 -16.22 2.23
N THR A 21 6.54 -16.39 1.35
CA THR A 21 5.81 -17.67 1.19
C THR A 21 5.20 -17.79 -0.24
N GLY A 22 5.06 -19.03 -0.73
CA GLY A 22 4.71 -19.29 -2.14
C GLY A 22 5.96 -19.35 -3.04
N TRP A 23 5.91 -20.16 -4.10
CA TRP A 23 7.05 -20.34 -5.03
C TRP A 23 7.41 -19.03 -5.76
N TYR A 24 8.60 -18.51 -5.43
CA TYR A 24 9.14 -17.23 -5.93
C TYR A 24 9.53 -17.29 -7.44
N ARG A 25 9.57 -18.51 -7.99
CA ARG A 25 9.89 -18.77 -9.41
C ARG A 25 8.66 -18.46 -10.31
N ASN A 26 7.54 -19.18 -10.07
CA ASN A 26 6.34 -19.19 -10.95
C ASN A 26 5.10 -18.54 -10.27
N GLY A 27 5.00 -18.67 -8.94
CA GLY A 27 3.84 -18.21 -8.19
C GLY A 27 3.90 -16.74 -7.76
N PHE A 28 4.56 -16.50 -6.61
CA PHE A 28 4.67 -15.14 -6.00
C PHE A 28 5.44 -14.17 -6.95
N CYS A 29 6.67 -14.59 -7.34
CA CYS A 29 7.51 -13.90 -8.36
C CYS A 29 7.90 -12.44 -7.99
N GLN A 30 8.54 -11.76 -8.95
CA GLN A 30 8.71 -10.29 -8.92
C GLN A 30 7.54 -9.62 -9.69
N THR A 31 6.32 -9.77 -9.15
CA THR A 31 5.10 -9.13 -9.70
C THR A 31 4.98 -7.70 -9.14
N ASP A 32 5.75 -6.78 -9.73
CA ASP A 32 5.76 -5.36 -9.34
C ASP A 32 4.78 -4.55 -10.22
N VAL A 33 5.31 -3.83 -11.21
CA VAL A 33 4.52 -2.90 -12.06
C VAL A 33 4.21 -3.55 -13.44
N GLN A 34 4.58 -4.84 -13.60
CA GLN A 34 4.47 -5.56 -14.89
C GLN A 34 3.36 -6.65 -14.88
N ASP A 35 3.56 -7.75 -14.13
CA ASP A 35 2.77 -9.00 -14.30
C ASP A 35 1.36 -8.95 -13.67
N ARG A 36 0.62 -10.07 -13.85
CA ARG A 36 -0.73 -10.28 -13.27
C ARG A 36 -0.74 -11.33 -12.12
N GLY A 37 0.46 -11.63 -11.56
CA GLY A 37 0.59 -12.54 -10.40
C GLY A 37 0.20 -11.85 -9.07
N SER A 38 0.82 -12.28 -7.96
CA SER A 38 0.54 -11.70 -6.62
C SER A 38 1.14 -10.28 -6.48
N HIS A 39 0.27 -9.26 -6.62
CA HIS A 39 0.64 -7.84 -6.41
C HIS A 39 0.76 -7.52 -4.90
N THR A 40 1.61 -6.53 -4.58
CA THR A 40 1.87 -6.13 -3.18
C THR A 40 1.60 -4.62 -2.98
N VAL A 41 0.84 -4.27 -1.92
CA VAL A 41 0.56 -2.87 -1.55
C VAL A 41 0.88 -2.67 -0.04
N CYS A 42 2.04 -2.07 0.26
CA CYS A 42 2.38 -1.65 1.63
C CYS A 42 2.03 -0.16 1.82
N ALA A 43 0.94 0.11 2.53
CA ALA A 43 0.43 1.48 2.76
C ALA A 43 -0.02 1.61 4.21
N GLU A 44 0.31 2.74 4.86
CA GLU A 44 0.15 2.86 6.31
C GLU A 44 -0.86 3.97 6.67
N MET A 45 -2.03 3.55 7.15
CA MET A 45 -3.14 4.45 7.54
C MET A 45 -3.00 4.80 9.04
N THR A 46 -3.12 6.10 9.38
CA THR A 46 -3.10 6.55 10.79
C THR A 46 -4.48 6.33 11.40
N GLU A 47 -4.55 6.19 12.74
CA GLU A 47 -5.80 5.85 13.46
C GLU A 47 -6.97 6.78 13.09
N GLU A 48 -6.66 8.05 12.75
CA GLU A 48 -7.68 9.05 12.34
C GLU A 48 -8.64 8.52 11.23
N PHE A 49 -8.06 7.84 10.22
CA PHE A 49 -8.85 7.18 9.15
C PHE A 49 -9.59 5.93 9.68
N LEU A 50 -8.95 5.17 10.56
CA LEU A 50 -9.56 3.96 11.15
C LEU A 50 -10.69 4.32 12.17
N LEU A 51 -10.67 5.56 12.69
CA LEU A 51 -11.76 6.16 13.49
C LEU A 51 -12.95 6.52 12.55
N PHE A 52 -12.65 6.87 11.29
CA PHE A 52 -13.65 7.01 10.21
C PHE A 52 -14.13 5.62 9.70
N SER A 53 -13.24 4.61 9.75
CA SER A 53 -13.54 3.23 9.28
C SER A 53 -14.53 2.51 10.22
N ARG A 54 -14.41 2.77 11.55
CA ARG A 54 -15.38 2.29 12.55
C ARG A 54 -16.72 3.08 12.41
N ASP A 55 -16.60 4.37 12.04
CA ASP A 55 -17.75 5.29 11.86
C ASP A 55 -18.59 4.91 10.59
N ARG A 56 -17.90 4.33 9.59
CA ARG A 56 -18.55 3.81 8.36
C ARG A 56 -19.15 2.40 8.64
N GLY A 57 -18.30 1.47 9.13
CA GLY A 57 -18.70 0.07 9.38
C GLY A 57 -18.52 -0.33 10.84
N ASN A 58 -17.32 -0.82 11.19
CA ASN A 58 -17.00 -1.36 12.53
C ASN A 58 -15.49 -1.21 12.83
N ASP A 59 -15.11 -1.20 14.13
CA ASP A 59 -13.68 -1.11 14.58
C ASP A 59 -12.82 -2.28 14.02
N LEU A 60 -11.52 -2.01 13.85
CA LEU A 60 -10.55 -3.02 13.35
C LEU A 60 -9.21 -2.94 14.13
N MET A 61 -8.77 -1.70 14.47
CA MET A 61 -7.47 -1.45 15.13
C MET A 61 -7.47 -1.83 16.64
N THR A 62 -8.59 -1.54 17.33
CA THR A 62 -8.75 -1.75 18.80
C THR A 62 -7.68 -0.94 19.61
N PRO A 63 -8.01 0.33 20.04
CA PRO A 63 -7.11 1.17 20.90
C PRO A 63 -6.98 0.66 22.37
N ARG A 64 -6.52 -0.60 22.52
CA ARG A 64 -6.33 -1.30 23.82
C ARG A 64 -5.01 -2.12 23.81
N PRO A 65 -4.50 -2.63 25.00
CA PRO A 65 -3.28 -3.52 25.03
C PRO A 65 -3.52 -4.93 24.41
N GLU A 66 -4.77 -5.17 23.96
CA GLU A 66 -5.15 -6.37 23.18
C GLU A 66 -4.42 -6.42 21.82
N PHE A 67 -3.32 -7.16 21.78
CA PHE A 67 -2.61 -7.53 20.53
C PHE A 67 -2.80 -9.03 20.29
N ASN A 68 -4.01 -9.39 19.84
CA ASN A 68 -4.41 -10.80 19.58
C ASN A 68 -4.38 -11.09 18.06
N PHE A 69 -3.59 -10.26 17.33
CA PHE A 69 -3.52 -10.26 15.85
C PHE A 69 -4.91 -9.95 15.22
N PRO A 70 -5.31 -8.64 15.12
CA PRO A 70 -6.61 -8.23 14.49
C PRO A 70 -6.58 -8.35 12.94
N GLY A 71 -5.36 -8.41 12.37
CA GLY A 71 -5.16 -8.48 10.92
C GLY A 71 -5.33 -7.11 10.25
N LEU A 72 -4.18 -6.40 10.07
CA LEU A 72 -4.13 -5.02 9.53
C LEU A 72 -4.82 -4.00 10.48
N LYS A 73 -4.01 -3.15 11.14
CA LYS A 73 -4.51 -2.12 12.07
C LYS A 73 -3.77 -0.77 11.84
N ALA A 74 -4.01 0.21 12.74
CA ALA A 74 -3.47 1.58 12.63
C ALA A 74 -1.93 1.60 12.81
N GLY A 75 -1.22 2.19 11.83
CA GLY A 75 0.25 2.28 11.85
C GLY A 75 0.96 0.97 11.47
N ASP A 76 0.31 0.14 10.64
CA ASP A 76 0.86 -1.14 10.16
C ASP A 76 0.69 -1.26 8.61
N ARG A 77 1.80 -1.05 7.84
CA ARG A 77 1.76 -1.18 6.35
C ARG A 77 1.99 -2.65 5.91
N TRP A 78 0.90 -3.42 5.80
CA TRP A 78 0.90 -4.86 5.44
C TRP A 78 -0.49 -5.27 4.95
N CYS A 79 -0.55 -5.75 3.68
CA CYS A 79 -1.81 -6.25 3.04
C CYS A 79 -2.95 -5.20 3.02
N LEU A 80 -2.58 -3.90 3.13
CA LEU A 80 -3.54 -2.78 3.07
C LEU A 80 -4.09 -2.67 1.64
N CYS A 81 -5.42 -2.91 1.49
CA CYS A 81 -6.10 -2.79 0.20
C CYS A 81 -6.02 -1.34 -0.30
N ALA A 82 -5.32 -1.14 -1.43
CA ALA A 82 -5.06 0.20 -2.02
C ALA A 82 -6.36 1.03 -2.21
N SER A 83 -7.47 0.34 -2.55
CA SER A 83 -8.80 0.96 -2.74
C SER A 83 -9.29 1.72 -1.46
N ARG A 84 -8.97 1.20 -0.25
CA ARG A 84 -9.34 1.85 1.03
C ARG A 84 -8.48 3.12 1.32
N TRP A 85 -7.22 3.13 0.83
CA TRP A 85 -6.36 4.34 0.83
C TRP A 85 -6.96 5.40 -0.15
N GLN A 86 -7.22 4.99 -1.41
CA GLN A 86 -7.95 5.81 -2.42
C GLN A 86 -9.29 6.41 -1.86
N GLU A 87 -9.98 5.62 -1.00
CA GLU A 87 -11.24 6.05 -0.31
C GLU A 87 -11.05 7.37 0.49
N ALA A 88 -9.93 7.46 1.22
CA ALA A 88 -9.61 8.60 2.12
C ALA A 88 -9.37 9.92 1.35
N PHE A 89 -8.74 9.84 0.16
CA PHE A 89 -8.56 11.01 -0.75
C PHE A 89 -9.92 11.56 -1.19
N GLU A 90 -10.81 10.64 -1.61
CA GLU A 90 -12.17 10.97 -2.09
C GLU A 90 -13.09 11.45 -0.93
N ALA A 91 -12.80 10.99 0.30
CA ALA A 91 -13.50 11.44 1.53
C ALA A 91 -13.00 12.84 1.99
N GLY A 92 -11.74 13.17 1.62
CA GLY A 92 -11.10 14.43 1.99
C GLY A 92 -10.43 14.40 3.37
N MET A 93 -9.94 13.23 3.79
CA MET A 93 -9.23 13.05 5.08
C MET A 93 -8.01 12.10 4.96
N ALA A 94 -7.47 12.03 3.73
CA ALA A 94 -6.26 11.25 3.36
C ALA A 94 -5.09 11.29 4.42
N PRO A 95 -4.77 10.13 5.11
CA PRO A 95 -3.54 9.97 5.95
C PRO A 95 -2.20 10.16 5.18
N PRO A 96 -1.05 10.42 5.88
CA PRO A 96 0.28 10.44 5.22
C PRO A 96 0.75 9.00 4.89
N VAL A 97 0.90 8.67 3.59
CA VAL A 97 1.42 7.36 3.14
C VAL A 97 2.95 7.48 2.82
N VAL A 98 3.61 6.34 2.72
CA VAL A 98 5.07 6.25 2.46
C VAL A 98 5.32 5.75 1.00
N LEU A 99 5.56 6.71 0.06
CA LEU A 99 5.82 6.42 -1.38
C LEU A 99 6.95 5.38 -1.62
N GLN A 100 8.03 5.48 -0.81
CA GLN A 100 9.24 4.62 -0.94
C GLN A 100 9.01 3.17 -0.41
N SER A 101 7.80 2.88 0.11
CA SER A 101 7.39 1.51 0.51
C SER A 101 6.10 1.07 -0.24
N THR A 102 5.28 2.06 -0.66
CA THR A 102 4.01 1.80 -1.39
C THR A 102 4.33 1.43 -2.86
N GLU A 103 4.23 0.13 -3.17
CA GLU A 103 4.58 -0.43 -4.50
C GLU A 103 3.61 0.11 -5.60
N LYS A 104 4.12 0.18 -6.84
CA LYS A 104 3.38 0.68 -8.04
C LYS A 104 2.16 -0.21 -8.39
N SER A 105 2.09 -1.43 -7.81
CA SER A 105 0.90 -2.31 -7.84
C SER A 105 -0.35 -1.58 -7.30
N ALA A 106 -0.13 -0.66 -6.33
CA ALA A 106 -1.19 0.20 -5.77
C ALA A 106 -1.93 1.01 -6.85
N LEU A 107 -1.17 1.55 -7.84
CA LEU A 107 -1.71 2.41 -8.96
C LEU A 107 -2.80 1.70 -9.81
N ARG A 108 -2.92 0.38 -9.67
CA ARG A 108 -3.90 -0.44 -10.43
C ARG A 108 -5.28 -0.49 -9.73
N TYR A 109 -5.32 0.04 -8.49
CA TYR A 109 -6.53 0.10 -7.64
C TYR A 109 -6.81 1.57 -7.24
N VAL A 110 -5.73 2.31 -6.83
CA VAL A 110 -5.76 3.79 -6.67
C VAL A 110 -5.46 4.52 -8.00
N SER A 111 -5.21 5.83 -7.88
CA SER A 111 -4.44 6.64 -8.83
C SER A 111 -3.15 7.14 -8.13
N LEU A 112 -2.09 7.34 -8.91
CA LEU A 112 -0.83 7.95 -8.40
C LEU A 112 -1.10 9.25 -7.59
N ALA A 113 -2.07 10.05 -8.08
CA ALA A 113 -2.49 11.33 -7.45
C ALA A 113 -2.95 11.17 -5.98
N ASP A 114 -3.54 10.00 -5.64
CA ASP A 114 -3.95 9.68 -4.25
C ASP A 114 -2.72 9.60 -3.31
N LEU A 115 -1.67 8.88 -3.77
CA LEU A 115 -0.46 8.63 -2.97
C LEU A 115 0.28 9.96 -2.72
N GLN A 116 0.47 10.70 -3.81
CA GLN A 116 1.27 11.95 -3.85
C GLN A 116 0.55 13.13 -3.18
N ALA A 117 -0.80 13.06 -3.13
CA ALA A 117 -1.66 14.06 -2.41
C ALA A 117 -1.26 14.22 -0.93
N HIS A 118 -0.81 13.12 -0.29
CA HIS A 118 -0.41 13.11 1.13
C HIS A 118 0.93 12.35 1.34
N ALA A 119 1.81 12.44 0.33
CA ALA A 119 3.20 11.92 0.43
C ALA A 119 4.13 12.73 -0.48
N LEU A 120 5.26 13.19 0.08
CA LEU A 120 6.23 14.05 -0.63
C LEU A 120 7.15 13.23 -1.56
N PRO A 121 7.53 13.81 -2.75
CA PRO A 121 8.42 13.12 -3.74
C PRO A 121 9.83 12.82 -3.18
N VAL A 122 10.04 11.57 -2.75
CA VAL A 122 11.32 11.08 -2.18
C VAL A 122 12.43 11.03 -3.27
N LEU A 123 13.68 11.36 -2.87
CA LEU A 123 14.82 11.46 -3.80
C LEU A 123 15.25 10.07 -4.33
N GLU A 124 15.03 9.88 -5.63
CA GLU A 124 15.49 8.71 -6.38
C GLU A 124 16.67 9.13 -7.30
N HIS A 125 16.36 10.09 -8.21
CA HIS A 125 17.31 10.67 -9.17
C HIS A 125 16.57 11.74 -10.00
N HIS A 126 16.88 13.04 -9.79
CA HIS A 126 16.29 14.12 -10.62
C HIS A 126 17.19 14.44 -11.84
N HIS A 127 16.62 14.31 -13.04
CA HIS A 127 17.26 14.73 -14.30
C HIS A 127 16.18 15.29 -15.25
N HIS A 128 16.37 16.54 -15.69
CA HIS A 128 15.45 17.22 -16.63
C HIS A 128 16.28 18.03 -17.65
N HIS A 129 15.65 18.39 -18.79
CA HIS A 129 16.31 19.18 -19.84
C HIS A 129 15.30 20.16 -20.48
N HIS A 130 15.73 21.42 -20.70
CA HIS A 130 14.96 22.41 -21.49
C HIS A 130 15.24 22.20 -23.01
N MET A 1 -16.19 -23.99 -28.36
CA MET A 1 -15.85 -23.13 -27.21
C MET A 1 -14.68 -22.16 -27.55
N GLY A 2 -14.75 -20.92 -27.02
CA GLY A 2 -13.70 -19.91 -27.21
C GLY A 2 -12.78 -19.74 -26.00
N GLN A 3 -13.09 -20.45 -24.89
CA GLN A 3 -12.29 -20.44 -23.65
C GLN A 3 -10.95 -21.20 -23.89
N GLY A 4 -9.82 -20.60 -23.45
CA GLY A 4 -8.50 -21.21 -23.59
C GLY A 4 -8.32 -22.46 -22.71
N GLN A 5 -8.31 -23.63 -23.36
CA GLN A 5 -8.15 -24.95 -22.71
C GLN A 5 -7.01 -25.74 -23.38
N ASN A 6 -6.07 -26.22 -22.55
CA ASN A 6 -4.94 -27.07 -23.02
C ASN A 6 -5.22 -28.57 -22.75
N VAL A 7 -4.47 -29.45 -23.43
CA VAL A 7 -4.65 -30.93 -23.37
C VAL A 7 -4.41 -31.53 -21.96
N LEU A 8 -3.63 -30.82 -21.12
CA LEU A 8 -3.31 -31.26 -19.74
C LEU A 8 -4.35 -30.79 -18.70
N GLY A 9 -5.24 -29.86 -19.12
CA GLY A 9 -6.30 -29.32 -18.24
C GLY A 9 -5.76 -28.37 -17.15
N GLN A 10 -5.89 -27.04 -17.37
CA GLN A 10 -5.35 -26.01 -16.47
C GLN A 10 -6.35 -24.86 -16.23
N ASP A 11 -6.17 -24.15 -15.10
CA ASP A 11 -7.01 -22.99 -14.72
C ASP A 11 -6.28 -22.11 -13.68
N LEU A 12 -4.95 -22.29 -13.58
CA LEU A 12 -4.06 -21.46 -12.74
C LEU A 12 -3.23 -20.50 -13.64
N GLU A 13 -2.57 -19.50 -13.03
CA GLU A 13 -1.68 -18.57 -13.76
C GLU A 13 -0.33 -19.26 -14.10
N VAL A 14 0.21 -18.98 -15.32
CA VAL A 14 1.49 -19.56 -15.80
C VAL A 14 1.87 -18.98 -17.19
N CYS A 15 3.19 -18.84 -17.46
CA CYS A 15 3.70 -18.50 -18.81
C CYS A 15 3.80 -19.78 -19.68
N CYS A 16 4.68 -20.72 -19.26
CA CYS A 16 4.87 -22.02 -19.94
C CYS A 16 5.25 -23.13 -18.92
N CYS A 17 4.90 -24.38 -19.24
CA CYS A 17 5.26 -25.57 -18.42
C CYS A 17 6.69 -26.09 -18.76
N ALA A 18 7.37 -25.43 -19.72
CA ALA A 18 8.71 -25.83 -20.20
C ALA A 18 9.85 -25.31 -19.28
N PRO A 19 10.93 -26.12 -19.03
CA PRO A 19 12.12 -25.71 -18.21
C PRO A 19 12.87 -24.45 -18.74
N MET A 20 12.63 -24.04 -20.00
CA MET A 20 13.21 -22.81 -20.57
C MET A 20 12.61 -21.54 -19.90
N THR A 21 11.28 -21.55 -19.68
CA THR A 21 10.58 -20.52 -18.87
C THR A 21 10.90 -20.71 -17.37
N GLY A 22 10.71 -21.95 -16.88
CA GLY A 22 10.89 -22.27 -15.46
C GLY A 22 9.60 -22.11 -14.65
N TRP A 23 9.47 -22.91 -13.59
CA TRP A 23 8.28 -22.91 -12.70
C TRP A 23 8.51 -21.95 -11.52
N TYR A 24 7.91 -20.75 -11.61
CA TYR A 24 8.07 -19.70 -10.58
C TYR A 24 7.13 -19.94 -9.37
N ARG A 25 7.41 -21.03 -8.62
CA ARG A 25 6.62 -21.47 -7.44
C ARG A 25 5.13 -21.75 -7.79
N ASN A 26 4.33 -20.67 -7.93
CA ASN A 26 2.90 -20.76 -8.29
C ASN A 26 2.75 -21.16 -9.78
N GLY A 27 3.24 -20.29 -10.68
CA GLY A 27 3.19 -20.50 -12.12
C GLY A 27 4.12 -19.54 -12.87
N PHE A 28 3.91 -18.23 -12.64
CA PHE A 28 4.81 -17.17 -13.19
C PHE A 28 5.07 -16.06 -12.13
N CYS A 29 4.07 -15.76 -11.28
CA CYS A 29 4.21 -14.72 -10.22
C CYS A 29 4.56 -15.38 -8.85
N GLN A 30 5.76 -15.05 -8.32
CA GLN A 30 6.23 -15.55 -7.01
C GLN A 30 5.71 -14.67 -5.85
N THR A 31 5.91 -13.33 -5.97
CA THR A 31 5.34 -12.34 -5.01
C THR A 31 3.87 -12.07 -5.33
N ASP A 32 3.05 -13.05 -4.98
CA ASP A 32 1.60 -12.97 -5.13
C ASP A 32 0.91 -14.15 -4.39
N VAL A 33 -0.41 -14.01 -4.17
CA VAL A 33 -1.27 -15.08 -3.61
C VAL A 33 -1.91 -15.95 -4.73
N GLN A 34 -1.20 -16.04 -5.90
CA GLN A 34 -1.62 -16.72 -7.17
C GLN A 34 -3.02 -16.26 -7.69
N ASP A 35 -3.42 -15.05 -7.27
CA ASP A 35 -4.70 -14.42 -7.66
C ASP A 35 -4.42 -13.12 -8.45
N ARG A 36 -4.83 -13.11 -9.73
CA ARG A 36 -4.68 -11.99 -10.73
C ARG A 36 -3.23 -11.42 -10.90
N GLY A 37 -2.20 -12.10 -10.33
CA GLY A 37 -0.79 -11.81 -10.63
C GLY A 37 -0.21 -10.58 -9.91
N SER A 38 0.94 -10.77 -9.22
CA SER A 38 1.82 -9.69 -8.66
C SER A 38 1.07 -8.63 -7.80
N HIS A 39 0.03 -9.06 -7.07
CA HIS A 39 -0.82 -8.17 -6.24
C HIS A 39 -0.14 -7.83 -4.89
N THR A 40 0.65 -6.75 -4.86
CA THR A 40 1.35 -6.26 -3.62
C THR A 40 1.20 -4.73 -3.44
N VAL A 41 0.43 -4.32 -2.42
CA VAL A 41 0.35 -2.92 -1.96
C VAL A 41 0.62 -2.89 -0.43
N CYS A 42 1.65 -2.16 0.02
CA CYS A 42 1.92 -1.93 1.46
C CYS A 42 1.80 -0.43 1.77
N ALA A 43 0.74 -0.06 2.49
CA ALA A 43 0.43 1.34 2.88
C ALA A 43 0.10 1.37 4.37
N GLU A 44 0.38 2.48 5.04
CA GLU A 44 0.17 2.59 6.49
C GLU A 44 -0.87 3.67 6.80
N MET A 45 -2.05 3.21 7.25
CA MET A 45 -3.14 4.11 7.64
C MET A 45 -2.96 4.55 9.10
N THR A 46 -3.06 5.87 9.37
CA THR A 46 -3.02 6.41 10.74
C THR A 46 -4.40 6.27 11.39
N GLU A 47 -4.43 6.21 12.73
CA GLU A 47 -5.65 5.98 13.55
C GLU A 47 -6.83 6.91 13.15
N GLU A 48 -6.49 8.11 12.68
CA GLU A 48 -7.45 9.13 12.16
C GLU A 48 -8.44 8.51 11.13
N PHE A 49 -7.92 7.76 10.15
CA PHE A 49 -8.73 7.06 9.13
C PHE A 49 -9.54 5.88 9.74
N LEU A 50 -8.91 5.12 10.65
CA LEU A 50 -9.53 3.90 11.24
C LEU A 50 -10.69 4.25 12.22
N LEU A 51 -10.58 5.44 12.86
CA LEU A 51 -11.65 6.02 13.69
C LEU A 51 -12.75 6.63 12.78
N PHE A 52 -12.36 7.17 11.61
CA PHE A 52 -13.31 7.63 10.57
C PHE A 52 -14.07 6.43 9.93
N SER A 53 -13.41 5.26 9.86
CA SER A 53 -14.00 4.02 9.29
C SER A 53 -15.18 3.55 10.15
N ARG A 54 -14.97 3.47 11.47
CA ARG A 54 -16.03 3.08 12.43
C ARG A 54 -17.10 4.20 12.62
N ASP A 55 -16.71 5.46 12.31
CA ASP A 55 -17.59 6.64 12.43
C ASP A 55 -18.60 6.72 11.25
N ARG A 56 -18.22 6.17 10.07
CA ARG A 56 -19.05 6.27 8.84
C ARG A 56 -19.25 4.90 8.15
N GLY A 57 -18.15 4.24 7.75
CA GLY A 57 -18.20 2.98 6.97
C GLY A 57 -18.57 1.74 7.81
N ASN A 58 -17.55 1.07 8.39
CA ASN A 58 -17.72 -0.16 9.21
C ASN A 58 -16.77 -0.11 10.42
N ASP A 59 -17.25 -0.61 11.58
CA ASP A 59 -16.46 -0.70 12.83
C ASP A 59 -15.30 -1.73 12.71
N LEU A 60 -14.16 -1.21 12.20
CA LEU A 60 -12.92 -1.97 11.91
C LEU A 60 -12.25 -2.55 13.20
N MET A 61 -12.70 -2.09 14.38
CA MET A 61 -12.09 -2.44 15.69
C MET A 61 -13.12 -3.03 16.69
N THR A 62 -14.05 -3.86 16.18
CA THR A 62 -14.99 -4.64 17.02
C THR A 62 -14.35 -5.99 17.47
N PRO A 63 -14.76 -6.56 18.65
CA PRO A 63 -14.43 -7.98 19.03
C PRO A 63 -15.00 -9.04 18.02
N ARG A 64 -14.99 -10.34 18.44
CA ARG A 64 -15.39 -11.51 17.60
C ARG A 64 -14.35 -11.80 16.46
N PRO A 65 -14.31 -13.05 15.87
CA PRO A 65 -13.43 -13.34 14.70
C PRO A 65 -13.75 -12.41 13.50
N GLU A 66 -15.04 -12.42 13.11
CA GLU A 66 -15.65 -11.50 12.12
C GLU A 66 -15.15 -11.71 10.66
N PHE A 67 -16.04 -11.43 9.70
CA PHE A 67 -15.77 -11.58 8.24
C PHE A 67 -15.98 -10.24 7.47
N ASN A 68 -16.75 -9.29 8.08
CA ASN A 68 -17.15 -8.01 7.42
C ASN A 68 -15.96 -7.18 6.86
N PHE A 69 -14.82 -7.25 7.55
CA PHE A 69 -13.61 -6.47 7.20
C PHE A 69 -12.32 -7.33 7.34
N PRO A 70 -11.21 -6.97 6.61
CA PRO A 70 -9.87 -7.53 6.88
C PRO A 70 -9.17 -6.82 8.06
N GLY A 71 -7.99 -7.30 8.47
CA GLY A 71 -7.23 -6.70 9.56
C GLY A 71 -6.51 -5.39 9.17
N LEU A 72 -5.17 -5.39 9.28
CA LEU A 72 -4.29 -4.23 8.99
C LEU A 72 -4.69 -2.97 9.79
N LYS A 73 -4.07 -2.82 10.98
CA LYS A 73 -4.39 -1.73 11.94
C LYS A 73 -3.36 -0.58 11.83
N ALA A 74 -3.63 0.52 12.56
CA ALA A 74 -2.85 1.77 12.49
C ALA A 74 -1.37 1.55 12.89
N GLY A 75 -0.46 1.79 11.93
CA GLY A 75 0.99 1.61 12.14
C GLY A 75 1.56 0.32 11.55
N ASP A 76 0.81 -0.36 10.66
CA ASP A 76 1.30 -1.54 9.90
C ASP A 76 1.20 -1.34 8.37
N ARG A 77 2.34 -1.06 7.70
CA ARG A 77 2.43 -1.07 6.21
C ARG A 77 2.74 -2.50 5.69
N TRP A 78 1.69 -3.26 5.38
CA TRP A 78 1.81 -4.65 4.88
C TRP A 78 0.46 -5.11 4.32
N CYS A 79 0.42 -5.48 3.02
CA CYS A 79 -0.79 -6.04 2.34
C CYS A 79 -2.07 -5.16 2.49
N LEU A 80 -1.87 -3.84 2.72
CA LEU A 80 -2.97 -2.86 2.78
C LEU A 80 -3.50 -2.65 1.36
N CYS A 81 -4.68 -3.22 1.05
CA CYS A 81 -5.36 -3.03 -0.24
C CYS A 81 -5.56 -1.53 -0.53
N ALA A 82 -4.99 -1.05 -1.65
CA ALA A 82 -5.04 0.38 -2.05
C ALA A 82 -6.49 0.94 -2.18
N SER A 83 -7.49 0.05 -2.39
CA SER A 83 -8.93 0.42 -2.33
C SER A 83 -9.31 1.12 -0.99
N ARG A 84 -8.74 0.61 0.14
CA ARG A 84 -8.99 1.15 1.51
C ARG A 84 -8.40 2.58 1.67
N TRP A 85 -7.16 2.76 1.17
CA TRP A 85 -6.46 4.06 1.23
C TRP A 85 -7.12 5.09 0.26
N GLN A 86 -7.25 4.74 -1.04
CA GLN A 86 -7.96 5.58 -2.06
C GLN A 86 -9.35 6.07 -1.56
N GLU A 87 -10.12 5.15 -0.92
CA GLU A 87 -11.48 5.46 -0.39
C GLU A 87 -11.49 6.68 0.59
N ALA A 88 -10.39 6.85 1.34
CA ALA A 88 -10.20 8.03 2.22
C ALA A 88 -10.27 9.37 1.44
N PHE A 89 -9.61 9.40 0.27
CA PHE A 89 -9.64 10.58 -0.64
C PHE A 89 -11.04 10.75 -1.28
N GLU A 90 -11.63 9.62 -1.69
CA GLU A 90 -12.98 9.58 -2.29
C GLU A 90 -14.08 10.04 -1.28
N ALA A 91 -13.76 9.90 0.02
CA ALA A 91 -14.60 10.41 1.13
C ALA A 91 -14.30 11.91 1.41
N GLY A 92 -13.08 12.36 1.07
CA GLY A 92 -12.67 13.78 1.23
C GLY A 92 -11.50 13.99 2.20
N MET A 93 -11.15 12.94 2.98
CA MET A 93 -10.10 13.03 4.02
C MET A 93 -8.68 12.79 3.43
N ALA A 94 -8.32 11.51 3.21
CA ALA A 94 -6.97 11.08 2.76
C ALA A 94 -5.83 11.54 3.72
N PRO A 95 -5.45 10.68 4.73
CA PRO A 95 -4.30 10.96 5.64
C PRO A 95 -2.90 10.66 4.96
N PRO A 96 -1.73 10.88 5.66
CA PRO A 96 -0.40 10.52 5.10
C PRO A 96 -0.22 8.99 4.81
N VAL A 97 0.19 8.66 3.57
CA VAL A 97 0.54 7.28 3.14
C VAL A 97 2.08 7.13 3.06
N VAL A 98 2.59 5.94 3.40
CA VAL A 98 4.05 5.66 3.44
C VAL A 98 4.61 5.24 2.04
N LEU A 99 5.05 6.26 1.25
CA LEU A 99 5.58 6.03 -0.12
C LEU A 99 6.89 5.19 -0.18
N GLN A 100 7.66 5.18 0.92
CA GLN A 100 8.90 4.36 1.02
C GLN A 100 8.60 2.84 1.16
N SER A 101 7.31 2.48 1.32
CA SER A 101 6.86 1.05 1.43
C SER A 101 5.79 0.70 0.35
N THR A 102 5.24 1.71 -0.34
CA THR A 102 4.14 1.53 -1.34
C THR A 102 4.68 1.18 -2.74
N GLU A 103 4.18 0.07 -3.35
CA GLU A 103 4.58 -0.38 -4.71
C GLU A 103 3.65 0.21 -5.81
N LYS A 104 4.08 0.12 -7.08
CA LYS A 104 3.32 0.58 -8.28
C LYS A 104 1.96 -0.18 -8.49
N SER A 105 1.79 -1.37 -7.86
CA SER A 105 0.50 -2.11 -7.88
C SER A 105 -0.65 -1.29 -7.23
N ALA A 106 -0.28 -0.36 -6.33
CA ALA A 106 -1.23 0.62 -5.74
C ALA A 106 -1.97 1.43 -6.83
N LEU A 107 -1.23 1.78 -7.91
CA LEU A 107 -1.74 2.63 -9.04
C LEU A 107 -2.83 1.91 -9.90
N ARG A 108 -3.24 0.70 -9.50
CA ARG A 108 -4.35 -0.04 -10.15
C ARG A 108 -5.68 0.20 -9.39
N TYR A 109 -5.59 0.95 -8.27
CA TYR A 109 -6.71 1.27 -7.37
C TYR A 109 -6.71 2.79 -7.12
N VAL A 110 -5.54 3.32 -6.69
CA VAL A 110 -5.30 4.76 -6.55
C VAL A 110 -4.76 5.40 -7.84
N SER A 111 -4.57 6.71 -7.76
CA SER A 111 -3.63 7.45 -8.62
C SER A 111 -2.32 7.64 -7.85
N LEU A 112 -1.19 7.69 -8.58
CA LEU A 112 0.11 8.08 -7.97
C LEU A 112 0.01 9.49 -7.35
N ALA A 113 -0.80 10.35 -8.00
CA ALA A 113 -1.11 11.71 -7.52
C ALA A 113 -1.75 11.70 -6.11
N ASP A 114 -2.51 10.63 -5.74
CA ASP A 114 -3.09 10.50 -4.39
C ASP A 114 -1.99 10.19 -3.34
N LEU A 115 -1.01 9.38 -3.76
CA LEU A 115 0.13 8.97 -2.93
C LEU A 115 1.03 10.18 -2.60
N GLN A 116 1.41 10.91 -3.65
CA GLN A 116 2.38 12.01 -3.59
C GLN A 116 1.80 13.28 -2.95
N ALA A 117 0.52 13.55 -3.25
CA ALA A 117 -0.25 14.65 -2.60
C ALA A 117 -0.33 14.49 -1.06
N HIS A 118 -0.22 13.24 -0.59
CA HIS A 118 -0.30 12.90 0.85
C HIS A 118 0.99 12.20 1.36
N ALA A 119 2.12 12.37 0.62
CA ALA A 119 3.45 11.94 1.09
C ALA A 119 4.59 12.75 0.43
N LEU A 120 5.27 12.15 -0.58
CA LEU A 120 6.51 12.72 -1.19
C LEU A 120 6.29 13.04 -2.69
N PRO A 121 6.74 14.24 -3.16
CA PRO A 121 6.54 14.69 -4.55
C PRO A 121 7.69 14.22 -5.51
N VAL A 122 7.31 13.73 -6.71
CA VAL A 122 8.29 13.30 -7.74
C VAL A 122 8.92 14.55 -8.44
N LEU A 123 10.14 14.39 -8.96
CA LEU A 123 10.78 15.38 -9.84
C LEU A 123 11.02 14.80 -11.23
N GLU A 124 11.43 15.66 -12.17
CA GLU A 124 11.64 15.29 -13.58
C GLU A 124 13.06 15.66 -14.03
N HIS A 125 13.51 15.04 -15.14
CA HIS A 125 14.81 15.33 -15.76
C HIS A 125 14.77 16.73 -16.43
N HIS A 126 15.52 17.69 -15.86
CA HIS A 126 15.50 19.10 -16.31
C HIS A 126 16.44 19.32 -17.52
N HIS A 127 15.89 19.91 -18.60
CA HIS A 127 16.63 20.21 -19.85
C HIS A 127 15.96 21.36 -20.63
N HIS A 128 16.67 21.90 -21.65
CA HIS A 128 16.14 22.99 -22.50
C HIS A 128 14.93 22.51 -23.33
N HIS A 129 13.78 23.19 -23.15
CA HIS A 129 12.51 22.80 -23.77
C HIS A 129 12.43 23.26 -25.24
N HIS A 130 12.65 22.29 -26.17
CA HIS A 130 12.56 22.46 -27.65
C HIS A 130 13.57 23.52 -28.19
N MET A 1 47.39 -4.86 -6.44
CA MET A 1 46.95 -6.00 -5.59
C MET A 1 45.86 -5.51 -4.61
N GLY A 2 44.58 -5.78 -4.96
CA GLY A 2 43.42 -5.31 -4.18
C GLY A 2 42.23 -6.28 -4.24
N GLN A 3 42.30 -7.35 -3.43
CA GLN A 3 41.22 -8.37 -3.30
C GLN A 3 40.00 -7.82 -2.51
N GLY A 4 40.27 -6.84 -1.61
CA GLY A 4 39.21 -6.14 -0.87
C GLY A 4 38.31 -5.28 -1.77
N GLN A 5 37.07 -5.72 -1.98
CA GLN A 5 36.11 -5.09 -2.91
C GLN A 5 34.68 -5.05 -2.32
N ASN A 6 33.78 -4.32 -3.01
CA ASN A 6 32.36 -4.20 -2.62
C ASN A 6 31.43 -4.85 -3.66
N VAL A 7 30.27 -5.36 -3.19
CA VAL A 7 29.21 -5.94 -4.05
C VAL A 7 28.36 -4.82 -4.73
N LEU A 8 28.54 -3.59 -4.25
CA LEU A 8 27.81 -2.39 -4.69
C LEU A 8 28.43 -1.76 -5.96
N GLY A 9 29.79 -1.70 -6.00
CA GLY A 9 30.54 -1.07 -7.10
C GLY A 9 30.69 -1.97 -8.35
N GLN A 10 29.55 -2.39 -8.92
CA GLN A 10 29.50 -3.27 -10.11
C GLN A 10 28.15 -3.12 -10.85
N ASP A 11 27.02 -3.21 -10.09
CA ASP A 11 25.65 -3.11 -10.64
C ASP A 11 25.26 -1.63 -10.95
N LEU A 12 24.26 -1.44 -11.84
CA LEU A 12 23.77 -0.10 -12.23
C LEU A 12 22.81 0.47 -11.15
N GLU A 13 23.03 1.74 -10.77
CA GLU A 13 22.19 2.46 -9.78
C GLU A 13 20.74 2.71 -10.31
N VAL A 14 20.60 2.89 -11.64
CA VAL A 14 19.33 3.24 -12.30
C VAL A 14 19.14 2.41 -13.60
N CYS A 15 17.91 1.94 -13.85
CA CYS A 15 17.55 1.18 -15.07
C CYS A 15 16.86 2.07 -16.13
N CYS A 16 16.38 3.26 -15.71
CA CYS A 16 15.62 4.19 -16.59
C CYS A 16 16.55 4.93 -17.59
N CYS A 17 16.95 4.21 -18.65
CA CYS A 17 17.64 4.78 -19.83
C CYS A 17 16.72 4.55 -21.05
N ALA A 18 16.54 3.26 -21.43
CA ALA A 18 15.60 2.85 -22.50
C ALA A 18 14.16 2.60 -21.93
N PRO A 19 13.96 1.82 -20.80
CA PRO A 19 12.61 1.69 -20.16
C PRO A 19 12.27 2.87 -19.20
N MET A 20 11.01 2.87 -18.73
CA MET A 20 10.49 3.89 -17.80
C MET A 20 10.38 3.29 -16.37
N THR A 21 11.45 3.41 -15.56
CA THR A 21 11.49 2.84 -14.19
C THR A 21 11.38 3.95 -13.12
N GLY A 22 10.13 4.42 -12.90
CA GLY A 22 9.85 5.61 -12.07
C GLY A 22 10.33 6.90 -12.74
N TRP A 23 10.81 7.88 -11.94
CA TRP A 23 11.55 9.05 -12.47
C TRP A 23 13.02 8.94 -12.01
N TYR A 24 13.25 9.03 -10.67
CA TYR A 24 14.56 8.83 -10.04
C TYR A 24 14.44 8.88 -8.50
N ARG A 25 14.16 7.70 -7.87
CA ARG A 25 14.12 7.56 -6.40
C ARG A 25 15.06 6.41 -5.94
N ASN A 26 14.65 5.16 -6.22
CA ASN A 26 15.51 3.96 -6.00
C ASN A 26 16.30 3.58 -7.28
N GLY A 27 16.12 4.40 -8.35
CA GLY A 27 16.71 4.13 -9.67
C GLY A 27 15.89 3.12 -10.50
N PHE A 28 15.57 1.98 -9.89
CA PHE A 28 14.75 0.91 -10.49
C PHE A 28 13.92 0.17 -9.43
N CYS A 29 12.77 -0.38 -9.86
CA CYS A 29 11.94 -1.34 -9.08
C CYS A 29 11.26 -0.73 -7.82
N GLN A 30 10.21 -1.45 -7.33
CA GLN A 30 9.47 -1.08 -6.09
C GLN A 30 8.49 -2.20 -5.63
N THR A 31 8.71 -3.48 -6.07
CA THR A 31 7.84 -4.63 -5.70
C THR A 31 8.57 -6.00 -5.79
N ASP A 32 8.05 -6.98 -5.01
CA ASP A 32 8.53 -8.38 -4.99
C ASP A 32 7.89 -9.24 -6.11
N VAL A 33 6.80 -8.71 -6.73
CA VAL A 33 5.97 -9.41 -7.77
C VAL A 33 5.12 -10.56 -7.14
N GLN A 34 5.79 -11.62 -6.62
CA GLN A 34 5.13 -12.74 -5.93
C GLN A 34 4.81 -12.35 -4.47
N ASP A 35 3.52 -12.11 -4.22
CA ASP A 35 3.01 -11.64 -2.90
C ASP A 35 1.99 -12.63 -2.26
N ARG A 36 1.55 -13.65 -3.04
CA ARG A 36 0.54 -14.67 -2.64
C ARG A 36 -0.93 -14.16 -2.66
N GLY A 37 -1.15 -12.85 -2.41
CA GLY A 37 -2.51 -12.27 -2.35
C GLY A 37 -3.01 -11.67 -3.67
N SER A 38 -2.16 -11.73 -4.74
CA SER A 38 -2.42 -11.23 -6.13
C SER A 38 -2.45 -9.68 -6.25
N HIS A 39 -2.36 -8.97 -5.10
CA HIS A 39 -2.37 -7.50 -5.05
C HIS A 39 -1.50 -7.01 -3.86
N THR A 40 -0.26 -6.59 -4.17
CA THR A 40 0.73 -6.19 -3.16
C THR A 40 0.75 -4.66 -2.96
N VAL A 41 0.40 -4.21 -1.74
CA VAL A 41 0.35 -2.77 -1.38
C VAL A 41 0.91 -2.56 0.05
N CYS A 42 2.12 -1.99 0.15
CA CYS A 42 2.67 -1.52 1.45
C CYS A 42 2.38 -0.02 1.57
N ALA A 43 1.40 0.31 2.42
CA ALA A 43 0.96 1.70 2.66
C ALA A 43 0.56 1.83 4.15
N GLU A 44 0.72 3.03 4.73
CA GLU A 44 0.44 3.23 6.17
C GLU A 44 -0.62 4.33 6.36
N MET A 45 -1.76 3.96 6.97
CA MET A 45 -2.87 4.89 7.27
C MET A 45 -2.99 5.15 8.80
N THR A 46 -3.61 6.27 9.16
CA THR A 46 -3.78 6.71 10.57
C THR A 46 -5.16 6.31 11.11
N GLU A 47 -5.27 6.24 12.45
CA GLU A 47 -6.51 5.83 13.14
C GLU A 47 -7.67 6.80 12.86
N GLU A 48 -7.37 8.09 12.61
CA GLU A 48 -8.40 9.13 12.35
C GLU A 48 -9.40 8.72 11.22
N PHE A 49 -8.89 8.18 10.08
CA PHE A 49 -9.76 7.61 9.01
C PHE A 49 -10.27 6.18 9.36
N LEU A 50 -9.42 5.37 10.00
CA LEU A 50 -9.76 3.95 10.33
C LEU A 50 -10.89 3.89 11.43
N LEU A 51 -11.04 5.01 12.18
CA LEU A 51 -12.18 5.26 13.09
C LEU A 51 -13.46 5.57 12.29
N PHE A 52 -13.34 6.20 11.10
CA PHE A 52 -14.49 6.34 10.15
C PHE A 52 -14.96 4.96 9.65
N SER A 53 -14.01 4.11 9.21
CA SER A 53 -14.30 2.71 8.77
C SER A 53 -15.04 1.91 9.89
N ARG A 54 -14.68 2.20 11.14
CA ARG A 54 -15.35 1.67 12.34
C ARG A 54 -16.77 2.30 12.55
N ASP A 55 -16.81 3.64 12.71
CA ASP A 55 -17.99 4.36 13.27
C ASP A 55 -19.05 4.69 12.18
N ARG A 56 -18.73 4.37 10.92
CA ARG A 56 -19.67 4.52 9.79
C ARG A 56 -20.05 3.12 9.25
N GLY A 57 -19.17 2.12 9.49
CA GLY A 57 -19.42 0.72 9.10
C GLY A 57 -20.29 -0.03 10.12
N ASN A 58 -19.70 -1.01 10.81
CA ASN A 58 -20.41 -1.89 11.81
C ASN A 58 -19.64 -1.96 13.15
N ASP A 59 -18.76 -0.96 13.38
CA ASP A 59 -17.85 -0.89 14.54
C ASP A 59 -16.74 -2.00 14.53
N LEU A 60 -15.63 -1.74 15.24
CA LEU A 60 -14.51 -2.69 15.36
C LEU A 60 -13.72 -2.43 16.67
N MET A 61 -13.22 -1.18 16.84
CA MET A 61 -12.29 -0.81 17.93
C MET A 61 -13.02 -0.07 19.08
N THR A 62 -13.48 -0.82 20.09
CA THR A 62 -14.20 -0.29 21.28
C THR A 62 -13.64 -0.91 22.60
N PRO A 63 -13.94 -0.31 23.81
CA PRO A 63 -13.58 -0.94 25.12
C PRO A 63 -14.31 -2.30 25.34
N ARG A 64 -13.68 -3.37 24.82
CA ARG A 64 -14.18 -4.75 24.90
C ARG A 64 -13.06 -5.70 25.43
N PRO A 65 -13.42 -6.86 26.07
CA PRO A 65 -12.44 -7.93 26.40
C PRO A 65 -11.80 -8.53 25.10
N GLU A 66 -12.68 -8.97 24.17
CA GLU A 66 -12.33 -9.41 22.78
C GLU A 66 -11.42 -10.68 22.72
N PHE A 67 -11.52 -11.43 21.60
CA PHE A 67 -10.76 -12.70 21.41
C PHE A 67 -9.47 -12.48 20.56
N ASN A 68 -9.60 -12.50 19.21
CA ASN A 68 -8.43 -12.45 18.29
C ASN A 68 -8.86 -11.94 16.90
N PHE A 69 -8.59 -10.65 16.64
CA PHE A 69 -8.82 -10.01 15.33
C PHE A 69 -7.52 -9.27 14.90
N PRO A 70 -6.67 -9.88 14.01
CA PRO A 70 -5.41 -9.23 13.52
C PRO A 70 -5.62 -8.28 12.30
N GLY A 71 -4.51 -7.82 11.70
CA GLY A 71 -4.55 -7.00 10.47
C GLY A 71 -4.31 -5.49 10.69
N LEU A 72 -4.78 -4.67 9.73
CA LEU A 72 -4.60 -3.19 9.74
C LEU A 72 -5.48 -2.53 10.83
N LYS A 73 -4.83 -1.86 11.81
CA LYS A 73 -5.53 -1.15 12.93
C LYS A 73 -5.31 0.37 12.82
N ALA A 74 -4.02 0.74 12.74
CA ALA A 74 -3.50 2.12 12.52
C ALA A 74 -1.98 2.16 12.73
N GLY A 75 -1.25 2.86 11.85
CA GLY A 75 0.23 2.88 11.86
C GLY A 75 0.85 1.53 11.46
N ASP A 76 0.09 0.75 10.67
CA ASP A 76 0.55 -0.55 10.12
C ASP A 76 0.78 -0.44 8.60
N ARG A 77 2.03 -0.61 8.15
CA ARG A 77 2.35 -0.71 6.71
C ARG A 77 2.52 -2.21 6.36
N TRP A 78 1.40 -2.89 6.08
CA TRP A 78 1.37 -4.36 5.81
C TRP A 78 0.09 -4.72 5.01
N CYS A 79 0.26 -5.23 3.76
CA CYS A 79 -0.87 -5.73 2.90
C CYS A 79 -2.11 -4.79 2.90
N LEU A 80 -1.84 -3.47 3.02
CA LEU A 80 -2.88 -2.42 3.15
C LEU A 80 -3.78 -2.39 1.90
N CYS A 81 -5.09 -2.56 2.09
CA CYS A 81 -6.07 -2.50 0.98
C CYS A 81 -6.05 -1.08 0.35
N ALA A 82 -5.44 -0.98 -0.86
CA ALA A 82 -5.29 0.29 -1.60
C ALA A 82 -6.64 1.01 -1.85
N SER A 83 -7.73 0.24 -1.87
CA SER A 83 -9.11 0.78 -1.95
C SER A 83 -9.45 1.71 -0.75
N ARG A 84 -9.03 1.31 0.47
CA ARG A 84 -9.27 2.09 1.72
C ARG A 84 -8.45 3.40 1.76
N TRP A 85 -7.18 3.33 1.31
CA TRP A 85 -6.31 4.52 1.20
C TRP A 85 -6.88 5.51 0.14
N GLN A 86 -7.12 4.99 -1.07
CA GLN A 86 -7.78 5.74 -2.17
C GLN A 86 -9.09 6.44 -1.72
N GLU A 87 -9.90 5.70 -0.95
CA GLU A 87 -11.19 6.21 -0.42
C GLU A 87 -10.98 7.34 0.61
N ALA A 88 -9.87 7.27 1.40
CA ALA A 88 -9.54 8.30 2.42
C ALA A 88 -9.19 9.64 1.76
N PHE A 89 -8.50 9.58 0.61
CA PHE A 89 -8.26 10.75 -0.25
C PHE A 89 -9.60 11.39 -0.69
N GLU A 90 -10.49 10.53 -1.24
CA GLU A 90 -11.84 10.95 -1.72
C GLU A 90 -12.76 11.41 -0.56
N ALA A 91 -12.48 10.93 0.67
CA ALA A 91 -13.26 11.27 1.90
C ALA A 91 -12.82 12.61 2.54
N GLY A 92 -11.74 13.22 2.00
CA GLY A 92 -11.21 14.49 2.51
C GLY A 92 -10.21 14.35 3.67
N MET A 93 -9.77 13.11 3.94
CA MET A 93 -8.81 12.80 5.03
C MET A 93 -7.37 12.68 4.47
N ALA A 94 -7.11 11.53 3.80
CA ALA A 94 -5.80 11.18 3.22
C ALA A 94 -4.61 11.25 4.24
N PRO A 95 -4.41 10.16 5.05
CA PRO A 95 -3.19 10.00 5.93
C PRO A 95 -1.82 10.04 5.16
N PRO A 96 -0.66 10.31 5.87
CA PRO A 96 0.68 10.24 5.25
C PRO A 96 1.07 8.82 4.77
N VAL A 97 1.06 8.60 3.44
CA VAL A 97 1.48 7.33 2.81
C VAL A 97 2.95 7.43 2.35
N VAL A 98 3.61 6.28 2.27
CA VAL A 98 4.97 6.16 1.71
C VAL A 98 4.98 6.31 0.16
N LEU A 99 6.02 6.98 -0.37
CA LEU A 99 6.32 6.98 -1.83
C LEU A 99 7.53 6.08 -2.17
N GLN A 100 8.21 5.62 -1.11
CA GLN A 100 9.52 4.92 -1.20
C GLN A 100 9.38 3.38 -0.97
N SER A 101 8.13 2.93 -0.79
CA SER A 101 7.80 1.51 -0.55
C SER A 101 6.65 1.04 -1.45
N THR A 102 5.52 1.82 -1.44
CA THR A 102 4.26 1.54 -2.20
C THR A 102 4.50 0.93 -3.61
N GLU A 103 3.91 -0.26 -3.85
CA GLU A 103 4.16 -1.07 -5.07
C GLU A 103 3.30 -0.64 -6.29
N LYS A 104 3.57 -1.29 -7.45
CA LYS A 104 2.84 -1.07 -8.73
C LYS A 104 1.35 -1.41 -8.63
N SER A 105 1.05 -2.49 -7.89
CA SER A 105 -0.33 -3.01 -7.73
C SER A 105 -1.26 -1.99 -7.01
N ALA A 106 -0.65 -1.14 -6.16
CA ALA A 106 -1.35 -0.03 -5.51
C ALA A 106 -1.86 1.02 -6.53
N LEU A 107 -0.96 1.42 -7.46
CA LEU A 107 -1.24 2.43 -8.53
C LEU A 107 -2.43 2.03 -9.45
N ARG A 108 -2.83 0.77 -9.40
CA ARG A 108 -3.96 0.24 -10.18
C ARG A 108 -5.30 0.67 -9.54
N TYR A 109 -5.33 0.65 -8.20
CA TYR A 109 -6.52 1.04 -7.41
C TYR A 109 -6.54 2.56 -7.12
N VAL A 110 -5.37 3.19 -6.90
CA VAL A 110 -5.28 4.63 -6.54
C VAL A 110 -4.98 5.54 -7.75
N SER A 111 -3.84 5.24 -8.44
CA SER A 111 -3.01 6.20 -9.22
C SER A 111 -2.02 6.92 -8.27
N LEU A 112 -0.74 7.01 -8.72
CA LEU A 112 0.35 7.68 -7.97
C LEU A 112 0.00 9.12 -7.49
N ALA A 113 -0.87 9.82 -8.25
CA ALA A 113 -1.30 11.21 -7.94
C ALA A 113 -1.94 11.33 -6.53
N ASP A 114 -2.70 10.29 -6.13
CA ASP A 114 -3.43 10.24 -4.86
C ASP A 114 -2.46 9.95 -3.69
N LEU A 115 -1.39 9.18 -3.99
CA LEU A 115 -0.28 8.91 -3.06
C LEU A 115 0.47 10.22 -2.72
N GLN A 116 0.94 10.90 -3.78
CA GLN A 116 1.76 12.13 -3.69
C GLN A 116 0.97 13.32 -3.09
N ALA A 117 -0.37 13.30 -3.31
CA ALA A 117 -1.33 14.29 -2.74
C ALA A 117 -1.15 14.54 -1.21
N HIS A 118 -0.87 13.46 -0.45
CA HIS A 118 -0.63 13.55 1.02
C HIS A 118 0.55 12.65 1.46
N ALA A 119 1.61 12.63 0.65
CA ALA A 119 2.90 12.01 1.01
C ALA A 119 4.02 13.07 1.11
N LEU A 120 5.28 12.60 1.27
CA LEU A 120 6.47 13.49 1.35
C LEU A 120 6.67 14.31 0.05
N PRO A 121 7.09 15.61 0.15
CA PRO A 121 7.47 16.45 -1.03
C PRO A 121 8.80 15.96 -1.68
N VAL A 122 8.79 15.75 -3.00
CA VAL A 122 9.94 15.20 -3.75
C VAL A 122 9.98 15.74 -5.19
N LEU A 123 11.20 16.01 -5.68
CA LEU A 123 11.44 16.47 -7.07
C LEU A 123 12.48 15.56 -7.76
N GLU A 124 11.98 14.42 -8.25
CA GLU A 124 12.80 13.39 -8.93
C GLU A 124 13.24 13.87 -10.34
N HIS A 125 14.55 13.72 -10.65
CA HIS A 125 15.12 14.15 -11.94
C HIS A 125 14.76 13.14 -13.06
N HIS A 126 14.09 13.66 -14.11
CA HIS A 126 13.56 12.85 -15.23
C HIS A 126 14.69 12.46 -16.23
N HIS A 127 15.76 13.27 -16.26
CA HIS A 127 16.94 13.12 -17.16
C HIS A 127 16.51 13.17 -18.66
N HIS A 128 16.20 11.98 -19.24
CA HIS A 128 15.76 11.78 -20.64
C HIS A 128 16.86 12.18 -21.68
N HIS A 129 17.05 13.51 -21.88
CA HIS A 129 17.95 14.12 -22.91
C HIS A 129 17.38 13.87 -24.34
N HIS A 130 17.23 14.97 -25.13
CA HIS A 130 16.53 14.95 -26.44
C HIS A 130 15.02 14.54 -26.27
N MET A 1 4.80 -0.44 22.61
CA MET A 1 3.98 -1.38 23.40
C MET A 1 4.61 -2.78 23.40
N GLY A 2 4.79 -3.36 22.19
CA GLY A 2 5.38 -4.70 22.03
C GLY A 2 5.46 -5.14 20.57
N GLN A 3 6.65 -5.58 20.13
CA GLN A 3 6.90 -6.06 18.75
C GLN A 3 7.86 -7.27 18.79
N GLY A 4 7.33 -8.49 18.59
CA GLY A 4 8.12 -9.73 18.59
C GLY A 4 8.93 -9.94 17.31
N GLN A 5 10.27 -9.92 17.42
CA GLN A 5 11.19 -10.16 16.27
C GLN A 5 12.33 -11.14 16.67
N ASN A 6 12.49 -12.21 15.87
CA ASN A 6 13.56 -13.23 16.05
C ASN A 6 13.63 -14.15 14.80
N VAL A 7 14.87 -14.51 14.38
CA VAL A 7 15.19 -15.32 13.18
C VAL A 7 14.85 -14.60 11.83
N LEU A 8 13.57 -14.22 11.68
CA LEU A 8 13.03 -13.53 10.48
C LEU A 8 13.60 -12.09 10.25
N GLY A 9 14.42 -11.59 11.19
CA GLY A 9 14.97 -10.22 11.15
C GLY A 9 15.82 -9.89 9.90
N GLN A 10 16.38 -10.93 9.25
CA GLN A 10 17.15 -10.78 8.00
C GLN A 10 17.06 -12.09 7.19
N ASP A 11 17.45 -11.99 5.90
CA ASP A 11 17.37 -13.11 4.94
C ASP A 11 18.41 -12.95 3.81
N LEU A 12 18.90 -14.09 3.30
CA LEU A 12 19.75 -14.14 2.09
C LEU A 12 19.41 -15.40 1.25
N GLU A 13 18.28 -16.07 1.60
CA GLU A 13 17.80 -17.25 0.87
C GLU A 13 17.04 -16.81 -0.41
N VAL A 14 16.06 -15.92 -0.24
CA VAL A 14 15.25 -15.38 -1.35
C VAL A 14 15.45 -13.82 -1.53
N CYS A 15 14.96 -13.00 -0.56
CA CYS A 15 14.96 -11.50 -0.64
C CYS A 15 14.43 -10.97 -2.00
N CYS A 16 13.24 -11.45 -2.40
CA CYS A 16 12.56 -11.00 -3.63
C CYS A 16 11.92 -9.62 -3.42
N CYS A 17 12.18 -8.69 -4.37
CA CYS A 17 11.65 -7.28 -4.36
C CYS A 17 12.26 -6.41 -3.22
N ALA A 18 11.99 -6.79 -1.97
CA ALA A 18 12.51 -6.11 -0.76
C ALA A 18 13.45 -7.04 0.04
N PRO A 19 14.33 -6.49 0.94
CA PRO A 19 15.06 -7.31 1.94
C PRO A 19 14.12 -7.83 3.07
N MET A 20 14.65 -8.76 3.90
CA MET A 20 13.95 -9.31 5.10
C MET A 20 12.71 -10.17 4.75
N THR A 21 12.55 -10.59 3.47
CA THR A 21 11.40 -11.44 3.04
C THR A 21 11.67 -12.93 3.42
N GLY A 22 10.85 -13.48 4.33
CA GLY A 22 10.97 -14.89 4.74
C GLY A 22 10.32 -15.85 3.75
N TRP A 23 9.10 -16.33 4.08
CA TRP A 23 8.31 -17.24 3.21
C TRP A 23 6.80 -17.06 3.42
N TYR A 24 6.00 -17.65 2.51
CA TYR A 24 4.52 -17.71 2.60
C TYR A 24 3.97 -18.75 1.60
N ARG A 25 4.31 -18.57 0.29
CA ARG A 25 3.86 -19.48 -0.78
C ARG A 25 5.06 -20.15 -1.50
N ASN A 26 5.77 -19.38 -2.36
CA ASN A 26 6.82 -19.91 -3.26
C ASN A 26 8.16 -19.16 -3.01
N GLY A 27 8.99 -19.70 -2.09
CA GLY A 27 10.30 -19.09 -1.74
C GLY A 27 10.17 -17.81 -0.90
N PHE A 28 9.79 -16.70 -1.57
CA PHE A 28 9.49 -15.41 -0.91
C PHE A 28 8.15 -15.44 -0.14
N CYS A 29 7.77 -14.28 0.43
CA CYS A 29 6.45 -14.08 1.05
C CYS A 29 5.33 -13.98 -0.04
N GLN A 30 5.01 -12.75 -0.50
CA GLN A 30 3.94 -12.50 -1.50
C GLN A 30 4.14 -11.13 -2.21
N THR A 31 5.40 -10.68 -2.23
CA THR A 31 5.80 -9.31 -2.66
C THR A 31 6.05 -9.20 -4.19
N ASP A 32 5.74 -10.27 -4.95
CA ASP A 32 5.89 -10.29 -6.42
C ASP A 32 4.51 -10.10 -7.12
N VAL A 33 3.68 -11.16 -7.13
CA VAL A 33 2.28 -11.11 -7.62
C VAL A 33 1.41 -12.11 -6.82
N GLN A 34 2.01 -13.30 -6.56
CA GLN A 34 1.37 -14.48 -5.97
C GLN A 34 0.24 -15.04 -6.89
N ASP A 35 -0.94 -14.38 -6.90
CA ASP A 35 -2.11 -14.78 -7.71
C ASP A 35 -2.83 -13.53 -8.31
N ARG A 36 -3.97 -13.75 -8.99
CA ARG A 36 -4.75 -12.67 -9.65
C ARG A 36 -5.73 -11.94 -8.66
N GLY A 37 -5.28 -11.77 -7.39
CA GLY A 37 -6.11 -11.18 -6.33
C GLY A 37 -5.87 -9.67 -6.12
N SER A 38 -5.63 -9.28 -4.86
CA SER A 38 -5.48 -7.85 -4.45
C SER A 38 -4.06 -7.30 -4.76
N HIS A 39 -3.12 -8.19 -5.10
CA HIS A 39 -1.71 -7.86 -5.42
C HIS A 39 -0.97 -7.23 -4.22
N THR A 40 0.18 -6.57 -4.48
CA THR A 40 1.09 -6.09 -3.40
C THR A 40 0.80 -4.62 -3.06
N VAL A 41 0.11 -4.40 -1.92
CA VAL A 41 -0.15 -3.05 -1.39
C VAL A 41 0.28 -2.99 0.10
N CYS A 42 1.46 -2.41 0.37
CA CYS A 42 1.90 -2.12 1.74
C CYS A 42 1.91 -0.59 1.95
N ALA A 43 0.93 -0.09 2.70
CA ALA A 43 0.73 1.35 2.97
C ALA A 43 0.35 1.54 4.44
N GLU A 44 0.70 2.69 5.01
CA GLU A 44 0.52 2.91 6.47
C GLU A 44 -0.49 4.06 6.72
N MET A 45 -1.69 3.69 7.21
CA MET A 45 -2.75 4.64 7.56
C MET A 45 -2.72 5.00 9.06
N THR A 46 -3.22 6.19 9.39
CA THR A 46 -3.32 6.69 10.78
C THR A 46 -4.67 6.30 11.41
N GLU A 47 -4.72 6.26 12.75
CA GLU A 47 -5.93 5.84 13.51
C GLU A 47 -7.11 6.80 13.28
N GLU A 48 -6.82 8.08 12.99
CA GLU A 48 -7.86 9.08 12.61
C GLU A 48 -8.72 8.57 11.40
N PHE A 49 -8.03 7.88 10.45
CA PHE A 49 -8.69 7.21 9.31
C PHE A 49 -9.32 5.87 9.72
N LEU A 50 -8.60 5.04 10.51
CA LEU A 50 -9.08 3.69 10.85
C LEU A 50 -10.37 3.72 11.70
N LEU A 51 -10.46 4.63 12.66
CA LEU A 51 -11.70 4.85 13.46
C LEU A 51 -12.86 5.36 12.56
N PHE A 52 -12.52 6.14 11.51
CA PHE A 52 -13.48 6.58 10.47
C PHE A 52 -13.99 5.38 9.61
N SER A 53 -13.09 4.48 9.20
CA SER A 53 -13.41 3.28 8.36
C SER A 53 -14.15 2.19 9.18
N ARG A 54 -13.84 2.13 10.49
CA ARG A 54 -14.51 1.24 11.47
C ARG A 54 -15.99 1.69 11.68
N ASP A 55 -16.17 3.01 11.89
CA ASP A 55 -17.50 3.65 12.04
C ASP A 55 -18.28 3.65 10.68
N ARG A 56 -17.53 3.67 9.57
CA ARG A 56 -18.08 3.58 8.19
C ARG A 56 -18.89 2.28 8.01
N GLY A 57 -18.32 1.16 8.50
CA GLY A 57 -19.01 -0.14 8.50
C GLY A 57 -19.96 -0.30 9.70
N ASN A 58 -19.37 -0.50 10.90
CA ASN A 58 -20.13 -0.67 12.16
C ASN A 58 -19.21 -0.44 13.40
N ASP A 59 -18.29 -1.40 13.68
CA ASP A 59 -17.30 -1.30 14.78
C ASP A 59 -15.92 -1.90 14.36
N LEU A 60 -15.95 -3.14 13.84
CA LEU A 60 -14.80 -3.84 13.17
C LEU A 60 -13.58 -4.20 14.09
N MET A 61 -13.40 -3.52 15.25
CA MET A 61 -12.29 -3.82 16.19
C MET A 61 -12.59 -3.32 17.62
N THR A 62 -13.03 -2.04 17.76
CA THR A 62 -13.33 -1.39 19.08
C THR A 62 -12.05 -1.21 19.98
N PRO A 63 -11.81 0.00 20.60
CA PRO A 63 -10.73 0.19 21.62
C PRO A 63 -10.92 -0.76 22.84
N ARG A 64 -10.09 -1.83 22.91
CA ARG A 64 -10.26 -2.93 23.88
C ARG A 64 -8.87 -3.57 24.22
N PRO A 65 -8.60 -3.98 25.52
CA PRO A 65 -7.27 -4.55 25.93
C PRO A 65 -7.00 -6.02 25.45
N GLU A 66 -7.80 -6.52 24.50
CA GLU A 66 -7.70 -7.90 23.98
C GLU A 66 -7.11 -7.95 22.55
N PHE A 67 -6.41 -9.04 22.24
CA PHE A 67 -5.73 -9.27 20.94
C PHE A 67 -6.67 -10.00 19.93
N ASN A 68 -8.00 -9.94 20.18
CA ASN A 68 -9.02 -10.66 19.37
C ASN A 68 -9.10 -10.16 17.89
N PHE A 69 -8.56 -8.93 17.64
CA PHE A 69 -8.59 -8.29 16.29
C PHE A 69 -7.15 -7.93 15.81
N PRO A 70 -6.50 -8.83 15.02
CA PRO A 70 -5.23 -8.52 14.33
C PRO A 70 -5.44 -8.01 12.87
N GLY A 71 -6.61 -7.39 12.61
CA GLY A 71 -7.01 -6.96 11.26
C GLY A 71 -6.52 -5.55 10.88
N LEU A 72 -5.18 -5.39 10.79
CA LEU A 72 -4.51 -4.13 10.37
C LEU A 72 -4.84 -2.91 11.28
N LYS A 73 -3.94 -2.59 12.21
CA LYS A 73 -4.04 -1.38 13.06
C LYS A 73 -3.21 -0.23 12.46
N ALA A 74 -3.37 0.99 13.01
CA ALA A 74 -2.60 2.18 12.59
C ALA A 74 -1.10 1.97 12.85
N GLY A 75 -0.31 1.90 11.77
CA GLY A 75 1.14 1.62 11.85
C GLY A 75 1.55 0.30 11.16
N ASP A 76 0.56 -0.53 10.80
CA ASP A 76 0.81 -1.78 10.03
C ASP A 76 0.87 -1.49 8.52
N ARG A 77 2.10 -1.35 8.00
CA ARG A 77 2.34 -1.14 6.56
C ARG A 77 2.66 -2.49 5.90
N TRP A 78 1.59 -3.23 5.54
CA TRP A 78 1.63 -4.61 4.98
C TRP A 78 0.19 -5.01 4.60
N CYS A 79 -0.06 -5.34 3.32
CA CYS A 79 -1.36 -5.88 2.84
C CYS A 79 -2.56 -4.91 3.10
N LEU A 80 -2.26 -3.60 3.14
CA LEU A 80 -3.26 -2.55 3.43
C LEU A 80 -4.29 -2.43 2.29
N CYS A 81 -5.58 -2.31 2.65
CA CYS A 81 -6.70 -2.17 1.70
C CYS A 81 -6.63 -0.81 0.94
N ALA A 82 -6.01 -0.83 -0.27
CA ALA A 82 -5.79 0.38 -1.10
C ALA A 82 -7.10 1.11 -1.49
N SER A 83 -8.20 0.35 -1.62
CA SER A 83 -9.56 0.90 -1.88
C SER A 83 -9.98 1.96 -0.81
N ARG A 84 -9.57 1.71 0.44
CA ARG A 84 -9.87 2.60 1.59
C ARG A 84 -9.02 3.90 1.54
N TRP A 85 -7.73 3.79 1.18
CA TRP A 85 -6.83 4.96 1.01
C TRP A 85 -7.30 5.84 -0.19
N GLN A 86 -7.55 5.18 -1.34
CA GLN A 86 -8.22 5.80 -2.51
C GLN A 86 -9.54 6.55 -2.12
N GLU A 87 -10.34 5.92 -1.24
CA GLU A 87 -11.58 6.53 -0.69
C GLU A 87 -11.27 7.84 0.07
N ALA A 88 -10.25 7.82 0.95
CA ALA A 88 -9.92 8.97 1.86
C ALA A 88 -9.64 10.28 1.08
N PHE A 89 -8.95 10.18 -0.06
CA PHE A 89 -8.61 11.38 -0.88
C PHE A 89 -9.86 11.93 -1.61
N GLU A 90 -10.66 11.04 -2.19
CA GLU A 90 -11.91 11.40 -2.91
C GLU A 90 -13.03 11.84 -1.93
N ALA A 91 -12.92 11.43 -0.65
CA ALA A 91 -13.85 11.83 0.44
C ALA A 91 -13.43 13.19 1.05
N GLY A 92 -12.13 13.53 0.92
CA GLY A 92 -11.58 14.80 1.43
C GLY A 92 -11.22 14.76 2.92
N MET A 93 -10.60 13.65 3.34
CA MET A 93 -10.13 13.44 4.74
C MET A 93 -8.77 12.69 4.76
N ALA A 94 -8.13 12.60 3.59
CA ALA A 94 -6.86 11.86 3.35
C ALA A 94 -5.71 12.20 4.34
N PRO A 95 -5.29 11.20 5.19
CA PRO A 95 -4.05 11.29 6.04
C PRO A 95 -2.73 11.13 5.22
N PRO A 96 -1.50 11.25 5.85
CA PRO A 96 -0.21 10.98 5.13
C PRO A 96 0.02 9.47 4.81
N VAL A 97 0.80 9.22 3.73
CA VAL A 97 1.19 7.86 3.29
C VAL A 97 2.68 7.86 2.87
N VAL A 98 3.28 6.68 2.67
CA VAL A 98 4.62 6.53 2.07
C VAL A 98 4.52 6.36 0.52
N LEU A 99 5.38 7.07 -0.23
CA LEU A 99 5.68 6.75 -1.65
C LEU A 99 6.89 5.78 -1.72
N GLN A 100 7.84 6.01 -0.80
CA GLN A 100 9.17 5.35 -0.77
C GLN A 100 9.14 3.91 -0.17
N SER A 101 7.93 3.33 -0.02
CA SER A 101 7.75 1.95 0.53
C SER A 101 6.54 1.26 -0.13
N THR A 102 5.43 2.00 -0.37
CA THR A 102 4.23 1.47 -1.10
C THR A 102 4.60 1.06 -2.54
N GLU A 103 4.21 -0.16 -2.94
CA GLU A 103 4.53 -0.72 -4.29
C GLU A 103 3.65 -0.09 -5.40
N LYS A 104 4.11 -0.23 -6.66
CA LYS A 104 3.39 0.27 -7.85
C LYS A 104 2.12 -0.57 -8.16
N SER A 105 2.02 -1.79 -7.59
CA SER A 105 0.82 -2.65 -7.71
C SER A 105 -0.44 -1.98 -7.10
N ALA A 106 -0.22 -1.07 -6.12
CA ALA A 106 -1.30 -0.26 -5.49
C ALA A 106 -2.03 0.66 -6.50
N LEU A 107 -1.28 1.14 -7.52
CA LEU A 107 -1.76 2.15 -8.54
C LEU A 107 -2.95 1.65 -9.42
N ARG A 108 -3.44 0.43 -9.19
CA ARG A 108 -4.59 -0.14 -9.93
C ARG A 108 -5.89 0.08 -9.13
N TYR A 109 -5.74 0.14 -7.81
CA TYR A 109 -6.83 0.30 -6.83
C TYR A 109 -6.94 1.78 -6.43
N VAL A 110 -5.77 2.41 -6.18
CA VAL A 110 -5.64 3.89 -6.13
C VAL A 110 -5.23 4.45 -7.51
N SER A 111 -4.92 5.74 -7.51
CA SER A 111 -4.04 6.36 -8.51
C SER A 111 -2.79 6.87 -7.80
N LEU A 112 -1.68 6.98 -8.55
CA LEU A 112 -0.44 7.63 -8.10
C LEU A 112 -0.71 9.02 -7.46
N ALA A 113 -1.70 9.74 -8.02
CA ALA A 113 -2.08 11.10 -7.58
C ALA A 113 -2.56 11.16 -6.10
N ASP A 114 -3.24 10.10 -5.61
CA ASP A 114 -3.71 10.02 -4.20
C ASP A 114 -2.50 9.96 -3.24
N LEU A 115 -1.51 9.14 -3.64
CA LEU A 115 -0.28 8.90 -2.87
C LEU A 115 0.58 10.18 -2.78
N GLN A 116 0.85 10.77 -3.96
CA GLN A 116 1.74 11.95 -4.12
C GLN A 116 1.15 13.24 -3.53
N ALA A 117 -0.19 13.28 -3.46
CA ALA A 117 -0.92 14.36 -2.75
C ALA A 117 -0.56 14.41 -1.23
N HIS A 118 -0.15 13.26 -0.65
CA HIS A 118 0.18 13.14 0.80
C HIS A 118 1.52 12.41 1.03
N ALA A 119 2.43 12.51 0.02
CA ALA A 119 3.80 11.95 0.08
C ALA A 119 4.66 12.52 -1.07
N LEU A 120 5.98 12.53 -0.90
CA LEU A 120 6.92 12.96 -1.95
C LEU A 120 8.19 12.06 -1.97
N PRO A 121 8.97 12.06 -3.10
CA PRO A 121 10.35 11.51 -3.15
C PRO A 121 11.26 12.02 -2.00
N VAL A 122 12.08 11.12 -1.41
CA VAL A 122 13.04 11.49 -0.34
C VAL A 122 14.13 12.45 -0.92
N LEU A 123 14.31 13.61 -0.28
CA LEU A 123 15.01 14.78 -0.84
C LEU A 123 16.54 14.55 -0.92
N GLU A 124 17.02 14.20 -2.12
CA GLU A 124 18.47 14.06 -2.43
C GLU A 124 18.97 15.19 -3.39
N HIS A 125 18.03 15.81 -4.13
CA HIS A 125 18.31 16.99 -4.99
C HIS A 125 17.34 18.17 -4.69
N HIS A 126 17.55 19.28 -5.42
CA HIS A 126 16.86 20.57 -5.18
C HIS A 126 15.37 20.55 -5.62
N HIS A 127 14.50 21.06 -4.75
CA HIS A 127 13.09 21.41 -5.07
C HIS A 127 12.87 22.91 -4.76
N HIS A 128 11.69 23.44 -5.17
CA HIS A 128 11.35 24.89 -5.07
C HIS A 128 12.25 25.75 -6.01
N HIS A 129 11.70 26.11 -7.18
CA HIS A 129 12.41 26.86 -8.24
C HIS A 129 11.40 27.52 -9.22
N HIS A 130 11.92 28.45 -10.05
CA HIS A 130 11.11 29.13 -11.10
C HIS A 130 10.97 28.22 -12.37
N MET A 1 15.17 -1.84 21.11
CA MET A 1 14.46 -3.15 21.04
C MET A 1 14.58 -3.77 19.63
N GLY A 2 15.13 -5.00 19.55
CA GLY A 2 15.24 -5.72 18.29
C GLY A 2 13.90 -6.29 17.80
N GLN A 3 13.34 -5.67 16.74
CA GLN A 3 12.08 -6.15 16.10
C GLN A 3 12.35 -7.46 15.30
N GLY A 4 11.72 -8.56 15.73
CA GLY A 4 11.89 -9.87 15.09
C GLY A 4 10.98 -10.06 13.87
N GLN A 5 11.57 -10.04 12.66
CA GLN A 5 10.83 -10.32 11.40
C GLN A 5 10.88 -11.83 11.09
N ASN A 6 9.79 -12.38 10.55
CA ASN A 6 9.65 -13.84 10.30
C ASN A 6 8.68 -14.14 9.14
N VAL A 7 9.22 -14.84 8.11
CA VAL A 7 8.49 -15.39 6.94
C VAL A 7 7.61 -14.31 6.17
N LEU A 8 7.94 -13.03 6.38
CA LEU A 8 7.21 -11.88 5.78
C LEU A 8 7.43 -11.73 4.26
N GLY A 9 8.51 -12.36 3.75
CA GLY A 9 8.92 -12.28 2.35
C GLY A 9 10.37 -12.69 2.18
N GLN A 10 10.62 -14.00 1.97
CA GLN A 10 11.97 -14.61 1.97
C GLN A 10 12.02 -15.92 1.16
N ASP A 11 11.06 -16.81 1.42
CA ASP A 11 10.99 -18.14 0.80
C ASP A 11 10.25 -18.05 -0.56
N LEU A 12 9.93 -19.20 -1.18
CA LEU A 12 9.13 -19.23 -2.42
C LEU A 12 7.62 -19.09 -2.09
N GLU A 13 7.20 -17.88 -1.66
CA GLU A 13 5.77 -17.50 -1.52
C GLU A 13 5.07 -17.62 -2.90
N VAL A 14 5.73 -17.07 -3.93
CA VAL A 14 5.34 -17.25 -5.34
C VAL A 14 6.62 -17.20 -6.22
N CYS A 15 6.67 -18.05 -7.27
CA CYS A 15 7.84 -18.15 -8.17
C CYS A 15 7.41 -18.51 -9.60
N CYS A 16 7.77 -17.65 -10.56
CA CYS A 16 7.44 -17.85 -12.00
C CYS A 16 8.46 -18.76 -12.70
N CYS A 17 7.99 -19.57 -13.66
CA CYS A 17 8.87 -20.41 -14.54
C CYS A 17 9.70 -19.55 -15.53
N ALA A 18 9.31 -18.27 -15.71
CA ALA A 18 10.02 -17.30 -16.57
C ALA A 18 11.43 -16.96 -16.00
N PRO A 19 12.52 -17.09 -16.85
CA PRO A 19 13.92 -16.70 -16.45
C PRO A 19 14.06 -15.26 -15.90
N MET A 20 15.12 -15.03 -15.07
CA MET A 20 15.36 -13.76 -14.33
C MET A 20 14.21 -13.45 -13.32
N THR A 21 13.82 -14.48 -12.51
CA THR A 21 12.72 -14.38 -11.52
C THR A 21 12.90 -13.16 -10.56
N GLY A 22 12.21 -12.04 -10.90
CA GLY A 22 12.33 -10.79 -10.14
C GLY A 22 11.14 -9.86 -10.36
N TRP A 23 11.31 -8.83 -11.20
CA TRP A 23 10.29 -7.79 -11.47
C TRP A 23 9.10 -8.37 -12.29
N TYR A 24 8.05 -8.83 -11.56
CA TYR A 24 6.81 -9.43 -12.12
C TYR A 24 7.08 -10.73 -12.94
N ARG A 25 7.59 -10.58 -14.19
CA ARG A 25 8.02 -11.70 -15.09
C ARG A 25 6.82 -12.53 -15.61
N ASN A 26 6.27 -13.40 -14.75
CA ASN A 26 5.07 -14.24 -15.08
C ASN A 26 4.32 -14.62 -13.77
N GLY A 27 4.71 -13.98 -12.64
CA GLY A 27 4.18 -14.29 -11.31
C GLY A 27 5.29 -14.52 -10.26
N PHE A 28 6.07 -13.46 -9.98
CA PHE A 28 7.09 -13.46 -8.92
C PHE A 28 7.18 -12.05 -8.30
N CYS A 29 7.30 -12.00 -6.96
CA CYS A 29 7.56 -10.74 -6.22
C CYS A 29 8.29 -11.04 -4.87
N GLN A 30 7.92 -12.17 -4.23
CA GLN A 30 8.60 -12.73 -3.01
C GLN A 30 8.54 -11.74 -1.80
N THR A 31 7.49 -10.92 -1.77
CA THR A 31 7.14 -10.04 -0.63
C THR A 31 5.62 -10.14 -0.36
N ASP A 32 5.03 -11.20 -0.93
CA ASP A 32 3.60 -11.50 -0.88
C ASP A 32 3.32 -12.35 0.38
N VAL A 33 2.15 -12.16 1.00
CA VAL A 33 1.81 -12.85 2.26
C VAL A 33 1.19 -14.25 1.99
N GLN A 34 2.08 -15.19 1.58
CA GLN A 34 1.83 -16.66 1.52
C GLN A 34 0.74 -17.11 0.49
N ASP A 35 -0.54 -16.73 0.75
CA ASP A 35 -1.71 -17.08 -0.08
C ASP A 35 -1.54 -16.73 -1.59
N ARG A 36 -2.19 -17.56 -2.45
CA ARG A 36 -2.10 -17.43 -3.92
C ARG A 36 -3.16 -16.44 -4.46
N GLY A 37 -2.69 -15.35 -5.10
CA GLY A 37 -3.57 -14.34 -5.72
C GLY A 37 -3.23 -12.91 -5.30
N SER A 38 -4.15 -11.97 -5.64
CA SER A 38 -4.01 -10.51 -5.35
C SER A 38 -2.77 -9.89 -6.04
N HIS A 39 -2.48 -8.62 -5.71
CA HIS A 39 -1.23 -7.91 -6.10
C HIS A 39 -0.52 -7.34 -4.85
N THR A 40 0.67 -6.77 -5.04
CA THR A 40 1.52 -6.33 -3.91
C THR A 40 1.27 -4.83 -3.57
N VAL A 41 0.56 -4.58 -2.46
CA VAL A 41 0.29 -3.21 -1.95
C VAL A 41 0.75 -3.09 -0.48
N CYS A 42 1.65 -2.13 -0.21
CA CYS A 42 2.01 -1.71 1.16
C CYS A 42 1.69 -0.20 1.32
N ALA A 43 0.63 0.09 2.08
CA ALA A 43 0.18 1.46 2.37
C ALA A 43 -0.17 1.57 3.86
N GLU A 44 0.13 2.71 4.49
CA GLU A 44 0.00 2.84 5.95
C GLU A 44 -0.96 3.99 6.31
N MET A 45 -2.12 3.61 6.83
CA MET A 45 -3.16 4.57 7.27
C MET A 45 -2.92 4.94 8.75
N THR A 46 -3.04 6.24 9.09
CA THR A 46 -2.90 6.68 10.51
C THR A 46 -4.24 6.48 11.23
N GLU A 47 -4.18 6.44 12.58
CA GLU A 47 -5.34 6.09 13.43
C GLU A 47 -6.57 6.98 13.15
N GLU A 48 -6.33 8.24 12.76
CA GLU A 48 -7.40 9.24 12.56
C GLU A 48 -8.46 8.80 11.51
N PHE A 49 -8.03 8.12 10.43
CA PHE A 49 -8.97 7.56 9.42
C PHE A 49 -9.67 6.28 9.94
N LEU A 50 -8.93 5.41 10.65
CA LEU A 50 -9.50 4.16 11.22
C LEU A 50 -10.52 4.48 12.37
N LEU A 51 -10.33 5.66 13.00
CA LEU A 51 -11.28 6.25 13.97
C LEU A 51 -12.50 6.83 13.22
N PHE A 52 -12.25 7.56 12.11
CA PHE A 52 -13.34 8.06 11.21
C PHE A 52 -14.23 6.90 10.71
N SER A 53 -13.59 5.77 10.39
CA SER A 53 -14.27 4.58 9.83
C SER A 53 -15.25 3.94 10.84
N ARG A 54 -14.82 3.84 12.12
CA ARG A 54 -15.66 3.26 13.19
C ARG A 54 -16.76 4.26 13.70
N ASP A 55 -16.36 5.52 13.98
CA ASP A 55 -17.25 6.57 14.53
C ASP A 55 -18.32 7.06 13.51
N ARG A 56 -18.10 6.80 12.20
CA ARG A 56 -19.09 7.15 11.14
C ARG A 56 -20.34 6.24 11.21
N GLY A 57 -20.16 4.98 11.64
CA GLY A 57 -21.25 3.98 11.68
C GLY A 57 -21.54 3.45 13.09
N ASN A 58 -20.74 2.46 13.53
CA ASN A 58 -20.88 1.80 14.86
C ASN A 58 -19.49 1.58 15.51
N ASP A 59 -18.76 0.52 15.10
CA ASP A 59 -17.39 0.24 15.54
C ASP A 59 -16.73 -0.87 14.66
N LEU A 60 -15.60 -0.54 14.00
CA LEU A 60 -14.79 -1.51 13.21
C LEU A 60 -13.45 -1.79 13.91
N MET A 61 -12.58 -0.75 14.01
CA MET A 61 -11.29 -0.86 14.73
C MET A 61 -11.52 -0.71 16.25
N THR A 62 -11.74 -1.85 16.92
CA THR A 62 -12.01 -1.93 18.39
C THR A 62 -11.40 -3.23 18.98
N PRO A 63 -11.24 -3.33 20.36
CA PRO A 63 -10.79 -4.60 21.03
C PRO A 63 -11.77 -5.78 20.80
N ARG A 64 -11.56 -6.49 19.67
CA ARG A 64 -12.35 -7.66 19.26
C ARG A 64 -11.40 -8.88 19.09
N PRO A 65 -10.88 -9.49 20.20
CA PRO A 65 -9.79 -10.50 20.14
C PRO A 65 -10.25 -11.86 19.55
N GLU A 66 -11.50 -12.24 19.82
CA GLU A 66 -12.11 -13.52 19.36
C GLU A 66 -12.94 -13.33 18.06
N PHE A 67 -13.09 -12.07 17.62
CA PHE A 67 -13.91 -11.71 16.43
C PHE A 67 -13.01 -11.27 15.24
N ASN A 68 -11.84 -10.68 15.57
CA ASN A 68 -10.91 -10.12 14.58
C ASN A 68 -9.47 -10.11 15.15
N PHE A 69 -8.67 -11.15 14.81
CA PHE A 69 -7.26 -11.25 15.22
C PHE A 69 -6.35 -10.27 14.40
N PRO A 70 -6.42 -10.22 13.00
CA PRO A 70 -5.67 -9.21 12.22
C PRO A 70 -6.51 -7.91 11.96
N GLY A 71 -7.21 -7.83 10.81
CA GLY A 71 -8.05 -6.67 10.45
C GLY A 71 -7.29 -5.38 10.07
N LEU A 72 -5.95 -5.38 10.26
CA LEU A 72 -5.06 -4.20 10.08
C LEU A 72 -5.38 -3.05 11.06
N LYS A 73 -4.46 -2.83 12.03
CA LYS A 73 -4.54 -1.69 12.95
C LYS A 73 -3.65 -0.54 12.43
N ALA A 74 -3.81 0.65 13.03
CA ALA A 74 -3.10 1.86 12.62
C ALA A 74 -1.56 1.73 12.74
N GLY A 75 -0.85 2.00 11.63
CA GLY A 75 0.61 1.87 11.56
C GLY A 75 1.12 0.57 10.90
N ASP A 76 0.20 -0.29 10.41
CA ASP A 76 0.56 -1.49 9.64
C ASP A 76 0.47 -1.25 8.11
N ARG A 77 1.64 -1.19 7.43
CA ARG A 77 1.70 -1.22 5.95
C ARG A 77 1.86 -2.69 5.46
N TRP A 78 0.70 -3.35 5.27
CA TRP A 78 0.66 -4.82 5.08
C TRP A 78 -0.73 -5.24 4.56
N CYS A 79 -0.80 -5.84 3.35
CA CYS A 79 -2.07 -6.31 2.71
C CYS A 79 -3.20 -5.24 2.70
N LEU A 80 -2.83 -3.94 2.79
CA LEU A 80 -3.79 -2.82 3.02
C LEU A 80 -4.86 -2.73 1.90
N CYS A 81 -4.46 -3.15 0.67
CA CYS A 81 -5.27 -3.00 -0.57
C CYS A 81 -5.42 -1.51 -0.94
N ALA A 82 -4.81 -1.13 -2.08
CA ALA A 82 -4.70 0.27 -2.52
C ALA A 82 -6.08 0.97 -2.70
N SER A 83 -7.11 0.18 -3.05
CA SER A 83 -8.50 0.69 -3.20
C SER A 83 -9.09 1.22 -1.86
N ARG A 84 -8.69 0.61 -0.74
CA ARG A 84 -9.10 1.04 0.63
C ARG A 84 -8.55 2.45 0.98
N TRP A 85 -7.27 2.68 0.62
CA TRP A 85 -6.60 3.98 0.84
C TRP A 85 -7.20 5.07 -0.09
N GLN A 86 -7.31 4.76 -1.39
CA GLN A 86 -7.91 5.66 -2.40
C GLN A 86 -9.33 6.14 -1.97
N GLU A 87 -10.12 5.21 -1.42
CA GLU A 87 -11.49 5.50 -0.94
C GLU A 87 -11.52 6.51 0.23
N ALA A 88 -10.40 6.61 0.99
CA ALA A 88 -10.26 7.58 2.10
C ALA A 88 -10.20 9.03 1.58
N PHE A 89 -9.47 9.23 0.46
CA PHE A 89 -9.42 10.53 -0.25
C PHE A 89 -10.80 10.89 -0.83
N GLU A 90 -11.46 9.88 -1.43
CA GLU A 90 -12.81 10.01 -2.04
C GLU A 90 -13.90 10.25 -0.95
N ALA A 91 -13.59 9.83 0.31
CA ALA A 91 -14.44 10.11 1.50
C ALA A 91 -14.19 11.52 2.09
N GLY A 92 -13.21 12.26 1.51
CA GLY A 92 -12.84 13.60 1.97
C GLY A 92 -11.98 13.58 3.25
N MET A 93 -11.02 12.64 3.30
CA MET A 93 -10.10 12.48 4.46
C MET A 93 -8.63 12.39 3.99
N ALA A 94 -8.22 11.21 3.47
CA ALA A 94 -6.84 10.89 3.05
C ALA A 94 -5.81 11.07 4.20
N PRO A 95 -5.46 9.98 4.95
CA PRO A 95 -4.34 10.00 5.93
C PRO A 95 -2.93 9.97 5.23
N PRO A 96 -1.83 10.44 5.92
CA PRO A 96 -0.45 10.35 5.37
C PRO A 96 -0.01 8.88 5.09
N VAL A 97 0.14 8.55 3.79
CA VAL A 97 0.52 7.19 3.33
C VAL A 97 2.06 7.07 3.10
N VAL A 98 2.59 5.86 3.30
CA VAL A 98 4.05 5.57 3.28
C VAL A 98 4.63 5.42 1.83
N LEU A 99 5.12 6.53 1.25
CA LEU A 99 5.67 6.58 -0.14
C LEU A 99 7.02 5.85 -0.28
N GLN A 100 7.76 5.67 0.83
CA GLN A 100 9.05 4.93 0.84
C GLN A 100 8.86 3.39 0.70
N SER A 101 7.63 2.90 0.97
CA SER A 101 7.34 1.44 1.00
C SER A 101 6.19 1.02 0.06
N THR A 102 5.53 1.99 -0.60
CA THR A 102 4.41 1.68 -1.56
C THR A 102 4.96 1.03 -2.85
N GLU A 103 4.39 -0.14 -3.22
CA GLU A 103 4.79 -0.90 -4.41
C GLU A 103 4.03 -0.41 -5.69
N LYS A 104 4.62 -0.68 -6.87
CA LYS A 104 4.10 -0.25 -8.20
C LYS A 104 2.65 -0.74 -8.50
N SER A 105 2.30 -1.94 -7.97
CA SER A 105 0.95 -2.53 -8.13
C SER A 105 -0.18 -1.64 -7.52
N ALA A 106 0.16 -0.86 -6.47
CA ALA A 106 -0.79 0.06 -5.80
C ALA A 106 -1.26 1.22 -6.73
N LEU A 107 -0.37 1.62 -7.66
CA LEU A 107 -0.63 2.73 -8.62
C LEU A 107 -1.75 2.34 -9.64
N ARG A 108 -1.94 1.03 -9.87
CA ARG A 108 -2.98 0.53 -10.80
C ARG A 108 -4.41 0.78 -10.24
N TYR A 109 -4.50 1.04 -8.92
CA TYR A 109 -5.78 1.30 -8.21
C TYR A 109 -5.95 2.81 -7.94
N VAL A 110 -4.93 3.44 -7.30
CA VAL A 110 -5.04 4.86 -6.83
C VAL A 110 -4.37 5.84 -7.81
N SER A 111 -3.23 5.39 -8.39
CA SER A 111 -2.26 6.22 -9.14
C SER A 111 -1.43 7.10 -8.19
N LEU A 112 -0.11 7.14 -8.39
CA LEU A 112 0.86 7.87 -7.51
C LEU A 112 0.40 9.31 -7.12
N ALA A 113 -0.38 9.97 -8.00
CA ALA A 113 -0.85 11.35 -7.74
C ALA A 113 -1.72 11.44 -6.47
N ASP A 114 -2.50 10.39 -6.19
CA ASP A 114 -3.36 10.27 -4.99
C ASP A 114 -2.49 10.00 -3.72
N LEU A 115 -1.46 9.13 -3.86
CA LEU A 115 -0.46 8.85 -2.78
C LEU A 115 0.20 10.17 -2.29
N GLN A 116 0.72 10.92 -3.27
CA GLN A 116 1.47 12.17 -3.05
C GLN A 116 0.58 13.35 -2.66
N ALA A 117 -0.72 13.25 -3.03
CA ALA A 117 -1.77 14.22 -2.59
C ALA A 117 -1.84 14.41 -1.04
N HIS A 118 -1.29 13.44 -0.26
CA HIS A 118 -1.21 13.60 1.22
C HIS A 118 0.15 13.10 1.81
N ALA A 119 1.20 13.02 0.97
CA ALA A 119 2.57 12.69 1.44
C ALA A 119 3.63 13.49 0.68
N LEU A 120 4.93 13.17 0.91
CA LEU A 120 6.07 13.89 0.30
C LEU A 120 6.10 13.75 -1.26
N PRO A 121 6.64 14.78 -2.01
CA PRO A 121 6.81 14.70 -3.48
C PRO A 121 8.05 13.85 -3.88
N VAL A 122 7.98 13.19 -5.05
CA VAL A 122 9.15 12.49 -5.64
C VAL A 122 9.77 13.36 -6.76
N LEU A 123 11.05 13.72 -6.58
CA LEU A 123 11.83 14.47 -7.57
C LEU A 123 12.87 13.56 -8.23
N GLU A 124 12.83 13.51 -9.57
CA GLU A 124 13.84 12.78 -10.38
C GLU A 124 15.10 13.64 -10.61
N HIS A 125 16.21 12.99 -10.99
CA HIS A 125 17.41 13.66 -11.52
C HIS A 125 17.26 13.85 -13.04
N HIS A 126 17.24 12.71 -13.77
CA HIS A 126 16.93 12.66 -15.22
C HIS A 126 16.16 11.34 -15.51
N HIS A 127 15.31 11.34 -16.56
CA HIS A 127 14.60 10.11 -17.01
C HIS A 127 15.63 9.05 -17.50
N HIS A 128 16.18 9.31 -18.69
CA HIS A 128 17.20 8.46 -19.37
C HIS A 128 17.75 9.24 -20.58
N HIS A 129 18.36 10.40 -20.27
CA HIS A 129 18.81 11.42 -21.25
C HIS A 129 17.61 11.95 -22.11
N HIS A 130 17.38 11.34 -23.30
CA HIS A 130 16.35 11.78 -24.29
C HIS A 130 16.53 13.28 -24.72
N MET A 1 26.12 -20.05 -18.84
CA MET A 1 26.77 -19.92 -17.49
C MET A 1 28.28 -19.61 -17.64
N GLY A 2 28.71 -18.48 -17.05
CA GLY A 2 30.12 -18.05 -17.10
C GLY A 2 30.35 -16.75 -16.35
N GLN A 3 31.19 -15.84 -16.89
CA GLN A 3 31.46 -14.54 -16.23
C GLN A 3 30.55 -13.41 -16.79
N GLY A 4 29.37 -13.26 -16.15
CA GLY A 4 28.51 -12.09 -16.35
C GLY A 4 28.70 -11.05 -15.23
N GLN A 5 27.67 -10.24 -14.95
CA GLN A 5 27.70 -9.31 -13.81
C GLN A 5 27.01 -9.94 -12.59
N ASN A 6 27.80 -10.12 -11.53
CA ASN A 6 27.36 -10.74 -10.26
C ASN A 6 27.90 -9.92 -9.05
N VAL A 7 27.00 -9.06 -8.49
CA VAL A 7 27.25 -8.18 -7.32
C VAL A 7 28.42 -7.13 -7.54
N LEU A 8 29.06 -7.15 -8.72
CA LEU A 8 30.25 -6.31 -9.03
C LEU A 8 29.87 -4.92 -9.62
N GLY A 9 28.56 -4.63 -9.67
CA GLY A 9 28.04 -3.37 -10.18
C GLY A 9 26.51 -3.33 -10.16
N GLN A 10 25.89 -3.37 -11.36
CA GLN A 10 24.42 -3.32 -11.53
C GLN A 10 23.98 -4.25 -12.70
N ASP A 11 23.07 -5.20 -12.39
CA ASP A 11 22.55 -6.20 -13.36
C ASP A 11 21.46 -7.06 -12.70
N LEU A 12 20.36 -7.31 -13.44
CA LEU A 12 19.20 -8.12 -13.00
C LEU A 12 18.49 -7.45 -11.77
N GLU A 13 19.02 -7.69 -10.54
CA GLU A 13 18.55 -7.07 -9.26
C GLU A 13 17.01 -7.26 -9.03
N VAL A 14 16.65 -8.32 -8.28
CA VAL A 14 15.27 -8.85 -8.23
C VAL A 14 14.84 -9.22 -6.77
N CYS A 15 13.53 -9.48 -6.57
CA CYS A 15 12.95 -10.01 -5.32
C CYS A 15 13.36 -11.49 -5.04
N CYS A 16 13.92 -12.15 -6.09
CA CYS A 16 14.45 -13.54 -6.09
C CYS A 16 13.32 -14.58 -6.29
N CYS A 17 13.58 -15.52 -7.21
CA CYS A 17 12.61 -16.56 -7.65
C CYS A 17 13.33 -17.56 -8.57
N ALA A 18 14.07 -17.01 -9.55
CA ALA A 18 14.91 -17.78 -10.50
C ALA A 18 16.05 -16.87 -11.05
N PRO A 19 17.16 -17.43 -11.61
CA PRO A 19 18.23 -16.64 -12.30
C PRO A 19 17.70 -15.51 -13.26
N MET A 20 16.78 -15.87 -14.17
CA MET A 20 16.09 -14.87 -15.05
C MET A 20 14.82 -14.30 -14.35
N THR A 21 14.22 -15.10 -13.45
CA THR A 21 12.93 -14.82 -12.76
C THR A 21 11.73 -14.78 -13.74
N GLY A 22 11.60 -13.69 -14.53
CA GLY A 22 10.47 -13.53 -15.47
C GLY A 22 10.65 -12.33 -16.40
N TRP A 23 10.35 -12.49 -17.70
CA TRP A 23 10.51 -11.43 -18.74
C TRP A 23 9.64 -10.17 -18.46
N TYR A 24 8.52 -10.37 -17.74
CA TYR A 24 7.68 -9.27 -17.22
C TYR A 24 8.36 -8.61 -16.00
N ARG A 25 9.33 -7.71 -16.29
CA ARG A 25 10.24 -7.10 -15.28
C ARG A 25 11.12 -8.15 -14.57
N ASN A 26 12.28 -8.47 -15.19
CA ASN A 26 13.30 -9.41 -14.62
C ASN A 26 13.82 -8.90 -13.27
N GLY A 27 13.79 -7.57 -13.10
CA GLY A 27 14.07 -6.93 -11.81
C GLY A 27 12.78 -6.60 -11.03
N PHE A 28 12.02 -7.66 -10.64
CA PHE A 28 10.89 -7.55 -9.69
C PHE A 28 11.32 -6.85 -8.36
N CYS A 29 10.88 -5.60 -8.15
CA CYS A 29 11.16 -4.84 -6.90
C CYS A 29 10.07 -5.13 -5.82
N GLN A 30 9.92 -6.43 -5.47
CA GLN A 30 8.85 -6.96 -4.57
C GLN A 30 7.41 -6.63 -5.06
N THR A 31 7.27 -6.26 -6.34
CA THR A 31 6.00 -5.81 -6.92
C THR A 31 5.42 -6.85 -7.89
N ASP A 32 4.48 -7.67 -7.41
CA ASP A 32 3.61 -8.50 -8.28
C ASP A 32 2.37 -7.66 -8.69
N VAL A 33 1.96 -7.76 -9.96
CA VAL A 33 0.87 -6.92 -10.54
C VAL A 33 -0.52 -7.27 -9.95
N GLN A 34 -0.74 -8.56 -9.58
CA GLN A 34 -2.05 -9.06 -9.11
C GLN A 34 -1.89 -10.07 -7.93
N ASP A 35 -0.90 -10.98 -8.07
CA ASP A 35 -0.56 -12.03 -7.08
C ASP A 35 -1.65 -13.15 -6.99
N ARG A 36 -1.29 -14.32 -6.42
CA ARG A 36 -2.21 -15.47 -6.28
C ARG A 36 -3.23 -15.24 -5.14
N GLY A 37 -2.72 -14.89 -3.94
CA GLY A 37 -3.57 -14.62 -2.77
C GLY A 37 -4.15 -13.20 -2.77
N SER A 38 -3.26 -12.20 -2.72
CA SER A 38 -3.64 -10.77 -2.69
C SER A 38 -2.49 -9.87 -3.17
N HIS A 39 -2.80 -8.88 -4.02
CA HIS A 39 -1.81 -7.91 -4.58
C HIS A 39 -1.04 -7.15 -3.48
N THR A 40 0.22 -6.78 -3.80
CA THR A 40 1.16 -6.19 -2.80
C THR A 40 1.14 -4.66 -2.84
N VAL A 41 0.69 -4.05 -1.73
CA VAL A 41 0.69 -2.57 -1.52
C VAL A 41 1.08 -2.28 -0.06
N CYS A 42 2.27 -1.72 0.18
CA CYS A 42 2.70 -1.32 1.53
C CYS A 42 2.41 0.18 1.72
N ALA A 43 1.36 0.46 2.51
CA ALA A 43 0.86 1.80 2.81
C ALA A 43 0.38 1.82 4.28
N GLU A 44 0.44 2.97 4.96
CA GLU A 44 0.10 3.03 6.41
C GLU A 44 -1.00 4.06 6.72
N MET A 45 -2.20 3.56 7.04
CA MET A 45 -3.29 4.39 7.59
C MET A 45 -3.17 4.48 9.13
N THR A 46 -3.33 5.67 9.72
CA THR A 46 -3.22 5.88 11.20
C THR A 46 -4.61 5.74 11.87
N GLU A 47 -4.60 5.37 13.17
CA GLU A 47 -5.82 4.96 13.92
C GLU A 47 -6.93 6.02 13.88
N GLU A 48 -6.54 7.30 13.83
CA GLU A 48 -7.49 8.44 13.75
C GLU A 48 -8.47 8.25 12.57
N PHE A 49 -7.89 7.86 11.43
CA PHE A 49 -8.60 7.63 10.16
C PHE A 49 -9.35 6.28 10.09
N LEU A 50 -8.82 5.18 10.69
CA LEU A 50 -9.53 3.87 10.69
C LEU A 50 -10.82 3.95 11.55
N LEU A 51 -10.70 4.59 12.73
CA LEU A 51 -11.83 4.84 13.63
C LEU A 51 -12.84 5.85 13.02
N PHE A 52 -12.32 6.86 12.29
CA PHE A 52 -13.15 7.85 11.57
C PHE A 52 -13.94 7.19 10.42
N SER A 53 -13.29 6.25 9.70
CA SER A 53 -13.91 5.48 8.60
C SER A 53 -15.11 4.65 9.12
N ARG A 54 -14.90 4.00 10.28
CA ARG A 54 -15.94 3.23 10.99
C ARG A 54 -17.12 4.15 11.43
N ASP A 55 -16.76 5.30 12.03
CA ASP A 55 -17.72 6.27 12.58
C ASP A 55 -18.52 7.04 11.49
N ARG A 56 -17.89 7.19 10.30
CA ARG A 56 -18.46 7.96 9.17
C ARG A 56 -19.71 7.27 8.58
N GLY A 57 -19.61 5.94 8.40
CA GLY A 57 -20.74 5.12 7.96
C GLY A 57 -21.48 4.46 9.12
N ASN A 58 -21.08 3.23 9.45
CA ASN A 58 -21.64 2.41 10.56
C ASN A 58 -20.51 1.58 11.17
N ASP A 59 -19.90 0.73 10.33
CA ASP A 59 -18.71 -0.06 10.69
C ASP A 59 -17.93 -0.43 9.40
N LEU A 60 -16.69 0.08 9.25
CA LEU A 60 -15.79 -0.27 8.12
C LEU A 60 -14.47 -0.92 8.63
N MET A 61 -14.42 -1.23 9.96
CA MET A 61 -13.25 -1.82 10.66
C MET A 61 -13.57 -1.93 12.17
N THR A 62 -13.73 -3.16 12.71
CA THR A 62 -13.97 -3.38 14.17
C THR A 62 -12.63 -3.65 14.90
N PRO A 63 -12.09 -2.65 15.71
CA PRO A 63 -10.82 -2.84 16.47
C PRO A 63 -11.03 -3.60 17.82
N ARG A 64 -12.00 -3.14 18.65
CA ARG A 64 -12.26 -3.61 20.04
C ARG A 64 -11.11 -3.25 21.03
N PRO A 65 -11.43 -2.74 22.27
CA PRO A 65 -10.41 -2.51 23.34
C PRO A 65 -10.02 -3.83 24.09
N GLU A 66 -9.77 -4.88 23.28
CA GLU A 66 -9.36 -6.23 23.73
C GLU A 66 -8.22 -6.72 22.80
N PHE A 67 -7.47 -7.76 23.21
CA PHE A 67 -6.28 -8.26 22.45
C PHE A 67 -6.68 -9.28 21.33
N ASN A 68 -7.83 -9.00 20.66
CA ASN A 68 -8.40 -9.88 19.62
C ASN A 68 -7.51 -9.96 18.34
N PHE A 69 -7.01 -8.79 17.90
CA PHE A 69 -6.19 -8.62 16.67
C PHE A 69 -6.97 -8.98 15.37
N PRO A 70 -7.51 -7.95 14.62
CA PRO A 70 -8.07 -8.15 13.25
C PRO A 70 -6.98 -8.30 12.16
N GLY A 71 -7.36 -8.91 11.00
CA GLY A 71 -6.49 -8.96 9.82
C GLY A 71 -6.28 -7.57 9.21
N LEU A 72 -5.03 -7.05 9.29
CA LEU A 72 -4.69 -5.63 9.08
C LEU A 72 -5.31 -4.72 10.18
N LYS A 73 -4.49 -3.80 10.72
CA LYS A 73 -4.90 -2.90 11.81
C LYS A 73 -4.16 -1.54 11.73
N ALA A 74 -4.53 -0.63 12.64
CA ALA A 74 -4.07 0.78 12.64
C ALA A 74 -2.53 0.92 12.80
N GLY A 75 -1.94 1.75 11.92
CA GLY A 75 -0.50 1.99 11.91
C GLY A 75 0.33 0.76 11.52
N ASP A 76 -0.16 0.00 10.51
CA ASP A 76 0.56 -1.18 9.99
C ASP A 76 0.76 -1.03 8.45
N ARG A 77 2.00 -0.72 8.04
CA ARG A 77 2.37 -0.66 6.61
C ARG A 77 2.72 -2.08 6.09
N TRP A 78 1.70 -2.84 5.61
CA TRP A 78 1.87 -4.21 5.02
C TRP A 78 0.56 -4.65 4.34
N CYS A 79 0.64 -4.94 3.01
CA CYS A 79 -0.49 -5.50 2.19
C CYS A 79 -1.80 -4.67 2.29
N LEU A 80 -1.63 -3.36 2.58
CA LEU A 80 -2.74 -2.42 2.80
C LEU A 80 -3.60 -2.26 1.52
N CYS A 81 -4.93 -2.36 1.68
CA CYS A 81 -5.90 -2.22 0.58
C CYS A 81 -5.85 -0.80 -0.02
N ALA A 82 -5.18 -0.67 -1.20
CA ALA A 82 -5.04 0.60 -1.93
C ALA A 82 -6.42 1.20 -2.33
N SER A 83 -7.43 0.32 -2.48
CA SER A 83 -8.84 0.73 -2.74
C SER A 83 -9.48 1.44 -1.53
N ARG A 84 -9.19 0.93 -0.30
CA ARG A 84 -9.72 1.52 0.96
C ARG A 84 -8.98 2.84 1.33
N TRP A 85 -7.68 2.92 0.98
CA TRP A 85 -6.89 4.18 1.08
C TRP A 85 -7.46 5.25 0.09
N GLN A 86 -7.72 4.80 -1.15
CA GLN A 86 -8.38 5.62 -2.21
C GLN A 86 -9.77 6.13 -1.76
N GLU A 87 -10.54 5.22 -1.14
CA GLU A 87 -11.91 5.49 -0.63
C GLU A 87 -11.89 6.61 0.45
N ALA A 88 -10.80 6.64 1.25
CA ALA A 88 -10.58 7.68 2.27
C ALA A 88 -10.34 9.07 1.61
N PHE A 89 -9.58 9.10 0.49
CA PHE A 89 -9.33 10.35 -0.26
C PHE A 89 -10.64 10.88 -0.91
N GLU A 90 -11.45 9.94 -1.42
CA GLU A 90 -12.78 10.24 -2.01
C GLU A 90 -13.80 10.68 -0.92
N ALA A 91 -13.59 10.19 0.32
CA ALA A 91 -14.37 10.61 1.52
C ALA A 91 -13.86 11.96 2.12
N GLY A 92 -12.73 12.47 1.56
CA GLY A 92 -12.14 13.75 1.97
C GLY A 92 -11.05 13.62 3.06
N MET A 93 -11.06 12.50 3.79
CA MET A 93 -10.15 12.23 4.92
C MET A 93 -8.67 11.95 4.45
N ALA A 94 -8.34 10.67 4.13
CA ALA A 94 -7.00 10.23 3.62
C ALA A 94 -5.81 10.49 4.61
N PRO A 95 -5.17 9.41 5.18
CA PRO A 95 -3.89 9.53 5.98
C PRO A 95 -2.65 9.95 5.12
N PRO A 96 -1.43 10.15 5.74
CA PRO A 96 -0.17 10.27 4.98
C PRO A 96 0.42 8.87 4.62
N VAL A 97 0.86 8.70 3.35
CA VAL A 97 1.49 7.45 2.85
C VAL A 97 2.90 7.76 2.28
N VAL A 98 3.86 6.82 2.47
CA VAL A 98 5.26 7.00 2.02
C VAL A 98 5.50 6.34 0.62
N LEU A 99 5.92 7.17 -0.38
CA LEU A 99 6.14 6.76 -1.79
C LEU A 99 7.22 5.66 -1.95
N GLN A 100 8.35 5.87 -1.26
CA GLN A 100 9.58 5.03 -1.40
C GLN A 100 9.45 3.64 -0.70
N SER A 101 8.21 3.24 -0.33
CA SER A 101 7.92 1.91 0.25
C SER A 101 6.63 1.27 -0.36
N THR A 102 5.90 2.03 -1.20
CA THR A 102 4.64 1.54 -1.84
C THR A 102 4.94 0.88 -3.22
N GLU A 103 4.51 -0.39 -3.39
CA GLU A 103 4.64 -1.12 -4.68
C GLU A 103 3.76 -0.48 -5.81
N LYS A 104 4.17 -0.69 -7.09
CA LYS A 104 3.49 -0.12 -8.28
C LYS A 104 2.07 -0.75 -8.48
N SER A 105 1.83 -1.93 -7.86
CA SER A 105 0.51 -2.64 -7.89
C SER A 105 -0.63 -1.73 -7.35
N ALA A 106 -0.27 -0.77 -6.47
CA ALA A 106 -1.19 0.25 -5.94
C ALA A 106 -1.88 1.07 -7.05
N LEU A 107 -1.11 1.45 -8.09
CA LEU A 107 -1.57 2.36 -9.18
C LEU A 107 -2.76 1.80 -10.03
N ARG A 108 -3.14 0.53 -9.80
CA ARG A 108 -4.35 -0.06 -10.43
C ARG A 108 -5.64 0.29 -9.63
N TYR A 109 -5.49 0.38 -8.31
CA TYR A 109 -6.61 0.57 -7.35
C TYR A 109 -6.69 2.03 -6.85
N VAL A 110 -5.56 2.74 -6.94
CA VAL A 110 -5.43 4.16 -6.55
C VAL A 110 -4.62 4.91 -7.64
N SER A 111 -4.54 6.24 -7.56
CA SER A 111 -3.64 7.03 -8.43
C SER A 111 -2.28 7.28 -7.75
N LEU A 112 -1.22 7.42 -8.57
CA LEU A 112 0.09 7.93 -8.10
C LEU A 112 -0.08 9.35 -7.51
N ALA A 113 -0.82 10.21 -8.22
CA ALA A 113 -1.09 11.61 -7.80
C ALA A 113 -1.81 11.66 -6.43
N ASP A 114 -2.62 10.61 -6.17
CA ASP A 114 -3.33 10.41 -4.90
C ASP A 114 -2.32 10.11 -3.75
N LEU A 115 -1.29 9.29 -4.07
CA LEU A 115 -0.20 8.93 -3.13
C LEU A 115 0.65 10.17 -2.78
N GLN A 116 1.14 10.84 -3.85
CA GLN A 116 2.10 11.97 -3.75
C GLN A 116 1.44 13.23 -3.14
N ALA A 117 0.12 13.36 -3.32
CA ALA A 117 -0.71 14.40 -2.65
C ALA A 117 -0.56 14.36 -1.10
N HIS A 118 -0.45 13.13 -0.54
CA HIS A 118 -0.26 12.91 0.92
C HIS A 118 1.14 12.31 1.23
N ALA A 119 2.14 12.65 0.39
CA ALA A 119 3.53 12.19 0.55
C ALA A 119 4.57 13.29 0.27
N LEU A 120 5.87 12.92 0.45
CA LEU A 120 7.02 13.80 0.18
C LEU A 120 7.46 13.77 -1.32
N PRO A 121 8.27 14.77 -1.79
CA PRO A 121 9.05 14.66 -3.06
C PRO A 121 9.92 13.37 -3.16
N VAL A 122 9.60 12.49 -4.12
CA VAL A 122 10.41 11.28 -4.40
C VAL A 122 11.55 11.62 -5.41
N LEU A 123 12.81 11.22 -5.05
CA LEU A 123 13.99 11.48 -5.88
C LEU A 123 15.10 10.40 -5.66
N GLU A 124 15.81 10.03 -6.75
CA GLU A 124 16.96 9.11 -6.70
C GLU A 124 17.85 9.25 -7.96
N HIS A 125 19.18 9.19 -7.79
CA HIS A 125 20.15 9.17 -8.92
C HIS A 125 21.50 8.56 -8.49
N HIS A 126 22.02 7.61 -9.29
CA HIS A 126 23.35 6.99 -9.11
C HIS A 126 24.29 7.45 -10.27
N HIS A 127 25.60 7.60 -10.02
CA HIS A 127 26.55 8.17 -11.01
C HIS A 127 27.95 7.49 -10.96
N HIS A 128 28.62 7.57 -9.78
CA HIS A 128 30.07 7.21 -9.59
C HIS A 128 31.02 8.22 -10.27
N HIS A 129 32.22 8.38 -9.68
CA HIS A 129 33.29 9.26 -10.22
C HIS A 129 34.32 8.41 -10.99
N HIS A 130 34.59 8.77 -12.25
CA HIS A 130 35.58 8.09 -13.11
C HIS A 130 37.05 8.36 -12.61
N MET A 1 -33.93 8.98 -28.27
CA MET A 1 -32.56 8.58 -28.68
C MET A 1 -31.53 9.68 -28.31
N GLY A 2 -30.51 9.30 -27.53
CA GLY A 2 -29.43 10.21 -27.12
C GLY A 2 -28.19 9.44 -26.66
N GLN A 3 -27.05 9.61 -27.35
CA GLN A 3 -25.80 8.90 -27.03
C GLN A 3 -25.13 9.42 -25.73
N GLY A 4 -24.89 8.51 -24.77
CA GLY A 4 -24.23 8.84 -23.50
C GLY A 4 -22.73 9.12 -23.64
N GLN A 5 -22.23 10.10 -22.87
CA GLN A 5 -20.81 10.56 -22.95
C GLN A 5 -20.30 11.04 -21.56
N ASN A 6 -18.97 11.00 -21.34
CA ASN A 6 -18.35 11.23 -20.00
C ASN A 6 -17.42 12.47 -19.97
N VAL A 7 -16.88 12.75 -18.76
CA VAL A 7 -16.05 13.95 -18.47
C VAL A 7 -14.55 13.68 -18.71
N LEU A 8 -14.24 12.39 -18.85
CA LEU A 8 -12.89 11.85 -18.72
C LEU A 8 -11.90 12.40 -19.77
N GLY A 9 -12.26 12.26 -21.05
CA GLY A 9 -11.37 12.62 -22.18
C GLY A 9 -10.33 11.53 -22.49
N GLN A 10 -9.63 11.12 -21.42
CA GLN A 10 -8.71 9.99 -21.40
C GLN A 10 -8.67 9.43 -19.96
N ASP A 11 -9.06 8.16 -19.82
CA ASP A 11 -9.20 7.51 -18.49
C ASP A 11 -8.02 6.55 -18.21
N LEU A 12 -7.38 6.05 -19.28
CA LEU A 12 -6.17 5.23 -19.19
C LEU A 12 -4.97 6.09 -18.71
N GLU A 13 -4.65 6.02 -17.40
CA GLU A 13 -3.46 6.66 -16.84
C GLU A 13 -2.17 5.86 -17.20
N VAL A 14 -1.00 6.44 -16.93
CA VAL A 14 0.30 5.85 -17.35
C VAL A 14 1.40 6.07 -16.27
N CYS A 15 2.12 4.98 -15.92
CA CYS A 15 3.27 5.03 -14.96
C CYS A 15 4.50 5.75 -15.55
N CYS A 16 4.51 5.93 -16.89
CA CYS A 16 5.57 6.71 -17.59
C CYS A 16 5.46 8.23 -17.31
N CYS A 17 4.19 8.73 -17.26
CA CYS A 17 3.83 10.17 -17.13
C CYS A 17 4.23 10.99 -18.39
N ALA A 18 5.55 11.20 -18.57
CA ALA A 18 6.12 11.97 -19.72
C ALA A 18 7.47 11.36 -20.24
N PRO A 19 8.52 11.05 -19.37
CA PRO A 19 9.77 10.36 -19.84
C PRO A 19 9.54 8.89 -20.30
N MET A 20 10.50 8.37 -21.09
CA MET A 20 10.36 7.10 -21.84
C MET A 20 10.93 5.88 -21.07
N THR A 21 10.41 5.66 -19.85
CA THR A 21 10.82 4.51 -18.96
C THR A 21 10.37 3.14 -19.51
N GLY A 22 9.33 3.13 -20.38
CA GLY A 22 8.85 1.90 -21.02
C GLY A 22 7.53 2.08 -21.77
N TRP A 23 7.03 0.98 -22.36
CA TRP A 23 5.71 0.95 -23.05
C TRP A 23 4.62 0.47 -22.08
N TYR A 24 4.88 -0.72 -21.46
CA TYR A 24 3.98 -1.40 -20.47
C TYR A 24 2.65 -1.92 -21.07
N ARG A 25 2.43 -1.66 -22.39
CA ARG A 25 1.17 -1.94 -23.13
C ARG A 25 -0.05 -1.19 -22.52
N ASN A 26 -0.48 -1.61 -21.32
CA ASN A 26 -1.56 -0.96 -20.53
C ASN A 26 -1.20 0.50 -20.16
N GLY A 27 0.11 0.76 -20.03
CA GLY A 27 0.63 2.06 -19.61
C GLY A 27 1.05 2.07 -18.13
N PHE A 28 0.22 1.43 -17.28
CA PHE A 28 0.45 1.37 -15.82
C PHE A 28 0.44 -0.09 -15.31
N CYS A 29 1.64 -0.67 -15.17
CA CYS A 29 1.88 -2.04 -14.65
C CYS A 29 3.39 -2.30 -14.45
N GLN A 30 3.74 -3.53 -13.98
CA GLN A 30 5.13 -3.96 -13.68
C GLN A 30 5.75 -3.12 -12.53
N THR A 31 5.45 -3.52 -11.29
CA THR A 31 6.10 -2.93 -10.08
C THR A 31 7.53 -3.49 -9.85
N ASP A 32 7.85 -4.59 -10.56
CA ASP A 32 9.15 -5.32 -10.46
C ASP A 32 9.40 -5.88 -9.04
N VAL A 33 9.99 -5.02 -8.16
CA VAL A 33 10.50 -5.33 -6.79
C VAL A 33 11.33 -6.67 -6.67
N GLN A 34 10.65 -7.81 -6.85
CA GLN A 34 11.21 -9.19 -6.71
C GLN A 34 10.13 -10.20 -7.14
N ASP A 35 8.86 -9.84 -6.90
CA ASP A 35 7.69 -10.71 -7.12
C ASP A 35 7.22 -10.67 -8.60
N ARG A 36 6.90 -11.87 -9.15
CA ARG A 36 6.28 -12.01 -10.49
C ARG A 36 4.82 -11.52 -10.46
N GLY A 37 4.15 -11.69 -9.31
CA GLY A 37 2.78 -11.21 -9.11
C GLY A 37 2.72 -9.71 -8.79
N SER A 38 2.45 -8.88 -9.82
CA SER A 38 2.31 -7.40 -9.67
C SER A 38 0.88 -7.00 -9.20
N HIS A 39 0.47 -7.54 -8.02
CA HIS A 39 -0.78 -7.15 -7.31
C HIS A 39 -0.45 -6.91 -5.79
N THR A 40 0.79 -6.45 -5.53
CA THR A 40 1.32 -6.19 -4.16
C THR A 40 1.20 -4.68 -3.78
N VAL A 41 0.69 -4.40 -2.55
CA VAL A 41 0.52 -3.00 -2.03
C VAL A 41 0.90 -2.94 -0.52
N CYS A 42 2.02 -2.28 -0.19
CA CYS A 42 2.41 -2.00 1.22
C CYS A 42 2.23 -0.50 1.52
N ALA A 43 1.19 -0.15 2.29
CA ALA A 43 0.75 1.25 2.47
C ALA A 43 0.31 1.46 3.91
N GLU A 44 0.43 2.69 4.43
CA GLU A 44 0.08 2.98 5.82
C GLU A 44 -1.15 3.90 5.92
N MET A 45 -2.25 3.36 6.48
CA MET A 45 -3.44 4.15 6.84
C MET A 45 -3.34 4.57 8.31
N THR A 46 -3.24 5.88 8.56
CA THR A 46 -3.06 6.43 9.91
C THR A 46 -4.42 6.57 10.62
N GLU A 47 -4.41 6.41 11.96
CA GLU A 47 -5.61 6.18 12.80
C GLU A 47 -6.80 7.13 12.52
N GLU A 48 -6.51 8.39 12.13
CA GLU A 48 -7.54 9.43 11.90
C GLU A 48 -8.67 9.00 10.92
N PHE A 49 -8.30 8.31 9.81
CA PHE A 49 -9.28 7.77 8.84
C PHE A 49 -9.98 6.49 9.39
N LEU A 50 -9.24 5.70 10.19
CA LEU A 50 -9.76 4.42 10.74
C LEU A 50 -10.72 4.69 11.93
N LEU A 51 -10.58 5.87 12.56
CA LEU A 51 -11.54 6.42 13.55
C LEU A 51 -12.86 6.81 12.83
N PHE A 52 -12.71 7.52 11.69
CA PHE A 52 -13.83 7.88 10.76
C PHE A 52 -14.61 6.60 10.32
N SER A 53 -13.84 5.59 9.88
CA SER A 53 -14.39 4.27 9.46
C SER A 53 -14.98 3.47 10.64
N ARG A 54 -14.45 3.71 11.86
CA ARG A 54 -14.87 3.00 13.09
C ARG A 54 -16.31 3.41 13.52
N ASP A 55 -16.51 4.71 13.76
CA ASP A 55 -17.81 5.24 14.25
C ASP A 55 -18.94 5.15 13.19
N ARG A 56 -18.59 4.84 11.93
CA ARG A 56 -19.58 4.58 10.86
C ARG A 56 -18.97 3.60 9.82
N GLY A 57 -19.12 2.29 10.06
CA GLY A 57 -18.58 1.24 9.16
C GLY A 57 -18.25 -0.06 9.90
N ASN A 58 -16.99 -0.19 10.39
CA ASN A 58 -16.50 -1.41 11.09
C ASN A 58 -15.61 -1.05 12.31
N ASP A 59 -15.49 -1.98 13.28
CA ASP A 59 -14.71 -1.75 14.53
C ASP A 59 -13.20 -1.53 14.25
N LEU A 60 -12.60 -2.47 13.46
CA LEU A 60 -11.17 -2.49 13.08
C LEU A 60 -10.25 -2.83 14.29
N MET A 61 -10.14 -1.86 15.23
CA MET A 61 -9.20 -1.89 16.36
C MET A 61 -9.43 -3.09 17.31
N THR A 62 -10.69 -3.24 17.78
CA THR A 62 -11.12 -4.31 18.72
C THR A 62 -10.48 -4.11 20.14
N PRO A 63 -11.32 -4.00 21.24
CA PRO A 63 -10.80 -3.75 22.63
C PRO A 63 -10.21 -5.03 23.33
N ARG A 64 -9.45 -5.84 22.56
CA ARG A 64 -8.77 -7.05 23.05
C ARG A 64 -7.24 -6.92 22.81
N PRO A 65 -6.35 -7.41 23.74
CA PRO A 65 -4.86 -7.35 23.57
C PRO A 65 -4.30 -8.47 22.66
N GLU A 66 -5.13 -8.91 21.70
CA GLU A 66 -4.90 -10.10 20.86
C GLU A 66 -4.97 -9.70 19.37
N PHE A 67 -3.93 -10.04 18.58
CA PHE A 67 -3.84 -9.67 17.16
C PHE A 67 -3.93 -10.94 16.29
N ASN A 68 -5.18 -11.36 16.04
CA ASN A 68 -5.49 -12.49 15.15
C ASN A 68 -6.71 -12.12 14.27
N PHE A 69 -6.43 -11.42 13.16
CA PHE A 69 -7.46 -10.86 12.24
C PHE A 69 -7.04 -11.10 10.76
N PRO A 70 -8.00 -11.19 9.78
CA PRO A 70 -7.69 -11.27 8.32
C PRO A 70 -7.29 -9.89 7.69
N GLY A 71 -6.50 -9.09 8.43
CA GLY A 71 -6.10 -7.75 8.00
C GLY A 71 -4.99 -7.13 8.89
N LEU A 72 -5.06 -5.80 9.10
CA LEU A 72 -4.03 -5.04 9.86
C LEU A 72 -4.69 -3.95 10.76
N LYS A 73 -3.84 -3.16 11.45
CA LYS A 73 -4.28 -2.20 12.49
C LYS A 73 -4.19 -0.72 11.99
N ALA A 74 -4.49 0.23 12.90
CA ALA A 74 -4.28 1.67 12.65
C ALA A 74 -2.78 2.05 12.72
N GLY A 75 -2.26 2.59 11.60
CA GLY A 75 -0.85 2.95 11.47
C GLY A 75 0.06 1.72 11.26
N ASP A 76 -0.38 0.81 10.37
CA ASP A 76 0.42 -0.36 9.95
C ASP A 76 0.66 -0.32 8.43
N ARG A 77 1.80 -0.86 7.99
CA ARG A 77 2.23 -0.80 6.58
C ARG A 77 2.77 -2.17 6.11
N TRP A 78 1.84 -2.99 5.54
CA TRP A 78 2.16 -4.29 4.89
C TRP A 78 0.85 -4.92 4.35
N CYS A 79 0.83 -5.22 3.03
CA CYS A 79 -0.32 -5.89 2.33
C CYS A 79 -1.68 -5.14 2.54
N LEU A 80 -1.59 -3.81 2.70
CA LEU A 80 -2.75 -2.93 2.92
C LEU A 80 -3.65 -2.87 1.65
N CYS A 81 -4.97 -3.05 1.84
CA CYS A 81 -5.99 -2.95 0.77
C CYS A 81 -5.99 -1.53 0.15
N ALA A 82 -5.47 -1.42 -1.10
CA ALA A 82 -5.29 -0.11 -1.78
C ALA A 82 -6.63 0.61 -2.08
N SER A 83 -7.75 -0.15 -2.19
CA SER A 83 -9.11 0.43 -2.34
C SER A 83 -9.52 1.25 -1.08
N ARG A 84 -9.07 0.79 0.11
CA ARG A 84 -9.29 1.49 1.40
C ARG A 84 -8.63 2.89 1.41
N TRP A 85 -7.43 2.96 0.79
CA TRP A 85 -6.64 4.20 0.67
C TRP A 85 -7.24 5.15 -0.41
N GLN A 86 -7.51 4.60 -1.61
CA GLN A 86 -8.21 5.32 -2.71
C GLN A 86 -9.53 6.00 -2.22
N GLU A 87 -10.32 5.27 -1.41
CA GLU A 87 -11.63 5.77 -0.90
C GLU A 87 -11.44 6.92 0.14
N ALA A 88 -10.32 6.91 0.90
CA ALA A 88 -10.00 7.96 1.89
C ALA A 88 -9.76 9.33 1.23
N PHE A 89 -9.02 9.34 0.11
CA PHE A 89 -8.77 10.55 -0.68
C PHE A 89 -10.08 11.10 -1.30
N GLU A 90 -10.91 10.18 -1.80
CA GLU A 90 -12.25 10.50 -2.35
C GLU A 90 -13.23 11.01 -1.25
N ALA A 91 -13.05 10.55 -0.01
CA ALA A 91 -13.84 10.99 1.16
C ALA A 91 -13.32 12.33 1.74
N GLY A 92 -12.08 12.71 1.33
CA GLY A 92 -11.39 13.89 1.88
C GLY A 92 -10.75 13.63 3.25
N MET A 93 -10.75 12.36 3.69
CA MET A 93 -10.23 11.93 5.01
C MET A 93 -8.87 11.22 4.89
N ALA A 94 -8.20 11.43 3.73
CA ALA A 94 -6.86 10.88 3.40
C ALA A 94 -5.76 11.15 4.48
N PRO A 95 -5.31 10.09 5.25
CA PRO A 95 -4.20 10.22 6.23
C PRO A 95 -2.78 10.01 5.58
N PRO A 96 -1.65 10.34 6.32
CA PRO A 96 -0.26 10.09 5.82
C PRO A 96 0.06 8.59 5.49
N VAL A 97 0.55 8.37 4.24
CA VAL A 97 0.96 7.04 3.71
C VAL A 97 2.49 7.06 3.41
N VAL A 98 3.06 5.92 3.02
CA VAL A 98 4.41 5.87 2.42
C VAL A 98 4.33 5.89 0.86
N LEU A 99 5.44 6.25 0.21
CA LEU A 99 5.69 5.96 -1.24
C LEU A 99 6.86 4.96 -1.36
N GLN A 100 7.76 5.04 -0.35
CA GLN A 100 9.04 4.29 -0.31
C GLN A 100 8.81 2.76 -0.36
N SER A 101 7.86 2.27 0.45
CA SER A 101 7.51 0.83 0.48
C SER A 101 6.27 0.52 -0.40
N THR A 102 5.41 1.53 -0.66
CA THR A 102 4.24 1.36 -1.57
C THR A 102 4.69 1.04 -3.02
N GLU A 103 4.44 -0.21 -3.45
CA GLU A 103 4.75 -0.70 -4.80
C GLU A 103 3.91 0.02 -5.91
N LYS A 104 4.43 0.05 -7.15
CA LYS A 104 3.75 0.70 -8.32
C LYS A 104 2.44 -0.05 -8.71
N SER A 105 2.31 -1.29 -8.23
CA SER A 105 1.09 -2.11 -8.37
C SER A 105 -0.14 -1.45 -7.68
N ALA A 106 0.12 -0.61 -6.65
CA ALA A 106 -0.93 0.18 -5.98
C ALA A 106 -1.73 1.04 -6.98
N LEU A 107 -1.03 1.60 -7.99
CA LEU A 107 -1.60 2.52 -9.03
C LEU A 107 -2.65 1.84 -9.96
N ARG A 108 -2.98 0.56 -9.67
CA ARG A 108 -4.01 -0.23 -10.40
C ARG A 108 -5.35 -0.24 -9.63
N TYR A 109 -5.30 0.26 -8.38
CA TYR A 109 -6.45 0.35 -7.45
C TYR A 109 -6.65 1.83 -7.07
N VAL A 110 -5.54 2.49 -6.66
CA VAL A 110 -5.47 3.96 -6.49
C VAL A 110 -5.01 4.64 -7.81
N SER A 111 -4.82 5.95 -7.71
CA SER A 111 -3.93 6.72 -8.59
C SER A 111 -2.68 7.17 -7.80
N LEU A 112 -1.61 7.51 -8.52
CA LEU A 112 -0.38 8.10 -7.91
C LEU A 112 -0.70 9.36 -7.05
N ALA A 113 -1.67 10.16 -7.51
CA ALA A 113 -2.07 11.44 -6.86
C ALA A 113 -2.62 11.24 -5.42
N ASP A 114 -3.27 10.09 -5.15
CA ASP A 114 -3.75 9.74 -3.78
C ASP A 114 -2.56 9.64 -2.81
N LEU A 115 -1.51 8.95 -3.28
CA LEU A 115 -0.32 8.64 -2.48
C LEU A 115 0.46 9.94 -2.16
N GLN A 116 0.84 10.67 -3.22
CA GLN A 116 1.74 11.84 -3.15
C GLN A 116 1.14 13.01 -2.36
N ALA A 117 -0.20 13.06 -2.31
CA ALA A 117 -0.97 14.01 -1.48
C ALA A 117 -0.51 14.03 0.01
N HIS A 118 -0.21 12.84 0.59
CA HIS A 118 0.17 12.70 2.04
C HIS A 118 1.30 11.66 2.26
N ALA A 119 2.09 11.37 1.22
CA ALA A 119 3.20 10.37 1.30
C ALA A 119 4.43 10.87 2.10
N LEU A 120 4.65 12.19 2.06
CA LEU A 120 5.82 12.84 2.68
C LEU A 120 5.39 13.70 3.91
N PRO A 121 6.37 14.13 4.77
CA PRO A 121 6.17 15.26 5.72
C PRO A 121 5.57 16.54 5.05
N VAL A 122 4.23 16.63 5.07
CA VAL A 122 3.47 17.75 4.48
C VAL A 122 2.72 18.54 5.58
N LEU A 123 2.86 19.87 5.55
CA LEU A 123 2.16 20.80 6.46
C LEU A 123 1.74 22.09 5.73
N GLU A 124 0.72 22.78 6.27
CA GLU A 124 0.24 24.07 5.73
C GLU A 124 1.32 25.18 5.91
N HIS A 125 2.07 25.45 4.82
CA HIS A 125 3.15 26.47 4.79
C HIS A 125 2.79 27.62 3.80
N HIS A 126 1.57 27.55 3.21
CA HIS A 126 1.08 28.46 2.13
C HIS A 126 1.86 28.24 0.79
N HIS A 127 1.11 28.15 -0.32
CA HIS A 127 1.67 27.83 -1.65
C HIS A 127 2.22 29.08 -2.40
N HIS A 128 3.51 29.01 -2.76
CA HIS A 128 4.20 30.00 -3.62
C HIS A 128 5.36 29.30 -4.37
N HIS A 129 5.20 29.05 -5.68
CA HIS A 129 6.23 28.33 -6.50
C HIS A 129 6.65 29.17 -7.72
N HIS A 130 7.92 28.97 -8.16
CA HIS A 130 8.43 29.61 -9.40
C HIS A 130 7.87 28.88 -10.68
N MET A 1 -9.03 4.57 29.55
CA MET A 1 -9.00 4.85 28.09
C MET A 1 -8.84 3.53 27.30
N GLY A 2 -9.84 3.20 26.46
CA GLY A 2 -9.79 1.99 25.61
C GLY A 2 -8.92 2.17 24.36
N GLN A 3 -7.59 2.28 24.57
CA GLN A 3 -6.59 2.50 23.49
C GLN A 3 -5.20 1.98 23.92
N GLY A 4 -4.37 1.56 22.94
CA GLY A 4 -3.01 1.06 23.24
C GLY A 4 -2.10 1.04 22.00
N GLN A 5 -1.10 1.94 21.97
CA GLN A 5 -0.08 2.00 20.89
C GLN A 5 1.29 1.57 21.47
N ASN A 6 1.86 0.46 20.96
CA ASN A 6 3.17 -0.06 21.40
C ASN A 6 3.78 -0.99 20.31
N VAL A 7 4.72 -0.43 19.50
CA VAL A 7 5.53 -1.13 18.49
C VAL A 7 4.71 -2.15 17.64
N LEU A 8 3.79 -1.61 16.81
CA LEU A 8 2.83 -2.41 16.03
C LEU A 8 2.93 -2.16 14.50
N GLY A 9 3.63 -1.08 14.12
CA GLY A 9 3.60 -0.52 12.75
C GLY A 9 3.89 -1.50 11.60
N GLN A 10 4.70 -2.52 11.89
CA GLN A 10 4.99 -3.64 10.97
C GLN A 10 5.51 -4.86 11.78
N ASP A 11 5.91 -5.92 11.05
CA ASP A 11 6.56 -7.13 11.61
C ASP A 11 5.64 -7.90 12.59
N LEU A 12 4.89 -8.88 12.06
CA LEU A 12 4.09 -9.84 12.86
C LEU A 12 4.33 -11.29 12.33
N GLU A 13 3.90 -12.29 13.11
CA GLU A 13 4.22 -13.72 12.84
C GLU A 13 3.36 -14.32 11.69
N VAL A 14 3.47 -15.65 11.51
CA VAL A 14 2.75 -16.42 10.49
C VAL A 14 1.20 -16.18 10.51
N CYS A 15 0.73 -15.45 9.48
CA CYS A 15 -0.70 -15.12 9.30
C CYS A 15 -1.45 -16.24 8.55
N CYS A 16 -0.82 -16.74 7.46
CA CYS A 16 -1.38 -17.81 6.62
C CYS A 16 -1.09 -19.19 7.25
N CYS A 17 -2.00 -19.64 8.13
CA CYS A 17 -1.89 -20.95 8.83
C CYS A 17 -3.28 -21.43 9.32
N ALA A 18 -3.94 -20.58 10.15
CA ALA A 18 -5.33 -20.84 10.62
C ALA A 18 -6.36 -19.85 9.96
N PRO A 19 -6.15 -18.48 9.98
CA PRO A 19 -6.96 -17.54 9.16
C PRO A 19 -6.65 -17.70 7.64
N MET A 20 -7.68 -18.04 6.85
CA MET A 20 -7.54 -18.26 5.40
C MET A 20 -7.37 -16.92 4.64
N THR A 21 -6.09 -16.58 4.36
CA THR A 21 -5.72 -15.38 3.56
C THR A 21 -5.91 -15.62 2.04
N GLY A 22 -6.31 -16.85 1.68
CA GLY A 22 -6.60 -17.24 0.29
C GLY A 22 -6.75 -18.76 0.19
N TRP A 23 -5.65 -19.46 0.53
CA TRP A 23 -5.57 -20.94 0.59
C TRP A 23 -4.26 -21.34 1.29
N TYR A 24 -4.07 -22.65 1.60
CA TYR A 24 -2.79 -23.16 2.13
C TYR A 24 -1.68 -23.06 1.06
N ARG A 25 -1.03 -21.89 0.99
CA ARG A 25 0.07 -21.62 0.06
C ARG A 25 1.43 -21.87 0.73
N ASN A 26 1.65 -21.20 1.87
CA ASN A 26 2.89 -21.24 2.64
C ASN A 26 2.65 -20.48 3.97
N GLY A 27 3.47 -20.77 4.97
CA GLY A 27 3.47 -20.03 6.23
C GLY A 27 3.76 -18.53 6.03
N PHE A 28 2.72 -17.68 6.26
CA PHE A 28 2.79 -16.20 6.24
C PHE A 28 2.76 -15.62 4.79
N CYS A 29 2.03 -14.50 4.62
CA CYS A 29 1.91 -13.78 3.33
C CYS A 29 3.05 -12.75 3.17
N GLN A 30 4.10 -13.13 2.44
CA GLN A 30 5.21 -12.21 2.08
C GLN A 30 4.88 -11.43 0.79
N THR A 31 5.28 -10.16 0.75
CA THR A 31 5.13 -9.26 -0.43
C THR A 31 6.53 -8.99 -1.07
N ASP A 32 7.53 -9.70 -0.55
CA ASP A 32 8.96 -9.44 -0.82
C ASP A 32 9.46 -10.27 -2.03
N VAL A 33 10.72 -9.97 -2.43
CA VAL A 33 11.48 -10.66 -3.53
C VAL A 33 10.71 -10.74 -4.90
N GLN A 34 9.65 -9.95 -5.05
CA GLN A 34 8.88 -9.83 -6.32
C GLN A 34 9.03 -8.40 -6.87
N ASP A 35 8.19 -7.48 -6.33
CA ASP A 35 8.26 -6.02 -6.60
C ASP A 35 8.22 -5.67 -8.11
N ARG A 36 7.21 -6.21 -8.81
CA ARG A 36 7.08 -6.08 -10.29
C ARG A 36 5.75 -5.42 -10.72
N GLY A 37 4.84 -5.18 -9.75
CA GLY A 37 3.47 -4.72 -10.07
C GLY A 37 2.54 -5.85 -10.50
N SER A 38 2.00 -6.61 -9.51
CA SER A 38 1.06 -7.74 -9.75
C SER A 38 -0.20 -7.61 -8.86
N HIS A 39 0.01 -7.64 -7.52
CA HIS A 39 -1.10 -7.57 -6.51
C HIS A 39 -0.55 -7.15 -5.11
N THR A 40 0.66 -6.57 -5.12
CA THR A 40 1.44 -6.21 -3.92
C THR A 40 1.23 -4.72 -3.53
N VAL A 41 0.56 -4.47 -2.39
CA VAL A 41 0.42 -3.09 -1.83
C VAL A 41 0.83 -3.07 -0.33
N CYS A 42 1.81 -2.21 0.00
CA CYS A 42 2.13 -1.86 1.41
C CYS A 42 1.94 -0.35 1.59
N ALA A 43 0.89 0.04 2.33
CA ALA A 43 0.49 1.46 2.50
C ALA A 43 0.08 1.68 3.96
N GLU A 44 0.31 2.88 4.50
CA GLU A 44 0.10 3.13 5.93
C GLU A 44 -1.08 4.10 6.17
N MET A 45 -2.11 3.61 6.88
CA MET A 45 -3.31 4.39 7.24
C MET A 45 -3.24 4.88 8.70
N THR A 46 -3.46 6.17 8.89
CA THR A 46 -3.42 6.83 10.22
C THR A 46 -4.77 6.70 10.93
N GLU A 47 -4.72 6.68 12.27
CA GLU A 47 -5.87 6.42 13.18
C GLU A 47 -7.15 7.22 12.85
N GLU A 48 -6.97 8.43 12.28
CA GLU A 48 -8.08 9.32 11.84
C GLU A 48 -9.14 8.56 11.00
N PHE A 49 -8.69 7.90 9.91
CA PHE A 49 -9.58 7.18 8.98
C PHE A 49 -10.12 5.86 9.57
N LEU A 50 -9.31 5.16 10.39
CA LEU A 50 -9.71 3.85 10.94
C LEU A 50 -10.79 4.00 12.04
N LEU A 51 -10.70 5.08 12.84
CA LEU A 51 -11.74 5.43 13.83
C LEU A 51 -12.99 6.01 13.14
N PHE A 52 -12.79 6.74 12.02
CA PHE A 52 -13.90 7.20 11.15
C PHE A 52 -14.73 6.00 10.63
N SER A 53 -14.03 5.02 10.05
CA SER A 53 -14.65 3.80 9.49
C SER A 53 -15.35 2.96 10.58
N ARG A 54 -14.66 2.77 11.72
CA ARG A 54 -15.18 2.00 12.87
C ARG A 54 -16.50 2.62 13.42
N ASP A 55 -16.46 3.92 13.72
CA ASP A 55 -17.62 4.69 14.23
C ASP A 55 -18.77 4.77 13.18
N ARG A 56 -18.39 4.78 11.89
CA ARG A 56 -19.34 4.82 10.75
C ARG A 56 -20.17 3.51 10.64
N GLY A 57 -19.55 2.36 10.99
CA GLY A 57 -20.24 1.05 10.98
C GLY A 57 -19.48 -0.06 10.26
N ASN A 58 -18.16 0.10 10.12
CA ASN A 58 -17.26 -0.96 9.58
C ASN A 58 -16.77 -1.87 10.73
N ASP A 59 -16.23 -1.21 11.79
CA ASP A 59 -15.76 -1.86 13.04
C ASP A 59 -14.53 -2.81 12.90
N LEU A 60 -14.12 -3.15 11.66
CA LEU A 60 -13.03 -4.11 11.42
C LEU A 60 -11.66 -3.48 11.78
N MET A 61 -11.26 -3.71 13.02
CA MET A 61 -9.97 -3.27 13.60
C MET A 61 -9.68 -4.20 14.79
N THR A 62 -8.44 -4.67 14.92
CA THR A 62 -8.02 -5.56 16.04
C THR A 62 -8.23 -4.89 17.43
N PRO A 63 -9.29 -5.30 18.23
CA PRO A 63 -9.59 -4.68 19.55
C PRO A 63 -8.90 -5.42 20.73
N ARG A 64 -8.14 -6.48 20.39
CA ARG A 64 -7.40 -7.30 21.35
C ARG A 64 -5.92 -6.86 21.32
N PRO A 65 -5.26 -6.60 22.51
CA PRO A 65 -3.89 -6.03 22.56
C PRO A 65 -2.80 -6.94 21.92
N GLU A 66 -3.11 -8.23 21.75
CA GLU A 66 -2.22 -9.18 21.06
C GLU A 66 -2.27 -8.97 19.52
N PHE A 67 -1.13 -8.57 18.95
CA PHE A 67 -0.98 -8.35 17.48
C PHE A 67 -0.55 -9.67 16.76
N ASN A 68 -0.69 -10.80 17.48
CA ASN A 68 -0.55 -12.18 16.94
C ASN A 68 -1.56 -12.41 15.78
N PHE A 69 -2.76 -11.83 15.95
CA PHE A 69 -3.87 -11.95 14.99
C PHE A 69 -3.64 -11.02 13.76
N PRO A 70 -3.70 -11.56 12.49
CA PRO A 70 -3.57 -10.73 11.26
C PRO A 70 -4.76 -9.75 11.11
N GLY A 71 -4.48 -8.45 11.33
CA GLY A 71 -5.47 -7.40 11.20
C GLY A 71 -4.82 -6.02 11.12
N LEU A 72 -5.26 -5.19 10.15
CA LEU A 72 -4.75 -3.82 9.96
C LEU A 72 -5.20 -2.89 11.12
N LYS A 73 -4.22 -2.22 11.73
CA LYS A 73 -4.44 -1.26 12.82
C LYS A 73 -3.76 0.09 12.47
N ALA A 74 -4.00 1.11 13.32
CA ALA A 74 -3.56 2.50 13.05
C ALA A 74 -2.02 2.64 13.01
N GLY A 75 -1.49 2.92 11.81
CA GLY A 75 -0.04 3.05 11.57
C GLY A 75 0.62 1.76 11.06
N ASP A 76 -0.19 0.85 10.49
CA ASP A 76 0.29 -0.43 9.90
C ASP A 76 0.51 -0.30 8.38
N ARG A 77 1.66 -0.79 7.86
CA ARG A 77 1.93 -0.87 6.41
C ARG A 77 2.36 -2.30 5.96
N TRP A 78 1.36 -3.11 5.60
CA TRP A 78 1.54 -4.50 5.13
C TRP A 78 0.17 -5.04 4.66
N CYS A 79 0.09 -5.45 3.38
CA CYS A 79 -1.13 -6.05 2.78
C CYS A 79 -2.35 -5.09 2.84
N LEU A 80 -2.08 -3.77 3.00
CA LEU A 80 -3.12 -2.72 2.99
C LEU A 80 -3.70 -2.62 1.57
N CYS A 81 -4.98 -3.00 1.41
CA CYS A 81 -5.70 -2.89 0.12
C CYS A 81 -5.73 -1.41 -0.33
N ALA A 82 -5.06 -1.10 -1.47
CA ALA A 82 -4.93 0.28 -1.98
C ALA A 82 -6.29 0.98 -2.20
N SER A 83 -7.37 0.18 -2.42
CA SER A 83 -8.76 0.68 -2.52
C SER A 83 -9.24 1.37 -1.21
N ARG A 84 -8.76 0.89 -0.04
CA ARG A 84 -9.08 1.47 1.30
C ARG A 84 -8.41 2.85 1.52
N TRP A 85 -7.15 2.98 1.08
CA TRP A 85 -6.43 4.28 1.09
C TRP A 85 -7.05 5.27 0.05
N GLN A 86 -7.20 4.81 -1.21
CA GLN A 86 -7.89 5.55 -2.29
C GLN A 86 -9.29 6.10 -1.82
N GLU A 87 -9.98 5.28 -0.99
CA GLU A 87 -11.25 5.63 -0.32
C GLU A 87 -11.11 6.87 0.60
N ALA A 88 -10.03 6.94 1.38
CA ALA A 88 -9.83 7.98 2.40
C ALA A 88 -9.55 9.35 1.77
N PHE A 89 -8.80 9.35 0.65
CA PHE A 89 -8.49 10.57 -0.11
C PHE A 89 -9.77 11.19 -0.72
N GLU A 90 -10.53 10.36 -1.45
CA GLU A 90 -11.79 10.80 -2.11
C GLU A 90 -12.92 11.13 -1.09
N ALA A 91 -12.81 10.58 0.14
CA ALA A 91 -13.70 10.94 1.28
C ALA A 91 -13.35 12.34 1.84
N GLY A 92 -12.11 12.80 1.59
CA GLY A 92 -11.65 14.14 2.01
C GLY A 92 -10.75 14.11 3.25
N MET A 93 -10.57 12.94 3.87
CA MET A 93 -9.71 12.78 5.07
C MET A 93 -8.22 12.69 4.65
N ALA A 94 -7.88 11.54 4.02
CA ALA A 94 -6.53 11.24 3.50
C ALA A 94 -5.42 11.30 4.59
N PRO A 95 -5.11 10.15 5.26
CA PRO A 95 -3.85 9.99 6.05
C PRO A 95 -2.53 10.28 5.26
N PRO A 96 -1.39 10.58 5.96
CA PRO A 96 -0.05 10.52 5.32
C PRO A 96 0.32 9.05 4.95
N VAL A 97 0.38 8.76 3.64
CA VAL A 97 0.76 7.42 3.12
C VAL A 97 2.27 7.40 2.77
N VAL A 98 2.85 6.20 2.75
CA VAL A 98 4.23 5.98 2.26
C VAL A 98 4.30 6.09 0.71
N LEU A 99 5.44 6.58 0.19
CA LEU A 99 5.75 6.49 -1.26
C LEU A 99 6.83 5.40 -1.50
N GLN A 100 7.69 5.22 -0.47
CA GLN A 100 8.89 4.36 -0.52
C GLN A 100 8.57 2.85 -0.30
N SER A 101 7.36 2.54 0.19
CA SER A 101 6.93 1.12 0.45
C SER A 101 5.69 0.73 -0.38
N THR A 102 4.88 1.73 -0.79
CA THR A 102 3.76 1.52 -1.73
C THR A 102 4.27 1.04 -3.11
N GLU A 103 4.04 -0.26 -3.39
CA GLU A 103 4.51 -0.94 -4.63
C GLU A 103 3.60 -0.56 -5.84
N LYS A 104 4.12 -0.76 -7.07
CA LYS A 104 3.46 -0.35 -8.35
C LYS A 104 2.06 -0.96 -8.56
N SER A 105 1.76 -2.12 -7.91
CA SER A 105 0.43 -2.77 -7.99
C SER A 105 -0.69 -1.82 -7.47
N ALA A 106 -0.34 -0.97 -6.48
CA ALA A 106 -1.26 0.02 -5.88
C ALA A 106 -1.81 1.02 -6.91
N LEU A 107 -0.97 1.42 -7.88
CA LEU A 107 -1.31 2.41 -8.94
C LEU A 107 -2.42 1.93 -9.92
N ARG A 108 -3.02 0.76 -9.63
CA ARG A 108 -4.16 0.20 -10.40
C ARG A 108 -5.49 0.50 -9.66
N TYR A 109 -5.40 0.67 -8.33
CA TYR A 109 -6.51 1.03 -7.45
C TYR A 109 -6.49 2.55 -7.24
N VAL A 110 -5.31 3.07 -6.82
CA VAL A 110 -5.02 4.50 -6.76
C VAL A 110 -4.38 5.01 -8.08
N SER A 111 -3.94 6.26 -8.03
CA SER A 111 -2.88 6.80 -8.90
C SER A 111 -1.67 7.15 -8.03
N LEU A 112 -0.50 7.29 -8.65
CA LEU A 112 0.69 7.86 -7.98
C LEU A 112 0.37 9.25 -7.37
N ALA A 113 -0.41 10.06 -8.12
CA ALA A 113 -0.84 11.41 -7.69
C ALA A 113 -1.63 11.38 -6.37
N ASP A 114 -2.36 10.27 -6.11
CA ASP A 114 -3.15 10.07 -4.87
C ASP A 114 -2.19 9.95 -3.65
N LEU A 115 -1.07 9.26 -3.88
CA LEU A 115 -0.05 8.98 -2.86
C LEU A 115 0.74 10.27 -2.50
N GLN A 116 1.27 10.90 -3.55
CA GLN A 116 2.17 12.08 -3.44
C GLN A 116 1.43 13.34 -2.95
N ALA A 117 0.12 13.38 -3.23
CA ALA A 117 -0.78 14.48 -2.79
C ALA A 117 -0.68 14.79 -1.26
N HIS A 118 -0.86 13.75 -0.41
CA HIS A 118 -0.88 13.94 1.06
C HIS A 118 0.48 13.56 1.72
N ALA A 119 1.35 12.84 0.98
CA ALA A 119 2.68 12.44 1.50
C ALA A 119 3.75 13.54 1.20
N LEU A 120 4.49 13.41 0.07
CA LEU A 120 5.51 14.42 -0.35
C LEU A 120 5.51 14.64 -1.89
N PRO A 121 6.07 15.82 -2.34
CA PRO A 121 6.47 16.06 -3.75
C PRO A 121 7.52 15.03 -4.27
N VAL A 122 7.42 14.67 -5.56
CA VAL A 122 8.46 13.88 -6.24
C VAL A 122 9.65 14.81 -6.63
N LEU A 123 10.88 14.42 -6.28
CA LEU A 123 12.09 15.14 -6.70
C LEU A 123 12.36 14.78 -8.20
N GLU A 124 12.04 15.73 -9.09
CA GLU A 124 12.17 15.56 -10.54
C GLU A 124 12.44 16.91 -11.25
N HIS A 125 13.27 16.90 -12.29
CA HIS A 125 13.52 18.07 -13.15
C HIS A 125 12.28 18.33 -14.05
N HIS A 126 11.64 19.52 -13.88
CA HIS A 126 10.32 19.81 -14.48
C HIS A 126 10.37 19.95 -16.03
N HIS A 127 11.48 20.51 -16.57
CA HIS A 127 11.61 20.73 -18.02
C HIS A 127 12.10 19.45 -18.76
N HIS A 128 11.14 18.65 -19.24
CA HIS A 128 11.41 17.49 -20.10
C HIS A 128 11.39 17.94 -21.58
N HIS A 129 12.47 17.63 -22.32
CA HIS A 129 12.63 18.05 -23.75
C HIS A 129 13.24 16.90 -24.60
N HIS A 130 13.48 17.19 -25.89
CA HIS A 130 14.15 16.25 -26.83
C HIS A 130 15.67 16.10 -26.48
#